data_9B7I
#
_entry.id   9B7I
#
_cell.length_a   83.744
_cell.length_b   105.304
_cell.length_c   109.682
_cell.angle_alpha   71.610
_cell.angle_beta   73.380
_cell.angle_gamma   87.070
#
_symmetry.space_group_name_H-M   'P 1'
#
loop_
_entity.id
_entity.type
_entity.pdbx_description
1 polymer 'Hemagglutinin HA1'
2 polymer 'Hemagglutinin HA2'
3 branched alpha-D-mannopyranose-(1-3)-beta-D-mannopyranose-(1-4)-2-acetamido-2-deoxy-beta-D-glucopyranose-(1-4)-2-acetamido-2-deoxy-beta-D-glucopyranose
4 branched alpha-D-mannopyranose-(1-6)-beta-D-mannopyranose-(1-4)-2-acetamido-2-deoxy-beta-D-glucopyranose-(1-4)-2-acetamido-2-deoxy-beta-D-glucopyranose
5 branched beta-D-mannopyranose-(1-4)-2-acetamido-2-deoxy-beta-D-glucopyranose-(1-4)-2-acetamido-2-deoxy-beta-D-glucopyranose
6 branched alpha-D-mannopyranose-(1-3)-[alpha-D-mannopyranose-(1-6)]beta-D-mannopyranose-(1-4)-2-acetamido-2-deoxy-beta-D-glucopyranose-(1-4)-2-acetamido-2-deoxy-beta-D-glucopyranose
7 branched 2-acetamido-2-deoxy-beta-D-glucopyranose-(1-4)-2-acetamido-2-deoxy-beta-D-glucopyranose
8 non-polymer 2-acetamido-2-deoxy-beta-D-glucopyranose
#
loop_
_entity_poly.entity_id
_entity_poly.type
_entity_poly.pdbx_seq_one_letter_code
_entity_poly.pdbx_strand_id
1 'polypeptide(L)'
;DNSTATLCLGHHAVPNGTIVKTITNDRIEVTNATELVQNSSIGEICDSPHQILDGENCTLIDALLGDPQCDGFQNKKWDL
FVERSKAYSNCYPYDVPDYASLRSLVASSGTLEFNNESFNWTGVTQNGTSSACIRRSNSSFFSRLNWLTHLNYKYPALNV
TMPNNEQFDKLYIWGVHHPGTDKDQIFLYAQSSGRITVSTKRSQQAVIPNIGSRPRIRDIPSRISIYWTIVKPGDILLIN
STGNLIAPRGYFKIRSGKSSIMRSDAPIGKCKSECITPNGSIPNDKPFQNVNRITYGACPRYVKQSTLKLATGMRNVPEK
QTR
;
A,B,C,D,E,F
2 'polypeptide(L)'
;GIFGAIAGFIENGWEGMVDGWYGFRHQNSEGRGQAADLKSTQAAIDQINGKLNRLIGKTNEKFHQIEKEFSEVEGRIQDL
EKYVEDTKIDLWSYNAELLVALENQHTIDLTDSEMNKLFEKTKKQLRENAEDMGNGCFKIYHKCDNACIGSIRNGTYDHN
VYRDEALNNRFQIKGVELVPR
;
a,b,c,d,e,f
#
# COMPACT_ATOMS: atom_id res chain seq x y z
N ASN A 2 59.32 -24.52 0.50
CA ASN A 2 59.86 -23.63 1.53
C ASN A 2 59.37 -24.03 2.91
N SER A 3 59.92 -23.41 3.94
CA SER A 3 59.44 -23.60 5.32
C SER A 3 58.30 -22.64 5.64
N THR A 4 57.30 -22.62 4.76
CA THR A 4 56.13 -21.76 4.94
C THR A 4 54.88 -22.52 4.52
N ALA A 5 53.82 -22.36 5.30
CA ALA A 5 52.53 -22.94 4.98
C ALA A 5 51.44 -21.95 5.37
N THR A 6 50.30 -22.02 4.68
CA THR A 6 49.17 -21.14 4.94
C THR A 6 47.95 -21.99 5.28
N LEU A 7 47.33 -21.71 6.41
CA LEU A 7 46.13 -22.40 6.86
C LEU A 7 45.05 -21.35 7.13
N CYS A 8 44.05 -21.31 6.26
CA CYS A 8 42.95 -20.35 6.37
C CYS A 8 41.75 -21.00 7.05
N LEU A 9 41.07 -20.22 7.87
CA LEU A 9 39.82 -20.64 8.48
C LEU A 9 38.67 -19.89 7.81
N GLY A 10 37.67 -20.63 7.33
CA GLY A 10 36.59 -20.03 6.59
C GLY A 10 35.26 -20.65 6.98
N HIS A 11 34.20 -20.04 6.48
CA HIS A 11 32.83 -20.48 6.71
C HIS A 11 32.15 -20.76 5.38
N HIS A 12 30.97 -21.37 5.46
CA HIS A 12 30.25 -21.79 4.27
C HIS A 12 29.27 -20.71 3.82
N ALA A 13 29.06 -20.64 2.51
CA ALA A 13 28.14 -19.69 1.91
C ALA A 13 27.28 -20.43 0.90
N VAL A 14 26.06 -19.91 0.70
CA VAL A 14 25.11 -20.52 -0.23
C VAL A 14 24.99 -19.64 -1.47
N PRO A 15 24.71 -20.23 -2.64
CA PRO A 15 24.55 -19.39 -3.84
C PRO A 15 23.40 -18.39 -3.74
N ASN A 16 22.28 -18.78 -3.16
CA ASN A 16 21.12 -17.90 -3.02
C ASN A 16 20.55 -18.09 -1.61
N GLY A 17 20.75 -17.09 -0.76
CA GLY A 17 20.28 -17.15 0.61
C GLY A 17 18.88 -16.57 0.77
N THR A 18 18.56 -16.22 2.01
CA THR A 18 17.27 -15.65 2.36
C THR A 18 17.48 -14.41 3.20
N ILE A 19 16.65 -13.39 2.97
CA ILE A 19 16.73 -12.14 3.71
C ILE A 19 15.88 -12.25 4.97
N VAL A 20 16.47 -11.94 6.11
CA VAL A 20 15.75 -11.92 7.38
C VAL A 20 15.87 -10.54 8.01
N LYS A 21 15.20 -10.33 9.13
CA LYS A 21 15.16 -9.04 9.80
C LYS A 21 15.65 -9.19 11.23
N THR A 22 16.54 -8.30 11.65
CA THR A 22 17.06 -8.27 13.01
C THR A 22 16.65 -6.97 13.68
N ILE A 23 16.90 -6.91 15.00
CA ILE A 23 16.64 -5.68 15.74
C ILE A 23 17.50 -4.54 15.20
N THR A 24 18.65 -4.89 14.60
CA THR A 24 19.62 -3.90 14.11
C THR A 24 19.46 -3.64 12.62
N ASN A 25 19.44 -4.69 11.80
CA ASN A 25 19.25 -4.56 10.36
C ASN A 25 17.86 -5.04 9.98
N ASP A 26 17.15 -4.23 9.19
CA ASP A 26 15.85 -4.63 8.68
C ASP A 26 15.97 -5.70 7.59
N ARG A 27 17.11 -5.76 6.90
CA ARG A 27 17.32 -6.73 5.82
C ARG A 27 18.77 -7.20 5.88
N ILE A 28 18.96 -8.46 6.25
CA ILE A 28 20.28 -9.09 6.22
C ILE A 28 20.13 -10.47 5.60
N GLU A 29 21.12 -10.87 4.82
CA GLU A 29 21.08 -12.14 4.09
C GLU A 29 21.70 -13.24 4.94
N VAL A 30 21.02 -14.39 5.00
CA VAL A 30 21.49 -15.54 5.74
C VAL A 30 21.42 -16.76 4.84
N THR A 31 22.07 -17.85 5.28
CA THR A 31 22.14 -19.06 4.46
C THR A 31 20.80 -19.77 4.41
N ASN A 32 20.29 -20.21 5.56
CA ASN A 32 19.02 -20.91 5.65
C ASN A 32 18.07 -20.16 6.56
N ALA A 33 16.79 -20.16 6.19
CA ALA A 33 15.75 -19.52 6.99
C ALA A 33 14.48 -20.35 6.89
N THR A 34 13.63 -20.21 7.91
CA THR A 34 12.36 -20.91 7.96
C THR A 34 11.24 -19.91 8.23
N GLU A 35 10.05 -20.23 7.75
CA GLU A 35 8.89 -19.38 7.95
C GLU A 35 8.22 -19.72 9.27
N LEU A 36 7.77 -18.69 9.98
CA LEU A 36 7.13 -18.85 11.28
C LEU A 36 5.66 -18.48 11.27
N VAL A 37 5.13 -18.01 10.14
CA VAL A 37 3.74 -17.60 10.02
C VAL A 37 3.09 -18.40 8.90
N GLN A 38 1.97 -19.04 9.20
CA GLN A 38 1.23 -19.81 8.21
C GLN A 38 0.26 -18.90 7.48
N ASN A 39 0.37 -18.86 6.15
CA ASN A 39 -0.49 -18.01 5.33
C ASN A 39 -1.26 -18.80 4.28
N SER A 40 -1.32 -20.12 4.41
CA SER A 40 -1.99 -20.98 3.45
C SER A 40 -2.87 -21.99 4.17
N SER A 41 -3.74 -22.64 3.40
CA SER A 41 -4.60 -23.68 3.93
C SER A 41 -4.94 -24.64 2.80
N ILE A 42 -5.30 -25.87 3.17
CA ILE A 42 -5.76 -26.84 2.19
C ILE A 42 -7.16 -26.51 1.68
N GLY A 43 -7.83 -25.54 2.30
CA GLY A 43 -9.17 -25.20 1.92
C GLY A 43 -10.24 -26.15 2.40
N GLU A 44 -9.89 -27.08 3.28
CA GLU A 44 -10.81 -28.11 3.74
C GLU A 44 -10.78 -28.19 5.27
N ILE A 45 -11.90 -28.65 5.84
CA ILE A 45 -12.00 -28.91 7.26
C ILE A 45 -11.83 -30.41 7.48
N CYS A 46 -10.98 -30.79 8.43
CA CYS A 46 -10.69 -32.18 8.70
C CYS A 46 -11.51 -32.68 9.87
N ASP A 47 -12.17 -33.83 9.70
CA ASP A 47 -12.97 -34.43 10.76
C ASP A 47 -12.13 -35.29 11.69
N SER A 48 -10.83 -35.04 11.76
CA SER A 48 -9.93 -35.73 12.68
C SER A 48 -8.89 -34.73 13.18
N PRO A 49 -8.52 -34.78 14.46
CA PRO A 49 -9.01 -35.71 15.49
C PRO A 49 -10.33 -35.26 16.10
N HIS A 50 -10.77 -34.04 15.79
CA HIS A 50 -12.00 -33.51 16.35
C HIS A 50 -13.22 -34.07 15.62
N GLN A 51 -14.37 -33.95 16.25
CA GLN A 51 -15.64 -34.44 15.70
C GLN A 51 -16.38 -33.25 15.10
N ILE A 52 -16.50 -33.23 13.78
CA ILE A 52 -17.07 -32.10 13.05
C ILE A 52 -18.48 -32.46 12.60
N LEU A 53 -19.43 -31.59 12.89
CA LEU A 53 -20.81 -31.74 12.45
C LEU A 53 -21.17 -30.56 11.56
N ASP A 54 -21.49 -30.84 10.31
CA ASP A 54 -21.92 -29.80 9.38
C ASP A 54 -23.38 -29.45 9.64
N GLY A 55 -23.75 -28.23 9.25
CA GLY A 55 -25.11 -27.74 9.45
C GLY A 55 -25.94 -27.67 8.18
N GLU A 56 -25.28 -27.72 7.02
CA GLU A 56 -25.93 -27.58 5.72
C GLU A 56 -26.96 -26.46 5.71
N ASN A 57 -28.23 -26.83 5.56
CA ASN A 57 -29.34 -25.88 5.58
C ASN A 57 -29.84 -25.60 6.98
N CYS A 58 -29.23 -26.18 8.01
CA CYS A 58 -29.75 -26.15 9.37
C CYS A 58 -28.80 -25.37 10.27
N THR A 59 -29.35 -24.39 10.98
CA THR A 59 -28.61 -23.69 12.01
C THR A 59 -28.64 -24.48 13.31
N LEU A 60 -27.77 -24.10 14.24
CA LEU A 60 -27.72 -24.79 15.52
C LEU A 60 -29.02 -24.64 16.30
N ILE A 61 -29.61 -23.44 16.27
CA ILE A 61 -30.87 -23.21 16.96
C ILE A 61 -31.99 -24.01 16.33
N ASP A 62 -32.04 -24.06 15.00
CA ASP A 62 -33.08 -24.82 14.32
C ASP A 62 -32.98 -26.31 14.65
N ALA A 63 -31.75 -26.84 14.68
CA ALA A 63 -31.57 -28.24 15.07
C ALA A 63 -31.99 -28.46 16.52
N LEU A 64 -31.69 -27.51 17.40
CA LEU A 64 -32.13 -27.60 18.78
C LEU A 64 -33.65 -27.59 18.87
N LEU A 65 -34.31 -26.71 18.11
CA LEU A 65 -35.76 -26.59 18.20
C LEU A 65 -36.46 -27.76 17.52
N GLY A 66 -35.92 -28.25 16.41
CA GLY A 66 -36.57 -29.31 15.68
C GLY A 66 -37.22 -28.88 14.39
N ASP A 67 -36.53 -28.03 13.62
CA ASP A 67 -36.99 -27.71 12.28
C ASP A 67 -37.10 -28.99 11.46
N PRO A 68 -38.15 -29.14 10.64
CA PRO A 68 -38.36 -30.44 9.97
C PRO A 68 -37.19 -30.90 9.13
N GLN A 69 -36.48 -29.97 8.47
CA GLN A 69 -35.29 -30.35 7.74
C GLN A 69 -34.12 -30.68 8.66
N CYS A 70 -34.20 -30.28 9.93
CA CYS A 70 -33.13 -30.47 10.89
C CYS A 70 -33.30 -31.73 11.73
N ASP A 71 -34.31 -32.56 11.43
CA ASP A 71 -34.58 -33.74 12.24
C ASP A 71 -33.44 -34.75 12.19
N GLY A 72 -32.59 -34.69 11.17
CA GLY A 72 -31.43 -35.57 11.09
C GLY A 72 -30.35 -35.27 12.10
N PHE A 73 -30.41 -34.11 12.75
CA PHE A 73 -29.45 -33.72 13.76
C PHE A 73 -29.85 -34.17 15.17
N GLN A 74 -30.98 -34.87 15.29
CA GLN A 74 -31.49 -35.23 16.60
C GLN A 74 -30.57 -36.23 17.29
N ASN A 75 -30.40 -36.07 18.60
CA ASN A 75 -29.63 -36.99 19.44
C ASN A 75 -28.19 -37.14 18.93
N LYS A 76 -27.62 -36.04 18.45
CA LYS A 76 -26.28 -36.04 17.87
C LYS A 76 -25.34 -35.18 18.70
N LYS A 77 -24.07 -35.56 18.71
CA LYS A 77 -23.02 -34.86 19.43
C LYS A 77 -22.00 -34.31 18.44
N TRP A 78 -21.17 -33.39 18.94
CA TRP A 78 -20.15 -32.78 18.09
C TRP A 78 -19.10 -32.11 18.97
N ASP A 79 -17.86 -32.12 18.49
CA ASP A 79 -16.83 -31.27 19.07
C ASP A 79 -16.88 -29.88 18.46
N LEU A 80 -17.18 -29.78 17.17
CA LEU A 80 -17.33 -28.51 16.49
C LEU A 80 -18.55 -28.56 15.60
N PHE A 81 -19.37 -27.51 15.67
CA PHE A 81 -20.54 -27.37 14.81
C PHE A 81 -20.23 -26.32 13.75
N VAL A 82 -20.52 -26.64 12.49
CA VAL A 82 -20.22 -25.77 11.36
C VAL A 82 -21.52 -25.19 10.84
N GLU A 83 -21.58 -23.86 10.74
CA GLU A 83 -22.76 -23.15 10.26
C GLU A 83 -22.45 -22.53 8.90
N ARG A 84 -23.30 -22.80 7.92
CA ARG A 84 -23.11 -22.32 6.56
C ARG A 84 -24.02 -21.13 6.29
N SER A 85 -23.57 -20.26 5.38
CA SER A 85 -24.39 -19.12 4.98
C SER A 85 -25.65 -19.56 4.22
N LYS A 86 -25.64 -20.75 3.64
CA LYS A 86 -26.82 -21.28 2.96
C LYS A 86 -27.74 -22.01 3.93
N ALA A 87 -28.08 -21.34 5.02
CA ALA A 87 -28.95 -21.90 6.06
C ALA A 87 -30.28 -21.18 6.04
N TYR A 88 -31.36 -21.95 5.87
CA TYR A 88 -32.71 -21.42 5.88
C TYR A 88 -33.54 -22.20 6.88
N SER A 89 -34.54 -21.54 7.46
CA SER A 89 -35.46 -22.16 8.40
C SER A 89 -36.86 -22.07 7.84
N ASN A 90 -37.55 -23.21 7.76
CA ASN A 90 -38.96 -23.23 7.38
C ASN A 90 -39.73 -24.07 8.41
N CYS A 91 -40.00 -23.48 9.57
CA CYS A 91 -41.01 -24.02 10.46
C CYS A 91 -42.03 -22.97 10.84
N TYR A 92 -41.55 -21.86 11.37
CA TYR A 92 -42.36 -20.79 11.93
C TYR A 92 -41.45 -19.61 12.25
N PRO A 93 -41.90 -18.37 12.04
CA PRO A 93 -41.07 -17.22 12.41
C PRO A 93 -40.84 -17.16 13.91
N TYR A 94 -39.58 -17.18 14.30
CA TYR A 94 -39.22 -17.22 15.71
C TYR A 94 -38.11 -16.23 16.02
N ASP A 95 -38.16 -15.68 17.23
CA ASP A 95 -37.18 -14.73 17.72
C ASP A 95 -36.69 -15.20 19.08
N VAL A 96 -35.38 -15.25 19.26
CA VAL A 96 -34.76 -15.72 20.50
C VAL A 96 -34.14 -14.52 21.20
N PRO A 97 -34.68 -14.06 22.33
CA PRO A 97 -33.95 -13.11 23.16
C PRO A 97 -32.62 -13.71 23.59
N ASP A 98 -31.55 -12.94 23.42
CA ASP A 98 -30.18 -13.43 23.60
C ASP A 98 -29.94 -14.67 22.73
N TYR A 99 -30.16 -14.49 21.43
CA TYR A 99 -29.89 -15.55 20.47
C TYR A 99 -28.43 -15.98 20.52
N ALA A 100 -27.52 -15.02 20.61
CA ALA A 100 -26.09 -15.34 20.64
C ALA A 100 -25.73 -16.16 21.87
N SER A 101 -26.28 -15.80 23.03
CA SER A 101 -25.97 -16.54 24.25
C SER A 101 -26.43 -17.99 24.15
N LEU A 102 -27.67 -18.21 23.69
CA LEU A 102 -28.16 -19.57 23.56
C LEU A 102 -27.36 -20.35 22.53
N ARG A 103 -26.92 -19.68 21.46
CA ARG A 103 -26.06 -20.33 20.47
C ARG A 103 -24.74 -20.76 21.11
N SER A 104 -24.13 -19.88 21.91
CA SER A 104 -22.93 -20.26 22.65
C SER A 104 -23.22 -21.33 23.68
N LEU A 105 -24.39 -21.24 24.34
CA LEU A 105 -24.83 -22.27 25.27
C LEU A 105 -24.76 -23.66 24.65
N VAL A 106 -25.51 -23.86 23.55
CA VAL A 106 -25.63 -25.19 22.96
C VAL A 106 -24.32 -25.61 22.32
N ALA A 107 -23.60 -24.66 21.70
CA ALA A 107 -22.31 -24.99 21.09
C ALA A 107 -21.33 -25.52 22.12
N SER A 108 -21.19 -24.82 23.24
CA SER A 108 -20.29 -25.27 24.30
C SER A 108 -20.72 -26.61 24.87
N SER A 109 -22.04 -26.86 24.92
CA SER A 109 -22.52 -28.17 25.33
C SER A 109 -22.05 -29.26 24.38
N GLY A 110 -22.12 -28.99 23.07
CA GLY A 110 -21.67 -29.95 22.08
C GLY A 110 -22.53 -31.17 21.95
N THR A 111 -23.76 -31.12 22.46
CA THR A 111 -24.65 -32.26 22.39
C THR A 111 -26.09 -31.77 22.28
N LEU A 112 -26.89 -32.50 21.53
CA LEU A 112 -28.34 -32.30 21.47
C LEU A 112 -28.97 -33.63 21.84
N GLU A 113 -29.06 -33.91 23.14
CA GLU A 113 -29.59 -35.16 23.64
C GLU A 113 -30.90 -34.86 24.34
N PHE A 114 -32.01 -35.09 23.63
CA PHE A 114 -33.34 -34.78 24.12
C PHE A 114 -33.94 -36.04 24.75
N ASN A 115 -34.32 -35.92 26.02
CA ASN A 115 -35.05 -36.98 26.71
C ASN A 115 -36.46 -36.49 26.99
N ASN A 116 -37.44 -37.29 26.60
CA ASN A 116 -38.84 -36.87 26.61
C ASN A 116 -39.46 -37.10 27.99
N GLU A 117 -40.37 -36.20 28.35
CA GLU A 117 -41.10 -36.28 29.61
C GLU A 117 -42.57 -36.01 29.35
N SER A 118 -43.41 -36.52 30.25
CA SER A 118 -44.86 -36.36 30.15
C SER A 118 -45.31 -35.31 31.17
N PHE A 119 -45.66 -34.13 30.68
CA PHE A 119 -46.32 -33.11 31.50
C PHE A 119 -47.82 -33.39 31.52
N ASN A 120 -48.53 -32.68 32.40
CA ASN A 120 -49.96 -32.91 32.52
C ASN A 120 -50.69 -32.56 31.22
N TRP A 121 -50.58 -31.30 30.80
CA TRP A 121 -51.26 -30.79 29.60
C TRP A 121 -52.70 -31.27 29.53
N THR A 122 -53.39 -31.25 30.67
CA THR A 122 -54.77 -31.71 30.76
C THR A 122 -55.70 -30.51 30.59
N GLY A 123 -56.74 -30.68 29.77
CA GLY A 123 -57.62 -29.60 29.43
C GLY A 123 -57.19 -28.79 28.23
N VAL A 124 -55.99 -29.02 27.71
CA VAL A 124 -55.49 -28.32 26.53
C VAL A 124 -55.19 -29.35 25.45
N THR A 125 -55.18 -28.88 24.20
CA THR A 125 -54.90 -29.71 23.05
C THR A 125 -53.43 -29.57 22.66
N GLN A 126 -52.75 -30.69 22.51
CA GLN A 126 -51.31 -30.71 22.24
C GLN A 126 -51.05 -30.87 20.75
N ASN A 127 -49.76 -30.94 20.41
CA ASN A 127 -49.29 -31.23 19.06
C ASN A 127 -49.89 -30.27 18.02
N GLY A 128 -49.93 -28.99 18.38
CA GLY A 128 -50.40 -28.00 17.43
C GLY A 128 -49.49 -27.91 16.22
N THR A 129 -50.11 -27.64 15.07
CA THR A 129 -49.41 -27.68 13.79
C THR A 129 -49.62 -26.37 13.04
N SER A 130 -48.69 -26.08 12.13
CA SER A 130 -48.75 -24.91 11.28
C SER A 130 -48.39 -25.29 9.86
N SER A 131 -48.87 -24.50 8.90
CA SER A 131 -48.61 -24.77 7.49
C SER A 131 -47.24 -24.28 7.04
N ALA A 132 -46.56 -23.44 7.82
CA ALA A 132 -45.19 -23.08 7.49
C ALA A 132 -44.21 -24.17 7.88
N CYS A 133 -44.58 -25.01 8.84
CA CYS A 133 -43.75 -26.13 9.28
C CYS A 133 -44.26 -27.42 8.65
N ILE A 134 -43.98 -27.57 7.35
CA ILE A 134 -44.41 -28.75 6.62
C ILE A 134 -43.39 -29.86 6.85
N ARG A 135 -43.75 -30.82 7.68
CA ARG A 135 -42.97 -32.04 7.88
C ARG A 135 -43.77 -33.20 7.29
N ARG A 136 -43.17 -33.90 6.33
CA ARG A 136 -43.78 -35.10 5.75
C ARG A 136 -45.04 -34.76 4.95
N SER A 137 -44.93 -33.80 4.04
CA SER A 137 -46.02 -33.36 3.16
C SER A 137 -47.26 -32.91 3.93
N ASN A 138 -47.14 -32.68 5.24
CA ASN A 138 -48.26 -32.34 6.07
C ASN A 138 -47.83 -31.29 7.09
N SER A 139 -48.78 -30.43 7.46
CA SER A 139 -48.50 -29.37 8.42
C SER A 139 -48.04 -29.96 9.75
N SER A 140 -47.03 -29.35 10.35
CA SER A 140 -46.42 -29.85 11.58
C SER A 140 -45.89 -28.67 12.38
N PHE A 141 -45.02 -28.95 13.34
CA PHE A 141 -44.45 -27.94 14.20
C PHE A 141 -43.00 -28.33 14.52
N PHE A 142 -42.35 -27.49 15.33
CA PHE A 142 -41.02 -27.82 15.83
C PHE A 142 -41.05 -29.15 16.56
N SER A 143 -40.07 -30.00 16.29
CA SER A 143 -40.09 -31.37 16.83
C SER A 143 -40.02 -31.38 18.34
N ARG A 144 -39.18 -30.53 18.93
CA ARG A 144 -38.98 -30.54 20.37
C ARG A 144 -39.88 -29.57 21.12
N LEU A 145 -40.79 -28.90 20.44
CA LEU A 145 -41.71 -27.95 21.06
C LEU A 145 -43.15 -28.38 20.82
N ASN A 146 -43.97 -28.26 21.85
CA ASN A 146 -45.38 -28.63 21.81
C ASN A 146 -46.22 -27.37 21.81
N TRP A 147 -47.15 -27.28 20.86
CA TRP A 147 -48.06 -26.14 20.76
C TRP A 147 -49.37 -26.51 21.44
N LEU A 148 -49.75 -25.72 22.44
CA LEU A 148 -50.89 -26.03 23.29
C LEU A 148 -52.07 -25.14 22.90
N THR A 149 -53.15 -25.77 22.47
CA THR A 149 -54.37 -25.10 22.03
C THR A 149 -55.47 -25.36 23.06
N HIS A 150 -56.58 -24.64 22.91
CA HIS A 150 -57.72 -24.85 23.78
C HIS A 150 -58.37 -26.20 23.51
N LEU A 151 -59.19 -26.64 24.46
CA LEU A 151 -60.00 -27.85 24.32
C LEU A 151 -61.41 -27.52 24.78
N ASN A 152 -62.40 -27.93 23.97
CA ASN A 152 -63.81 -27.64 24.24
C ASN A 152 -64.05 -26.14 24.40
N TYR A 153 -63.34 -25.35 23.57
CA TYR A 153 -63.49 -23.89 23.56
C TYR A 153 -63.19 -23.28 24.92
N LYS A 154 -62.18 -23.82 25.61
CA LYS A 154 -61.79 -23.33 26.91
C LYS A 154 -60.34 -23.73 27.16
N TYR A 155 -59.58 -22.80 27.77
CA TYR A 155 -58.17 -23.03 28.08
C TYR A 155 -57.98 -22.98 29.59
N PRO A 156 -57.82 -24.13 30.26
CA PRO A 156 -57.62 -24.12 31.71
C PRO A 156 -56.26 -23.56 32.10
N ALA A 157 -56.19 -23.08 33.33
CA ALA A 157 -54.92 -22.61 33.88
C ALA A 157 -53.97 -23.80 34.06
N LEU A 158 -52.75 -23.66 33.55
CA LEU A 158 -51.75 -24.72 33.63
C LEU A 158 -50.80 -24.45 34.78
N ASN A 159 -50.54 -25.47 35.59
CA ASN A 159 -49.56 -25.40 36.68
C ASN A 159 -48.89 -26.77 36.74
N VAL A 160 -47.77 -26.91 36.04
CA VAL A 160 -47.11 -28.20 35.85
C VAL A 160 -45.73 -28.15 36.49
N THR A 161 -45.39 -29.21 37.21
CA THR A 161 -44.12 -29.31 37.92
C THR A 161 -43.33 -30.49 37.37
N MET A 162 -42.04 -30.27 37.11
CA MET A 162 -41.15 -31.33 36.63
C MET A 162 -39.88 -31.34 37.47
N PRO A 163 -39.66 -32.35 38.30
CA PRO A 163 -38.45 -32.40 39.13
C PRO A 163 -37.27 -33.03 38.42
N ASN A 164 -36.09 -32.61 38.83
CA ASN A 164 -34.82 -33.13 38.29
C ASN A 164 -34.14 -33.93 39.39
N ASN A 165 -34.18 -35.25 39.27
CA ASN A 165 -33.47 -36.14 40.18
C ASN A 165 -32.21 -36.74 39.56
N GLU A 166 -32.05 -36.65 38.25
CA GLU A 166 -30.87 -37.16 37.58
C GLU A 166 -29.63 -36.38 38.03
N GLN A 167 -28.49 -37.08 38.06
CA GLN A 167 -27.25 -36.44 38.49
C GLN A 167 -26.58 -35.69 37.34
N PHE A 168 -27.35 -34.82 36.69
CA PHE A 168 -26.80 -33.90 35.70
C PHE A 168 -27.80 -32.75 35.55
N ASP A 169 -27.41 -31.76 34.76
CA ASP A 169 -28.22 -30.56 34.57
C ASP A 169 -29.15 -30.71 33.37
N LYS A 170 -30.35 -30.14 33.48
CA LYS A 170 -31.35 -30.18 32.43
C LYS A 170 -31.49 -28.79 31.80
N LEU A 171 -31.54 -28.76 30.47
CA LEU A 171 -31.79 -27.53 29.73
C LEU A 171 -33.13 -27.64 29.03
N TYR A 172 -34.02 -26.69 29.31
CA TYR A 172 -35.37 -26.67 28.75
C TYR A 172 -35.50 -25.53 27.76
N ILE A 173 -36.13 -25.81 26.63
CA ILE A 173 -36.44 -24.80 25.62
C ILE A 173 -37.94 -24.71 25.48
N TRP A 174 -38.49 -23.53 25.75
CA TRP A 174 -39.92 -23.28 25.62
C TRP A 174 -40.13 -21.98 24.86
N GLY A 175 -41.38 -21.71 24.52
CA GLY A 175 -41.70 -20.55 23.70
C GLY A 175 -42.99 -19.90 24.14
N VAL A 176 -43.18 -18.67 23.66
CA VAL A 176 -44.37 -17.88 23.89
C VAL A 176 -44.89 -17.38 22.56
N HIS A 177 -46.18 -17.54 22.32
CA HIS A 177 -46.78 -17.17 21.04
C HIS A 177 -47.29 -15.74 21.07
N HIS A 178 -47.01 -15.00 20.00
CA HIS A 178 -47.52 -13.65 19.80
C HIS A 178 -48.38 -13.65 18.55
N PRO A 179 -49.69 -13.78 18.67
CA PRO A 179 -50.54 -13.80 17.47
C PRO A 179 -50.59 -12.45 16.77
N GLY A 180 -50.77 -12.49 15.45
CA GLY A 180 -50.84 -11.27 14.67
C GLY A 180 -52.11 -10.48 14.86
N THR A 181 -53.18 -11.12 15.33
CA THR A 181 -54.45 -10.45 15.55
C THR A 181 -55.13 -11.05 16.77
N ASP A 182 -56.00 -10.26 17.40
CA ASP A 182 -56.69 -10.71 18.60
C ASP A 182 -57.65 -11.85 18.30
N LYS A 183 -58.20 -11.89 17.09
CA LYS A 183 -59.05 -13.03 16.71
C LYS A 183 -58.24 -14.32 16.70
N ASP A 184 -56.98 -14.25 16.26
CA ASP A 184 -56.11 -15.43 16.33
C ASP A 184 -55.91 -15.86 17.77
N GLN A 185 -55.69 -14.90 18.67
CA GLN A 185 -55.46 -15.23 20.07
C GLN A 185 -56.66 -15.94 20.67
N ILE A 186 -57.88 -15.46 20.38
CA ILE A 186 -59.07 -16.09 20.92
C ILE A 186 -59.30 -17.45 20.26
N PHE A 187 -59.03 -17.55 18.95
CA PHE A 187 -59.21 -18.82 18.26
C PHE A 187 -58.31 -19.91 18.85
N LEU A 188 -57.07 -19.57 19.17
CA LEU A 188 -56.12 -20.57 19.66
C LEU A 188 -56.31 -20.85 21.15
N TYR A 189 -56.44 -19.82 21.97
CA TYR A 189 -56.33 -19.97 23.41
C TYR A 189 -57.59 -19.59 24.18
N ALA A 190 -58.67 -19.19 23.50
CA ALA A 190 -59.96 -18.93 24.14
C ALA A 190 -59.87 -17.91 25.25
N GLN A 191 -58.90 -17.00 25.17
CA GLN A 191 -58.67 -16.02 26.21
C GLN A 191 -58.02 -14.80 25.60
N SER A 192 -58.41 -13.61 26.06
CA SER A 192 -57.90 -12.38 25.47
C SER A 192 -56.40 -12.24 25.63
N SER A 193 -55.88 -12.56 26.82
CA SER A 193 -54.45 -12.44 27.09
C SER A 193 -54.02 -13.58 28.01
N GLY A 194 -52.99 -14.32 27.58
CA GLY A 194 -52.50 -15.43 28.37
C GLY A 194 -51.06 -15.26 28.81
N ARG A 195 -50.83 -15.26 30.12
CA ARG A 195 -49.50 -15.04 30.67
C ARG A 195 -48.71 -16.35 30.70
N ILE A 196 -47.39 -16.22 30.81
CA ILE A 196 -46.47 -17.35 30.95
C ILE A 196 -45.50 -17.05 32.08
N THR A 197 -45.26 -18.05 32.93
CA THR A 197 -44.30 -17.91 34.02
C THR A 197 -43.62 -19.25 34.23
N VAL A 198 -42.35 -19.35 33.84
CA VAL A 198 -41.54 -20.54 34.06
C VAL A 198 -40.54 -20.19 35.16
N SER A 199 -40.54 -20.98 36.24
CA SER A 199 -39.76 -20.65 37.42
C SER A 199 -39.07 -21.89 37.96
N THR A 200 -37.90 -21.67 38.55
CA THR A 200 -37.18 -22.65 39.34
C THR A 200 -37.02 -22.09 40.75
N LYS A 201 -36.25 -22.81 41.59
CA LYS A 201 -35.99 -22.31 42.93
C LYS A 201 -35.02 -21.15 42.96
N ARG A 202 -34.34 -20.86 41.85
CA ARG A 202 -33.37 -19.78 41.79
C ARG A 202 -33.60 -18.81 40.64
N SER A 203 -34.63 -19.03 39.82
CA SER A 203 -34.90 -18.16 38.68
C SER A 203 -36.41 -18.00 38.52
N GLN A 204 -36.79 -16.92 37.84
CA GLN A 204 -38.18 -16.71 37.47
C GLN A 204 -38.21 -15.93 36.16
N GLN A 205 -38.81 -16.52 35.13
CA GLN A 205 -38.96 -15.89 33.83
C GLN A 205 -40.45 -15.72 33.54
N ALA A 206 -40.88 -14.45 33.44
CA ALA A 206 -42.28 -14.12 33.20
C ALA A 206 -42.38 -13.38 31.87
N VAL A 207 -43.33 -13.80 31.04
CA VAL A 207 -43.51 -13.20 29.71
C VAL A 207 -45.00 -12.97 29.48
N ILE A 208 -45.32 -11.76 29.03
CA ILE A 208 -46.68 -11.39 28.61
C ILE A 208 -46.64 -11.15 27.11
N PRO A 209 -47.40 -11.91 26.32
CA PRO A 209 -47.30 -11.78 24.86
C PRO A 209 -47.89 -10.45 24.37
N ASN A 210 -47.36 -9.99 23.23
CA ASN A 210 -47.88 -8.83 22.52
C ASN A 210 -48.61 -9.33 21.29
N ILE A 211 -49.91 -9.03 21.19
CA ILE A 211 -50.67 -9.32 19.99
C ILE A 211 -50.45 -8.18 19.00
N GLY A 212 -50.05 -8.53 17.78
CA GLY A 212 -49.81 -7.53 16.76
C GLY A 212 -49.32 -8.12 15.46
N SER A 213 -49.80 -7.58 14.34
CA SER A 213 -49.32 -8.03 13.05
C SER A 213 -47.86 -7.69 12.88
N ARG A 214 -47.12 -8.61 12.28
CA ARG A 214 -45.70 -8.47 12.02
C ARG A 214 -45.43 -8.87 10.58
N PRO A 215 -44.30 -8.44 10.01
CA PRO A 215 -43.97 -8.87 8.64
C PRO A 215 -44.05 -10.38 8.49
N ARG A 216 -44.74 -10.80 7.43
CA ARG A 216 -45.08 -12.22 7.28
C ARG A 216 -43.94 -12.97 6.60
N ILE A 217 -43.50 -14.05 7.24
CA ILE A 217 -42.61 -15.04 6.62
C ILE A 217 -43.41 -16.32 6.44
N ARG A 218 -43.45 -16.82 5.20
CA ARG A 218 -44.31 -17.94 4.83
C ARG A 218 -45.77 -17.65 5.18
N ASP A 219 -46.18 -16.40 4.96
CA ASP A 219 -47.55 -15.94 5.21
C ASP A 219 -47.95 -16.15 6.68
N ILE A 220 -47.01 -15.92 7.58
CA ILE A 220 -47.29 -15.98 9.02
C ILE A 220 -46.98 -14.63 9.65
N PRO A 221 -47.98 -13.84 10.01
CA PRO A 221 -47.73 -12.55 10.65
C PRO A 221 -47.45 -12.63 12.14
N SER A 222 -47.43 -13.83 12.71
CA SER A 222 -47.21 -14.03 14.13
C SER A 222 -45.79 -14.48 14.41
N ARG A 223 -45.37 -14.34 15.67
CA ARG A 223 -44.02 -14.69 16.09
C ARG A 223 -44.08 -15.49 17.39
N ILE A 224 -43.18 -16.46 17.52
CA ILE A 224 -42.97 -17.17 18.77
C ILE A 224 -41.62 -16.75 19.32
N SER A 225 -41.59 -16.43 20.61
CA SER A 225 -40.37 -16.00 21.28
C SER A 225 -39.82 -17.16 22.10
N ILE A 226 -38.56 -17.52 21.85
CA ILE A 226 -37.94 -18.71 22.41
C ILE A 226 -37.15 -18.33 23.65
N TYR A 227 -37.38 -19.05 24.74
CA TYR A 227 -36.65 -18.87 25.99
C TYR A 227 -36.11 -20.22 26.44
N TRP A 228 -35.06 -20.17 27.27
CA TRP A 228 -34.45 -21.37 27.81
C TRP A 228 -34.30 -21.24 29.32
N THR A 229 -34.56 -22.34 30.02
CA THR A 229 -34.42 -22.41 31.47
C THR A 229 -33.57 -23.61 31.83
N ILE A 230 -32.57 -23.40 32.69
CA ILE A 230 -31.66 -24.45 33.12
C ILE A 230 -32.04 -24.86 34.54
N VAL A 231 -32.36 -26.14 34.71
CA VAL A 231 -32.72 -26.69 36.01
C VAL A 231 -31.57 -27.56 36.50
N LYS A 232 -30.96 -27.17 37.61
CA LYS A 232 -29.82 -27.88 38.16
C LYS A 232 -30.29 -29.12 38.92
N PRO A 233 -29.39 -30.10 39.11
CA PRO A 233 -29.76 -31.29 39.89
C PRO A 233 -30.25 -30.91 41.27
N GLY A 234 -31.49 -31.30 41.57
CA GLY A 234 -32.12 -30.94 42.82
C GLY A 234 -33.06 -29.75 42.74
N ASP A 235 -33.55 -29.40 41.55
CA ASP A 235 -34.47 -28.28 41.36
C ASP A 235 -35.64 -28.75 40.52
N ILE A 236 -36.67 -27.92 40.44
CA ILE A 236 -37.88 -28.24 39.71
C ILE A 236 -38.15 -27.15 38.68
N LEU A 237 -38.80 -27.54 37.59
CA LEU A 237 -39.29 -26.61 36.57
C LEU A 237 -40.80 -26.50 36.72
N LEU A 238 -41.29 -25.29 36.97
CA LEU A 238 -42.71 -25.03 37.17
C LEU A 238 -43.22 -24.13 36.05
N ILE A 239 -44.24 -24.60 35.34
CA ILE A 239 -44.82 -23.87 34.22
C ILE A 239 -46.22 -23.43 34.64
N ASN A 240 -46.45 -22.12 34.61
CA ASN A 240 -47.71 -21.51 35.04
C ASN A 240 -48.20 -20.62 33.91
N SER A 241 -49.29 -21.02 33.26
CA SER A 241 -49.76 -20.33 32.06
C SER A 241 -51.28 -20.23 32.07
N THR A 242 -51.78 -19.23 31.35
CA THR A 242 -53.20 -19.09 31.04
C THR A 242 -53.44 -19.06 29.54
N GLY A 243 -52.47 -19.52 28.76
CA GLY A 243 -52.53 -19.47 27.31
C GLY A 243 -51.25 -18.97 26.71
N ASN A 244 -51.17 -19.06 25.38
CA ASN A 244 -50.05 -18.57 24.59
C ASN A 244 -48.74 -19.28 24.96
N LEU A 245 -48.82 -20.58 25.22
CA LEU A 245 -47.66 -21.36 25.66
C LEU A 245 -47.18 -22.28 24.54
N ILE A 246 -45.90 -22.19 24.21
CA ILE A 246 -45.20 -23.18 23.40
C ILE A 246 -44.31 -23.95 24.37
N ALA A 247 -44.82 -25.06 24.86
CA ALA A 247 -44.25 -25.81 25.96
C ALA A 247 -43.15 -26.77 25.49
N PRO A 248 -42.24 -27.16 26.37
CA PRO A 248 -41.24 -28.15 26.01
C PRO A 248 -41.80 -29.57 26.02
N ARG A 249 -41.28 -30.38 25.11
CA ARG A 249 -41.62 -31.81 25.06
C ARG A 249 -40.67 -32.67 25.86
N GLY A 250 -39.68 -32.06 26.51
CA GLY A 250 -38.68 -32.81 27.25
C GLY A 250 -37.55 -31.88 27.65
N TYR A 251 -36.41 -32.48 27.98
CA TYR A 251 -35.25 -31.70 28.41
C TYR A 251 -34.05 -32.01 27.53
N PHE A 252 -33.21 -30.99 27.35
CA PHE A 252 -31.94 -31.11 26.67
C PHE A 252 -30.83 -31.27 27.70
N LYS A 253 -29.92 -32.21 27.44
CA LYS A 253 -28.81 -32.47 28.34
C LYS A 253 -27.65 -31.53 28.02
N ILE A 254 -27.19 -30.79 29.03
CA ILE A 254 -26.11 -29.82 28.88
C ILE A 254 -24.83 -30.44 29.43
N ARG A 255 -23.71 -30.20 28.76
CA ARG A 255 -22.44 -30.81 29.12
C ARG A 255 -21.31 -29.80 28.92
N SER A 256 -20.16 -30.10 29.52
CA SER A 256 -18.95 -29.32 29.36
C SER A 256 -17.91 -30.13 28.62
N GLY A 257 -17.10 -29.44 27.82
CA GLY A 257 -16.05 -30.13 27.07
C GLY A 257 -15.38 -29.19 26.09
N LYS A 258 -14.76 -29.79 25.07
CA LYS A 258 -14.02 -29.08 24.03
C LYS A 258 -14.92 -28.58 22.92
N SER A 259 -16.21 -28.42 23.18
CA SER A 259 -17.20 -28.15 22.15
C SER A 259 -17.38 -26.66 21.91
N SER A 260 -17.70 -26.32 20.67
CA SER A 260 -17.92 -24.94 20.24
C SER A 260 -18.57 -24.97 18.86
N ILE A 261 -18.75 -23.78 18.28
CA ILE A 261 -19.36 -23.62 16.96
C ILE A 261 -18.50 -22.68 16.12
N MET A 262 -18.58 -22.83 14.80
CA MET A 262 -17.82 -22.01 13.88
C MET A 262 -18.59 -21.87 12.57
N ARG A 263 -18.46 -20.72 11.94
CA ARG A 263 -19.08 -20.46 10.65
C ARG A 263 -18.02 -20.60 9.55
N SER A 264 -18.32 -21.44 8.55
CA SER A 264 -17.36 -21.69 7.49
C SER A 264 -18.09 -22.31 6.30
N ASP A 265 -17.99 -21.67 5.13
CA ASP A 265 -18.50 -22.25 3.89
C ASP A 265 -17.41 -23.04 3.16
N ALA A 266 -16.77 -23.95 3.89
CA ALA A 266 -15.67 -24.76 3.43
C ALA A 266 -16.03 -26.24 3.51
N PRO A 267 -15.53 -27.08 2.61
CA PRO A 267 -15.90 -28.48 2.64
C PRO A 267 -15.21 -29.23 3.78
N ILE A 268 -15.81 -30.36 4.15
CA ILE A 268 -15.20 -31.23 5.14
C ILE A 268 -14.78 -32.52 4.46
N GLY A 269 -13.54 -32.55 3.96
CA GLY A 269 -12.94 -33.78 3.51
C GLY A 269 -12.40 -34.57 4.68
N LYS A 270 -11.85 -35.74 4.37
CA LYS A 270 -11.37 -36.66 5.40
C LYS A 270 -9.86 -36.53 5.51
N CYS A 271 -9.42 -35.62 6.38
CA CYS A 271 -8.00 -35.45 6.69
C CYS A 271 -7.81 -35.39 8.20
N LYS A 272 -6.60 -35.07 8.65
CA LYS A 272 -6.31 -34.92 10.08
C LYS A 272 -5.53 -33.62 10.29
N SER A 273 -6.09 -32.73 11.09
CA SER A 273 -5.41 -31.50 11.48
C SER A 273 -5.93 -31.06 12.83
N GLU A 274 -5.02 -30.79 13.77
CA GLU A 274 -5.41 -30.35 15.10
C GLU A 274 -5.97 -28.93 15.10
N CYS A 275 -5.80 -28.19 14.00
CA CYS A 275 -6.23 -26.80 13.92
C CYS A 275 -7.27 -26.67 12.82
N ILE A 276 -8.37 -25.96 13.14
CA ILE A 276 -9.44 -25.70 12.19
C ILE A 276 -9.73 -24.21 12.20
N THR A 277 -9.88 -23.64 11.01
CA THR A 277 -10.22 -22.23 10.82
C THR A 277 -11.32 -22.13 9.78
N PRO A 278 -12.10 -21.05 9.80
CA PRO A 278 -13.20 -20.92 8.82
C PRO A 278 -12.75 -20.96 7.37
N ASN A 279 -11.47 -20.69 7.08
CA ASN A 279 -10.96 -20.83 5.73
C ASN A 279 -10.54 -22.25 5.40
N GLY A 280 -10.55 -23.16 6.37
CA GLY A 280 -10.12 -24.53 6.16
C GLY A 280 -8.95 -24.92 7.04
N SER A 281 -8.86 -26.19 7.41
CA SER A 281 -7.87 -26.62 8.40
C SER A 281 -6.46 -26.25 7.96
N ILE A 282 -5.68 -25.72 8.90
CA ILE A 282 -4.30 -25.30 8.63
C ILE A 282 -3.34 -26.15 9.45
N PRO A 283 -2.11 -26.36 9.00
CA PRO A 283 -1.13 -27.06 9.82
C PRO A 283 -0.67 -26.19 11.00
N ASN A 284 -0.13 -26.87 12.01
CA ASN A 284 0.29 -26.22 13.24
C ASN A 284 1.79 -26.37 13.49
N ASP A 285 2.58 -26.44 12.42
CA ASP A 285 4.02 -26.53 12.58
C ASP A 285 4.61 -25.20 13.05
N LYS A 286 4.22 -24.10 12.39
CA LYS A 286 4.71 -22.78 12.73
C LYS A 286 3.99 -22.24 13.96
N PRO A 287 4.64 -21.37 14.74
CA PRO A 287 3.99 -20.83 15.95
C PRO A 287 2.96 -19.76 15.67
N PHE A 288 2.89 -19.23 14.46
CA PHE A 288 1.98 -18.14 14.11
C PHE A 288 1.29 -18.47 12.80
N GLN A 289 0.15 -17.80 12.57
CA GLN A 289 -0.63 -18.00 11.36
C GLN A 289 -1.25 -16.68 10.92
N ASN A 290 -1.56 -16.60 9.63
CA ASN A 290 -2.11 -15.39 9.01
C ASN A 290 -3.26 -15.75 8.08
N VAL A 291 -4.16 -16.63 8.52
CA VAL A 291 -5.29 -17.06 7.72
C VAL A 291 -6.62 -16.54 8.29
N ASN A 292 -6.81 -16.64 9.61
CA ASN A 292 -8.03 -16.14 10.23
C ASN A 292 -7.83 -16.05 11.73
N ARG A 293 -8.54 -15.10 12.34
CA ARG A 293 -8.51 -14.95 13.79
C ARG A 293 -9.34 -16.01 14.50
N ILE A 294 -10.37 -16.54 13.84
CA ILE A 294 -11.20 -17.59 14.42
C ILE A 294 -10.48 -18.91 14.27
N THR A 295 -10.22 -19.59 15.39
CA THR A 295 -9.49 -20.85 15.38
C THR A 295 -10.13 -21.82 16.37
N TYR A 296 -9.96 -23.11 16.09
CA TYR A 296 -10.44 -24.17 16.97
C TYR A 296 -9.40 -25.28 17.02
N GLY A 297 -9.07 -25.71 18.23
CA GLY A 297 -8.11 -26.79 18.43
C GLY A 297 -6.72 -26.28 18.75
N ALA A 298 -5.75 -27.15 18.50
CA ALA A 298 -4.33 -26.82 18.67
C ALA A 298 -3.91 -25.96 17.49
N CYS A 299 -3.97 -24.65 17.68
CA CYS A 299 -3.83 -23.74 16.55
C CYS A 299 -2.67 -22.76 16.76
N PRO A 300 -1.98 -22.39 15.70
CA PRO A 300 -1.05 -21.25 15.78
C PRO A 300 -1.81 -19.96 16.04
N ARG A 301 -1.10 -18.98 16.58
CA ARG A 301 -1.70 -17.72 16.98
C ARG A 301 -1.71 -16.75 15.82
N TYR A 302 -2.88 -16.17 15.55
CA TYR A 302 -3.00 -15.21 14.45
C TYR A 302 -2.25 -13.93 14.76
N VAL A 303 -1.59 -13.38 13.73
CA VAL A 303 -0.89 -12.11 13.83
C VAL A 303 -1.24 -11.27 12.60
N LYS A 304 -1.00 -9.96 12.72
CA LYS A 304 -1.23 -9.08 11.57
C LYS A 304 -0.21 -9.32 10.47
N GLN A 305 1.01 -9.70 10.83
CA GLN A 305 2.07 -9.86 9.86
C GLN A 305 1.78 -11.00 8.90
N SER A 306 2.26 -10.87 7.67
CA SER A 306 2.05 -11.86 6.63
C SER A 306 3.14 -12.93 6.63
N THR A 307 4.41 -12.51 6.64
CA THR A 307 5.53 -13.43 6.64
C THR A 307 6.56 -12.99 7.67
N LEU A 308 6.96 -13.91 8.54
CA LEU A 308 8.05 -13.70 9.49
C LEU A 308 9.06 -14.81 9.31
N LYS A 309 10.32 -14.45 9.11
CA LYS A 309 11.38 -15.41 8.82
C LYS A 309 12.32 -15.53 10.00
N LEU A 310 12.69 -16.77 10.32
CA LEU A 310 13.64 -17.08 11.38
C LEU A 310 14.88 -17.69 10.77
N ALA A 311 16.05 -17.15 11.12
CA ALA A 311 17.30 -17.61 10.54
C ALA A 311 17.67 -18.98 11.09
N THR A 312 17.83 -19.96 10.20
CA THR A 312 18.33 -21.28 10.55
C THR A 312 19.76 -21.48 10.05
N GLY A 313 20.49 -20.38 9.87
CA GLY A 313 21.84 -20.45 9.39
C GLY A 313 22.58 -19.15 9.64
N MET A 314 23.81 -19.11 9.15
CA MET A 314 24.73 -18.00 9.34
C MET A 314 24.49 -16.92 8.29
N ARG A 315 25.15 -15.78 8.50
CA ARG A 315 25.12 -14.71 7.51
C ARG A 315 25.85 -15.16 6.24
N ASN A 316 25.33 -14.75 5.09
CA ASN A 316 25.83 -15.21 3.79
C ASN A 316 26.69 -14.13 3.16
N VAL A 317 27.95 -14.46 2.92
CA VAL A 317 28.87 -13.63 2.15
C VAL A 317 29.44 -14.46 1.01
N PRO A 318 28.96 -14.25 -0.21
CA PRO A 318 29.41 -15.08 -1.34
C PRO A 318 30.66 -14.53 -2.02
N GLU A 319 31.29 -15.40 -2.79
CA GLU A 319 32.48 -15.02 -3.55
C GLU A 319 32.23 -15.17 -5.05
N ASN B 2 67.18 -22.43 35.12
CA ASN B 2 66.11 -22.03 34.21
C ASN B 2 64.78 -22.66 34.63
N SER B 3 64.13 -22.06 35.62
CA SER B 3 62.87 -22.58 36.14
C SER B 3 61.69 -22.02 35.36
N THR B 4 60.55 -22.72 35.48
CA THR B 4 59.31 -22.32 34.85
C THR B 4 58.17 -22.43 35.85
N ALA B 5 57.13 -21.64 35.62
CA ALA B 5 55.94 -21.65 36.47
C ALA B 5 54.70 -21.70 35.59
N THR B 6 53.59 -22.14 36.19
CA THR B 6 52.32 -22.23 35.48
C THR B 6 51.23 -21.56 36.31
N LEU B 7 50.32 -20.87 35.63
CA LEU B 7 49.23 -20.15 36.28
C LEU B 7 47.96 -20.41 35.49
N CYS B 8 47.02 -21.14 36.08
CA CYS B 8 45.76 -21.48 35.44
C CYS B 8 44.65 -20.55 35.93
N LEU B 9 43.72 -20.24 35.03
CA LEU B 9 42.57 -19.43 35.33
C LEU B 9 41.31 -20.27 35.16
N GLY B 10 40.40 -20.19 36.11
CA GLY B 10 39.24 -21.05 36.06
C GLY B 10 38.09 -20.50 36.89
N HIS B 11 36.99 -21.24 36.88
CA HIS B 11 35.77 -20.88 37.57
C HIS B 11 35.42 -21.96 38.59
N HIS B 12 34.35 -21.72 39.34
CA HIS B 12 33.90 -22.63 40.38
C HIS B 12 32.86 -23.61 39.83
N ALA B 13 32.57 -24.63 40.64
CA ALA B 13 31.57 -25.63 40.27
C ALA B 13 30.96 -26.20 41.54
N VAL B 14 29.80 -26.83 41.38
CA VAL B 14 29.05 -27.38 42.50
C VAL B 14 28.79 -28.85 42.23
N PRO B 15 28.52 -29.64 43.29
CA PRO B 15 28.32 -31.10 43.10
C PRO B 15 27.26 -31.46 42.05
N ASN B 16 26.03 -30.98 42.22
CA ASN B 16 24.96 -31.30 41.29
C ASN B 16 24.39 -30.08 40.59
N GLY B 17 24.05 -29.04 41.32
CA GLY B 17 23.49 -27.85 40.72
C GLY B 17 22.04 -28.00 40.33
N THR B 18 21.56 -26.99 39.61
CA THR B 18 20.17 -26.92 39.17
C THR B 18 20.13 -26.83 37.65
N ILE B 19 18.93 -27.01 37.10
CA ILE B 19 18.70 -27.05 35.66
C ILE B 19 17.78 -25.90 35.28
N VAL B 20 18.21 -25.09 34.31
CA VAL B 20 17.40 -24.00 33.79
C VAL B 20 17.26 -24.17 32.28
N LYS B 21 16.54 -23.25 31.64
CA LYS B 21 16.34 -23.26 30.21
C LYS B 21 16.76 -21.91 29.62
N THR B 22 17.39 -21.95 28.46
CA THR B 22 17.83 -20.75 27.76
C THR B 22 17.16 -20.69 26.39
N ILE B 23 17.59 -19.71 25.59
CA ILE B 23 17.07 -19.58 24.23
C ILE B 23 17.49 -20.77 23.38
N THR B 24 18.70 -21.30 23.60
CA THR B 24 19.28 -22.31 22.73
C THR B 24 19.13 -23.73 23.25
N ASN B 25 18.81 -23.94 24.52
CA ASN B 25 18.74 -25.30 25.05
C ASN B 25 17.62 -25.43 26.07
N ASP B 26 16.95 -26.58 26.04
CA ASP B 26 15.89 -26.86 27.00
C ASP B 26 16.45 -27.11 28.40
N ARG B 27 17.54 -27.86 28.50
CA ARG B 27 18.13 -28.24 29.78
C ARG B 27 19.59 -27.82 29.81
N ILE B 28 19.97 -27.05 30.82
CA ILE B 28 21.34 -26.63 31.01
C ILE B 28 21.59 -26.49 32.51
N GLU B 29 22.72 -27.03 32.97
CA GLU B 29 23.02 -27.08 34.40
C GLU B 29 23.83 -25.87 34.81
N VAL B 30 23.34 -25.14 35.82
CA VAL B 30 24.00 -23.96 36.35
C VAL B 30 24.20 -24.13 37.85
N THR B 31 25.06 -23.29 38.42
CA THR B 31 25.44 -23.42 39.83
C THR B 31 24.25 -23.10 40.75
N ASN B 32 23.58 -21.99 40.50
CA ASN B 32 22.50 -21.55 41.39
C ASN B 32 21.41 -20.88 40.57
N ALA B 33 20.17 -21.06 41.02
CA ALA B 33 19.02 -20.43 40.38
C ALA B 33 17.95 -20.17 41.43
N THR B 34 17.12 -19.16 41.18
CA THR B 34 16.00 -18.81 42.02
C THR B 34 14.70 -19.09 41.30
N GLU B 35 13.65 -19.32 42.10
CA GLU B 35 12.32 -19.57 41.56
C GLU B 35 11.56 -18.28 41.35
N LEU B 36 10.89 -18.17 40.21
CA LEU B 36 10.13 -16.98 39.86
C LEU B 36 8.62 -17.18 39.94
N VAL B 37 8.16 -18.39 40.17
CA VAL B 37 6.73 -18.71 40.21
C VAL B 37 6.40 -19.23 41.60
N GLN B 38 5.45 -18.57 42.27
CA GLN B 38 5.00 -19.00 43.59
C GLN B 38 3.97 -20.11 43.41
N ASN B 39 4.34 -21.33 43.80
CA ASN B 39 3.51 -22.51 43.56
C ASN B 39 2.71 -22.95 44.78
N SER B 40 2.75 -22.18 45.87
CA SER B 40 2.13 -22.62 47.11
C SER B 40 1.48 -21.44 47.81
N SER B 41 0.62 -21.76 48.79
CA SER B 41 0.00 -20.77 49.65
C SER B 41 0.13 -21.24 51.09
N ILE B 42 0.17 -20.27 52.01
CA ILE B 42 0.25 -20.58 53.42
C ILE B 42 -1.01 -21.30 53.91
N GLY B 43 -2.13 -21.13 53.21
CA GLY B 43 -3.36 -21.82 53.52
C GLY B 43 -4.41 -21.00 54.22
N GLU B 44 -4.06 -19.80 54.69
CA GLU B 44 -4.98 -18.94 55.39
C GLU B 44 -4.91 -17.53 54.83
N ILE B 45 -6.00 -16.79 55.00
CA ILE B 45 -6.08 -15.40 54.55
C ILE B 45 -5.64 -14.50 55.69
N CYS B 46 -4.57 -13.73 55.47
CA CYS B 46 -4.07 -12.83 56.49
C CYS B 46 -5.00 -11.65 56.66
N ASP B 47 -5.23 -11.25 57.91
CA ASP B 47 -6.10 -10.11 58.20
C ASP B 47 -5.38 -8.78 58.07
N SER B 48 -4.11 -8.77 57.69
CA SER B 48 -3.34 -7.56 57.45
C SER B 48 -2.59 -7.69 56.13
N PRO B 49 -2.30 -6.57 55.46
CA PRO B 49 -2.60 -5.17 55.83
C PRO B 49 -3.98 -4.73 55.34
N HIS B 50 -4.74 -5.62 54.73
CA HIS B 50 -6.06 -5.30 54.21
C HIS B 50 -7.13 -5.70 55.22
N GLN B 51 -8.23 -4.96 55.21
CA GLN B 51 -9.36 -5.25 56.10
C GLN B 51 -10.20 -6.38 55.52
N ILE B 52 -10.41 -7.42 56.32
CA ILE B 52 -11.12 -8.62 55.89
C ILE B 52 -12.41 -8.75 56.67
N LEU B 53 -13.52 -8.88 55.95
CA LEU B 53 -14.81 -9.17 56.54
C LEU B 53 -15.28 -10.53 56.07
N ASP B 54 -15.61 -11.41 57.01
CA ASP B 54 -16.00 -12.78 56.69
C ASP B 54 -17.52 -12.90 56.75
N GLY B 55 -18.13 -13.25 55.62
CA GLY B 55 -19.57 -13.44 55.58
C GLY B 55 -20.03 -14.71 56.25
N GLU B 56 -19.17 -15.72 56.35
CA GLU B 56 -19.49 -16.99 56.98
C GLU B 56 -20.75 -17.61 56.39
N ASN B 57 -21.87 -17.47 57.09
CA ASN B 57 -23.15 -17.97 56.63
C ASN B 57 -23.95 -16.92 55.88
N CYS B 58 -23.35 -15.77 55.57
CA CYS B 58 -24.03 -14.66 54.92
C CYS B 58 -23.31 -14.27 53.63
N THR B 59 -24.09 -13.85 52.64
CA THR B 59 -23.56 -13.29 51.42
C THR B 59 -23.60 -11.77 51.47
N LEU B 60 -22.93 -11.13 50.50
CA LEU B 60 -22.89 -9.68 50.47
C LEU B 60 -24.27 -9.08 50.28
N ILE B 61 -25.05 -9.65 49.35
CA ILE B 61 -26.40 -9.13 49.11
C ILE B 61 -27.30 -9.41 50.30
N ASP B 62 -27.13 -10.57 50.94
CA ASP B 62 -27.94 -10.90 52.12
C ASP B 62 -27.68 -9.93 53.26
N ALA B 63 -26.41 -9.57 53.49
CA ALA B 63 -26.10 -8.58 54.52
C ALA B 63 -26.59 -7.20 54.12
N LEU B 64 -26.55 -6.89 52.81
CA LEU B 64 -27.09 -5.62 52.33
C LEU B 64 -28.61 -5.55 52.57
N LEU B 65 -29.32 -6.65 52.32
CA LEU B 65 -30.77 -6.63 52.46
C LEU B 65 -31.19 -6.65 53.93
N GLY B 66 -30.55 -7.47 54.75
CA GLY B 66 -30.96 -7.58 56.14
C GLY B 66 -31.42 -8.96 56.56
N ASP B 67 -30.80 -10.00 56.00
CA ASP B 67 -31.12 -11.36 56.41
C ASP B 67 -30.95 -11.51 57.91
N PRO B 68 -31.84 -12.24 58.60
CA PRO B 68 -31.81 -12.28 60.07
C PRO B 68 -30.54 -12.90 60.65
N GLN B 69 -29.68 -13.50 59.83
CA GLN B 69 -28.38 -13.98 60.28
C GLN B 69 -27.25 -13.02 59.94
N CYS B 70 -27.55 -11.87 59.33
CA CYS B 70 -26.53 -10.93 58.88
C CYS B 70 -26.68 -9.55 59.52
N ASP B 71 -27.40 -9.44 60.64
CA ASP B 71 -27.53 -8.15 61.31
C ASP B 71 -26.22 -7.69 61.93
N GLY B 72 -25.27 -8.60 62.13
CA GLY B 72 -23.97 -8.21 62.63
C GLY B 72 -23.11 -7.48 61.62
N PHE B 73 -23.48 -7.52 60.34
CA PHE B 73 -22.76 -6.82 59.29
C PHE B 73 -23.34 -5.44 59.00
N GLN B 74 -24.30 -4.99 59.80
CA GLN B 74 -24.88 -3.67 59.61
C GLN B 74 -23.85 -2.59 59.91
N ASN B 75 -23.86 -1.54 59.08
CA ASN B 75 -22.97 -0.38 59.26
C ASN B 75 -21.50 -0.80 59.33
N LYS B 76 -21.13 -1.75 58.47
CA LYS B 76 -19.79 -2.33 58.48
C LYS B 76 -19.07 -2.01 57.17
N LYS B 77 -17.81 -1.62 57.28
CA LYS B 77 -16.94 -1.39 56.15
C LYS B 77 -15.98 -2.56 55.97
N TRP B 78 -15.36 -2.62 54.79
CA TRP B 78 -14.41 -3.69 54.51
C TRP B 78 -13.51 -3.28 53.36
N ASP B 79 -12.30 -3.85 53.35
CA ASP B 79 -11.41 -3.75 52.20
C ASP B 79 -11.60 -4.92 51.25
N LEU B 80 -11.81 -6.12 51.78
CA LEU B 80 -12.12 -7.30 50.98
C LEU B 80 -13.19 -8.11 51.67
N PHE B 81 -14.26 -8.41 50.95
CA PHE B 81 -15.36 -9.22 51.46
C PHE B 81 -15.16 -10.67 51.01
N VAL B 82 -15.09 -11.59 51.98
CA VAL B 82 -14.84 -12.99 51.71
C VAL B 82 -16.16 -13.75 51.85
N GLU B 83 -16.61 -14.38 50.77
CA GLU B 83 -17.84 -15.15 50.76
C GLU B 83 -17.51 -16.63 50.75
N ARG B 84 -18.14 -17.39 51.65
CA ARG B 84 -17.88 -18.80 51.81
C ARG B 84 -18.90 -19.62 51.02
N SER B 85 -18.49 -20.83 50.61
CA SER B 85 -19.42 -21.76 49.97
C SER B 85 -20.17 -22.58 51.02
N LYS B 86 -20.70 -21.87 52.01
CA LYS B 86 -21.62 -22.44 52.99
C LYS B 86 -22.74 -21.47 53.35
N ALA B 87 -22.71 -20.25 52.81
CA ALA B 87 -23.72 -19.26 53.14
C ALA B 87 -25.07 -19.62 52.54
N TYR B 88 -26.12 -19.28 53.27
CA TYR B 88 -27.50 -19.54 52.84
C TYR B 88 -28.36 -18.38 53.28
N SER B 89 -29.60 -18.37 52.78
CA SER B 89 -30.58 -17.33 53.08
C SER B 89 -31.67 -17.91 53.96
N ASN B 90 -32.05 -17.17 55.00
CA ASN B 90 -33.11 -17.56 55.92
C ASN B 90 -34.15 -16.46 56.02
N CYS B 91 -34.56 -15.92 54.87
CA CYS B 91 -35.53 -14.84 54.81
C CYS B 91 -36.47 -15.12 53.65
N TYR B 92 -37.23 -14.09 53.27
CA TYR B 92 -38.15 -14.23 52.14
C TYR B 92 -37.36 -14.51 50.86
N PRO B 93 -37.83 -15.43 50.02
CA PRO B 93 -37.12 -15.69 48.76
C PRO B 93 -37.04 -14.43 47.91
N TYR B 94 -35.85 -14.17 47.38
CA TYR B 94 -35.60 -12.96 46.62
C TYR B 94 -34.83 -13.29 45.36
N ASP B 95 -34.92 -12.37 44.39
CA ASP B 95 -34.26 -12.53 43.09
C ASP B 95 -33.86 -11.15 42.60
N VAL B 96 -32.56 -10.88 42.54
CA VAL B 96 -32.04 -9.61 42.05
C VAL B 96 -31.70 -9.79 40.57
N PRO B 97 -32.40 -9.11 39.66
CA PRO B 97 -32.18 -9.35 38.22
C PRO B 97 -30.74 -9.14 37.76
N ASP B 98 -30.06 -8.11 38.27
CA ASP B 98 -28.63 -7.93 37.99
C ASP B 98 -27.89 -8.11 39.31
N TYR B 99 -27.64 -9.38 39.65
CA TYR B 99 -27.03 -9.70 40.93
C TYR B 99 -25.54 -9.38 40.93
N ALA B 100 -24.83 -9.79 39.88
CA ALA B 100 -23.39 -9.57 39.81
C ALA B 100 -23.06 -8.08 39.81
N SER B 101 -23.84 -7.29 39.08
CA SER B 101 -23.60 -5.85 39.06
C SER B 101 -23.83 -5.23 40.43
N LEU B 102 -24.86 -5.69 41.16
CA LEU B 102 -25.07 -5.20 42.52
C LEU B 102 -23.94 -5.63 43.44
N ARG B 103 -23.51 -6.89 43.34
CA ARG B 103 -22.42 -7.36 44.19
C ARG B 103 -21.13 -6.60 43.89
N SER B 104 -20.83 -6.38 42.62
CA SER B 104 -19.66 -5.60 42.25
C SER B 104 -19.78 -4.16 42.73
N LEU B 105 -20.99 -3.58 42.61
CA LEU B 105 -21.20 -2.22 43.09
C LEU B 105 -20.91 -2.11 44.59
N VAL B 106 -21.49 -3.01 45.38
CA VAL B 106 -21.33 -2.94 46.82
C VAL B 106 -19.91 -3.28 47.22
N ALA B 107 -19.30 -4.26 46.54
CA ALA B 107 -17.91 -4.62 46.84
C ALA B 107 -16.98 -3.45 46.58
N SER B 108 -17.11 -2.82 45.42
CA SER B 108 -16.27 -1.65 45.12
C SER B 108 -16.56 -0.50 46.08
N SER B 109 -17.81 -0.36 46.50
CA SER B 109 -18.14 0.62 47.53
C SER B 109 -17.40 0.30 48.83
N GLY B 110 -17.35 -0.98 49.19
CA GLY B 110 -16.60 -1.42 50.36
C GLY B 110 -17.23 -1.08 51.68
N THR B 111 -18.40 -0.45 51.70
CA THR B 111 -19.09 -0.11 52.92
C THR B 111 -20.55 -0.55 52.81
N LEU B 112 -21.09 -1.01 53.92
CA LEU B 112 -22.52 -1.27 54.05
C LEU B 112 -23.00 -0.31 55.13
N GLU B 113 -23.24 0.94 54.74
CA GLU B 113 -23.56 2.01 55.68
C GLU B 113 -24.97 2.49 55.39
N PHE B 114 -25.90 2.20 56.31
CA PHE B 114 -27.30 2.56 56.15
C PHE B 114 -27.63 3.70 57.09
N ASN B 115 -28.06 4.82 56.51
CA ASN B 115 -28.63 5.94 57.27
C ASN B 115 -30.12 5.96 56.99
N ASN B 116 -30.91 5.86 58.05
CA ASN B 116 -32.36 5.71 57.90
C ASN B 116 -33.02 7.04 57.61
N GLU B 117 -33.99 7.02 56.70
CA GLU B 117 -34.82 8.17 56.37
C GLU B 117 -36.28 7.85 56.65
N SER B 118 -37.02 8.89 57.04
CA SER B 118 -38.45 8.75 57.32
C SER B 118 -39.22 9.17 56.08
N PHE B 119 -39.79 8.20 55.38
CA PHE B 119 -40.67 8.47 54.26
C PHE B 119 -42.10 8.64 54.76
N ASN B 120 -42.86 9.47 54.04
CA ASN B 120 -44.24 9.77 54.43
C ASN B 120 -45.17 8.68 53.87
N TRP B 121 -45.04 7.48 54.43
CA TRP B 121 -45.88 6.35 54.07
C TRP B 121 -47.24 6.54 54.75
N THR B 122 -48.11 7.31 54.11
CA THR B 122 -49.41 7.66 54.66
C THR B 122 -50.48 6.73 54.08
N GLY B 123 -51.19 6.04 54.95
CA GLY B 123 -52.28 5.17 54.53
C GLY B 123 -51.91 3.73 54.27
N VAL B 124 -50.69 3.32 54.62
CA VAL B 124 -50.24 1.95 54.39
C VAL B 124 -49.66 1.41 55.69
N THR B 125 -49.97 0.15 56.00
CA THR B 125 -49.42 -0.50 57.18
C THR B 125 -47.95 -0.83 56.98
N GLN B 126 -47.13 -0.49 57.96
CA GLN B 126 -45.68 -0.61 57.84
C GLN B 126 -45.16 -1.84 58.58
N ASN B 127 -43.88 -2.12 58.36
CA ASN B 127 -43.14 -3.18 59.05
C ASN B 127 -43.85 -4.54 58.89
N GLY B 128 -43.99 -4.95 57.63
CA GLY B 128 -44.53 -6.26 57.35
C GLY B 128 -43.62 -7.37 57.81
N THR B 129 -44.21 -8.54 58.03
CA THR B 129 -43.50 -9.68 58.58
C THR B 129 -43.84 -10.94 57.79
N SER B 130 -42.93 -11.91 57.84
CA SER B 130 -43.12 -13.19 57.19
C SER B 130 -42.53 -14.29 58.07
N SER B 131 -43.04 -15.50 57.88
CA SER B 131 -42.56 -16.65 58.66
C SER B 131 -41.28 -17.24 58.11
N ALA B 132 -40.88 -16.88 56.89
CA ALA B 132 -39.58 -17.31 56.38
C ALA B 132 -38.45 -16.51 57.02
N CYS B 133 -38.66 -15.20 57.19
CA CYS B 133 -37.69 -14.32 57.84
C CYS B 133 -38.01 -14.30 59.33
N ILE B 134 -37.22 -14.98 60.13
CA ILE B 134 -37.45 -15.09 61.57
C ILE B 134 -36.25 -14.46 62.27
N ARG B 135 -36.35 -13.17 62.57
CA ARG B 135 -35.38 -12.54 63.46
C ARG B 135 -35.64 -12.99 64.90
N ARG B 136 -34.57 -13.08 65.68
CA ARG B 136 -34.64 -13.57 67.06
C ARG B 136 -35.42 -14.88 67.13
N SER B 137 -36.70 -14.79 67.51
CA SER B 137 -37.58 -15.95 67.49
C SER B 137 -38.98 -15.60 67.00
N ASN B 138 -39.15 -14.46 66.36
CA ASN B 138 -40.44 -14.04 65.84
C ASN B 138 -40.35 -13.76 64.35
N SER B 139 -41.50 -13.82 63.68
CA SER B 139 -41.56 -13.54 62.25
C SER B 139 -41.11 -12.11 61.97
N SER B 140 -40.39 -11.93 60.86
CA SER B 140 -39.76 -10.65 60.57
C SER B 140 -39.57 -10.50 59.07
N PHE B 141 -38.75 -9.54 58.69
CA PHE B 141 -38.46 -9.23 57.29
C PHE B 141 -37.01 -8.74 57.23
N PHE B 142 -36.57 -8.35 56.03
CA PHE B 142 -35.26 -7.73 55.89
C PHE B 142 -35.24 -6.44 56.70
N SER B 143 -34.16 -6.25 57.47
CA SER B 143 -34.08 -5.08 58.34
C SER B 143 -34.04 -3.79 57.55
N ARG B 144 -33.29 -3.76 56.45
CA ARG B 144 -33.19 -2.58 55.61
C ARG B 144 -34.36 -2.43 54.65
N LEU B 145 -35.28 -3.38 54.62
CA LEU B 145 -36.43 -3.37 53.73
C LEU B 145 -37.70 -3.15 54.55
N ASN B 146 -38.66 -2.44 53.94
CA ASN B 146 -39.94 -2.16 54.57
C ASN B 146 -41.07 -2.70 53.71
N TRP B 147 -41.93 -3.51 54.31
CA TRP B 147 -43.05 -4.13 53.61
C TRP B 147 -44.33 -3.38 53.96
N LEU B 148 -44.97 -2.82 52.94
CA LEU B 148 -46.19 -2.03 53.12
C LEU B 148 -47.40 -2.82 52.69
N THR B 149 -48.39 -2.91 53.57
CA THR B 149 -49.67 -3.54 53.27
C THR B 149 -50.78 -2.49 53.36
N HIS B 150 -51.98 -2.88 52.93
CA HIS B 150 -53.10 -1.96 52.92
C HIS B 150 -53.52 -1.61 54.35
N LEU B 151 -54.04 -0.40 54.50
CA LEU B 151 -54.63 0.06 55.75
C LEU B 151 -56.13 0.22 55.57
N ASN B 152 -56.91 -0.42 56.45
CA ASN B 152 -58.37 -0.42 56.36
C ASN B 152 -58.85 -0.93 55.00
N TYR B 153 -58.15 -1.96 54.48
CA TYR B 153 -58.49 -2.60 53.22
C TYR B 153 -58.52 -1.60 52.06
N LYS B 154 -57.63 -0.62 52.11
CA LYS B 154 -57.48 0.35 51.02
C LYS B 154 -56.02 0.73 50.92
N TYR B 155 -55.39 0.38 49.80
CA TYR B 155 -54.00 0.75 49.56
C TYR B 155 -53.99 2.01 48.70
N PRO B 156 -53.69 3.17 49.26
CA PRO B 156 -53.75 4.41 48.49
C PRO B 156 -52.52 4.57 47.61
N ALA B 157 -52.59 5.56 46.73
CA ALA B 157 -51.46 5.90 45.89
C ALA B 157 -50.34 6.49 46.74
N LEU B 158 -49.10 6.25 46.30
CA LEU B 158 -47.92 6.72 47.00
C LEU B 158 -47.15 7.66 46.07
N ASN B 159 -46.79 8.83 46.59
CA ASN B 159 -45.98 9.82 45.85
C ASN B 159 -45.03 10.42 46.88
N VAL B 160 -43.84 9.84 46.99
CA VAL B 160 -42.87 10.19 48.03
C VAL B 160 -41.58 10.65 47.36
N THR B 161 -41.04 11.78 47.83
CA THR B 161 -39.84 12.37 47.27
C THR B 161 -38.78 12.52 48.36
N MET B 162 -37.58 12.00 48.08
CA MET B 162 -36.44 12.12 49.00
C MET B 162 -35.25 12.70 48.24
N PRO B 163 -34.99 14.00 48.37
CA PRO B 163 -33.83 14.59 47.72
C PRO B 163 -32.52 14.15 48.37
N ASN B 164 -31.42 14.51 47.70
CA ASN B 164 -30.07 14.26 48.20
C ASN B 164 -29.33 15.59 48.20
N ASN B 165 -29.09 16.14 49.39
CA ASN B 165 -28.41 17.41 49.53
C ASN B 165 -27.14 17.34 50.37
N GLU B 166 -26.76 16.16 50.84
CA GLU B 166 -25.65 16.01 51.77
C GLU B 166 -24.30 15.79 51.08
N GLN B 167 -24.26 15.91 49.75
CA GLN B 167 -23.01 15.95 48.98
C GLN B 167 -22.30 14.59 48.94
N PHE B 168 -23.07 13.51 48.87
CA PHE B 168 -22.51 12.20 48.58
C PHE B 168 -23.59 11.33 47.96
N ASP B 169 -23.17 10.48 47.02
CA ASP B 169 -24.12 9.62 46.32
C ASP B 169 -24.79 8.65 47.28
N LYS B 170 -26.07 8.39 47.04
CA LYS B 170 -26.86 7.48 47.87
C LYS B 170 -27.26 6.27 47.05
N LEU B 171 -27.04 5.08 47.60
CA LEU B 171 -27.52 3.83 47.00
C LEU B 171 -28.81 3.44 47.71
N TYR B 172 -29.92 3.46 46.98
CA TYR B 172 -31.21 3.09 47.53
C TYR B 172 -31.54 1.67 47.11
N ILE B 173 -31.90 0.87 48.06
CA ILE B 173 -32.42 -0.48 47.82
C ILE B 173 -33.94 -0.39 47.73
N TRP B 174 -34.55 -1.26 46.91
CA TRP B 174 -35.99 -1.37 46.90
C TRP B 174 -36.39 -2.68 46.24
N GLY B 175 -37.65 -3.03 46.41
CA GLY B 175 -38.13 -4.32 45.92
C GLY B 175 -39.57 -4.27 45.48
N VAL B 176 -39.94 -5.29 44.70
CA VAL B 176 -41.31 -5.48 44.24
C VAL B 176 -41.72 -6.90 44.63
N HIS B 177 -42.86 -7.02 45.29
CA HIS B 177 -43.37 -8.31 45.74
C HIS B 177 -44.23 -8.95 44.66
N HIS B 178 -43.90 -10.18 44.29
CA HIS B 178 -44.70 -10.95 43.34
C HIS B 178 -45.44 -12.02 44.11
N PRO B 179 -46.72 -11.84 44.42
CA PRO B 179 -47.45 -12.84 45.19
C PRO B 179 -47.67 -14.13 44.40
N GLY B 180 -47.76 -15.24 45.13
CA GLY B 180 -47.99 -16.52 44.50
C GLY B 180 -49.43 -16.79 44.10
N THR B 181 -50.37 -16.06 44.68
CA THR B 181 -51.79 -16.22 44.37
C THR B 181 -52.41 -14.84 44.23
N ASP B 182 -53.48 -14.76 43.44
CA ASP B 182 -54.28 -13.55 43.43
C ASP B 182 -54.79 -13.23 44.82
N LYS B 183 -55.31 -14.26 45.52
CA LYS B 183 -55.84 -14.08 46.86
C LYS B 183 -54.80 -13.43 47.78
N ASP B 184 -53.53 -13.82 47.64
CA ASP B 184 -52.47 -13.17 48.40
C ASP B 184 -52.38 -11.69 48.04
N GLN B 185 -52.52 -11.37 46.75
CA GLN B 185 -52.38 -9.99 46.30
C GLN B 185 -53.46 -9.09 46.91
N ILE B 186 -54.71 -9.56 46.95
CA ILE B 186 -55.76 -8.77 47.58
C ILE B 186 -55.57 -8.75 49.09
N PHE B 187 -55.13 -9.86 49.68
CA PHE B 187 -54.99 -9.93 51.14
C PHE B 187 -54.00 -8.90 51.64
N LEU B 188 -52.92 -8.66 50.89
CA LEU B 188 -51.89 -7.74 51.34
C LEU B 188 -52.07 -6.34 50.78
N TYR B 189 -52.44 -6.21 49.52
CA TYR B 189 -52.46 -4.91 48.85
C TYR B 189 -53.85 -4.45 48.42
N ALA B 190 -54.88 -5.29 48.54
CA ALA B 190 -56.26 -4.90 48.27
C ALA B 190 -56.45 -4.30 46.89
N GLN B 191 -55.66 -4.76 45.92
CA GLN B 191 -55.74 -4.29 44.55
C GLN B 191 -55.49 -5.46 43.61
N SER B 192 -55.95 -5.31 42.37
CA SER B 192 -55.71 -6.36 41.37
C SER B 192 -54.24 -6.46 41.02
N SER B 193 -53.60 -5.34 40.70
CA SER B 193 -52.19 -5.31 40.35
C SER B 193 -51.64 -3.92 40.65
N GLY B 194 -50.45 -3.87 41.24
CA GLY B 194 -49.87 -2.62 41.66
C GLY B 194 -48.60 -2.22 40.95
N ARG B 195 -48.64 -1.08 40.25
CA ARG B 195 -47.49 -0.60 39.50
C ARG B 195 -46.47 0.08 40.41
N ILE B 196 -45.23 0.08 39.96
CA ILE B 196 -44.11 0.67 40.70
C ILE B 196 -43.30 1.55 39.75
N THR B 197 -43.00 2.77 40.18
CA THR B 197 -42.18 3.68 39.40
C THR B 197 -41.26 4.44 40.35
N VAL B 198 -39.97 4.12 40.30
CA VAL B 198 -38.94 4.82 41.06
C VAL B 198 -38.07 5.57 40.06
N SER B 199 -37.99 6.89 40.22
CA SER B 199 -37.34 7.72 39.22
C SER B 199 -36.46 8.77 39.87
N THR B 200 -35.44 9.19 39.12
CA THR B 200 -34.59 10.32 39.44
C THR B 200 -34.61 11.28 38.25
N LYS B 201 -33.95 12.42 38.41
CA LYS B 201 -33.90 13.40 37.32
C LYS B 201 -33.18 12.85 36.09
N ARG B 202 -32.37 11.80 36.25
CA ARG B 202 -31.62 11.21 35.16
C ARG B 202 -32.03 9.80 34.81
N SER B 203 -32.63 9.06 35.75
CA SER B 203 -33.00 7.67 35.51
C SER B 203 -34.43 7.41 35.98
N GLN B 204 -35.08 6.46 35.32
CA GLN B 204 -36.41 6.02 35.69
C GLN B 204 -36.46 4.50 35.66
N GLN B 205 -37.29 3.92 36.52
CA GLN B 205 -37.43 2.46 36.62
C GLN B 205 -38.87 2.14 36.94
N ALA B 206 -39.52 1.36 36.07
CA ALA B 206 -40.91 0.95 36.24
C ALA B 206 -40.96 -0.57 36.32
N VAL B 207 -41.64 -1.08 37.36
CA VAL B 207 -41.75 -2.52 37.59
C VAL B 207 -43.22 -2.87 37.74
N ILE B 208 -43.64 -3.92 37.04
CA ILE B 208 -45.00 -4.44 37.14
C ILE B 208 -44.91 -5.84 37.74
N PRO B 209 -45.73 -6.17 38.74
CA PRO B 209 -45.61 -7.48 39.39
C PRO B 209 -46.34 -8.57 38.65
N ASN B 210 -45.77 -9.78 38.72
CA ASN B 210 -46.36 -10.96 38.12
C ASN B 210 -46.88 -11.86 39.23
N ILE B 211 -48.17 -12.15 39.21
CA ILE B 211 -48.81 -12.97 40.24
C ILE B 211 -48.95 -14.38 39.69
N GLY B 212 -48.40 -15.34 40.42
CA GLY B 212 -48.48 -16.74 40.03
C GLY B 212 -47.66 -17.64 40.92
N SER B 213 -47.93 -18.94 40.87
CA SER B 213 -47.20 -19.88 41.72
C SER B 213 -45.73 -19.93 41.34
N ARG B 214 -44.89 -20.09 42.34
CA ARG B 214 -43.45 -20.28 42.18
C ARG B 214 -43.02 -21.41 43.09
N PRO B 215 -41.91 -22.09 42.77
CA PRO B 215 -41.41 -23.14 43.66
C PRO B 215 -41.17 -22.60 45.07
N ARG B 216 -41.58 -23.37 46.06
CA ARG B 216 -41.65 -22.89 47.43
C ARG B 216 -40.31 -23.08 48.13
N ILE B 217 -39.73 -21.98 48.60
CA ILE B 217 -38.55 -22.00 49.44
C ILE B 217 -38.96 -21.49 50.82
N ARG B 218 -38.66 -22.26 51.85
CA ARG B 218 -39.12 -21.98 53.21
C ARG B 218 -40.64 -21.88 53.25
N ASP B 219 -41.29 -22.74 52.45
CA ASP B 219 -42.76 -22.81 52.38
C ASP B 219 -43.37 -21.46 52.01
N ILE B 220 -42.74 -20.74 51.08
CA ILE B 220 -43.26 -19.49 50.56
C ILE B 220 -43.29 -19.58 49.03
N PRO B 221 -44.48 -19.54 48.40
CA PRO B 221 -44.54 -19.55 46.93
C PRO B 221 -44.40 -18.19 46.28
N SER B 222 -44.41 -17.10 47.05
CA SER B 222 -44.22 -15.77 46.49
C SER B 222 -42.73 -15.42 46.47
N ARG B 223 -42.38 -14.48 45.58
CA ARG B 223 -41.00 -14.04 45.44
C ARG B 223 -40.95 -12.52 45.46
N ILE B 224 -39.76 -11.99 45.70
CA ILE B 224 -39.52 -10.55 45.74
C ILE B 224 -38.34 -10.23 44.83
N SER B 225 -38.55 -9.28 43.93
CA SER B 225 -37.48 -8.83 43.04
C SER B 225 -36.82 -7.58 43.62
N ILE B 226 -35.49 -7.61 43.73
CA ILE B 226 -34.74 -6.54 44.34
C ILE B 226 -34.14 -5.67 43.24
N TYR B 227 -34.32 -4.35 43.37
CA TYR B 227 -33.74 -3.38 42.45
C TYR B 227 -32.95 -2.35 43.24
N TRP B 228 -31.99 -1.73 42.56
CA TRP B 228 -31.14 -0.72 43.17
C TRP B 228 -31.21 0.58 42.36
N THR B 229 -31.26 1.70 43.07
CA THR B 229 -31.29 3.02 42.46
C THR B 229 -30.27 3.91 43.14
N ILE B 230 -29.49 4.64 42.35
CA ILE B 230 -28.46 5.53 42.87
C ILE B 230 -28.87 6.96 42.58
N VAL B 231 -28.83 7.81 43.61
CA VAL B 231 -29.25 9.20 43.52
C VAL B 231 -28.06 10.10 43.79
N LYS B 232 -27.81 11.03 42.88
CA LYS B 232 -26.69 11.96 42.95
C LYS B 232 -27.02 13.11 43.90
N PRO B 233 -26.00 13.85 44.37
CA PRO B 233 -26.29 15.05 45.18
C PRO B 233 -26.90 16.14 44.32
N GLY B 234 -28.02 16.68 44.79
CA GLY B 234 -28.81 17.59 43.98
C GLY B 234 -29.91 16.95 43.19
N ASP B 235 -30.13 15.64 43.37
CA ASP B 235 -31.20 14.91 42.69
C ASP B 235 -32.19 14.41 43.73
N ILE B 236 -33.43 14.22 43.29
CA ILE B 236 -34.51 13.75 44.14
C ILE B 236 -34.92 12.34 43.71
N LEU B 237 -35.14 11.48 44.70
CA LEU B 237 -35.73 10.17 44.46
C LEU B 237 -37.24 10.30 44.55
N LEU B 238 -37.94 9.82 43.52
CA LEU B 238 -39.40 9.88 43.47
C LEU B 238 -39.95 8.47 43.35
N ILE B 239 -40.72 8.05 44.34
CA ILE B 239 -41.37 6.74 44.33
C ILE B 239 -42.87 6.98 44.17
N ASN B 240 -43.44 6.37 43.13
CA ASN B 240 -44.85 6.55 42.79
C ASN B 240 -45.43 5.15 42.53
N SER B 241 -46.37 4.74 43.38
CA SER B 241 -46.81 3.35 43.40
C SER B 241 -48.28 3.26 43.77
N THR B 242 -48.85 2.07 43.53
CA THR B 242 -50.17 1.71 44.01
C THR B 242 -50.19 0.46 44.87
N GLY B 243 -49.08 -0.27 44.95
CA GLY B 243 -49.04 -1.48 45.74
C GLY B 243 -47.86 -2.33 45.33
N ASN B 244 -47.70 -3.44 46.06
CA ASN B 244 -46.62 -4.40 45.83
C ASN B 244 -45.25 -3.73 45.90
N LEU B 245 -45.12 -2.77 46.82
CA LEU B 245 -43.87 -2.04 47.00
C LEU B 245 -43.15 -2.56 48.24
N ILE B 246 -41.91 -2.97 48.07
CA ILE B 246 -41.00 -3.21 49.18
C ILE B 246 -40.14 -1.95 49.26
N ALA B 247 -40.43 -1.10 50.23
CA ALA B 247 -39.90 0.25 50.25
C ALA B 247 -38.50 0.29 50.88
N PRO B 248 -37.66 1.22 50.44
CA PRO B 248 -36.42 1.49 51.16
C PRO B 248 -36.69 2.03 52.55
N ARG B 249 -35.84 1.65 53.49
CA ARG B 249 -35.86 2.22 54.83
C ARG B 249 -34.89 3.38 54.99
N GLY B 250 -34.07 3.65 53.97
CA GLY B 250 -33.03 4.66 54.07
C GLY B 250 -32.12 4.57 52.87
N TYR B 251 -30.92 5.12 53.01
CA TYR B 251 -29.96 5.15 51.91
C TYR B 251 -28.65 4.48 52.32
N PHE B 252 -28.10 3.71 51.40
CA PHE B 252 -26.76 3.12 51.56
C PHE B 252 -25.73 4.03 50.93
N LYS B 253 -24.57 4.14 51.57
CA LYS B 253 -23.49 4.97 51.08
C LYS B 253 -22.63 4.18 50.10
N ILE B 254 -22.23 4.83 49.00
CA ILE B 254 -21.33 4.23 48.03
C ILE B 254 -20.07 5.09 47.94
N ARG B 255 -18.92 4.44 48.02
CA ARG B 255 -17.63 5.09 47.95
C ARG B 255 -16.80 4.48 46.82
N SER B 256 -15.73 5.17 46.46
CA SER B 256 -14.77 4.69 45.48
C SER B 256 -13.46 4.39 46.20
N GLY B 257 -13.11 3.11 46.29
CA GLY B 257 -11.92 2.70 47.01
C GLY B 257 -11.24 1.46 46.47
N LYS B 258 -10.36 0.88 47.26
CA LYS B 258 -9.61 -0.33 46.90
C LYS B 258 -10.38 -1.61 47.25
N SER B 259 -11.68 -1.53 47.45
CA SER B 259 -12.44 -2.64 47.98
C SER B 259 -12.97 -3.54 46.87
N SER B 260 -13.19 -4.81 47.23
CA SER B 260 -13.72 -5.82 46.31
C SER B 260 -14.26 -6.98 47.13
N ILE B 261 -14.68 -8.04 46.44
CA ILE B 261 -15.23 -9.24 47.07
C ILE B 261 -14.57 -10.46 46.44
N MET B 262 -14.28 -11.46 47.28
CA MET B 262 -13.60 -12.68 46.84
C MET B 262 -14.28 -13.88 47.47
N ARG B 263 -14.40 -14.96 46.70
CA ARG B 263 -14.99 -16.20 47.17
C ARG B 263 -13.89 -17.18 47.56
N SER B 264 -13.91 -17.62 48.82
CA SER B 264 -12.92 -18.56 49.31
C SER B 264 -13.47 -19.28 50.53
N ASP B 265 -12.86 -20.41 50.85
CA ASP B 265 -13.20 -21.20 52.04
C ASP B 265 -11.97 -21.40 52.93
N ALA B 266 -11.04 -20.45 52.89
CA ALA B 266 -9.82 -20.50 53.68
C ALA B 266 -9.98 -19.69 54.95
N PRO B 267 -9.43 -20.17 56.07
CA PRO B 267 -9.58 -19.44 57.34
C PRO B 267 -8.87 -18.11 57.32
N ILE B 268 -9.37 -17.18 58.13
CA ILE B 268 -8.75 -15.85 58.26
C ILE B 268 -7.72 -15.98 59.38
N GLY B 269 -6.52 -16.43 59.01
CA GLY B 269 -5.44 -16.57 59.96
C GLY B 269 -4.73 -15.26 60.23
N LYS B 270 -3.97 -15.24 61.32
CA LYS B 270 -3.29 -14.03 61.78
C LYS B 270 -1.91 -13.94 61.16
N CYS B 271 -1.75 -13.00 60.23
CA CYS B 271 -0.47 -12.74 59.57
C CYS B 271 -0.61 -11.43 58.79
N LYS B 272 0.45 -11.07 58.07
CA LYS B 272 0.45 -9.90 57.20
C LYS B 272 0.97 -10.30 55.84
N SER B 273 0.11 -10.23 54.83
CA SER B 273 0.50 -10.48 53.45
C SER B 273 -0.39 -9.66 52.55
N GLU B 274 0.21 -8.88 51.66
CA GLU B 274 -0.53 -7.93 50.85
C GLU B 274 -1.19 -8.56 49.63
N CYS B 275 -1.07 -9.88 49.46
CA CYS B 275 -1.71 -10.58 48.36
C CYS B 275 -2.62 -11.67 48.92
N ILE B 276 -3.90 -11.60 48.58
CA ILE B 276 -4.90 -12.58 48.99
C ILE B 276 -5.35 -13.35 47.76
N THR B 277 -5.48 -14.66 47.91
CA THR B 277 -5.85 -15.60 46.85
C THR B 277 -6.93 -16.52 47.38
N PRO B 278 -7.84 -16.99 46.52
CA PRO B 278 -8.91 -17.89 47.01
C PRO B 278 -8.37 -19.12 47.72
N ASN B 279 -7.21 -19.63 47.29
CA ASN B 279 -6.56 -20.75 47.95
C ASN B 279 -5.88 -20.33 49.25
N GLY B 280 -5.86 -19.05 49.57
CA GLY B 280 -5.12 -18.54 50.71
C GLY B 280 -4.14 -17.47 50.28
N SER B 281 -3.68 -16.72 51.28
CA SER B 281 -2.76 -15.62 51.03
C SER B 281 -1.41 -16.14 50.54
N ILE B 282 -0.77 -15.37 49.66
CA ILE B 282 0.49 -15.77 49.05
C ILE B 282 1.48 -14.63 49.19
N PRO B 283 2.79 -14.92 49.13
CA PRO B 283 3.80 -13.88 49.31
C PRO B 283 4.26 -13.26 47.99
N ASN B 284 4.44 -11.94 48.01
CA ASN B 284 4.82 -11.18 46.82
C ASN B 284 6.33 -11.02 46.70
N ASP B 285 7.07 -12.12 46.83
CA ASP B 285 8.51 -12.12 46.65
C ASP B 285 8.95 -12.52 45.25
N LYS B 286 8.04 -13.08 44.45
CA LYS B 286 8.32 -13.53 43.11
C LYS B 286 7.53 -12.72 42.11
N PRO B 287 8.00 -12.59 40.87
CA PRO B 287 7.23 -11.82 39.88
C PRO B 287 5.95 -12.53 39.45
N PHE B 288 5.90 -13.86 39.48
CA PHE B 288 4.78 -14.63 38.93
C PHE B 288 4.32 -15.66 39.95
N GLN B 289 3.19 -16.31 39.64
CA GLN B 289 2.60 -17.27 40.55
C GLN B 289 1.72 -18.24 39.78
N ASN B 290 1.39 -19.35 40.42
CA ASN B 290 0.57 -20.41 39.84
C ASN B 290 -0.55 -20.86 40.79
N VAL B 291 -0.84 -20.07 41.81
CA VAL B 291 -1.85 -20.48 42.80
C VAL B 291 -3.25 -20.30 42.24
N ASN B 292 -3.60 -19.07 41.84
CA ASN B 292 -4.95 -18.81 41.35
C ASN B 292 -4.94 -17.58 40.46
N ARG B 293 -5.92 -17.53 39.54
CA ARG B 293 -6.09 -16.37 38.68
C ARG B 293 -6.81 -15.23 39.39
N ILE B 294 -7.45 -15.50 40.52
CA ILE B 294 -8.13 -14.46 41.30
C ILE B 294 -7.16 -13.93 42.34
N THR B 295 -6.90 -12.62 42.29
CA THR B 295 -5.93 -11.98 43.17
C THR B 295 -6.52 -10.71 43.76
N TYR B 296 -6.00 -10.31 44.91
CA TYR B 296 -6.34 -9.03 45.52
C TYR B 296 -5.11 -8.42 46.17
N GLY B 297 -4.87 -7.15 45.91
CA GLY B 297 -3.71 -6.46 46.46
C GLY B 297 -2.52 -6.51 45.54
N ALA B 298 -1.35 -6.23 46.12
CA ALA B 298 -0.09 -6.33 45.38
C ALA B 298 0.24 -7.80 45.18
N CYS B 299 -0.12 -8.34 44.02
CA CYS B 299 -0.04 -9.77 43.80
C CYS B 299 0.88 -10.10 42.62
N PRO B 300 1.68 -11.15 42.72
CA PRO B 300 2.42 -11.62 41.54
C PRO B 300 1.46 -12.05 40.45
N ARG B 301 1.90 -11.86 39.20
CA ARG B 301 1.02 -12.10 38.07
C ARG B 301 0.90 -13.59 37.78
N TYR B 302 -0.31 -14.00 37.42
CA TYR B 302 -0.62 -15.42 37.24
C TYR B 302 -0.13 -15.91 35.89
N VAL B 303 0.59 -17.04 35.90
CA VAL B 303 1.00 -17.71 34.68
C VAL B 303 0.60 -19.17 34.78
N LYS B 304 0.55 -19.84 33.63
CA LYS B 304 0.20 -21.25 33.60
C LYS B 304 1.36 -22.14 34.02
N GLN B 305 2.59 -21.69 33.81
CA GLN B 305 3.75 -22.51 34.10
C GLN B 305 3.92 -22.69 35.60
N SER B 306 4.13 -23.94 36.03
CA SER B 306 4.34 -24.23 37.44
C SER B 306 5.74 -23.88 37.91
N THR B 307 6.75 -24.03 37.05
CA THR B 307 8.15 -23.85 37.42
C THR B 307 8.82 -22.93 36.41
N LEU B 308 9.57 -21.95 36.91
CA LEU B 308 10.31 -21.03 36.05
C LEU B 308 11.53 -20.55 36.84
N LYS B 309 12.69 -21.12 36.53
CA LYS B 309 13.92 -20.83 37.25
C LYS B 309 14.78 -19.85 36.47
N LEU B 310 15.31 -18.86 37.18
CA LEU B 310 16.29 -17.93 36.63
C LEU B 310 17.63 -18.19 37.28
N ALA B 311 18.64 -18.44 36.45
CA ALA B 311 19.97 -18.78 36.96
C ALA B 311 20.58 -17.58 37.68
N THR B 312 21.03 -17.81 38.91
CA THR B 312 21.81 -16.81 39.66
C THR B 312 23.28 -17.18 39.70
N GLY B 313 23.75 -17.96 38.73
CA GLY B 313 25.13 -18.35 38.65
C GLY B 313 25.49 -18.73 37.23
N MET B 314 26.71 -19.22 37.08
CA MET B 314 27.25 -19.55 35.77
C MET B 314 26.91 -21.00 35.38
N ARG B 315 27.29 -21.37 34.16
CA ARG B 315 27.18 -22.76 33.72
C ARG B 315 27.99 -23.66 34.64
N ASN B 316 27.38 -24.76 35.07
CA ASN B 316 28.04 -25.69 35.97
C ASN B 316 28.70 -26.79 35.15
N VAL B 317 30.02 -26.66 34.97
CA VAL B 317 30.82 -27.72 34.36
C VAL B 317 31.40 -28.54 35.51
N PRO B 318 30.96 -29.78 35.69
CA PRO B 318 31.50 -30.59 36.80
C PRO B 318 32.94 -31.01 36.54
N GLU B 319 33.67 -31.24 37.62
CA GLU B 319 34.99 -31.84 37.51
C GLU B 319 34.90 -33.23 36.88
N LYS B 320 33.76 -33.89 37.04
CA LYS B 320 33.57 -35.26 36.57
C LYS B 320 32.32 -35.37 35.71
N ASN C 2 65.17 7.50 20.60
CA ASN C 2 63.87 7.06 21.11
C ASN C 2 63.62 5.60 20.75
N SER C 3 63.51 5.32 19.44
CA SER C 3 63.28 3.98 18.92
C SER C 3 62.00 3.36 19.49
N THR C 4 61.03 4.21 19.84
CA THR C 4 59.80 3.74 20.44
C THR C 4 58.68 4.73 20.15
N ALA C 5 57.54 4.22 19.71
CA ALA C 5 56.34 5.02 19.50
C ALA C 5 55.18 4.37 20.26
N THR C 6 54.18 5.19 20.57
CA THR C 6 53.01 4.72 21.30
C THR C 6 51.76 5.10 20.50
N LEU C 7 50.84 4.14 20.37
CA LEU C 7 49.60 4.34 19.64
C LEU C 7 48.45 3.79 20.47
N CYS C 8 47.65 4.67 21.04
CA CYS C 8 46.54 4.31 21.92
C CYS C 8 45.23 4.33 21.16
N LEU C 9 44.34 3.42 21.54
CA LEU C 9 43.01 3.32 20.95
C LEU C 9 41.97 3.69 22.00
N GLY C 10 41.03 4.54 21.61
CA GLY C 10 40.07 5.06 22.57
C GLY C 10 38.77 5.44 21.90
N HIS C 11 37.83 5.88 22.73
CA HIS C 11 36.50 6.26 22.33
C HIS C 11 36.18 7.66 22.85
N HIS C 12 35.06 8.19 22.39
CA HIS C 12 34.66 9.56 22.73
C HIS C 12 33.88 9.60 24.03
N ALA C 13 33.79 10.80 24.60
CA ALA C 13 33.01 11.05 25.81
C ALA C 13 32.47 12.46 25.75
N VAL C 14 31.34 12.68 26.43
CA VAL C 14 30.71 13.99 26.45
C VAL C 14 30.41 14.38 27.90
N PRO C 15 30.41 15.68 28.24
CA PRO C 15 29.97 16.09 29.58
C PRO C 15 28.47 16.06 29.75
N ASN C 16 27.71 16.19 28.65
CA ASN C 16 26.26 16.14 28.70
C ASN C 16 25.80 14.68 28.63
N GLY C 17 26.03 13.96 29.73
CA GLY C 17 25.65 12.58 29.81
C GLY C 17 24.14 12.41 29.95
N THR C 18 23.70 11.16 29.74
CA THR C 18 22.29 10.82 29.87
C THR C 18 22.17 9.43 30.50
N ILE C 19 21.42 9.34 31.59
CA ILE C 19 21.25 8.09 32.32
C ILE C 19 20.10 7.31 31.70
N VAL C 20 20.33 6.03 31.42
CA VAL C 20 19.33 5.16 30.83
C VAL C 20 19.28 3.85 31.60
N LYS C 21 18.32 3.01 31.24
CA LYS C 21 18.05 1.74 31.92
C LYS C 21 18.61 0.58 31.10
N THR C 22 19.20 -0.39 31.80
CA THR C 22 19.67 -1.62 31.18
C THR C 22 19.05 -2.81 31.90
N ILE C 23 19.31 -4.01 31.37
CA ILE C 23 18.86 -5.23 32.03
C ILE C 23 19.55 -5.41 33.37
N THR C 24 20.86 -5.20 33.41
CA THR C 24 21.66 -5.46 34.59
C THR C 24 21.92 -4.22 35.43
N ASN C 25 21.49 -3.04 34.98
CA ASN C 25 21.71 -1.82 35.75
C ASN C 25 20.55 -0.87 35.53
N ASP C 26 20.17 -0.17 36.60
CA ASP C 26 19.10 0.81 36.55
C ASP C 26 19.58 2.20 36.16
N ARG C 27 20.84 2.52 36.44
CA ARG C 27 21.40 3.84 36.16
C ARG C 27 22.76 3.66 35.47
N ILE C 28 22.78 3.83 34.15
CA ILE C 28 24.01 3.81 33.38
C ILE C 28 24.07 5.08 32.54
N GLU C 29 25.24 5.68 32.45
CA GLU C 29 25.43 6.95 31.76
C GLU C 29 25.95 6.69 30.36
N VAL C 30 25.20 7.17 29.36
CA VAL C 30 25.58 7.05 27.96
C VAL C 30 25.77 8.45 27.38
N THR C 31 26.37 8.51 26.20
CA THR C 31 26.65 9.80 25.58
C THR C 31 25.38 10.49 25.10
N ASN C 32 24.63 9.83 24.22
CA ASN C 32 23.41 10.40 23.65
C ASN C 32 22.25 9.44 23.88
N ALA C 33 21.07 10.02 24.09
CA ALA C 33 19.86 9.24 24.28
C ALA C 33 18.66 10.02 23.75
N THR C 34 17.61 9.28 23.42
CA THR C 34 16.37 9.86 22.93
C THR C 34 15.21 9.40 23.80
N GLU C 35 14.08 10.09 23.67
CA GLU C 35 12.89 9.80 24.46
C GLU C 35 11.90 9.02 23.62
N LEU C 36 11.33 7.95 24.21
CA LEU C 36 10.39 7.09 23.51
C LEU C 36 8.94 7.35 23.90
N VAL C 37 8.69 8.08 24.98
CA VAL C 37 7.33 8.32 25.46
C VAL C 37 6.99 9.79 25.24
N GLN C 38 5.75 10.04 24.83
CA GLN C 38 5.25 11.41 24.68
C GLN C 38 4.69 11.86 26.03
N ASN C 39 5.21 12.98 26.53
CA ASN C 39 4.82 13.49 27.84
C ASN C 39 3.98 14.75 27.77
N SER C 40 4.08 15.52 26.69
CA SER C 40 3.36 16.79 26.58
C SER C 40 2.53 16.80 25.31
N SER C 41 1.40 17.49 25.37
CA SER C 41 0.52 17.69 24.24
C SER C 41 0.61 19.12 23.74
N ILE C 42 0.13 19.35 22.52
CA ILE C 42 -0.19 20.72 22.11
C ILE C 42 -1.27 21.27 23.03
N GLY C 43 -2.28 20.45 23.34
CA GLY C 43 -3.37 20.83 24.20
C GLY C 43 -4.67 21.12 23.47
N GLU C 44 -4.62 21.27 22.15
CA GLU C 44 -5.79 21.58 21.36
C GLU C 44 -5.91 20.60 20.19
N ILE C 45 -7.15 20.35 19.77
CA ILE C 45 -7.41 19.39 18.70
C ILE C 45 -7.22 20.06 17.35
N CYS C 46 -6.75 19.28 16.38
CA CYS C 46 -6.43 19.79 15.05
C CYS C 46 -7.57 19.49 14.08
N ASP C 47 -7.86 20.45 13.20
CA ASP C 47 -8.88 20.27 12.17
C ASP C 47 -8.42 19.34 11.06
N SER C 48 -7.14 19.01 10.99
CA SER C 48 -6.60 18.16 9.93
C SER C 48 -5.84 17.01 10.55
N PRO C 49 -5.86 15.83 9.90
CA PRO C 49 -6.57 15.50 8.67
C PRO C 49 -7.99 15.02 8.94
N HIS C 50 -8.30 14.72 10.21
CA HIS C 50 -9.58 14.12 10.54
C HIS C 50 -10.64 15.21 10.69
N GLN C 51 -11.80 14.98 10.08
CA GLN C 51 -12.90 15.92 10.16
C GLN C 51 -13.41 15.97 11.60
N ILE C 52 -13.34 17.15 12.21
CA ILE C 52 -13.72 17.35 13.60
C ILE C 52 -15.03 18.13 13.64
N LEU C 53 -16.03 17.58 14.30
CA LEU C 53 -17.30 18.27 14.53
C LEU C 53 -17.44 18.54 16.02
N ASP C 54 -17.66 19.81 16.37
CA ASP C 54 -17.77 20.24 17.76
C ASP C 54 -19.24 20.42 18.12
N GLY C 55 -19.70 19.67 19.11
CA GLY C 55 -21.08 19.80 19.55
C GLY C 55 -21.35 20.96 20.48
N GLU C 56 -20.30 21.50 21.12
CA GLU C 56 -20.42 22.62 22.04
C GLU C 56 -21.43 22.34 23.15
N ASN C 57 -22.66 22.84 22.99
CA ASN C 57 -23.71 22.65 23.97
C ASN C 57 -24.59 21.46 23.68
N CYS C 58 -24.25 20.66 22.66
CA CYS C 58 -25.10 19.57 22.21
C CYS C 58 -24.37 18.24 22.30
N THR C 59 -25.10 17.19 22.63
CA THR C 59 -24.58 15.83 22.57
C THR C 59 -24.93 15.20 21.22
N LEU C 60 -24.29 14.07 20.93
CA LEU C 60 -24.56 13.37 19.69
C LEU C 60 -26.00 12.88 19.63
N ILE C 61 -26.52 12.36 20.75
CA ILE C 61 -27.89 11.88 20.77
C ILE C 61 -28.87 13.04 20.59
N ASP C 62 -28.60 14.18 21.24
CA ASP C 62 -29.49 15.33 21.13
C ASP C 62 -29.56 15.84 19.69
N ALA C 63 -28.42 15.91 19.01
CA ALA C 63 -28.43 16.29 17.60
C ALA C 63 -29.17 15.25 16.77
N LEU C 64 -28.98 13.97 17.09
CA LEU C 64 -29.72 12.91 16.40
C LEU C 64 -31.21 13.01 16.65
N LEU C 65 -31.61 13.53 17.81
CA LEU C 65 -33.02 13.65 18.17
C LEU C 65 -33.65 14.94 17.68
N GLY C 66 -32.95 16.07 17.77
CA GLY C 66 -33.48 17.31 17.25
C GLY C 66 -33.72 18.40 18.27
N ASP C 67 -32.91 18.45 19.32
CA ASP C 67 -32.96 19.58 20.25
C ASP C 67 -32.72 20.87 19.48
N PRO C 68 -33.52 21.92 19.70
CA PRO C 68 -33.48 23.08 18.79
C PRO C 68 -32.10 23.71 18.66
N GLN C 69 -31.33 23.79 19.74
CA GLN C 69 -29.98 24.34 19.64
C GLN C 69 -29.06 23.44 18.82
N CYS C 70 -29.41 22.15 18.67
CA CYS C 70 -28.65 21.21 17.88
C CYS C 70 -29.14 21.11 16.44
N ASP C 71 -30.12 21.92 16.04
CA ASP C 71 -30.65 21.84 14.69
C ASP C 71 -29.63 22.20 13.63
N GLY C 72 -28.55 22.87 14.02
CA GLY C 72 -27.50 23.18 13.06
C GLY C 72 -26.65 21.99 12.64
N PHE C 73 -26.79 20.85 13.33
CA PHE C 73 -26.04 19.65 13.02
C PHE C 73 -26.76 18.72 12.06
N GLN C 74 -27.91 19.13 11.53
CA GLN C 74 -28.63 18.29 10.58
C GLN C 74 -27.81 18.13 9.30
N ASN C 75 -27.83 16.91 8.76
CA ASN C 75 -27.13 16.51 7.53
C ASN C 75 -25.61 16.52 7.67
N LYS C 76 -25.09 16.76 8.87
CA LYS C 76 -23.65 16.89 9.07
C LYS C 76 -22.99 15.53 9.24
N LYS C 77 -21.74 15.44 8.77
CA LYS C 77 -20.90 14.26 8.94
C LYS C 77 -19.66 14.64 9.72
N TRP C 78 -18.90 13.63 10.14
CA TRP C 78 -17.69 13.87 10.92
C TRP C 78 -16.81 12.64 10.89
N ASP C 79 -15.50 12.86 10.98
CA ASP C 79 -14.55 11.79 11.25
C ASP C 79 -14.38 11.55 12.74
N LEU C 80 -14.71 12.54 13.58
CA LEU C 80 -14.65 12.38 15.03
C LEU C 80 -15.53 13.44 15.67
N PHE C 81 -16.47 13.00 16.50
CA PHE C 81 -17.37 13.89 17.20
C PHE C 81 -16.80 14.22 18.57
N VAL C 82 -16.72 15.51 18.89
CA VAL C 82 -16.15 15.97 20.16
C VAL C 82 -17.29 16.46 21.03
N GLU C 83 -17.43 15.84 22.21
CA GLU C 83 -18.50 16.15 23.15
C GLU C 83 -17.93 16.97 24.30
N ARG C 84 -18.58 18.09 24.60
CA ARG C 84 -18.10 19.04 25.60
C ARG C 84 -18.82 18.85 26.93
N SER C 85 -18.17 19.32 27.99
CA SER C 85 -18.77 19.26 29.32
C SER C 85 -19.94 20.22 29.45
N LYS C 86 -19.91 21.33 28.73
CA LYS C 86 -20.97 22.34 28.76
C LYS C 86 -22.23 21.91 28.02
N ALA C 87 -22.30 20.67 27.53
CA ALA C 87 -23.47 20.21 26.80
C ALA C 87 -24.69 20.13 27.72
N TYR C 88 -25.83 20.56 27.21
CA TYR C 88 -27.08 20.52 27.96
C TYR C 88 -28.24 20.36 26.99
N SER C 89 -29.38 19.93 27.52
CA SER C 89 -30.56 19.65 26.72
C SER C 89 -31.68 20.63 27.07
N ASN C 90 -32.38 21.10 26.04
CA ASN C 90 -33.49 22.04 26.20
C ASN C 90 -34.69 21.57 25.38
N CYS C 91 -35.04 20.31 25.54
CA CYS C 91 -36.18 19.70 24.85
C CYS C 91 -36.90 18.82 25.86
N TYR C 92 -37.75 17.92 25.36
CA TYR C 92 -38.51 17.05 26.24
C TYR C 92 -37.55 16.18 27.07
N PRO C 93 -37.84 15.97 28.35
CA PRO C 93 -37.00 15.06 29.16
C PRO C 93 -37.03 13.67 28.59
N TYR C 94 -35.85 13.22 28.14
CA TYR C 94 -35.73 11.98 27.38
C TYR C 94 -34.86 10.97 28.12
N ASP C 95 -35.04 9.71 27.75
CA ASP C 95 -34.25 8.59 28.29
C ASP C 95 -34.04 7.58 27.20
N VAL C 96 -32.80 7.12 27.06
CA VAL C 96 -32.43 6.13 26.05
C VAL C 96 -31.86 4.91 26.78
N PRO C 97 -32.61 3.80 26.83
CA PRO C 97 -32.02 2.54 27.26
C PRO C 97 -30.96 2.10 26.27
N ASP C 98 -29.88 1.51 26.79
CA ASP C 98 -28.71 1.22 26.00
C ASP C 98 -28.21 2.50 25.33
N TYR C 99 -28.12 3.57 26.12
CA TYR C 99 -27.68 4.86 25.60
C TYR C 99 -26.28 4.77 25.02
N ALA C 100 -25.38 4.04 25.69
CA ALA C 100 -24.02 3.90 25.18
C ALA C 100 -24.00 3.17 23.85
N SER C 101 -24.87 2.17 23.69
CA SER C 101 -24.93 1.43 22.43
C SER C 101 -25.35 2.34 21.28
N LEU C 102 -26.38 3.16 21.50
CA LEU C 102 -26.82 4.10 20.47
C LEU C 102 -25.74 5.15 20.19
N ARG C 103 -25.09 5.63 21.24
CA ARG C 103 -24.03 6.63 21.07
C ARG C 103 -22.88 6.06 20.24
N SER C 104 -22.42 4.85 20.58
CA SER C 104 -21.34 4.22 19.82
C SER C 104 -21.79 3.92 18.39
N LEU C 105 -23.04 3.49 18.22
CA LEU C 105 -23.55 3.15 16.89
C LEU C 105 -23.57 4.37 15.98
N VAL C 106 -24.05 5.50 16.48
CA VAL C 106 -24.09 6.72 15.69
C VAL C 106 -22.67 7.23 15.44
N ALA C 107 -21.79 7.09 16.43
CA ALA C 107 -20.42 7.57 16.29
C ALA C 107 -19.66 6.77 15.23
N SER C 108 -19.70 5.43 15.33
CA SER C 108 -19.08 4.61 14.31
C SER C 108 -19.69 4.86 12.94
N SER C 109 -20.96 5.25 12.90
CA SER C 109 -21.58 5.69 11.67
C SER C 109 -20.87 6.92 11.10
N GLY C 110 -20.63 7.91 11.95
CA GLY C 110 -19.96 9.12 11.52
C GLY C 110 -20.81 10.04 10.66
N THR C 111 -22.11 9.78 10.56
CA THR C 111 -22.98 10.61 9.75
C THR C 111 -24.28 10.85 10.50
N LEU C 112 -24.79 12.07 10.41
CA LEU C 112 -26.14 12.40 10.84
C LEU C 112 -26.88 12.87 9.60
N GLU C 113 -27.35 11.90 8.82
CA GLU C 113 -28.02 12.16 7.55
C GLU C 113 -29.45 11.70 7.67
N PHE C 114 -30.38 12.64 7.80
CA PHE C 114 -31.79 12.33 7.90
C PHE C 114 -32.47 12.67 6.58
N ASN C 115 -33.14 11.69 5.99
CA ASN C 115 -34.06 11.88 4.89
C ASN C 115 -35.46 11.53 5.39
N ASN C 116 -36.39 12.45 5.22
CA ASN C 116 -37.72 12.28 5.78
C ASN C 116 -38.56 11.33 4.92
N GLU C 117 -39.34 10.50 5.59
CA GLU C 117 -40.21 9.54 4.92
C GLU C 117 -41.67 9.88 5.19
N SER C 118 -42.55 9.15 4.53
CA SER C 118 -43.99 9.44 4.52
C SER C 118 -44.75 8.29 5.15
N PHE C 119 -44.99 8.37 6.45
CA PHE C 119 -45.95 7.50 7.09
C PHE C 119 -47.35 8.08 6.89
N ASN C 120 -48.35 7.19 6.87
CA ASN C 120 -49.71 7.66 6.67
C ASN C 120 -50.26 8.38 7.90
N TRP C 121 -50.05 7.80 9.09
CA TRP C 121 -50.52 8.35 10.36
C TRP C 121 -51.93 8.90 10.25
N THR C 122 -52.84 8.04 9.79
CA THR C 122 -54.22 8.44 9.56
C THR C 122 -55.02 8.35 10.85
N GLY C 123 -55.80 9.39 11.14
CA GLY C 123 -56.62 9.43 12.33
C GLY C 123 -55.99 10.07 13.55
N VAL C 124 -54.80 10.65 13.42
CA VAL C 124 -54.09 11.26 14.54
C VAL C 124 -53.54 12.60 14.09
N THR C 125 -53.24 13.44 15.08
CA THR C 125 -52.64 14.75 14.82
C THR C 125 -51.12 14.64 14.90
N GLN C 126 -50.44 15.05 13.83
CA GLN C 126 -48.99 15.03 13.79
C GLN C 126 -48.44 16.34 14.35
N ASN C 127 -47.12 16.38 14.50
CA ASN C 127 -46.39 17.57 14.98
C ASN C 127 -46.89 18.03 16.34
N GLY C 128 -46.74 17.15 17.33
CA GLY C 128 -47.01 17.54 18.70
C GLY C 128 -45.93 18.47 19.23
N THR C 129 -46.32 19.31 20.20
CA THR C 129 -45.43 20.32 20.74
C THR C 129 -45.56 20.37 22.26
N SER C 130 -44.50 20.84 22.92
CA SER C 130 -44.48 20.99 24.36
C SER C 130 -43.75 22.27 24.73
N SER C 131 -43.95 22.72 25.96
CA SER C 131 -43.40 23.98 26.45
C SER C 131 -41.99 23.83 27.00
N ALA C 132 -41.25 22.83 26.55
CA ALA C 132 -39.83 22.68 26.84
C ALA C 132 -38.96 22.75 25.59
N CYS C 133 -39.37 22.08 24.51
CA CYS C 133 -38.65 22.13 23.24
C CYS C 133 -39.08 23.39 22.49
N ILE C 134 -38.44 24.50 22.85
CA ILE C 134 -38.83 25.82 22.33
C ILE C 134 -37.94 26.11 21.14
N ARG C 135 -38.40 25.69 19.95
CA ARG C 135 -37.79 26.09 18.69
C ARG C 135 -38.54 27.28 18.13
N ARG C 136 -37.84 28.06 17.30
CA ARG C 136 -38.31 29.38 16.88
C ARG C 136 -38.55 30.14 18.19
N SER C 137 -39.74 30.70 18.40
CA SER C 137 -40.06 31.23 19.73
C SER C 137 -41.21 30.50 20.40
N ASN C 138 -42.11 29.91 19.64
CA ASN C 138 -43.23 29.16 20.19
C ASN C 138 -42.78 27.74 20.53
N SER C 139 -43.73 26.85 20.82
CA SER C 139 -43.41 25.52 21.29
C SER C 139 -43.26 24.54 20.12
N SER C 140 -42.36 23.58 20.29
CA SER C 140 -42.06 22.60 19.26
C SER C 140 -41.66 21.29 19.95
N PHE C 141 -41.05 20.39 19.20
CA PHE C 141 -40.61 19.11 19.72
C PHE C 141 -39.26 18.78 19.08
N PHE C 142 -38.80 17.55 19.30
CA PHE C 142 -37.63 17.06 18.58
C PHE C 142 -37.90 17.09 17.09
N SER C 143 -37.05 17.79 16.33
CA SER C 143 -37.27 17.94 14.90
C SER C 143 -37.28 16.59 14.18
N ARG C 144 -36.65 15.58 14.76
CA ARG C 144 -36.52 14.27 14.15
C ARG C 144 -37.64 13.31 14.59
N LEU C 145 -38.51 13.74 15.51
CA LEU C 145 -39.54 12.89 16.08
C LEU C 145 -40.91 13.52 15.90
N ASN C 146 -41.90 12.67 15.60
CA ASN C 146 -43.28 13.11 15.41
C ASN C 146 -44.11 12.66 16.60
N TRP C 147 -44.77 13.61 17.26
CA TRP C 147 -45.61 13.31 18.41
C TRP C 147 -47.06 13.23 17.94
N LEU C 148 -47.70 12.10 18.25
CA LEU C 148 -49.05 11.81 17.78
C LEU C 148 -50.02 11.91 18.95
N THR C 149 -51.12 12.64 18.75
CA THR C 149 -52.16 12.82 19.74
C THR C 149 -53.52 12.54 19.10
N HIS C 150 -54.57 12.59 19.91
CA HIS C 150 -55.90 12.22 19.43
C HIS C 150 -56.41 13.24 18.41
N LEU C 151 -56.97 12.74 17.32
CA LEU C 151 -57.65 13.56 16.32
C LEU C 151 -59.15 13.34 16.48
N ASN C 152 -59.89 14.43 16.68
CA ASN C 152 -61.32 14.36 16.99
C ASN C 152 -61.57 13.50 18.21
N TYR C 153 -60.65 13.58 19.19
CA TYR C 153 -60.75 12.86 20.46
C TYR C 153 -60.84 11.36 20.25
N LYS C 154 -60.13 10.86 19.24
CA LYS C 154 -60.00 9.44 18.99
C LYS C 154 -58.57 9.13 18.58
N TYR C 155 -58.11 7.93 18.93
CA TYR C 155 -56.78 7.44 18.55
C TYR C 155 -56.96 6.08 17.89
N PRO C 156 -57.31 6.06 16.61
CA PRO C 156 -57.44 4.77 15.91
C PRO C 156 -56.11 4.03 15.88
N ALA C 157 -56.21 2.70 15.92
CA ALA C 157 -55.01 1.87 15.93
C ALA C 157 -54.16 2.12 14.69
N LEU C 158 -52.86 2.23 14.90
CA LEU C 158 -51.91 2.53 13.84
C LEU C 158 -51.19 1.26 13.41
N ASN C 159 -51.22 0.98 12.10
CA ASN C 159 -50.48 -0.14 11.52
C ASN C 159 -49.89 0.38 10.21
N VAL C 160 -48.65 0.86 10.27
CA VAL C 160 -48.00 1.46 9.12
C VAL C 160 -46.80 0.61 8.71
N THR C 161 -46.50 0.64 7.42
CA THR C 161 -45.41 -0.13 6.84
C THR C 161 -44.50 0.81 6.06
N MET C 162 -43.22 0.47 6.02
CA MET C 162 -42.29 1.14 5.11
C MET C 162 -41.15 0.21 4.74
N PRO C 163 -41.08 -0.19 3.48
CA PRO C 163 -40.01 -1.11 3.05
C PRO C 163 -38.67 -0.41 2.94
N ASN C 164 -37.62 -1.23 2.98
CA ASN C 164 -36.26 -0.79 2.70
C ASN C 164 -35.92 -1.28 1.30
N ASN C 165 -36.30 -0.48 0.30
CA ASN C 165 -35.99 -0.78 -1.09
C ASN C 165 -34.66 -0.17 -1.53
N GLU C 166 -33.87 0.34 -0.58
CA GLU C 166 -32.56 0.92 -0.85
C GLU C 166 -31.48 -0.02 -0.36
N GLN C 167 -30.32 0.00 -1.03
CA GLN C 167 -29.19 -0.87 -0.72
C GLN C 167 -28.33 -0.34 0.43
N PHE C 168 -28.83 0.60 1.23
CA PHE C 168 -28.15 0.99 2.46
C PHE C 168 -29.07 0.69 3.64
N ASP C 169 -28.50 0.10 4.69
CA ASP C 169 -29.26 -0.12 5.91
C ASP C 169 -29.74 1.22 6.45
N LYS C 170 -30.99 1.27 6.88
CA LYS C 170 -31.58 2.47 7.43
C LYS C 170 -31.70 2.34 8.94
N LEU C 171 -31.50 3.45 9.64
CA LEU C 171 -31.63 3.52 11.08
C LEU C 171 -32.83 4.38 11.44
N TYR C 172 -33.71 3.82 12.26
CA TYR C 172 -34.93 4.51 12.68
C TYR C 172 -34.86 4.80 14.17
N ILE C 173 -35.10 6.05 14.55
CA ILE C 173 -35.23 6.44 15.95
C ILE C 173 -36.69 6.73 16.21
N TRP C 174 -37.26 6.02 17.19
CA TRP C 174 -38.63 6.22 17.60
C TRP C 174 -38.68 6.21 19.13
N GLY C 175 -39.87 6.36 19.70
CA GLY C 175 -39.95 6.42 21.14
C GLY C 175 -41.33 6.08 21.66
N VAL C 176 -41.40 6.00 22.98
CA VAL C 176 -42.65 5.80 23.72
C VAL C 176 -42.80 6.95 24.70
N HIS C 177 -44.02 7.47 24.83
CA HIS C 177 -44.30 8.55 25.76
C HIS C 177 -44.91 8.00 27.04
N HIS C 178 -44.39 8.45 28.18
CA HIS C 178 -44.88 8.03 29.49
C HIS C 178 -45.49 9.24 30.18
N PRO C 179 -46.80 9.44 30.14
CA PRO C 179 -47.41 10.55 30.86
C PRO C 179 -47.24 10.41 32.35
N GLY C 180 -47.13 11.56 33.04
CA GLY C 180 -47.01 11.55 34.48
C GLY C 180 -48.29 11.22 35.23
N THR C 181 -49.44 11.44 34.61
CA THR C 181 -50.72 11.19 35.25
C THR C 181 -51.65 10.47 34.28
N ASP C 182 -52.63 9.77 34.83
CA ASP C 182 -53.68 9.18 34.01
C ASP C 182 -54.48 10.28 33.30
N LYS C 183 -54.73 11.39 33.99
CA LYS C 183 -55.42 12.52 33.37
C LYS C 183 -54.66 13.02 32.15
N ASP C 184 -53.33 13.06 32.23
CA ASP C 184 -52.53 13.44 31.08
C ASP C 184 -52.75 12.46 29.92
N GLN C 185 -52.56 11.16 30.19
CA GLN C 185 -52.67 10.16 29.14
C GLN C 185 -54.02 10.21 28.45
N ILE C 186 -55.09 10.46 29.22
CA ILE C 186 -56.40 10.65 28.64
C ILE C 186 -56.44 11.92 27.79
N PHE C 187 -55.81 13.00 28.27
CA PHE C 187 -55.81 14.25 27.52
C PHE C 187 -55.09 14.10 26.19
N LEU C 188 -53.93 13.44 26.17
CA LEU C 188 -53.17 13.38 24.93
C LEU C 188 -53.78 12.40 23.94
N TYR C 189 -54.07 11.17 24.39
CA TYR C 189 -54.39 10.07 23.49
C TYR C 189 -55.84 9.60 23.58
N ALA C 190 -56.63 10.16 24.49
CA ALA C 190 -58.07 9.87 24.61
C ALA C 190 -58.33 8.40 24.95
N GLN C 191 -57.28 7.64 25.21
CA GLN C 191 -57.41 6.22 25.55
C GLN C 191 -56.68 5.96 26.86
N SER C 192 -57.01 4.82 27.47
CA SER C 192 -56.36 4.38 28.70
C SER C 192 -55.13 3.56 28.32
N SER C 193 -53.97 4.22 28.29
CA SER C 193 -52.70 3.58 27.98
C SER C 193 -52.68 3.01 26.56
N GLY C 194 -51.56 2.40 26.18
CA GLY C 194 -51.45 1.85 24.85
C GLY C 194 -50.31 0.87 24.75
N ARG C 195 -49.99 0.50 23.51
CA ARG C 195 -48.90 -0.41 23.20
C ARG C 195 -48.24 0.06 21.91
N ILE C 196 -46.95 -0.24 21.78
CA ILE C 196 -46.23 -0.01 20.53
C ILE C 196 -45.39 -1.22 20.22
N THR C 197 -45.39 -1.64 18.97
CA THR C 197 -44.61 -2.79 18.51
C THR C 197 -43.94 -2.42 17.20
N VAL C 198 -42.61 -2.40 17.21
CA VAL C 198 -41.81 -2.13 16.02
C VAL C 198 -41.20 -3.45 15.58
N SER C 199 -41.51 -3.86 14.35
CA SER C 199 -41.16 -5.19 13.88
C SER C 199 -40.45 -5.12 12.54
N THR C 200 -39.55 -6.08 12.34
CA THR C 200 -38.90 -6.35 11.06
C THR C 200 -39.06 -7.83 10.76
N LYS C 201 -38.62 -8.24 9.57
CA LYS C 201 -38.67 -9.65 9.21
C LYS C 201 -37.71 -10.50 10.04
N ARG C 202 -36.90 -9.89 10.90
CA ARG C 202 -35.96 -10.62 11.73
C ARG C 202 -35.90 -10.15 13.18
N SER C 203 -36.43 -8.99 13.52
CA SER C 203 -36.36 -8.47 14.88
C SER C 203 -37.71 -7.89 15.27
N GLN C 204 -38.02 -7.98 16.56
CA GLN C 204 -39.26 -7.42 17.09
C GLN C 204 -38.99 -6.78 18.43
N GLN C 205 -39.50 -5.57 18.62
CA GLN C 205 -39.40 -4.85 19.88
C GLN C 205 -40.77 -4.32 20.25
N ALA C 206 -41.16 -4.51 21.51
CA ALA C 206 -42.45 -4.06 22.02
C ALA C 206 -42.22 -3.27 23.30
N VAL C 207 -42.87 -2.10 23.38
CA VAL C 207 -42.68 -1.19 24.50
C VAL C 207 -44.02 -0.88 25.13
N ILE C 208 -44.03 -0.71 26.46
CA ILE C 208 -45.23 -0.42 27.22
C ILE C 208 -45.06 0.94 27.88
N PRO C 209 -46.00 1.87 27.71
CA PRO C 209 -45.94 3.11 28.48
C PRO C 209 -46.23 2.88 29.95
N ASN C 210 -45.47 3.55 30.81
CA ASN C 210 -45.63 3.46 32.25
C ASN C 210 -46.01 4.85 32.76
N ILE C 211 -47.21 4.96 33.32
CA ILE C 211 -47.72 6.25 33.79
C ILE C 211 -47.36 6.39 35.26
N GLY C 212 -46.67 7.47 35.59
CA GLY C 212 -46.29 7.71 36.97
C GLY C 212 -45.57 9.04 37.09
N SER C 213 -45.57 9.55 38.33
CA SER C 213 -44.90 10.82 38.60
C SER C 213 -43.38 10.66 38.55
N ARG C 214 -42.73 11.58 37.86
CA ARG C 214 -41.28 11.59 37.75
C ARG C 214 -40.76 13.00 38.02
N PRO C 215 -39.52 13.12 38.51
CA PRO C 215 -38.95 14.44 38.77
C PRO C 215 -39.08 15.36 37.56
N ARG C 216 -39.66 16.54 37.78
CA ARG C 216 -40.05 17.41 36.68
C ARG C 216 -38.82 18.17 36.16
N ILE C 217 -38.50 17.93 34.89
CA ILE C 217 -37.49 18.71 34.18
C ILE C 217 -38.23 19.62 33.22
N ARG C 218 -38.00 20.93 33.35
CA ARG C 218 -38.75 21.95 32.61
C ARG C 218 -40.26 21.79 32.83
N ASP C 219 -40.65 21.57 34.09
CA ASP C 219 -42.05 21.47 34.50
C ASP C 219 -42.77 20.32 33.80
N ILE C 220 -42.04 19.30 33.39
CA ILE C 220 -42.60 18.16 32.69
C ILE C 220 -42.36 16.91 33.51
N PRO C 221 -43.38 16.44 34.25
CA PRO C 221 -43.22 15.17 34.98
C PRO C 221 -43.26 13.95 34.08
N SER C 222 -43.71 14.09 32.84
CA SER C 222 -43.76 12.97 31.92
C SER C 222 -42.43 12.79 31.22
N ARG C 223 -42.16 11.56 30.80
CA ARG C 223 -40.91 11.20 30.16
C ARG C 223 -41.19 10.54 28.81
N ILE C 224 -40.15 10.44 28.00
CA ILE C 224 -40.18 9.70 26.74
C ILE C 224 -38.94 8.83 26.67
N SER C 225 -39.12 7.58 26.26
CA SER C 225 -38.02 6.62 26.15
C SER C 225 -37.67 6.41 24.68
N ILE C 226 -36.39 6.55 24.35
CA ILE C 226 -35.92 6.51 22.97
C ILE C 226 -35.36 5.13 22.67
N TYR C 227 -35.81 4.53 21.58
CA TYR C 227 -35.23 3.28 21.12
C TYR C 227 -34.93 3.40 19.63
N TRP C 228 -34.13 2.47 19.13
CA TRP C 228 -33.72 2.50 17.74
C TRP C 228 -33.94 1.14 17.09
N THR C 229 -34.19 1.17 15.79
CA THR C 229 -34.36 -0.05 14.98
C THR C 229 -33.52 0.10 13.72
N ILE C 230 -32.90 -1.00 13.31
CA ILE C 230 -32.08 -1.03 12.10
C ILE C 230 -32.78 -1.95 11.11
N VAL C 231 -33.12 -1.40 9.93
CA VAL C 231 -33.78 -2.13 8.87
C VAL C 231 -32.84 -2.21 7.68
N LYS C 232 -32.59 -3.42 7.20
CA LYS C 232 -31.66 -3.73 6.12
C LYS C 232 -32.41 -3.91 4.81
N PRO C 233 -31.71 -3.87 3.67
CA PRO C 233 -32.39 -4.03 2.39
C PRO C 233 -33.09 -5.37 2.28
N GLY C 234 -34.24 -5.36 1.59
CA GLY C 234 -35.08 -6.52 1.53
C GLY C 234 -35.99 -6.71 2.72
N ASP C 235 -35.88 -5.85 3.73
CA ASP C 235 -36.68 -5.91 4.93
C ASP C 235 -37.69 -4.76 4.93
N ILE C 236 -38.66 -4.86 5.84
CA ILE C 236 -39.71 -3.87 5.98
C ILE C 236 -39.83 -3.48 7.44
N LEU C 237 -39.94 -2.18 7.70
CA LEU C 237 -40.21 -1.69 9.05
C LEU C 237 -41.71 -1.53 9.24
N LEU C 238 -42.25 -2.14 10.28
CA LEU C 238 -43.66 -2.08 10.59
C LEU C 238 -43.86 -1.51 11.99
N ILE C 239 -44.74 -0.52 12.09
CA ILE C 239 -45.06 0.12 13.36
C ILE C 239 -46.53 -0.15 13.66
N ASN C 240 -46.79 -0.77 14.80
CA ASN C 240 -48.13 -1.19 15.22
C ASN C 240 -48.37 -0.62 16.60
N SER C 241 -49.12 0.49 16.67
CA SER C 241 -49.27 1.24 17.91
C SER C 241 -50.74 1.44 18.24
N THR C 242 -51.11 1.21 19.50
CA THR C 242 -52.42 1.55 20.01
C THR C 242 -52.44 2.91 20.71
N GLY C 243 -51.31 3.60 20.78
CA GLY C 243 -51.23 4.90 21.40
C GLY C 243 -49.88 5.12 22.05
N ASN C 244 -49.66 6.36 22.47
CA ASN C 244 -48.44 6.77 23.19
C ASN C 244 -47.18 6.57 22.36
N LEU C 245 -47.30 6.65 21.03
CA LEU C 245 -46.16 6.44 20.14
C LEU C 245 -45.61 7.79 19.69
N ILE C 246 -44.31 7.98 19.90
CA ILE C 246 -43.57 9.08 19.29
C ILE C 246 -42.83 8.49 18.11
N ALA C 247 -43.30 8.78 16.95
CA ALA C 247 -43.00 8.14 15.68
C ALA C 247 -41.74 8.71 15.05
N PRO C 248 -41.03 7.90 14.27
CA PRO C 248 -39.94 8.44 13.45
C PRO C 248 -40.49 9.27 12.30
N ARG C 249 -39.69 10.24 11.87
CA ARG C 249 -40.03 11.07 10.72
C ARG C 249 -39.36 10.59 9.44
N GLY C 250 -38.65 9.48 9.49
CA GLY C 250 -37.96 8.92 8.35
C GLY C 250 -36.80 8.04 8.82
N TYR C 251 -35.70 8.09 8.08
CA TYR C 251 -34.56 7.20 8.30
C TYR C 251 -33.25 7.97 8.37
N PHE C 252 -32.37 7.51 9.27
CA PHE C 252 -30.98 7.95 9.32
C PHE C 252 -30.10 6.95 8.59
N LYS C 253 -29.17 7.45 7.79
CA LYS C 253 -28.22 6.59 7.10
C LYS C 253 -27.09 6.19 8.03
N ILE C 254 -26.69 4.91 7.95
CA ILE C 254 -25.58 4.40 8.75
C ILE C 254 -24.43 4.05 7.82
N ARG C 255 -23.21 4.17 8.35
CA ARG C 255 -22.01 3.83 7.60
C ARG C 255 -21.00 3.16 8.51
N SER C 256 -20.03 2.50 7.88
CA SER C 256 -18.89 1.90 8.58
C SER C 256 -17.63 2.62 8.11
N GLY C 257 -16.85 3.11 9.07
CA GLY C 257 -15.65 3.85 8.72
C GLY C 257 -14.85 4.22 9.95
N LYS C 258 -13.86 5.09 9.73
CA LYS C 258 -12.91 5.54 10.74
C LYS C 258 -13.52 6.45 11.78
N SER C 259 -14.84 6.66 11.79
CA SER C 259 -15.45 7.65 12.66
C SER C 259 -15.65 7.11 14.07
N SER C 260 -15.61 8.03 15.04
CA SER C 260 -15.80 7.69 16.45
C SER C 260 -16.25 8.95 17.18
N ILE C 261 -16.21 8.91 18.52
CA ILE C 261 -16.59 10.04 19.36
C ILE C 261 -15.58 10.15 20.50
N MET C 262 -15.23 11.39 20.84
CA MET C 262 -14.29 11.66 21.92
C MET C 262 -14.87 12.71 22.85
N ARG C 263 -14.73 12.48 24.16
CA ARG C 263 -15.16 13.43 25.17
C ARG C 263 -13.96 14.29 25.56
N SER C 264 -14.05 15.59 25.30
CA SER C 264 -12.95 16.49 25.60
C SER C 264 -13.48 17.90 25.82
N ASP C 265 -12.73 18.68 26.59
CA ASP C 265 -13.05 20.09 26.83
C ASP C 265 -11.93 21.01 26.34
N ALA C 266 -11.12 20.53 25.36
CA ALA C 266 -9.99 21.24 24.77
C ALA C 266 -10.43 22.00 23.52
N PRO C 267 -9.77 23.12 23.21
CA PRO C 267 -10.16 23.91 22.03
C PRO C 267 -9.86 23.21 20.72
N ILE C 268 -10.25 23.85 19.61
CA ILE C 268 -10.06 23.33 18.27
C ILE C 268 -9.11 24.27 17.54
N GLY C 269 -8.01 23.72 17.02
CA GLY C 269 -6.96 24.51 16.41
C GLY C 269 -6.72 24.13 14.96
N LYS C 270 -5.94 24.98 14.29
CA LYS C 270 -5.59 24.79 12.88
C LYS C 270 -4.22 24.14 12.81
N CYS C 271 -4.21 22.83 12.59
CA CYS C 271 -2.98 22.05 12.51
C CYS C 271 -3.30 20.70 11.88
N LYS C 272 -2.25 19.93 11.60
CA LYS C 272 -2.39 18.58 11.05
C LYS C 272 -1.72 17.60 12.01
N SER C 273 -2.50 16.66 12.52
CA SER C 273 -1.99 15.69 13.49
C SER C 273 -2.83 14.43 13.41
N GLU C 274 -2.16 13.29 13.19
CA GLU C 274 -2.87 12.01 13.13
C GLU C 274 -3.49 11.65 14.47
N CYS C 275 -2.84 12.03 15.57
CA CYS C 275 -3.24 11.60 16.91
C CYS C 275 -4.11 12.67 17.56
N ILE C 276 -5.29 12.26 18.02
CA ILE C 276 -6.21 13.13 18.74
C ILE C 276 -6.52 12.48 20.08
N THR C 277 -6.39 13.25 21.16
CA THR C 277 -6.64 12.80 22.52
C THR C 277 -7.54 13.80 23.22
N PRO C 278 -8.24 13.37 24.28
CA PRO C 278 -9.04 14.33 25.06
C PRO C 278 -8.23 15.48 25.63
N ASN C 279 -6.95 15.24 25.96
CA ASN C 279 -6.08 16.30 26.44
C ASN C 279 -5.54 17.17 25.31
N GLY C 280 -5.70 16.76 24.06
CA GLY C 280 -5.22 17.51 22.92
C GLY C 280 -4.44 16.63 21.97
N SER C 281 -4.24 17.16 20.77
CA SER C 281 -3.45 16.47 19.75
C SER C 281 -2.00 16.37 20.19
N ILE C 282 -1.38 15.22 19.92
CA ILE C 282 0.02 15.00 20.29
C ILE C 282 0.80 14.50 19.07
N PRO C 283 2.10 14.78 19.00
CA PRO C 283 2.92 14.20 17.93
C PRO C 283 3.00 12.69 18.05
N ASN C 284 3.11 12.03 16.89
CA ASN C 284 3.14 10.57 16.82
C ASN C 284 4.52 10.05 16.40
N ASP C 285 5.58 10.80 16.71
CA ASP C 285 6.93 10.34 16.36
C ASP C 285 7.44 9.33 17.39
N LYS C 286 7.21 9.57 18.67
CA LYS C 286 7.65 8.66 19.71
C LYS C 286 6.75 7.41 19.74
N PRO C 287 7.31 6.24 20.03
CA PRO C 287 6.49 5.01 19.98
C PRO C 287 5.47 4.90 21.10
N PHE C 288 5.64 5.60 22.22
CA PHE C 288 4.75 5.48 23.36
C PHE C 288 4.31 6.87 23.81
N GLN C 289 3.32 6.90 24.70
CA GLN C 289 2.77 8.15 25.19
C GLN C 289 2.26 7.98 26.61
N ASN C 290 2.16 9.10 27.32
CA ASN C 290 1.65 9.14 28.68
C ASN C 290 0.67 10.29 28.85
N VAL C 291 -0.12 10.55 27.81
CA VAL C 291 -1.09 11.65 27.84
C VAL C 291 -2.47 11.16 28.26
N ASN C 292 -2.99 10.15 27.58
CA ASN C 292 -4.31 9.63 27.87
C ASN C 292 -4.45 8.25 27.25
N ARG C 293 -5.18 7.37 27.95
CA ARG C 293 -5.51 6.07 27.38
C ARG C 293 -6.51 6.16 26.25
N ILE C 294 -7.14 7.32 26.06
CA ILE C 294 -8.08 7.55 24.97
C ILE C 294 -7.34 8.22 23.82
N THR C 295 -7.30 7.56 22.67
CA THR C 295 -6.65 8.10 21.49
C THR C 295 -7.54 7.90 20.28
N TYR C 296 -7.32 8.71 19.26
CA TYR C 296 -8.00 8.57 17.97
C TYR C 296 -7.01 8.75 16.84
N GLY C 297 -7.05 7.87 15.85
CA GLY C 297 -6.19 7.96 14.69
C GLY C 297 -4.87 7.23 14.85
N ALA C 298 -3.84 7.67 14.12
CA ALA C 298 -2.52 7.09 14.23
C ALA C 298 -1.84 7.66 15.47
N CYS C 299 -1.65 6.82 16.48
CA CYS C 299 -1.24 7.30 17.80
C CYS C 299 -0.18 6.39 18.40
N PRO C 300 0.68 6.93 19.25
CA PRO C 300 1.52 6.08 20.09
C PRO C 300 0.67 5.40 21.15
N ARG C 301 1.14 4.24 21.60
CA ARG C 301 0.40 3.46 22.60
C ARG C 301 0.64 4.02 24.00
N TYR C 302 -0.37 3.84 24.86
CA TYR C 302 -0.30 4.38 26.21
C TYR C 302 0.48 3.45 27.12
N VAL C 303 1.40 4.03 27.90
CA VAL C 303 2.16 3.29 28.90
C VAL C 303 2.06 4.05 30.22
N LYS C 304 2.35 3.32 31.31
CA LYS C 304 2.21 3.87 32.66
C LYS C 304 3.46 4.59 33.16
N GLN C 305 4.56 4.54 32.43
CA GLN C 305 5.82 5.12 32.89
C GLN C 305 6.01 6.50 32.29
N SER C 306 6.48 7.43 33.12
CA SER C 306 6.60 8.83 32.71
C SER C 306 7.69 9.03 31.67
N THR C 307 8.73 8.21 31.68
CA THR C 307 9.81 8.37 30.72
C THR C 307 10.42 7.00 30.40
N LEU C 308 10.79 6.82 29.13
CA LEU C 308 11.47 5.60 28.65
C LEU C 308 12.58 6.08 27.72
N LYS C 309 13.79 6.25 28.27
CA LYS C 309 14.91 6.77 27.50
C LYS C 309 15.65 5.64 26.81
N LEU C 310 15.82 5.78 25.49
CA LEU C 310 16.55 4.80 24.69
C LEU C 310 17.92 5.36 24.35
N ALA C 311 18.96 4.56 24.62
CA ALA C 311 20.33 5.02 24.40
C ALA C 311 20.66 5.02 22.91
N THR C 312 21.21 6.14 22.44
CA THR C 312 21.67 6.27 21.07
C THR C 312 23.19 6.42 20.98
N GLY C 313 23.89 6.07 22.05
CA GLY C 313 25.34 6.19 22.10
C GLY C 313 25.93 5.21 23.09
N MET C 314 27.25 5.19 23.13
CA MET C 314 27.99 4.29 24.01
C MET C 314 27.99 4.82 25.44
N ARG C 315 28.46 3.98 26.36
CA ARG C 315 28.56 4.37 27.76
C ARG C 315 29.49 5.56 27.92
N ASN C 316 29.10 6.49 28.80
CA ASN C 316 29.85 7.72 29.01
C ASN C 316 30.73 7.56 30.25
N VAL C 317 32.04 7.43 30.01
CA VAL C 317 33.02 7.45 31.09
C VAL C 317 33.77 8.76 30.97
N PRO C 318 34.04 9.47 32.08
CA PRO C 318 34.71 10.78 32.00
C PRO C 318 36.17 10.64 31.59
N GLU C 319 36.96 11.70 31.75
CA GLU C 319 38.41 11.59 31.61
C GLU C 319 39.10 11.51 32.98
N SER D 3 -61.24 -8.87 -13.17
CA SER D 3 -61.70 -7.61 -13.73
C SER D 3 -60.55 -6.75 -14.26
N THR D 4 -59.53 -6.51 -13.44
CA THR D 4 -58.37 -5.70 -13.81
C THR D 4 -57.10 -6.51 -13.61
N ALA D 5 -56.29 -6.61 -14.65
CA ALA D 5 -55.04 -7.34 -14.62
C ALA D 5 -53.85 -6.39 -14.60
N THR D 6 -52.69 -6.91 -14.19
CA THR D 6 -51.46 -6.15 -14.13
C THR D 6 -50.37 -6.85 -14.95
N LEU D 7 -49.63 -6.06 -15.72
CA LEU D 7 -48.49 -6.53 -16.50
C LEU D 7 -47.27 -5.73 -16.09
N CYS D 8 -46.36 -6.37 -15.36
CA CYS D 8 -45.18 -5.70 -14.83
C CYS D 8 -43.96 -6.03 -15.70
N LEU D 9 -43.40 -5.00 -16.33
CA LEU D 9 -42.11 -5.16 -16.98
C LEU D 9 -41.01 -5.20 -15.93
N GLY D 10 -39.87 -5.75 -16.32
CA GLY D 10 -38.76 -5.86 -15.38
C GLY D 10 -37.51 -6.42 -16.03
N HIS D 11 -36.42 -6.36 -15.28
CA HIS D 11 -35.12 -6.82 -15.72
C HIS D 11 -34.64 -7.95 -14.80
N HIS D 12 -33.52 -8.56 -15.18
CA HIS D 12 -32.98 -9.69 -14.43
C HIS D 12 -31.99 -9.20 -13.37
N ALA D 13 -31.63 -10.13 -12.48
CA ALA D 13 -30.62 -9.86 -11.46
C ALA D 13 -29.87 -11.16 -11.19
N VAL D 14 -28.75 -11.04 -10.50
CA VAL D 14 -27.97 -12.22 -10.10
C VAL D 14 -27.61 -12.10 -8.63
N PRO D 15 -27.53 -13.23 -7.90
CA PRO D 15 -27.02 -13.16 -6.52
C PRO D 15 -25.52 -12.95 -6.46
N ASN D 16 -24.78 -13.28 -7.51
CA ASN D 16 -23.33 -13.12 -7.57
C ASN D 16 -23.03 -11.95 -8.50
N GLY D 17 -22.62 -10.83 -7.92
CA GLY D 17 -22.33 -9.63 -8.69
C GLY D 17 -20.86 -9.49 -9.03
N THR D 18 -20.57 -8.43 -9.79
CA THR D 18 -19.21 -8.04 -10.12
C THR D 18 -19.10 -6.53 -10.05
N ILE D 19 -18.02 -6.05 -9.44
CA ILE D 19 -17.82 -4.63 -9.23
C ILE D 19 -16.94 -4.09 -10.35
N VAL D 20 -17.47 -3.11 -11.09
CA VAL D 20 -16.72 -2.41 -12.14
C VAL D 20 -16.83 -0.91 -11.88
N LYS D 21 -16.06 -0.15 -12.66
CA LYS D 21 -15.98 1.29 -12.49
C LYS D 21 -16.51 2.00 -13.73
N THR D 22 -17.23 3.10 -13.51
CA THR D 22 -17.72 3.96 -14.57
C THR D 22 -17.09 5.34 -14.44
N ILE D 23 -17.34 6.19 -15.45
CA ILE D 23 -16.80 7.54 -15.44
C ILE D 23 -17.41 8.38 -14.33
N THR D 24 -18.56 7.98 -13.82
CA THR D 24 -19.25 8.72 -12.78
C THR D 24 -19.27 8.01 -11.43
N ASN D 25 -18.93 6.72 -11.40
CA ASN D 25 -18.99 5.94 -10.17
C ASN D 25 -17.76 5.07 -10.05
N ASP D 26 -17.18 5.02 -8.85
CA ASP D 26 -16.07 4.12 -8.62
C ASP D 26 -16.56 2.68 -8.49
N ARG D 27 -17.44 2.41 -7.50
CA ARG D 27 -17.98 1.06 -7.25
C ARG D 27 -19.39 0.97 -7.82
N ILE D 28 -19.58 0.12 -8.82
CA ILE D 28 -20.90 -0.22 -9.33
C ILE D 28 -20.96 -1.73 -9.53
N GLU D 29 -22.13 -2.31 -9.26
CA GLU D 29 -22.32 -3.74 -9.35
C GLU D 29 -23.10 -4.08 -10.61
N VAL D 30 -22.58 -5.03 -11.39
CA VAL D 30 -23.20 -5.49 -12.62
C VAL D 30 -23.33 -7.00 -12.56
N THR D 31 -24.16 -7.54 -13.46
CA THR D 31 -24.43 -8.97 -13.46
C THR D 31 -23.20 -9.77 -13.87
N ASN D 32 -22.67 -9.48 -15.06
CA ASN D 32 -21.51 -10.18 -15.58
C ASN D 32 -20.45 -9.18 -16.00
N ALA D 33 -19.18 -9.58 -15.87
CA ALA D 33 -18.06 -8.75 -16.28
C ALA D 33 -16.92 -9.66 -16.71
N THR D 34 -15.99 -9.08 -17.47
CA THR D 34 -14.83 -9.80 -17.96
C THR D 34 -13.57 -8.99 -17.67
N GLU D 35 -12.44 -9.68 -17.61
CA GLU D 35 -11.15 -9.07 -17.33
C GLU D 35 -10.44 -8.75 -18.64
N LEU D 36 -9.81 -7.57 -18.68
CA LEU D 36 -9.05 -7.13 -19.85
C LEU D 36 -7.55 -7.06 -19.60
N VAL D 37 -7.10 -7.31 -18.38
CA VAL D 37 -5.69 -7.21 -18.03
C VAL D 37 -5.20 -8.60 -17.62
N GLN D 38 -4.24 -9.13 -18.38
CA GLN D 38 -3.64 -10.41 -18.05
C GLN D 38 -2.64 -10.22 -16.92
N ASN D 39 -2.70 -11.10 -15.92
CA ASN D 39 -1.84 -11.02 -14.76
C ASN D 39 -1.09 -12.31 -14.45
N SER D 40 -1.22 -13.33 -15.29
CA SER D 40 -0.66 -14.65 -15.02
C SER D 40 0.07 -15.16 -16.24
N SER D 41 1.07 -16.01 -16.00
CA SER D 41 1.86 -16.63 -17.06
C SER D 41 1.86 -18.14 -16.87
N ILE D 42 2.03 -18.85 -17.99
CA ILE D 42 2.10 -20.31 -17.93
C ILE D 42 3.37 -20.79 -17.24
N GLY D 43 4.39 -19.94 -17.14
CA GLY D 43 5.62 -20.27 -16.46
C GLY D 43 6.76 -20.68 -17.36
N GLU D 44 6.50 -20.92 -18.65
CA GLU D 44 7.53 -21.35 -19.58
C GLU D 44 7.30 -20.69 -20.94
N ILE D 45 8.35 -20.68 -21.75
CA ILE D 45 8.29 -20.15 -23.10
C ILE D 45 7.89 -21.27 -24.05
N CYS D 46 6.97 -20.97 -24.96
CA CYS D 46 6.52 -21.94 -25.94
C CYS D 46 7.38 -21.88 -27.20
N ASP D 47 7.66 -23.05 -27.77
CA ASP D 47 8.51 -23.14 -28.95
C ASP D 47 7.77 -22.81 -30.25
N SER D 48 6.47 -22.54 -30.17
CA SER D 48 5.67 -22.20 -31.33
C SER D 48 4.82 -20.97 -31.02
N PRO D 49 4.47 -20.17 -32.04
CA PRO D 49 4.75 -20.34 -33.47
C PRO D 49 6.11 -19.80 -33.88
N HIS D 50 6.87 -19.23 -32.94
CA HIS D 50 8.14 -18.61 -33.26
C HIS D 50 9.26 -19.64 -33.22
N GLN D 51 10.50 -19.16 -33.38
CA GLN D 51 11.69 -20.00 -33.35
C GLN D 51 12.57 -19.52 -32.21
N ILE D 52 12.78 -20.37 -31.22
CA ILE D 52 13.45 -20.02 -29.98
C ILE D 52 14.82 -20.71 -29.95
N LEU D 53 15.82 -20.01 -29.41
CA LEU D 53 17.18 -20.53 -29.29
C LEU D 53 17.67 -20.28 -27.87
N ASP D 54 17.58 -21.30 -27.02
CA ASP D 54 18.12 -21.20 -25.67
C ASP D 54 19.64 -21.16 -25.73
N GLY D 55 20.23 -20.12 -25.15
CA GLY D 55 21.67 -19.96 -25.17
C GLY D 55 22.37 -20.68 -24.04
N GLU D 56 21.61 -21.02 -22.99
CA GLU D 56 22.13 -21.70 -21.81
C GLU D 56 23.32 -20.96 -21.22
N ASN D 57 24.52 -21.48 -21.44
CA ASN D 57 25.74 -20.85 -20.94
C ASN D 57 26.34 -19.85 -21.93
N CYS D 58 25.68 -19.61 -23.06
CA CYS D 58 26.22 -18.79 -24.13
C CYS D 58 25.37 -17.55 -24.34
N THR D 59 26.00 -16.38 -24.29
CA THR D 59 25.38 -15.16 -24.78
C THR D 59 25.50 -15.10 -26.29
N LEU D 60 24.72 -14.21 -26.91
CA LEU D 60 24.74 -14.10 -28.37
C LEU D 60 26.12 -13.67 -28.87
N ILE D 61 26.76 -12.72 -28.18
CA ILE D 61 28.05 -12.21 -28.63
C ILE D 61 29.10 -13.31 -28.59
N ASP D 62 29.07 -14.15 -27.57
CA ASP D 62 30.00 -15.27 -27.50
C ASP D 62 29.79 -16.24 -28.65
N ALA D 63 28.53 -16.55 -28.98
CA ALA D 63 28.25 -17.41 -30.11
C ALA D 63 28.70 -16.77 -31.42
N LEU D 64 28.52 -15.46 -31.55
CA LEU D 64 29.03 -14.75 -32.72
C LEU D 64 30.54 -14.83 -32.80
N LEU D 65 31.23 -14.68 -31.67
CA LEU D 65 32.69 -14.69 -31.67
C LEU D 65 33.23 -16.11 -31.84
N GLY D 66 32.56 -17.09 -31.25
CA GLY D 66 33.04 -18.47 -31.35
C GLY D 66 33.64 -19.02 -30.07
N ASP D 67 33.00 -18.77 -28.94
CA ASP D 67 33.41 -19.39 -27.69
C ASP D 67 33.33 -20.92 -27.82
N PRO D 68 34.27 -21.66 -27.22
CA PRO D 68 34.29 -23.12 -27.40
C PRO D 68 33.00 -23.80 -26.97
N GLN D 69 32.33 -23.31 -25.93
CA GLN D 69 31.06 -23.89 -25.52
C GLN D 69 29.91 -23.51 -26.43
N CYS D 70 30.09 -22.50 -27.29
CA CYS D 70 29.04 -22.01 -28.16
C CYS D 70 29.13 -22.57 -29.58
N ASP D 71 30.00 -23.57 -29.81
CA ASP D 71 30.18 -24.08 -31.15
C ASP D 71 28.93 -24.77 -31.68
N GLY D 72 28.09 -25.30 -30.80
CA GLY D 72 26.81 -25.85 -31.23
C GLY D 72 25.85 -24.81 -31.78
N PHE D 73 26.15 -23.53 -31.60
CA PHE D 73 25.31 -22.44 -32.06
C PHE D 73 25.77 -21.88 -33.39
N GLN D 74 26.80 -22.47 -34.00
CA GLN D 74 27.33 -21.97 -35.26
C GLN D 74 26.35 -22.24 -36.39
N ASN D 75 26.26 -21.27 -37.32
CA ASN D 75 25.42 -21.39 -38.51
C ASN D 75 23.97 -21.70 -38.15
N LYS D 76 23.52 -21.13 -37.04
CA LYS D 76 22.16 -21.32 -36.56
C LYS D 76 21.38 -20.01 -36.64
N LYS D 77 20.13 -20.11 -37.06
CA LYS D 77 19.24 -18.96 -37.17
C LYS D 77 18.13 -19.09 -36.13
N TRP D 78 17.47 -17.96 -35.86
CA TRP D 78 16.45 -17.93 -34.82
C TRP D 78 15.45 -16.82 -35.11
N ASP D 79 14.27 -16.95 -34.52
CA ASP D 79 13.31 -15.86 -34.44
C ASP D 79 13.37 -15.11 -33.11
N LEU D 80 13.70 -15.82 -32.03
CA LEU D 80 13.90 -15.18 -30.73
C LEU D 80 15.04 -15.88 -30.02
N PHE D 81 16.10 -15.14 -29.73
CA PHE D 81 17.24 -15.65 -28.98
C PHE D 81 16.98 -15.39 -27.50
N VAL D 82 16.97 -16.45 -26.70
CA VAL D 82 16.69 -16.35 -25.28
C VAL D 82 18.02 -16.42 -24.54
N GLU D 83 18.37 -15.32 -23.87
CA GLU D 83 19.61 -15.23 -23.12
C GLU D 83 19.35 -15.56 -21.66
N ARG D 84 20.30 -16.24 -21.03
CA ARG D 84 20.16 -16.71 -19.66
C ARG D 84 21.16 -16.00 -18.76
N SER D 85 20.73 -15.68 -17.54
CA SER D 85 21.65 -15.13 -16.55
C SER D 85 22.71 -16.14 -16.11
N LYS D 86 22.50 -17.42 -16.40
CA LYS D 86 23.50 -18.45 -16.12
C LYS D 86 24.39 -18.71 -17.34
N ALA D 87 24.99 -17.65 -17.87
CA ALA D 87 25.85 -17.73 -19.03
C ALA D 87 27.21 -17.11 -18.70
N TYR D 88 28.26 -17.88 -18.94
CA TYR D 88 29.62 -17.39 -18.71
C TYR D 88 30.42 -17.46 -20.01
N SER D 89 31.60 -16.85 -19.99
CA SER D 89 32.52 -16.85 -21.11
C SER D 89 33.79 -17.61 -20.72
N ASN D 90 34.29 -18.44 -21.63
CA ASN D 90 35.45 -19.29 -21.37
C ASN D 90 36.45 -19.20 -22.53
N CYS D 91 36.76 -17.98 -22.95
CA CYS D 91 37.75 -17.76 -23.99
C CYS D 91 38.57 -16.54 -23.61
N TYR D 92 39.32 -16.01 -24.57
CA TYR D 92 40.14 -14.83 -24.32
C TYR D 92 39.24 -13.67 -23.91
N PRO D 93 39.55 -12.99 -22.81
CA PRO D 93 38.67 -11.90 -22.35
C PRO D 93 38.57 -10.80 -23.39
N TYR D 94 37.36 -10.26 -23.53
CA TYR D 94 37.09 -9.29 -24.58
C TYR D 94 36.22 -8.17 -24.05
N ASP D 95 36.29 -7.02 -24.74
CA ASP D 95 35.41 -5.89 -24.51
C ASP D 95 34.89 -5.41 -25.85
N VAL D 96 33.63 -4.97 -25.86
CA VAL D 96 33.01 -4.53 -27.11
C VAL D 96 32.53 -3.10 -26.98
N PRO D 97 33.20 -2.14 -27.62
CA PRO D 97 32.63 -0.78 -27.71
C PRO D 97 31.29 -0.83 -28.43
N ASP D 98 30.28 -0.22 -27.82
CA ASP D 98 28.90 -0.31 -28.28
C ASP D 98 28.47 -1.78 -28.37
N TYR D 99 28.61 -2.48 -27.24
CA TYR D 99 28.23 -3.88 -27.16
C TYR D 99 26.74 -4.07 -27.42
N ALA D 100 25.90 -3.20 -26.84
CA ALA D 100 24.45 -3.35 -26.99
C ALA D 100 24.03 -3.19 -28.44
N SER D 101 24.67 -2.26 -29.17
CA SER D 101 24.32 -2.09 -30.57
C SER D 101 24.62 -3.35 -31.38
N LEU D 102 25.77 -3.97 -31.16
CA LEU D 102 26.08 -5.22 -31.84
C LEU D 102 25.08 -6.31 -31.47
N ARG D 103 24.71 -6.38 -30.19
CA ARG D 103 23.71 -7.36 -29.75
C ARG D 103 22.39 -7.16 -30.48
N SER D 104 21.94 -5.90 -30.56
CA SER D 104 20.71 -5.60 -31.31
C SER D 104 20.87 -5.92 -32.79
N LEU D 105 22.05 -5.63 -33.34
CA LEU D 105 22.32 -5.90 -34.75
C LEU D 105 22.12 -7.38 -35.06
N VAL D 106 22.80 -8.24 -34.32
CA VAL D 106 22.73 -9.68 -34.58
C VAL D 106 21.34 -10.22 -34.27
N ALA D 107 20.71 -9.68 -33.22
CA ALA D 107 19.37 -10.12 -32.85
C ALA D 107 18.36 -9.85 -33.96
N SER D 108 18.36 -8.63 -34.49
CA SER D 108 17.44 -8.32 -35.58
C SER D 108 17.75 -9.13 -36.83
N SER D 109 19.04 -9.40 -37.08
CA SER D 109 19.40 -10.30 -38.17
C SER D 109 18.85 -11.69 -37.94
N GLY D 110 18.90 -12.16 -36.69
CA GLY D 110 18.36 -13.46 -36.34
C GLY D 110 19.05 -14.62 -37.02
N THR D 111 20.35 -14.51 -37.26
CA THR D 111 21.10 -15.56 -37.94
C THR D 111 22.58 -15.32 -37.73
N LEU D 112 23.33 -16.41 -37.61
CA LEU D 112 24.79 -16.37 -37.60
C LEU D 112 25.25 -17.21 -38.79
N GLU D 113 25.25 -16.60 -39.97
CA GLU D 113 25.65 -17.27 -41.21
C GLU D 113 27.06 -16.82 -41.55
N PHE D 114 28.04 -17.63 -41.20
CA PHE D 114 29.44 -17.33 -41.45
C PHE D 114 29.91 -18.10 -42.67
N ASN D 115 30.29 -17.38 -43.71
CA ASN D 115 30.94 -17.95 -44.88
C ASN D 115 32.39 -17.53 -44.88
N ASN D 116 33.29 -18.49 -45.02
CA ASN D 116 34.71 -18.24 -44.86
C ASN D 116 35.32 -17.68 -46.14
N GLU D 117 36.16 -16.66 -45.97
CA GLU D 117 36.88 -16.04 -47.07
C GLU D 117 38.37 -16.09 -46.80
N SER D 118 39.16 -16.23 -47.87
CA SER D 118 40.60 -16.41 -47.78
C SER D 118 41.30 -15.07 -48.02
N PHE D 119 41.84 -14.49 -46.96
CA PHE D 119 42.63 -13.27 -47.03
C PHE D 119 44.11 -13.64 -47.11
N ASN D 120 44.90 -12.81 -47.80
CA ASN D 120 46.32 -13.13 -47.99
C ASN D 120 47.08 -12.72 -46.72
N TRP D 121 46.89 -13.54 -45.68
CA TRP D 121 47.66 -13.37 -44.46
C TRP D 121 49.07 -13.89 -44.72
N THR D 122 49.83 -13.13 -45.50
CA THR D 122 51.15 -13.51 -45.97
C THR D 122 52.21 -12.75 -45.18
N GLY D 123 53.21 -13.48 -44.68
CA GLY D 123 54.20 -12.90 -43.80
C GLY D 123 53.86 -12.98 -42.33
N VAL D 124 52.67 -13.45 -41.98
CA VAL D 124 52.23 -13.54 -40.59
C VAL D 124 51.84 -14.98 -40.29
N THR D 125 51.84 -15.30 -39.00
CA THR D 125 51.42 -16.62 -38.53
C THR D 125 49.95 -16.58 -38.16
N GLN D 126 49.17 -17.48 -38.74
CA GLN D 126 47.72 -17.46 -38.60
C GLN D 126 47.30 -18.29 -37.39
N ASN D 127 45.99 -18.54 -37.27
CA ASN D 127 45.39 -19.27 -36.17
C ASN D 127 45.74 -18.61 -34.84
N GLY D 128 46.78 -19.09 -34.17
CA GLY D 128 47.14 -18.54 -32.88
C GLY D 128 46.23 -19.05 -31.78
N THR D 129 46.77 -19.25 -30.58
CA THR D 129 46.01 -19.91 -29.53
C THR D 129 46.37 -19.33 -28.18
N SER D 130 45.47 -19.53 -27.21
CA SER D 130 45.67 -19.07 -25.85
C SER D 130 45.21 -20.15 -24.88
N SER D 131 45.75 -20.10 -23.67
CA SER D 131 45.40 -21.08 -22.65
C SER D 131 44.00 -20.85 -22.09
N ALA D 132 43.56 -19.58 -22.01
CA ALA D 132 42.25 -19.28 -21.47
C ALA D 132 41.12 -19.78 -22.36
N CYS D 133 41.40 -20.09 -23.62
CA CYS D 133 40.42 -20.64 -24.55
C CYS D 133 40.83 -22.08 -24.83
N ILE D 134 40.04 -23.04 -24.34
CA ILE D 134 40.37 -24.46 -24.42
C ILE D 134 39.33 -25.14 -25.29
N ARG D 135 39.79 -25.90 -26.28
CA ARG D 135 38.93 -26.69 -27.15
C ARG D 135 39.64 -28.01 -27.46
N ARG D 136 38.89 -29.11 -27.39
CA ARG D 136 39.45 -30.46 -27.52
C ARG D 136 40.52 -30.71 -26.46
N SER D 137 40.31 -30.16 -25.27
CA SER D 137 41.23 -30.26 -24.13
C SER D 137 42.57 -29.60 -24.42
N ASN D 138 42.69 -28.97 -25.59
CA ASN D 138 43.90 -28.28 -26.00
C ASN D 138 43.62 -26.79 -26.13
N SER D 139 44.69 -26.01 -26.12
CA SER D 139 44.55 -24.56 -26.24
C SER D 139 44.04 -24.18 -27.64
N SER D 140 43.16 -23.20 -27.70
CA SER D 140 42.52 -22.80 -28.94
C SER D 140 42.18 -21.32 -28.87
N PHE D 141 41.32 -20.86 -29.77
CA PHE D 141 40.89 -19.48 -29.84
C PHE D 141 39.46 -19.43 -30.38
N PHE D 142 38.94 -18.21 -30.53
CA PHE D 142 37.62 -18.03 -31.12
C PHE D 142 37.59 -18.60 -32.53
N SER D 143 36.53 -19.34 -32.85
CA SER D 143 36.44 -20.01 -34.15
C SER D 143 36.32 -18.99 -35.28
N ARG D 144 35.57 -17.92 -35.07
CA ARG D 144 35.31 -16.94 -36.12
C ARG D 144 36.40 -15.88 -36.25
N LEU D 145 37.39 -15.88 -35.36
CA LEU D 145 38.46 -14.89 -35.38
C LEU D 145 39.80 -15.59 -35.63
N ASN D 146 40.73 -14.82 -36.17
CA ASN D 146 42.07 -15.31 -36.49
C ASN D 146 43.09 -14.43 -35.78
N TRP D 147 43.95 -15.04 -34.99
CA TRP D 147 45.01 -14.32 -34.28
C TRP D 147 46.29 -14.39 -35.10
N LEU D 148 46.81 -13.22 -35.46
CA LEU D 148 47.98 -13.12 -36.33
C LEU D 148 49.21 -12.76 -35.51
N THR D 149 50.29 -13.52 -35.69
CA THR D 149 51.54 -13.30 -34.99
C THR D 149 52.68 -13.28 -36.00
N HIS D 150 53.90 -13.08 -35.50
CA HIS D 150 55.05 -12.91 -36.36
C HIS D 150 55.48 -14.24 -36.98
N LEU D 151 56.00 -14.14 -38.21
CA LEU D 151 56.63 -15.26 -38.91
C LEU D 151 58.05 -14.86 -39.25
N ASN D 152 59.00 -15.76 -38.97
CA ASN D 152 60.44 -15.44 -39.05
C ASN D 152 60.75 -14.23 -38.18
N TYR D 153 60.15 -14.20 -36.99
CA TYR D 153 60.38 -13.14 -36.00
C TYR D 153 60.10 -11.75 -36.59
N LYS D 154 59.20 -11.69 -37.58
CA LYS D 154 58.88 -10.45 -38.26
C LYS D 154 57.38 -10.39 -38.52
N TYR D 155 56.85 -9.16 -38.54
CA TYR D 155 55.43 -8.90 -38.81
C TYR D 155 55.35 -7.87 -39.93
N PRO D 156 55.42 -8.32 -41.19
CA PRO D 156 55.27 -7.39 -42.30
C PRO D 156 53.91 -6.69 -42.27
N ALA D 157 53.89 -5.45 -42.73
CA ALA D 157 52.66 -4.67 -42.76
C ALA D 157 51.62 -5.36 -43.63
N LEU D 158 50.38 -5.39 -43.16
CA LEU D 158 49.30 -6.09 -43.83
C LEU D 158 48.44 -5.10 -44.60
N ASN D 159 48.13 -5.44 -45.86
CA ASN D 159 47.23 -4.65 -46.71
C ASN D 159 46.40 -5.66 -47.50
N VAL D 160 45.23 -6.00 -46.98
CA VAL D 160 44.41 -7.07 -47.50
C VAL D 160 43.03 -6.52 -47.87
N THR D 161 42.48 -7.01 -48.98
CA THR D 161 41.23 -6.51 -49.53
C THR D 161 40.28 -7.68 -49.81
N MET D 162 39.00 -7.46 -49.55
CA MET D 162 37.96 -8.44 -49.85
C MET D 162 36.70 -7.72 -50.31
N PRO D 163 36.29 -7.88 -51.56
CA PRO D 163 35.10 -7.19 -52.06
C PRO D 163 33.83 -8.01 -51.85
N ASN D 164 32.71 -7.29 -51.81
CA ASN D 164 31.38 -7.89 -51.69
C ASN D 164 30.64 -7.67 -53.00
N ASN D 165 30.78 -8.63 -53.91
CA ASN D 165 30.05 -8.58 -55.18
C ASN D 165 28.63 -9.10 -55.05
N GLU D 166 28.29 -9.72 -53.92
CA GLU D 166 26.96 -10.28 -53.75
C GLU D 166 25.99 -9.20 -53.29
N GLN D 167 24.72 -9.39 -53.65
CA GLN D 167 23.69 -8.36 -53.45
C GLN D 167 23.21 -8.25 -52.01
N PHE D 168 23.58 -9.19 -51.15
CA PHE D 168 23.22 -9.07 -49.74
C PHE D 168 24.27 -8.21 -49.03
N ASP D 169 24.17 -8.11 -47.71
CA ASP D 169 25.04 -7.24 -46.92
C ASP D 169 25.92 -8.07 -46.01
N LYS D 170 27.22 -7.77 -46.01
CA LYS D 170 28.20 -8.50 -45.22
C LYS D 170 28.48 -7.77 -43.91
N LEU D 171 28.68 -8.53 -42.84
CA LEU D 171 29.12 -7.99 -41.56
C LEU D 171 30.39 -8.71 -41.14
N TYR D 172 31.43 -7.95 -40.83
CA TYR D 172 32.73 -8.48 -40.46
C TYR D 172 33.02 -8.17 -39.00
N ILE D 173 33.38 -9.21 -38.23
CA ILE D 173 33.73 -9.07 -36.84
C ILE D 173 35.24 -9.25 -36.71
N TRP D 174 35.92 -8.24 -36.20
CA TRP D 174 37.36 -8.26 -36.02
C TRP D 174 37.70 -7.72 -34.64
N GLY D 175 38.99 -7.69 -34.33
CA GLY D 175 39.41 -7.26 -33.01
C GLY D 175 40.81 -6.69 -32.99
N VAL D 176 41.11 -6.00 -31.90
CA VAL D 176 42.45 -5.49 -31.61
C VAL D 176 42.89 -6.08 -30.28
N HIS D 177 44.17 -6.41 -30.17
CA HIS D 177 44.72 -7.02 -28.97
C HIS D 177 45.49 -6.00 -28.16
N HIS D 178 45.22 -5.94 -26.86
CA HIS D 178 45.94 -5.08 -25.92
C HIS D 178 46.73 -5.97 -24.97
N PRO D 179 47.99 -6.26 -25.26
CA PRO D 179 48.78 -7.08 -24.35
C PRO D 179 49.02 -6.37 -23.02
N GLY D 180 49.16 -7.18 -21.97
CA GLY D 180 49.39 -6.62 -20.64
C GLY D 180 50.71 -5.88 -20.53
N THR D 181 51.76 -6.41 -21.15
CA THR D 181 53.08 -5.80 -21.13
C THR D 181 53.58 -5.63 -22.56
N ASP D 182 54.48 -4.66 -22.75
CA ASP D 182 55.14 -4.50 -24.03
C ASP D 182 55.99 -5.71 -24.39
N LYS D 183 56.40 -6.49 -23.39
CA LYS D 183 57.18 -7.69 -23.66
C LYS D 183 56.37 -8.72 -24.45
N ASP D 184 55.10 -8.90 -24.07
CA ASP D 184 54.21 -9.75 -24.86
C ASP D 184 53.97 -9.16 -26.24
N GLN D 185 53.90 -7.83 -26.34
CA GLN D 185 53.70 -7.19 -27.64
C GLN D 185 54.83 -7.53 -28.60
N ILE D 186 56.07 -7.43 -28.14
CA ILE D 186 57.21 -7.78 -28.97
C ILE D 186 57.27 -9.29 -29.21
N PHE D 187 56.94 -10.08 -28.18
CA PHE D 187 56.96 -11.52 -28.32
C PHE D 187 55.97 -12.02 -29.37
N LEU D 188 54.85 -11.33 -29.53
CA LEU D 188 53.77 -11.77 -30.40
C LEU D 188 53.78 -11.10 -31.77
N TYR D 189 54.08 -9.80 -31.84
CA TYR D 189 53.93 -9.04 -33.07
C TYR D 189 55.25 -8.46 -33.58
N ALA D 190 56.36 -8.77 -32.93
CA ALA D 190 57.70 -8.40 -33.39
C ALA D 190 57.86 -6.89 -33.59
N GLN D 191 56.98 -6.08 -33.01
CA GLN D 191 57.03 -4.63 -33.15
C GLN D 191 56.58 -4.00 -31.85
N SER D 192 57.23 -2.90 -31.47
CA SER D 192 56.90 -2.24 -30.22
C SER D 192 55.56 -1.53 -30.25
N SER D 193 55.02 -1.26 -31.44
CA SER D 193 53.76 -0.53 -31.54
C SER D 193 53.12 -0.83 -32.89
N GLY D 194 51.86 -1.27 -32.86
CA GLY D 194 51.10 -1.54 -34.06
C GLY D 194 49.86 -0.66 -34.16
N ARG D 195 49.15 -0.83 -35.26
CA ARG D 195 47.90 -0.12 -35.53
C ARG D 195 47.06 -0.97 -36.47
N ILE D 196 45.76 -0.68 -36.51
CA ILE D 196 44.85 -1.27 -37.49
C ILE D 196 44.00 -0.18 -38.11
N THR D 197 43.76 -0.30 -39.40
CA THR D 197 42.79 0.53 -40.11
C THR D 197 41.91 -0.40 -40.94
N VAL D 198 40.65 -0.55 -40.53
CA VAL D 198 39.65 -1.26 -41.31
C VAL D 198 38.81 -0.22 -42.02
N SER D 199 38.84 -0.24 -43.36
CA SER D 199 38.26 0.82 -44.15
C SER D 199 37.44 0.26 -45.30
N THR D 200 36.37 0.97 -45.64
CA THR D 200 35.58 0.71 -46.83
C THR D 200 35.47 2.00 -47.63
N LYS D 201 34.65 2.00 -48.68
CA LYS D 201 34.43 3.24 -49.42
C LYS D 201 33.61 4.26 -48.64
N ARG D 202 32.98 3.86 -47.54
CA ARG D 202 32.17 4.77 -46.74
C ARG D 202 32.55 4.68 -45.27
N SER D 203 33.10 3.54 -44.85
CA SER D 203 33.45 3.31 -43.47
C SER D 203 34.96 3.42 -43.28
N GLN D 204 35.38 4.13 -42.23
CA GLN D 204 36.78 4.24 -41.86
C GLN D 204 36.89 4.04 -40.35
N GLN D 205 37.58 2.98 -39.95
CA GLN D 205 37.77 2.66 -38.54
C GLN D 205 39.25 2.50 -38.26
N ALA D 206 39.74 3.25 -37.27
CA ALA D 206 41.15 3.21 -36.92
C ALA D 206 41.30 2.96 -35.43
N VAL D 207 42.08 1.95 -35.09
CA VAL D 207 42.29 1.55 -33.70
C VAL D 207 43.78 1.51 -33.42
N ILE D 208 44.19 2.13 -32.33
CA ILE D 208 45.57 2.12 -31.85
C ILE D 208 45.60 1.31 -30.56
N PRO D 209 46.29 0.16 -30.54
CA PRO D 209 46.32 -0.66 -29.32
C PRO D 209 47.00 0.05 -28.17
N ASN D 210 46.53 -0.28 -26.96
CA ASN D 210 47.06 0.29 -25.73
C ASN D 210 47.64 -0.82 -24.86
N ILE D 211 48.89 -0.66 -24.46
CA ILE D 211 49.55 -1.62 -23.58
C ILE D 211 49.20 -1.28 -22.15
N GLY D 212 48.74 -2.28 -21.40
CA GLY D 212 48.37 -2.04 -20.01
C GLY D 212 47.94 -3.27 -19.26
N SER D 213 48.26 -3.33 -17.97
CA SER D 213 47.90 -4.45 -17.12
C SER D 213 46.43 -4.30 -16.74
N ARG D 214 45.57 -5.05 -17.41
CA ARG D 214 44.17 -5.15 -17.02
C ARG D 214 44.01 -6.27 -15.99
N PRO D 215 42.92 -6.25 -15.21
CA PRO D 215 42.70 -7.34 -14.26
C PRO D 215 42.66 -8.69 -14.97
N ARG D 216 43.28 -9.69 -14.35
CA ARG D 216 43.44 -10.99 -14.99
C ARG D 216 42.12 -11.75 -14.98
N ILE D 217 41.66 -12.13 -16.17
CA ILE D 217 40.49 -12.99 -16.33
C ILE D 217 40.98 -14.30 -16.94
N ARG D 218 40.71 -15.41 -16.23
CA ARG D 218 41.27 -16.71 -16.59
C ARG D 218 42.78 -16.65 -16.71
N ASP D 219 43.40 -15.90 -15.77
CA ASP D 219 44.85 -15.71 -15.73
C ASP D 219 45.39 -15.06 -17.00
N ILE D 220 44.58 -14.22 -17.65
CA ILE D 220 45.02 -13.44 -18.80
C ILE D 220 44.93 -11.97 -18.42
N PRO D 221 46.05 -11.24 -18.36
CA PRO D 221 45.96 -9.80 -18.08
C PRO D 221 45.65 -8.97 -19.30
N SER D 222 45.83 -9.52 -20.51
CA SER D 222 45.57 -8.80 -21.73
C SER D 222 44.07 -8.81 -22.04
N ARG D 223 43.70 -8.08 -23.08
CA ARG D 223 42.30 -7.98 -23.48
C ARG D 223 42.22 -7.66 -24.96
N ILE D 224 41.24 -8.26 -25.63
CA ILE D 224 40.95 -7.95 -27.03
C ILE D 224 39.68 -7.10 -27.06
N SER D 225 39.63 -6.19 -28.03
CA SER D 225 38.49 -5.31 -28.21
C SER D 225 37.81 -5.65 -29.53
N ILE D 226 36.51 -5.88 -29.48
CA ILE D 226 35.75 -6.34 -30.64
C ILE D 226 35.17 -5.14 -31.35
N TYR D 227 35.47 -5.02 -32.63
CA TYR D 227 34.93 -4.01 -33.51
C TYR D 227 34.25 -4.69 -34.70
N TRP D 228 33.20 -4.06 -35.22
CA TRP D 228 32.41 -4.66 -36.29
C TRP D 228 32.25 -3.68 -37.45
N THR D 229 32.19 -4.24 -38.65
CA THR D 229 32.12 -3.45 -39.88
C THR D 229 31.23 -4.18 -40.89
N ILE D 230 30.24 -3.46 -41.40
CA ILE D 230 29.31 -3.96 -42.42
C ILE D 230 29.72 -3.38 -43.76
N VAL D 231 29.76 -4.22 -44.80
CA VAL D 231 30.07 -3.78 -46.15
C VAL D 231 28.86 -4.05 -47.04
N LYS D 232 28.59 -3.12 -47.93
CA LYS D 232 27.45 -3.10 -48.84
C LYS D 232 27.84 -3.66 -50.20
N PRO D 233 26.85 -4.03 -51.02
CA PRO D 233 27.18 -4.47 -52.39
C PRO D 233 27.93 -3.39 -53.14
N GLY D 234 28.96 -3.82 -53.87
CA GLY D 234 29.83 -2.87 -54.54
C GLY D 234 30.87 -2.22 -53.66
N ASP D 235 31.10 -2.75 -52.46
CA ASP D 235 32.05 -2.21 -51.52
C ASP D 235 33.19 -3.21 -51.29
N ILE D 236 34.21 -2.75 -50.59
CA ILE D 236 35.43 -3.53 -50.36
C ILE D 236 35.88 -3.34 -48.91
N LEU D 237 36.33 -4.42 -48.29
CA LEU D 237 36.85 -4.39 -46.93
C LEU D 237 38.37 -4.42 -46.99
N LEU D 238 39.01 -3.36 -46.49
CA LEU D 238 40.45 -3.21 -46.51
C LEU D 238 41.00 -3.20 -45.09
N ILE D 239 42.01 -4.04 -44.84
CA ILE D 239 42.65 -4.13 -43.54
C ILE D 239 44.11 -3.75 -43.70
N ASN D 240 44.54 -2.72 -42.98
CA ASN D 240 45.90 -2.17 -43.05
C ASN D 240 46.44 -2.18 -41.62
N SER D 241 47.21 -3.20 -41.27
CA SER D 241 47.63 -3.39 -39.88
C SER D 241 49.10 -3.80 -39.81
N THR D 242 49.81 -3.18 -38.86
CA THR D 242 51.19 -3.52 -38.58
C THR D 242 51.34 -4.38 -37.33
N GLY D 243 50.26 -4.91 -36.80
CA GLY D 243 50.32 -5.75 -35.63
C GLY D 243 49.08 -5.59 -34.78
N ASN D 244 48.95 -6.47 -33.79
CA ASN D 244 47.85 -6.48 -32.82
C ASN D 244 46.49 -6.70 -33.46
N LEU D 245 46.46 -7.26 -34.68
CA LEU D 245 45.21 -7.41 -35.41
C LEU D 245 44.62 -8.79 -35.13
N ILE D 246 43.39 -8.82 -34.64
CA ILE D 246 42.61 -10.04 -34.53
C ILE D 246 41.72 -10.05 -35.77
N ALA D 247 42.19 -10.72 -36.81
CA ALA D 247 41.58 -10.67 -38.13
C ALA D 247 40.29 -11.47 -38.18
N PRO D 248 39.39 -11.14 -39.11
CA PRO D 248 38.22 -11.98 -39.34
C PRO D 248 38.56 -13.21 -40.16
N ARG D 249 37.77 -14.26 -39.97
CA ARG D 249 37.89 -15.49 -40.72
C ARG D 249 36.92 -15.58 -41.88
N GLY D 250 36.13 -14.54 -42.10
CA GLY D 250 35.07 -14.56 -43.10
C GLY D 250 34.07 -13.47 -42.79
N TYR D 251 32.87 -13.63 -43.35
CA TYR D 251 31.82 -12.63 -43.16
C TYR D 251 30.54 -13.27 -42.64
N PHE D 252 29.92 -12.61 -41.67
CA PHE D 252 28.55 -12.91 -41.29
C PHE D 252 27.59 -12.24 -42.27
N LYS D 253 26.42 -12.83 -42.42
CA LYS D 253 25.37 -12.26 -43.26
C LYS D 253 24.41 -11.48 -42.37
N ILE D 254 24.13 -10.22 -42.74
CA ILE D 254 23.16 -9.41 -42.04
C ILE D 254 21.84 -9.48 -42.82
N ARG D 255 20.73 -9.55 -42.08
CA ARG D 255 19.43 -9.76 -42.68
C ARG D 255 18.40 -8.91 -41.96
N SER D 256 17.32 -8.60 -42.67
CA SER D 256 16.17 -7.90 -42.10
C SER D 256 15.05 -8.89 -41.88
N GLY D 257 14.53 -8.94 -40.65
CA GLY D 257 13.49 -9.89 -40.33
C GLY D 257 12.85 -9.55 -39.00
N LYS D 258 11.90 -10.39 -38.60
CA LYS D 258 11.15 -10.22 -37.36
C LYS D 258 11.87 -10.82 -36.15
N SER D 259 13.18 -11.01 -36.23
CA SER D 259 13.91 -11.64 -35.14
C SER D 259 14.31 -10.60 -34.09
N SER D 260 14.60 -11.10 -32.88
CA SER D 260 14.96 -10.25 -31.76
C SER D 260 15.70 -11.08 -30.73
N ILE D 261 15.97 -10.49 -29.56
CA ILE D 261 16.61 -11.16 -28.44
C ILE D 261 15.82 -10.84 -27.18
N MET D 262 15.93 -11.74 -26.20
CA MET D 262 15.21 -11.60 -24.94
C MET D 262 15.99 -12.33 -23.84
N ARG D 263 16.09 -11.69 -22.68
CA ARG D 263 16.75 -12.28 -21.52
C ARG D 263 15.71 -12.89 -20.60
N SER D 264 15.91 -14.16 -20.23
CA SER D 264 14.96 -14.85 -19.36
C SER D 264 15.61 -16.10 -18.81
N ASP D 265 15.23 -16.45 -17.57
CA ASP D 265 15.60 -17.71 -16.96
C ASP D 265 14.40 -18.64 -16.84
N ALA D 266 13.44 -18.50 -17.74
CA ALA D 266 12.21 -19.29 -17.80
C ALA D 266 12.38 -20.50 -18.70
N PRO D 267 11.77 -21.63 -18.35
CA PRO D 267 11.93 -22.84 -19.16
C PRO D 267 11.25 -22.70 -20.52
N ILE D 268 11.58 -23.65 -21.39
CA ILE D 268 10.97 -23.77 -22.71
C ILE D 268 10.30 -25.13 -22.80
N GLY D 269 9.08 -25.16 -23.33
CA GLY D 269 8.37 -26.41 -23.51
C GLY D 269 7.67 -26.51 -24.84
N LYS D 270 6.59 -27.29 -24.89
CA LYS D 270 5.89 -27.60 -26.13
C LYS D 270 4.46 -27.08 -26.04
N CYS D 271 4.25 -25.85 -26.50
CA CYS D 271 2.93 -25.24 -26.56
C CYS D 271 2.92 -24.26 -27.74
N LYS D 272 1.91 -23.41 -27.78
CA LYS D 272 1.80 -22.39 -28.83
C LYS D 272 1.24 -21.12 -28.22
N SER D 273 2.10 -20.13 -28.02
CA SER D 273 1.69 -18.80 -27.58
C SER D 273 2.40 -17.77 -28.45
N GLU D 274 1.62 -16.93 -29.13
CA GLU D 274 2.19 -15.89 -29.97
C GLU D 274 2.83 -14.77 -29.16
N CYS D 275 2.66 -14.78 -27.84
CA CYS D 275 3.26 -13.79 -26.96
C CYS D 275 4.30 -14.45 -26.08
N ILE D 276 5.52 -13.89 -26.07
CA ILE D 276 6.61 -14.38 -25.26
C ILE D 276 7.11 -13.23 -24.37
N THR D 277 7.26 -13.50 -23.09
CA THR D 277 7.83 -12.55 -22.13
C THR D 277 8.82 -13.31 -21.24
N PRO D 278 9.75 -12.60 -20.61
CA PRO D 278 10.71 -13.28 -19.72
C PRO D 278 10.04 -14.04 -18.60
N ASN D 279 8.91 -13.57 -18.09
CA ASN D 279 8.17 -14.32 -17.09
C ASN D 279 7.45 -15.53 -17.66
N GLY D 280 7.54 -15.75 -18.97
CA GLY D 280 6.90 -16.87 -19.62
C GLY D 280 5.92 -16.41 -20.71
N SER D 281 5.41 -17.39 -21.42
CA SER D 281 4.40 -17.13 -22.44
C SER D 281 3.07 -16.78 -21.78
N ILE D 282 2.35 -15.82 -22.37
CA ILE D 282 1.06 -15.42 -21.84
C ILE D 282 0.03 -15.38 -22.96
N PRO D 283 -1.26 -15.59 -22.68
CA PRO D 283 -2.26 -15.60 -23.74
C PRO D 283 -2.56 -14.20 -24.26
N ASN D 284 -2.72 -14.09 -25.57
CA ASN D 284 -3.10 -12.83 -26.22
C ASN D 284 -4.60 -12.73 -26.43
N ASP D 285 -5.38 -12.94 -25.37
CA ASP D 285 -6.83 -12.77 -25.44
C ASP D 285 -7.27 -11.43 -24.89
N LYS D 286 -6.90 -11.10 -23.66
CA LYS D 286 -7.17 -9.79 -23.12
C LYS D 286 -6.32 -8.74 -23.83
N PRO D 287 -6.83 -7.52 -24.01
CA PRO D 287 -6.07 -6.49 -24.73
C PRO D 287 -4.94 -5.87 -23.92
N PHE D 288 -4.88 -6.14 -22.62
CA PHE D 288 -3.85 -5.56 -21.76
C PHE D 288 -3.25 -6.66 -20.88
N GLN D 289 -2.06 -6.38 -20.35
CA GLN D 289 -1.35 -7.36 -19.53
C GLN D 289 -0.57 -6.65 -18.45
N ASN D 290 -0.25 -7.39 -17.39
CA ASN D 290 0.50 -6.88 -16.26
C ASN D 290 1.74 -7.70 -15.96
N VAL D 291 2.16 -8.58 -16.88
CA VAL D 291 3.24 -9.52 -16.60
C VAL D 291 4.59 -8.85 -16.75
N ASN D 292 4.90 -8.36 -17.95
CA ASN D 292 6.20 -7.76 -18.21
C ASN D 292 6.05 -6.69 -19.29
N ARG D 293 6.87 -5.64 -19.18
CA ARG D 293 6.92 -4.62 -20.22
C ARG D 293 7.63 -5.11 -21.47
N ILE D 294 8.48 -6.12 -21.34
CA ILE D 294 9.20 -6.68 -22.48
C ILE D 294 8.32 -7.76 -23.11
N THR D 295 7.93 -7.57 -24.35
CA THR D 295 7.06 -8.51 -25.07
C THR D 295 7.68 -8.84 -26.42
N TYR D 296 7.20 -9.93 -27.02
CA TYR D 296 7.63 -10.35 -28.34
C TYR D 296 6.46 -11.04 -29.04
N GLY D 297 6.20 -10.67 -30.29
CA GLY D 297 5.12 -11.26 -31.04
C GLY D 297 3.80 -10.56 -30.81
N ALA D 298 2.72 -11.26 -31.16
CA ALA D 298 1.37 -10.74 -31.00
C ALA D 298 1.03 -10.75 -29.51
N CYS D 299 1.20 -9.60 -28.86
CA CYS D 299 1.15 -9.51 -27.41
C CYS D 299 0.14 -8.46 -26.97
N PRO D 300 -0.45 -8.62 -25.79
CA PRO D 300 -1.23 -7.53 -25.21
C PRO D 300 -0.33 -6.36 -24.83
N ARG D 301 -0.96 -5.21 -24.62
CA ARG D 301 -0.24 -3.98 -24.32
C ARG D 301 -0.11 -3.82 -22.81
N TYR D 302 1.11 -3.65 -22.34
CA TYR D 302 1.38 -3.58 -20.91
C TYR D 302 0.83 -2.29 -20.31
N VAL D 303 0.18 -2.44 -19.15
CA VAL D 303 -0.33 -1.31 -18.38
C VAL D 303 0.10 -1.51 -16.93
N LYS D 304 0.01 -0.44 -16.15
CA LYS D 304 0.36 -0.49 -14.73
C LYS D 304 -0.79 -0.94 -13.85
N GLN D 305 -2.00 -1.07 -14.40
CA GLN D 305 -3.15 -1.52 -13.62
C GLN D 305 -3.09 -3.03 -13.43
N SER D 306 -3.28 -3.48 -12.20
CA SER D 306 -3.28 -4.92 -11.93
C SER D 306 -4.50 -5.59 -12.53
N THR D 307 -5.65 -4.92 -12.49
CA THR D 307 -6.88 -5.50 -13.01
C THR D 307 -7.81 -4.39 -13.49
N LEU D 308 -8.51 -4.67 -14.59
CA LEU D 308 -9.53 -3.77 -15.12
C LEU D 308 -10.67 -4.61 -15.68
N LYS D 309 -11.89 -4.31 -15.24
CA LYS D 309 -13.06 -5.11 -15.58
C LYS D 309 -13.98 -4.34 -16.52
N LEU D 310 -14.47 -5.04 -17.54
CA LEU D 310 -15.48 -4.52 -18.45
C LEU D 310 -16.80 -5.20 -18.17
N ALA D 311 -17.85 -4.41 -17.94
CA ALA D 311 -19.16 -4.96 -17.65
C ALA D 311 -19.75 -5.61 -18.90
N THR D 312 -20.24 -6.83 -18.74
CA THR D 312 -20.95 -7.55 -19.80
C THR D 312 -22.41 -7.79 -19.42
N GLY D 313 -22.95 -6.92 -18.57
CA GLY D 313 -24.33 -7.05 -18.13
C GLY D 313 -24.86 -5.72 -17.64
N MET D 314 -26.12 -5.74 -17.23
CA MET D 314 -26.77 -4.55 -16.71
C MET D 314 -26.39 -4.33 -15.24
N ARG D 315 -26.84 -3.21 -14.69
CA ARG D 315 -26.69 -2.96 -13.27
C ARG D 315 -27.46 -3.99 -12.47
N ASN D 316 -26.88 -4.45 -11.37
CA ASN D 316 -27.45 -5.53 -10.57
C ASN D 316 -28.11 -4.95 -9.32
N VAL D 317 -29.38 -5.26 -9.13
CA VAL D 317 -30.11 -4.85 -7.93
C VAL D 317 -30.89 -6.05 -7.40
N PRO D 318 -30.43 -6.70 -6.35
CA PRO D 318 -31.14 -7.87 -5.81
C PRO D 318 -32.22 -7.47 -4.81
N GLU D 319 -33.10 -8.42 -4.55
CA GLU D 319 -34.20 -8.22 -3.61
C GLU D 319 -34.64 -9.54 -2.98
N THR E 4 -61.45 12.36 -38.69
CA THR E 4 -60.23 11.58 -38.49
C THR E 4 -59.08 12.08 -39.36
N ALA E 5 -58.01 12.50 -38.71
CA ALA E 5 -56.82 12.99 -39.40
C ALA E 5 -55.59 12.25 -38.89
N THR E 6 -54.59 12.12 -39.76
CA THR E 6 -53.37 11.39 -39.43
C THR E 6 -52.17 12.30 -39.65
N LEU E 7 -51.25 12.32 -38.68
CA LEU E 7 -50.03 13.10 -38.76
C LEU E 7 -48.85 12.19 -38.40
N CYS E 8 -47.97 11.95 -39.37
CA CYS E 8 -46.81 11.08 -39.19
C CYS E 8 -45.54 11.90 -39.03
N LEU E 9 -44.70 11.49 -38.09
CA LEU E 9 -43.40 12.09 -37.82
C LEU E 9 -42.29 11.11 -38.17
N GLY E 10 -41.15 11.62 -38.64
CA GLY E 10 -40.08 10.76 -39.08
C GLY E 10 -38.97 11.54 -39.73
N HIS E 11 -38.02 10.80 -40.30
CA HIS E 11 -36.76 11.33 -40.81
C HIS E 11 -36.60 11.00 -42.28
N HIS E 12 -35.45 11.44 -42.82
CA HIS E 12 -35.09 11.15 -44.20
C HIS E 12 -34.22 9.89 -44.27
N ALA E 13 -34.12 9.35 -45.48
CA ALA E 13 -33.19 8.27 -45.77
C ALA E 13 -32.62 8.49 -47.16
N VAL E 14 -31.44 7.95 -47.40
CA VAL E 14 -30.79 8.12 -48.70
C VAL E 14 -30.69 6.77 -49.38
N PRO E 15 -30.73 6.71 -50.71
CA PRO E 15 -30.69 5.42 -51.40
C PRO E 15 -29.46 4.58 -51.10
N ASN E 16 -28.29 5.21 -50.96
CA ASN E 16 -27.04 4.47 -50.82
C ASN E 16 -26.54 4.42 -49.38
N GLY E 17 -26.26 5.57 -48.77
CA GLY E 17 -25.71 5.60 -47.42
C GLY E 17 -24.24 5.23 -47.36
N THR E 18 -23.63 5.40 -46.19
CA THR E 18 -22.23 5.05 -45.97
C THR E 18 -22.11 4.28 -44.66
N ILE E 19 -21.25 3.26 -44.64
CA ILE E 19 -21.12 2.39 -43.48
C ILE E 19 -20.01 2.96 -42.59
N VAL E 20 -20.35 3.23 -41.33
CA VAL E 20 -19.41 3.79 -40.37
C VAL E 20 -19.25 2.82 -39.21
N LYS E 21 -18.27 3.10 -38.36
CA LYS E 21 -17.95 2.27 -37.21
C LYS E 21 -18.31 3.03 -35.93
N THR E 22 -19.04 2.36 -35.04
CA THR E 22 -19.38 2.90 -33.74
C THR E 22 -18.67 2.09 -32.64
N ILE E 23 -18.81 2.57 -31.40
CA ILE E 23 -18.29 1.81 -30.26
C ILE E 23 -19.07 0.53 -30.04
N THR E 24 -20.21 0.38 -30.69
CA THR E 24 -21.12 -0.74 -30.48
C THR E 24 -21.13 -1.73 -31.64
N ASN E 25 -21.33 -1.23 -32.86
CA ASN E 25 -21.39 -2.07 -34.04
C ASN E 25 -20.28 -1.71 -35.00
N ASP E 26 -19.78 -2.72 -35.71
CA ASP E 26 -18.72 -2.49 -36.69
C ASP E 26 -19.22 -1.86 -37.98
N ARG E 27 -20.45 -2.15 -38.39
CA ARG E 27 -20.97 -1.70 -39.68
C ARG E 27 -22.38 -1.12 -39.51
N ILE E 28 -22.46 0.21 -39.49
CA ILE E 28 -23.72 0.94 -39.34
C ILE E 28 -23.87 1.88 -40.52
N GLU E 29 -25.04 1.84 -41.16
CA GLU E 29 -25.32 2.68 -42.32
C GLU E 29 -25.83 4.05 -41.88
N VAL E 30 -25.28 5.12 -42.46
CA VAL E 30 -25.69 6.48 -42.16
C VAL E 30 -25.93 7.23 -43.47
N THR E 31 -26.60 8.37 -43.35
CA THR E 31 -26.94 9.15 -44.55
C THR E 31 -25.69 9.66 -45.26
N ASN E 32 -24.78 10.27 -44.51
CA ASN E 32 -23.56 10.81 -45.09
C ASN E 32 -22.40 10.62 -44.11
N ALA E 33 -21.19 10.56 -44.67
CA ALA E 33 -19.99 10.41 -43.87
C ALA E 33 -18.83 11.11 -44.59
N THR E 34 -17.82 11.47 -43.79
CA THR E 34 -16.63 12.13 -44.32
C THR E 34 -15.39 11.33 -43.92
N GLU E 35 -14.40 11.33 -44.81
CA GLU E 35 -13.15 10.62 -44.59
C GLU E 35 -12.18 11.49 -43.81
N LEU E 36 -11.65 10.97 -42.71
CA LEU E 36 -10.74 11.69 -41.85
C LEU E 36 -9.27 11.34 -42.09
N VAL E 37 -8.99 10.43 -43.01
CA VAL E 37 -7.62 10.00 -43.29
C VAL E 37 -7.30 10.38 -44.73
N GLN E 38 -6.27 11.20 -44.91
CA GLN E 38 -5.81 11.57 -46.24
C GLN E 38 -4.85 10.51 -46.74
N ASN E 39 -5.23 9.82 -47.83
CA ASN E 39 -4.45 8.73 -48.38
C ASN E 39 -3.87 9.06 -49.74
N SER E 40 -3.87 10.33 -50.14
CA SER E 40 -3.44 10.73 -51.47
C SER E 40 -2.50 11.93 -51.39
N SER E 41 -1.64 12.04 -52.39
CA SER E 41 -0.77 13.18 -52.57
C SER E 41 -0.73 13.55 -54.05
N ILE E 42 -0.53 14.84 -54.33
CA ILE E 42 -0.44 15.29 -55.71
C ILE E 42 0.84 14.84 -56.39
N GLY E 43 1.78 14.26 -55.65
CA GLY E 43 3.04 13.82 -56.21
C GLY E 43 4.08 14.92 -56.36
N GLU E 44 3.81 16.12 -55.85
CA GLU E 44 4.71 17.25 -56.00
C GLU E 44 4.82 18.00 -54.68
N ILE E 45 5.92 18.72 -54.52
CA ILE E 45 6.18 19.51 -53.33
C ILE E 45 5.92 20.97 -53.66
N CYS E 46 4.88 21.54 -53.06
CA CYS E 46 4.54 22.93 -53.30
C CYS E 46 5.59 23.84 -52.68
N ASP E 47 5.88 24.95 -53.38
CA ASP E 47 6.94 25.89 -52.92
C ASP E 47 6.33 26.99 -52.04
N SER E 48 5.05 26.87 -51.65
CA SER E 48 4.42 27.82 -50.78
C SER E 48 3.68 27.09 -49.67
N PRO E 49 3.61 27.67 -48.47
CA PRO E 49 4.19 28.95 -48.06
C PRO E 49 5.63 28.81 -47.56
N HIS E 50 6.16 27.59 -47.53
CA HIS E 50 7.51 27.35 -47.05
C HIS E 50 8.51 27.78 -48.11
N GLN E 51 9.79 27.52 -47.87
CA GLN E 51 10.85 27.79 -48.83
C GLN E 51 11.63 26.51 -49.07
N ILE E 52 11.59 26.01 -50.31
CA ILE E 52 12.11 24.69 -50.65
C ILE E 52 13.39 24.86 -51.43
N LEU E 53 14.43 24.12 -51.03
CA LEU E 53 15.68 24.03 -51.77
C LEU E 53 15.84 22.60 -52.25
N ASP E 54 16.10 22.43 -53.55
CA ASP E 54 16.38 21.14 -54.15
C ASP E 54 17.89 21.02 -54.34
N GLY E 55 18.50 20.10 -53.59
CA GLY E 55 19.93 19.89 -53.71
C GLY E 55 20.36 19.20 -54.99
N GLU E 56 19.42 18.61 -55.72
CA GLU E 56 19.69 17.93 -56.98
C GLU E 56 20.80 16.89 -56.82
N ASN E 57 22.01 17.21 -57.26
CA ASN E 57 23.15 16.32 -57.15
C ASN E 57 23.95 16.54 -55.88
N CYS E 58 23.50 17.45 -55.01
CA CYS E 58 24.27 17.85 -53.84
C CYS E 58 23.55 17.48 -52.56
N THR E 59 24.25 16.77 -51.68
CA THR E 59 23.77 16.59 -50.32
C THR E 59 24.03 17.87 -49.52
N LEU E 60 23.41 17.94 -48.34
CA LEU E 60 23.52 19.15 -47.52
C LEU E 60 24.95 19.41 -47.09
N ILE E 61 25.66 18.36 -46.66
CA ILE E 61 27.04 18.54 -46.19
C ILE E 61 27.95 18.93 -47.35
N ASP E 62 27.71 18.37 -48.54
CA ASP E 62 28.52 18.73 -49.70
C ASP E 62 28.39 20.21 -50.03
N ALA E 63 27.18 20.75 -49.95
CA ALA E 63 26.99 22.18 -50.17
C ALA E 63 27.59 23.00 -49.03
N LEU E 64 27.56 22.47 -47.80
CA LEU E 64 28.20 23.15 -46.69
C LEU E 64 29.71 23.19 -46.87
N LEU E 65 30.29 22.15 -47.46
CA LEU E 65 31.74 22.05 -47.60
C LEU E 65 32.27 22.73 -48.85
N GLY E 66 31.57 22.63 -49.97
CA GLY E 66 32.03 23.30 -51.17
C GLY E 66 32.38 22.39 -52.34
N ASP E 67 31.67 21.28 -52.47
CA ASP E 67 31.77 20.46 -53.68
C ASP E 67 31.48 21.35 -54.89
N PRO E 68 32.37 21.39 -55.90
CA PRO E 68 32.21 22.34 -57.02
C PRO E 68 30.80 22.47 -57.58
N GLN E 69 30.13 21.33 -57.77
CA GLN E 69 28.75 21.36 -58.26
C GLN E 69 27.80 22.04 -57.28
N CYS E 70 28.16 22.09 -56.00
CA CYS E 70 27.32 22.70 -54.98
C CYS E 70 27.61 24.19 -54.80
N ASP E 71 28.46 24.77 -55.64
CA ASP E 71 28.75 26.19 -55.54
C ASP E 71 27.52 27.05 -55.79
N GLY E 72 26.49 26.50 -56.42
CA GLY E 72 25.25 27.22 -56.64
C GLY E 72 24.37 27.36 -55.41
N PHE E 73 24.72 26.69 -54.31
CA PHE E 73 23.96 26.75 -53.08
C PHE E 73 24.63 27.61 -52.02
N GLN E 74 25.68 28.35 -52.39
CA GLN E 74 26.39 29.17 -51.42
C GLN E 74 25.57 30.37 -50.99
N ASN E 75 25.73 30.75 -49.71
CA ASN E 75 25.08 31.94 -49.15
C ASN E 75 23.56 31.88 -49.34
N LYS E 76 22.99 30.69 -49.22
CA LYS E 76 21.58 30.47 -49.49
C LYS E 76 20.83 30.09 -48.21
N LYS E 77 19.59 30.52 -48.14
CA LYS E 77 18.69 30.23 -47.03
C LYS E 77 17.59 29.30 -47.49
N TRP E 78 16.97 28.62 -46.53
CA TRP E 78 15.88 27.70 -46.86
C TRP E 78 15.04 27.46 -45.62
N ASP E 79 13.78 27.08 -45.87
CA ASP E 79 12.88 26.58 -44.84
C ASP E 79 12.89 25.05 -44.76
N LEU E 80 12.99 24.37 -45.90
CA LEU E 80 13.13 22.93 -45.95
C LEU E 80 14.14 22.55 -47.02
N PHE E 81 15.04 21.63 -46.68
CA PHE E 81 16.05 21.13 -47.60
C PHE E 81 15.65 19.74 -48.08
N VAL E 82 15.66 19.54 -49.39
CA VAL E 82 15.25 18.28 -50.01
C VAL E 82 16.48 17.61 -50.59
N GLU E 83 16.74 16.38 -50.16
CA GLU E 83 17.87 15.59 -50.63
C GLU E 83 17.36 14.44 -51.49
N ARG E 84 17.93 14.29 -52.67
CA ARG E 84 17.49 13.32 -53.65
C ARG E 84 18.28 12.02 -53.55
N SER E 85 17.67 10.93 -53.99
CA SER E 85 18.38 9.66 -54.11
C SER E 85 19.07 9.55 -55.47
N LYS E 86 19.76 10.62 -55.84
CA LYS E 86 20.67 10.63 -56.98
C LYS E 86 21.92 11.45 -56.70
N ALA E 87 22.02 12.07 -55.52
CA ALA E 87 23.12 12.97 -55.22
C ALA E 87 24.44 12.20 -55.12
N TYR E 88 25.53 12.91 -55.39
CA TYR E 88 26.86 12.34 -55.31
C TYR E 88 27.83 13.42 -54.85
N SER E 89 29.06 12.99 -54.57
CA SER E 89 30.13 13.90 -54.17
C SER E 89 31.28 13.84 -55.17
N ASN E 90 31.81 15.01 -55.52
CA ASN E 90 32.85 15.16 -56.54
C ASN E 90 33.91 16.18 -56.09
N CYS E 91 34.33 16.13 -54.83
CA CYS E 91 35.44 16.98 -54.39
C CYS E 91 36.63 16.19 -53.85
N TYR E 92 36.44 15.42 -52.78
CA TYR E 92 37.53 14.68 -52.16
C TYR E 92 36.94 13.66 -51.20
N PRO E 93 37.51 12.46 -51.09
CA PRO E 93 36.94 11.46 -50.16
C PRO E 93 36.97 11.97 -48.73
N TYR E 94 35.79 12.09 -48.12
CA TYR E 94 35.65 12.64 -46.80
C TYR E 94 34.76 11.76 -45.93
N ASP E 95 35.00 11.81 -44.62
CA ASP E 95 34.20 11.08 -43.65
C ASP E 95 33.90 12.02 -42.49
N VAL E 96 32.62 12.13 -42.12
CA VAL E 96 32.20 13.03 -41.07
C VAL E 96 31.72 12.18 -39.89
N PRO E 97 32.48 12.09 -38.80
CA PRO E 97 31.92 11.52 -37.57
C PRO E 97 30.74 12.36 -37.10
N ASP E 98 29.70 11.69 -36.61
CA ASP E 98 28.44 12.34 -36.26
C ASP E 98 27.88 13.10 -37.46
N TYR E 99 27.83 12.41 -38.61
CA TYR E 99 27.34 13.04 -39.83
C TYR E 99 25.90 13.50 -39.69
N ALA E 100 25.05 12.67 -39.06
CA ALA E 100 23.65 13.03 -38.90
C ALA E 100 23.48 14.27 -38.04
N SER E 101 24.30 14.40 -36.98
CA SER E 101 24.20 15.54 -36.10
C SER E 101 24.54 16.84 -36.84
N LEU E 102 25.59 16.82 -37.65
CA LEU E 102 25.93 18.00 -38.45
C LEU E 102 24.83 18.31 -39.46
N ARG E 103 24.24 17.26 -40.05
CA ARG E 103 23.12 17.46 -40.96
C ARG E 103 21.94 18.13 -40.25
N SER E 104 21.62 17.67 -39.05
CA SER E 104 20.55 18.29 -38.27
C SER E 104 20.91 19.71 -37.87
N LEU E 105 22.17 19.95 -37.52
CA LEU E 105 22.61 21.30 -37.16
C LEU E 105 22.38 22.28 -38.30
N VAL E 106 22.87 21.94 -39.49
CA VAL E 106 22.72 22.82 -40.64
C VAL E 106 21.25 22.95 -41.02
N ALA E 107 20.52 21.84 -40.99
CA ALA E 107 19.11 21.87 -41.37
C ALA E 107 18.31 22.80 -40.45
N SER E 108 18.44 22.60 -39.13
CA SER E 108 17.72 23.45 -38.20
C SER E 108 18.18 24.90 -38.29
N SER E 109 19.41 25.12 -38.73
CA SER E 109 19.90 26.47 -38.97
C SER E 109 19.11 27.13 -40.10
N GLY E 110 18.96 26.42 -41.21
CA GLY E 110 18.22 26.96 -42.33
C GLY E 110 18.93 28.04 -43.11
N THR E 111 20.23 28.24 -42.89
CA THR E 111 20.98 29.27 -43.62
C THR E 111 22.38 28.75 -43.92
N LEU E 112 22.74 28.76 -45.20
CA LEU E 112 24.11 28.44 -45.62
C LEU E 112 24.94 29.70 -45.80
N GLU E 113 24.95 30.56 -44.79
CA GLU E 113 25.63 31.85 -44.88
C GLU E 113 27.07 31.70 -44.41
N PHE E 114 28.01 32.08 -45.26
CA PHE E 114 29.44 31.99 -44.96
C PHE E 114 30.06 33.37 -45.07
N ASN E 115 30.72 33.81 -43.99
CA ASN E 115 31.47 35.07 -43.99
C ASN E 115 32.92 34.76 -43.68
N ASN E 116 33.82 35.31 -44.47
CA ASN E 116 35.23 34.97 -44.41
C ASN E 116 35.95 35.80 -43.35
N GLU E 117 36.82 35.14 -42.59
CA GLU E 117 37.72 35.79 -41.66
C GLU E 117 39.15 35.41 -42.02
N SER E 118 40.08 36.34 -41.79
CA SER E 118 41.47 36.16 -42.17
C SER E 118 42.26 35.63 -40.97
N PHE E 119 42.69 34.37 -41.05
CA PHE E 119 43.61 33.80 -40.08
C PHE E 119 45.04 34.07 -40.51
N ASN E 120 45.92 34.23 -39.54
CA ASN E 120 47.33 34.50 -39.82
C ASN E 120 48.02 33.17 -40.13
N TRP E 121 47.80 32.68 -41.35
CA TRP E 121 48.45 31.47 -41.84
C TRP E 121 49.88 31.81 -42.24
N THR E 122 50.71 32.06 -41.22
CA THR E 122 52.10 32.42 -41.45
C THR E 122 52.95 31.16 -41.55
N GLY E 123 53.77 31.09 -42.61
CA GLY E 123 54.67 29.98 -42.81
C GLY E 123 54.10 28.77 -43.52
N VAL E 124 52.85 28.83 -44.01
CA VAL E 124 52.23 27.69 -44.68
C VAL E 124 51.67 28.14 -46.02
N THR E 125 51.59 27.19 -46.95
CA THR E 125 51.04 27.43 -48.28
C THR E 125 49.55 27.17 -48.24
N GLN E 126 48.75 28.22 -48.39
CA GLN E 126 47.31 28.13 -48.21
C GLN E 126 46.65 27.58 -49.48
N ASN E 127 45.31 27.62 -49.49
CA ASN E 127 44.50 27.25 -50.65
C ASN E 127 44.66 25.76 -50.97
N GLY E 128 45.51 25.42 -51.92
CA GLY E 128 45.69 24.00 -52.18
C GLY E 128 44.66 23.44 -53.13
N THR E 129 45.05 22.39 -53.85
CA THR E 129 44.26 21.82 -54.93
C THR E 129 44.07 20.33 -54.72
N SER E 130 43.19 19.75 -55.54
CA SER E 130 42.96 18.31 -55.56
C SER E 130 42.53 17.91 -56.97
N SER E 131 43.01 16.77 -57.44
CA SER E 131 42.71 16.30 -58.77
C SER E 131 41.31 15.74 -58.90
N ALA E 132 40.54 15.69 -57.81
CA ALA E 132 39.15 15.28 -57.84
C ALA E 132 38.18 16.42 -57.57
N CYS E 133 38.60 17.44 -56.83
CA CYS E 133 37.76 18.61 -56.58
C CYS E 133 37.95 19.64 -57.71
N ILE E 134 37.56 19.22 -58.91
CA ILE E 134 37.80 19.99 -60.11
C ILE E 134 36.74 21.06 -60.28
N ARG E 135 37.01 22.26 -59.78
CA ARG E 135 36.18 23.41 -60.08
C ARG E 135 36.56 23.99 -61.44
N ARG E 136 35.58 24.60 -62.10
CA ARG E 136 35.74 25.01 -63.49
C ARG E 136 36.26 23.82 -64.30
N SER E 137 37.50 23.92 -64.75
CA SER E 137 38.27 22.78 -65.24
C SER E 137 39.58 22.61 -64.49
N ASN E 138 39.91 23.53 -63.58
CA ASN E 138 41.15 23.48 -62.83
C ASN E 138 40.99 22.65 -61.56
N SER E 139 42.07 22.00 -61.15
CA SER E 139 42.07 21.26 -59.90
C SER E 139 41.99 22.25 -58.73
N SER E 140 41.01 22.04 -57.85
CA SER E 140 40.75 22.95 -56.76
C SER E 140 40.41 22.13 -55.51
N PHE E 141 39.85 22.80 -54.51
CA PHE E 141 39.50 22.16 -53.25
C PHE E 141 38.12 22.66 -52.83
N PHE E 142 37.68 22.22 -51.65
CA PHE E 142 36.41 22.67 -51.10
C PHE E 142 36.41 24.19 -50.98
N SER E 143 35.32 24.82 -51.44
CA SER E 143 35.25 26.27 -51.42
C SER E 143 35.29 26.80 -49.98
N ARG E 144 34.72 26.06 -49.04
CA ARG E 144 34.59 26.50 -47.67
C ARG E 144 35.72 25.99 -46.78
N LEU E 145 36.66 25.25 -47.33
CA LEU E 145 37.78 24.69 -46.58
C LEU E 145 39.10 25.13 -47.21
N ASN E 146 40.14 25.20 -46.39
CA ASN E 146 41.45 25.67 -46.81
C ASN E 146 42.50 24.59 -46.53
N TRP E 147 43.26 24.21 -47.55
CA TRP E 147 44.30 23.20 -47.43
C TRP E 147 45.64 23.89 -47.28
N LEU E 148 46.29 23.68 -46.13
CA LEU E 148 47.57 24.31 -45.82
C LEU E 148 48.68 23.28 -45.98
N THR E 149 49.50 23.46 -47.01
CA THR E 149 50.62 22.57 -47.27
C THR E 149 51.92 23.20 -46.78
N HIS E 150 53.04 22.54 -47.06
CA HIS E 150 54.33 23.03 -46.59
C HIS E 150 54.80 24.23 -47.39
N LEU E 151 55.39 25.20 -46.70
CA LEU E 151 56.03 26.36 -47.32
C LEU E 151 57.50 26.36 -46.93
N ASN E 152 58.36 26.56 -47.93
CA ASN E 152 59.82 26.45 -47.75
C ASN E 152 60.23 25.06 -47.23
N TYR E 153 59.38 24.06 -47.51
CA TYR E 153 59.58 22.69 -47.02
C TYR E 153 59.58 22.62 -45.50
N LYS E 154 58.90 23.56 -44.85
CA LYS E 154 58.73 23.55 -43.42
C LYS E 154 57.26 23.72 -43.09
N TYR E 155 56.85 23.16 -41.95
CA TYR E 155 55.51 23.33 -41.41
C TYR E 155 55.69 23.85 -40.00
N PRO E 156 55.90 25.16 -39.83
CA PRO E 156 56.01 25.73 -38.49
C PRO E 156 54.72 25.50 -37.72
N ALA E 157 54.81 25.67 -36.39
CA ALA E 157 53.65 25.47 -35.55
C ALA E 157 52.61 26.55 -35.83
N LEU E 158 51.38 26.14 -36.10
CA LEU E 158 50.27 27.05 -36.35
C LEU E 158 49.49 27.24 -35.07
N ASN E 159 49.49 28.46 -34.54
CA ASN E 159 48.76 28.80 -33.31
C ASN E 159 47.99 30.08 -33.59
N VAL E 160 46.69 29.94 -33.89
CA VAL E 160 45.89 31.06 -34.36
C VAL E 160 44.66 31.20 -33.47
N THR E 161 44.05 32.38 -33.55
CA THR E 161 43.01 32.77 -32.62
C THR E 161 42.01 33.68 -33.32
N MET E 162 40.74 33.29 -33.31
CA MET E 162 39.66 34.11 -33.85
C MET E 162 38.58 34.27 -32.78
N PRO E 163 38.37 35.47 -32.26
CA PRO E 163 37.33 35.68 -31.25
C PRO E 163 35.95 35.76 -31.88
N ASN E 164 34.94 35.95 -31.03
CA ASN E 164 33.55 36.15 -31.46
C ASN E 164 32.99 37.34 -30.67
N ASN E 165 33.18 38.55 -31.20
CA ASN E 165 32.55 39.72 -30.62
C ASN E 165 31.10 39.87 -31.04
N GLU E 166 30.72 39.27 -32.16
CA GLU E 166 29.36 39.39 -32.67
C GLU E 166 28.38 38.68 -31.74
N GLN E 167 27.16 39.20 -31.68
CA GLN E 167 26.17 38.77 -30.70
C GLN E 167 25.53 37.42 -31.05
N PHE E 168 25.76 36.90 -32.25
CA PHE E 168 25.21 35.61 -32.64
C PHE E 168 26.26 34.52 -32.49
N ASP E 169 25.87 33.29 -32.81
CA ASP E 169 26.77 32.15 -32.71
C ASP E 169 27.47 31.90 -34.04
N LYS E 170 28.65 31.31 -33.94
CA LYS E 170 29.43 31.01 -35.16
C LYS E 170 29.76 29.52 -35.20
N LEU E 171 29.56 28.90 -36.34
CA LEU E 171 29.85 27.50 -36.56
C LEU E 171 31.04 27.38 -37.49
N TYR E 172 32.04 26.59 -37.08
CA TYR E 172 33.27 26.42 -37.83
C TYR E 172 33.38 24.98 -38.30
N ILE E 173 33.62 24.80 -39.60
CA ILE E 173 33.80 23.49 -40.18
C ILE E 173 35.26 23.36 -40.62
N TRP E 174 35.97 22.38 -40.06
CA TRP E 174 37.36 22.13 -40.36
C TRP E 174 37.55 20.63 -40.58
N GLY E 175 38.79 20.23 -40.85
CA GLY E 175 39.04 18.84 -41.16
C GLY E 175 40.48 18.44 -40.89
N VAL E 176 40.70 17.13 -40.94
CA VAL E 176 42.02 16.52 -40.76
C VAL E 176 42.27 15.58 -41.91
N HIS E 177 43.45 15.68 -42.52
CA HIS E 177 43.77 14.94 -43.73
C HIS E 177 44.59 13.70 -43.38
N HIS E 178 44.12 12.54 -43.86
CA HIS E 178 44.83 11.28 -43.67
C HIS E 178 45.38 10.79 -45.00
N PRO E 179 46.67 10.90 -45.25
CA PRO E 179 47.23 10.39 -46.50
C PRO E 179 47.35 8.88 -46.49
N GLY E 180 47.26 8.30 -47.70
CA GLY E 180 47.36 6.85 -47.82
C GLY E 180 48.78 6.31 -47.73
N THR E 181 49.78 7.18 -47.87
CA THR E 181 51.17 6.77 -47.82
C THR E 181 51.96 7.72 -46.93
N ASP E 182 53.02 7.21 -46.30
CA ASP E 182 53.92 8.07 -45.55
C ASP E 182 54.59 9.09 -46.47
N LYS E 183 54.83 8.71 -47.73
CA LYS E 183 55.43 9.64 -48.69
C LYS E 183 54.51 10.81 -48.97
N ASP E 184 53.19 10.55 -49.06
CA ASP E 184 52.23 11.65 -49.26
C ASP E 184 52.25 12.61 -48.08
N GLN E 185 52.30 12.09 -46.86
CA GLN E 185 52.35 12.95 -45.68
C GLN E 185 53.62 13.79 -45.67
N ILE E 186 54.76 13.18 -46.01
CA ILE E 186 56.01 13.93 -46.08
C ILE E 186 55.95 14.97 -47.19
N PHE E 187 55.36 14.61 -48.33
CA PHE E 187 55.22 15.50 -49.47
C PHE E 187 54.59 16.83 -49.04
N LEU E 188 53.33 16.79 -48.61
CA LEU E 188 52.58 18.02 -48.40
C LEU E 188 52.82 18.66 -47.03
N TYR E 189 53.42 17.93 -46.09
CA TYR E 189 53.52 18.41 -44.72
C TYR E 189 54.94 18.45 -44.16
N ALA E 190 55.91 17.83 -44.83
CA ALA E 190 57.32 17.86 -44.45
C ALA E 190 57.57 17.37 -43.02
N GLN E 191 56.67 16.52 -42.50
CA GLN E 191 56.82 15.99 -41.16
C GLN E 191 56.22 14.60 -41.12
N SER E 192 56.66 13.81 -40.12
CA SER E 192 56.20 12.43 -40.02
C SER E 192 54.72 12.36 -39.68
N SER E 193 54.29 13.10 -38.66
CA SER E 193 52.89 13.09 -38.23
C SER E 193 52.55 14.44 -37.62
N GLY E 194 51.29 14.83 -37.74
CA GLY E 194 50.83 16.10 -37.21
C GLY E 194 49.75 15.94 -36.17
N ARG E 195 49.53 16.97 -35.35
CA ARG E 195 48.46 16.98 -34.37
C ARG E 195 47.66 18.26 -34.54
N ILE E 196 46.36 18.15 -34.28
CA ILE E 196 45.43 19.26 -34.45
C ILE E 196 44.62 19.40 -33.16
N THR E 197 44.51 20.64 -32.67
CA THR E 197 43.73 20.92 -31.47
C THR E 197 42.93 22.20 -31.73
N VAL E 198 41.63 22.04 -31.92
CA VAL E 198 40.69 23.16 -32.04
C VAL E 198 39.94 23.26 -30.73
N SER E 199 40.05 24.41 -30.07
CA SER E 199 39.53 24.56 -28.72
C SER E 199 38.88 25.91 -28.56
N THR E 200 38.00 25.99 -27.55
CA THR E 200 37.40 27.25 -27.13
C THR E 200 37.45 27.29 -25.61
N LYS E 201 36.93 28.37 -25.02
CA LYS E 201 36.93 28.47 -23.56
C LYS E 201 36.04 27.43 -22.89
N ARG E 202 35.39 26.58 -23.68
CA ARG E 202 34.44 25.61 -23.14
C ARG E 202 34.56 24.22 -23.75
N SER E 203 35.14 24.06 -24.93
CA SER E 203 35.22 22.80 -25.64
C SER E 203 36.67 22.46 -25.94
N GLN E 204 36.87 21.25 -26.46
CA GLN E 204 38.21 20.77 -26.80
C GLN E 204 38.07 19.62 -27.79
N GLN E 205 38.65 19.77 -28.97
CA GLN E 205 38.61 18.74 -30.01
C GLN E 205 40.02 18.55 -30.56
N ALA E 206 40.64 17.43 -30.19
CA ALA E 206 41.99 17.10 -30.62
C ALA E 206 41.94 15.88 -31.53
N VAL E 207 42.60 15.97 -32.69
CA VAL E 207 42.57 14.92 -33.69
C VAL E 207 44.00 14.56 -34.08
N ILE E 208 44.26 13.26 -34.21
CA ILE E 208 45.52 12.76 -34.74
C ILE E 208 45.19 11.94 -35.99
N PRO E 209 45.97 12.02 -37.05
CA PRO E 209 45.66 11.29 -38.28
C PRO E 209 46.31 9.92 -38.31
N ASN E 210 45.77 9.08 -39.20
CA ASN E 210 46.24 7.72 -39.38
C ASN E 210 46.68 7.56 -40.83
N ILE E 211 47.99 7.50 -41.03
CA ILE E 211 48.55 7.41 -42.38
C ILE E 211 48.41 5.97 -42.83
N GLY E 212 47.51 5.72 -43.78
CA GLY E 212 47.31 4.39 -44.30
C GLY E 212 46.43 4.38 -45.53
N SER E 213 46.64 3.39 -46.40
CA SER E 213 45.84 3.27 -47.60
C SER E 213 44.40 2.88 -47.25
N ARG E 214 43.47 3.41 -48.02
CA ARG E 214 42.05 3.16 -47.89
C ARG E 214 41.48 2.89 -49.28
N PRO E 215 40.31 2.26 -49.36
CA PRO E 215 39.69 2.04 -50.67
C PRO E 215 39.63 3.32 -51.48
N ARG E 216 40.17 3.27 -52.69
CA ARG E 216 40.30 4.48 -53.50
C ARG E 216 38.94 5.01 -53.92
N ILE E 217 38.80 6.33 -53.84
CA ILE E 217 37.64 7.03 -54.40
C ILE E 217 38.19 8.12 -55.31
N ARG E 218 37.87 8.03 -56.61
CA ARG E 218 38.41 8.92 -57.63
C ARG E 218 39.95 8.85 -57.68
N ASP E 219 40.49 7.64 -57.49
CA ASP E 219 41.93 7.39 -57.46
C ASP E 219 42.61 8.01 -56.24
N ILE E 220 41.87 8.20 -55.16
CA ILE E 220 42.43 8.81 -53.96
C ILE E 220 42.26 7.84 -52.79
N PRO E 221 43.22 6.95 -52.55
CA PRO E 221 43.17 6.11 -51.34
C PRO E 221 43.35 6.88 -50.04
N SER E 222 43.55 8.20 -50.10
CA SER E 222 43.57 9.04 -48.93
C SER E 222 42.16 9.53 -48.60
N ARG E 223 42.02 10.16 -47.43
CA ARG E 223 40.70 10.60 -46.96
C ARG E 223 40.87 11.80 -46.04
N ILE E 224 39.74 12.42 -45.72
CA ILE E 224 39.68 13.58 -44.82
C ILE E 224 38.54 13.38 -43.84
N SER E 225 38.81 13.68 -42.56
CA SER E 225 37.79 13.61 -41.53
C SER E 225 37.34 15.03 -41.16
N ILE E 226 36.03 15.26 -41.21
CA ILE E 226 35.45 16.58 -41.04
C ILE E 226 34.91 16.72 -39.62
N TYR E 227 35.24 17.84 -38.98
CA TYR E 227 34.77 18.15 -37.64
C TYR E 227 34.17 19.54 -37.62
N TRP E 228 33.33 19.81 -36.62
CA TRP E 228 32.70 21.11 -36.46
C TRP E 228 32.85 21.59 -35.03
N THR E 229 32.90 22.92 -34.88
CA THR E 229 32.98 23.56 -33.58
C THR E 229 32.02 24.75 -33.56
N ILE E 230 31.55 25.08 -32.36
CA ILE E 230 30.58 26.16 -32.17
C ILE E 230 31.14 27.15 -31.15
N VAL E 231 31.07 28.43 -31.48
CA VAL E 231 31.61 29.51 -30.65
C VAL E 231 30.51 30.50 -30.36
N LYS E 232 30.24 30.74 -29.09
CA LYS E 232 29.17 31.63 -28.64
C LYS E 232 29.68 33.06 -28.53
N PRO E 233 28.80 34.03 -28.35
CA PRO E 233 29.26 35.41 -28.15
C PRO E 233 30.16 35.52 -26.93
N GLY E 234 31.21 36.34 -27.06
CA GLY E 234 32.18 36.48 -26.00
C GLY E 234 33.13 35.31 -25.86
N ASP E 235 33.22 34.46 -26.88
CA ASP E 235 34.08 33.29 -26.87
C ASP E 235 35.20 33.46 -27.88
N ILE E 236 36.08 32.45 -27.95
CA ILE E 236 37.34 32.59 -28.67
C ILE E 236 37.75 31.21 -29.20
N LEU E 237 38.09 31.16 -30.48
CA LEU E 237 38.48 29.92 -31.14
C LEU E 237 39.99 29.87 -31.30
N LEU E 238 40.59 28.76 -30.89
CA LEU E 238 42.03 28.56 -30.98
C LEU E 238 42.33 27.28 -31.73
N ILE E 239 43.23 27.36 -32.71
CA ILE E 239 43.68 26.21 -33.49
C ILE E 239 45.19 26.11 -33.35
N ASN E 240 45.66 25.00 -32.78
CA ASN E 240 47.08 24.68 -32.76
C ASN E 240 47.31 23.41 -33.57
N SER E 241 48.18 23.48 -34.57
CA SER E 241 48.43 22.35 -35.44
C SER E 241 49.88 22.33 -35.87
N THR E 242 50.45 21.12 -35.95
CA THR E 242 51.72 20.88 -36.61
C THR E 242 51.53 20.27 -37.99
N GLY E 243 50.31 20.03 -38.40
CA GLY E 243 50.04 19.44 -39.70
C GLY E 243 48.73 18.69 -39.69
N ASN E 244 48.29 18.33 -40.90
CA ASN E 244 47.08 17.55 -41.15
C ASN E 244 45.84 18.28 -40.64
N LEU E 245 45.79 19.59 -40.89
CA LEU E 245 44.64 20.42 -40.57
C LEU E 245 44.06 20.97 -41.86
N ILE E 246 42.78 20.71 -42.09
CA ILE E 246 42.02 21.35 -43.17
C ILE E 246 41.37 22.58 -42.55
N ALA E 247 42.02 23.72 -42.71
CA ALA E 247 41.63 24.90 -41.97
C ALA E 247 40.30 25.46 -42.47
N PRO E 248 39.54 26.13 -41.59
CA PRO E 248 38.34 26.83 -42.05
C PRO E 248 38.69 28.16 -42.71
N ARG E 249 37.86 28.55 -43.67
CA ARG E 249 38.01 29.81 -44.38
C ARG E 249 37.18 30.93 -43.79
N GLY E 250 36.46 30.68 -42.70
CA GLY E 250 35.58 31.66 -42.11
C GLY E 250 34.62 31.00 -41.14
N TYR E 251 33.50 31.67 -40.90
CA TYR E 251 32.46 31.19 -39.99
C TYR E 251 31.16 30.91 -40.73
N PHE E 252 30.45 29.87 -40.33
CA PHE E 252 29.09 29.65 -40.76
C PHE E 252 28.13 30.25 -39.75
N LYS E 253 26.97 30.71 -40.24
CA LYS E 253 25.95 31.29 -39.38
C LYS E 253 24.95 30.22 -38.96
N ILE E 254 24.65 30.17 -37.65
CA ILE E 254 23.72 29.22 -37.09
C ILE E 254 22.56 30.00 -36.46
N ARG E 255 21.33 29.59 -36.79
CA ARG E 255 20.13 30.25 -36.30
C ARG E 255 19.12 29.19 -35.87
N SER E 256 18.19 29.59 -35.02
CA SER E 256 17.13 28.73 -34.53
C SER E 256 15.80 29.18 -35.12
N GLY E 257 15.09 28.25 -35.76
CA GLY E 257 13.82 28.58 -36.38
C GLY E 257 12.99 27.37 -36.74
N LYS E 258 12.29 27.45 -37.87
CA LYS E 258 11.40 26.39 -38.33
C LYS E 258 11.97 25.64 -39.53
N SER E 259 13.30 25.53 -39.60
CA SER E 259 13.97 24.92 -40.73
C SER E 259 14.31 23.45 -40.44
N SER E 260 14.32 22.65 -41.48
CA SER E 260 14.56 21.21 -41.36
C SER E 260 15.02 20.67 -42.71
N ILE E 261 15.14 19.35 -42.78
CA ILE E 261 15.59 18.66 -43.99
C ILE E 261 14.71 17.43 -44.21
N MET E 262 14.42 17.14 -45.48
CA MET E 262 13.59 16.00 -45.85
C MET E 262 14.21 15.31 -47.06
N ARG E 263 14.09 13.98 -47.10
CA ARG E 263 14.57 13.18 -48.22
C ARG E 263 13.39 12.79 -49.09
N SER E 264 13.44 13.17 -50.37
CA SER E 264 12.35 12.90 -51.29
C SER E 264 12.84 12.99 -52.72
N ASP E 265 12.15 12.29 -53.62
CA ASP E 265 12.38 12.38 -55.05
C ASP E 265 11.22 13.08 -55.76
N ALA E 266 10.34 13.73 -55.02
CA ALA E 266 9.17 14.34 -55.62
C ALA E 266 9.55 15.63 -56.35
N PRO E 267 8.93 15.91 -57.50
CA PRO E 267 9.17 17.19 -58.17
C PRO E 267 8.66 18.35 -57.33
N ILE E 268 9.28 19.51 -57.53
CA ILE E 268 8.94 20.72 -56.81
C ILE E 268 7.99 21.53 -57.69
N GLY E 269 6.71 21.56 -57.30
CA GLY E 269 5.68 22.25 -58.06
C GLY E 269 5.38 23.63 -57.51
N LYS E 270 4.51 24.33 -58.24
CA LYS E 270 4.13 25.70 -57.94
C LYS E 270 2.70 25.67 -57.40
N CYS E 271 2.59 25.64 -56.08
CA CYS E 271 1.30 25.60 -55.40
C CYS E 271 1.52 26.02 -53.95
N LYS E 272 0.44 26.03 -53.18
CA LYS E 272 0.48 26.36 -51.77
C LYS E 272 -0.05 25.18 -50.97
N SER E 273 0.82 24.57 -50.15
CA SER E 273 0.44 23.48 -49.28
C SER E 273 1.22 23.60 -47.98
N GLU E 274 0.51 23.76 -46.87
CA GLU E 274 1.16 23.95 -45.58
C GLU E 274 1.89 22.71 -45.09
N CYS E 275 1.65 21.54 -45.69
CA CYS E 275 2.24 20.29 -45.25
C CYS E 275 3.02 19.64 -46.39
N ILE E 276 4.20 19.12 -46.06
CA ILE E 276 5.09 18.50 -47.03
C ILE E 276 5.47 17.12 -46.52
N THR E 277 5.42 16.14 -47.40
CA THR E 277 5.79 14.76 -47.13
C THR E 277 6.72 14.26 -48.22
N PRO E 278 7.49 13.21 -47.96
CA PRO E 278 8.38 12.66 -49.01
C PRO E 278 7.63 12.26 -50.27
N ASN E 279 6.38 11.79 -50.15
CA ASN E 279 5.59 11.46 -51.33
C ASN E 279 5.08 12.69 -52.06
N GLY E 280 5.28 13.88 -51.52
CA GLY E 280 4.81 15.13 -52.08
C GLY E 280 4.01 15.89 -51.06
N SER E 281 3.41 17.00 -51.51
CA SER E 281 2.53 17.76 -50.65
C SER E 281 1.15 17.10 -50.60
N ILE E 282 0.58 17.06 -49.40
CA ILE E 282 -0.75 16.48 -49.25
C ILE E 282 -1.72 17.58 -48.88
N PRO E 283 -3.02 17.42 -49.13
CA PRO E 283 -3.99 18.30 -48.47
C PRO E 283 -4.01 18.00 -46.99
N ASN E 284 -4.01 19.05 -46.20
CA ASN E 284 -3.98 18.91 -44.75
C ASN E 284 -5.36 19.05 -44.13
N ASP E 285 -6.42 19.01 -44.94
CA ASP E 285 -7.78 19.25 -44.45
C ASP E 285 -8.18 18.20 -43.41
N LYS E 286 -8.04 16.92 -43.75
CA LYS E 286 -8.46 15.86 -42.85
C LYS E 286 -7.55 15.81 -41.63
N PRO E 287 -8.08 15.44 -40.47
CA PRO E 287 -7.26 15.43 -39.24
C PRO E 287 -6.14 14.39 -39.26
N PHE E 288 -6.22 13.36 -40.10
CA PHE E 288 -5.26 12.27 -40.10
C PHE E 288 -4.82 11.96 -41.53
N GLN E 289 -3.74 11.20 -41.63
CA GLN E 289 -3.18 10.85 -42.94
C GLN E 289 -2.51 9.48 -42.84
N ASN E 290 -2.40 8.84 -44.01
CA ASN E 290 -1.78 7.51 -44.11
C ASN E 290 -0.83 7.48 -45.30
N VAL E 291 0.00 8.51 -45.43
CA VAL E 291 0.95 8.63 -46.54
C VAL E 291 2.38 8.34 -46.08
N ASN E 292 2.88 9.12 -45.13
CA ASN E 292 4.24 8.92 -44.64
C ASN E 292 4.34 9.48 -43.23
N ARG E 293 5.17 8.82 -42.41
CA ARG E 293 5.41 9.30 -41.05
C ARG E 293 6.27 10.54 -41.00
N ILE E 294 6.92 10.91 -42.10
CA ILE E 294 7.76 12.11 -42.17
C ILE E 294 6.89 13.26 -42.65
N THR E 295 6.75 14.28 -41.80
CA THR E 295 5.91 15.43 -42.09
C THR E 295 6.68 16.72 -41.84
N TYR E 296 6.34 17.76 -42.61
CA TYR E 296 6.89 19.09 -42.40
C TYR E 296 5.76 20.10 -42.45
N GLY E 297 5.65 20.93 -41.42
CA GLY E 297 4.63 21.96 -41.37
C GLY E 297 3.36 21.50 -40.67
N ALA E 298 2.32 22.31 -40.83
CA ALA E 298 1.00 21.98 -40.30
C ALA E 298 0.44 20.79 -41.06
N CYS E 299 0.44 19.62 -40.42
CA CYS E 299 0.20 18.37 -41.11
C CYS E 299 -0.86 17.54 -40.39
N PRO E 300 -1.60 16.72 -41.12
CA PRO E 300 -2.42 15.69 -40.47
C PRO E 300 -1.52 14.68 -39.77
N ARG E 301 -2.04 14.10 -38.70
CA ARG E 301 -1.26 13.14 -37.91
C ARG E 301 -1.28 11.77 -38.57
N TYR E 302 -0.11 11.17 -38.69
CA TYR E 302 0.02 9.89 -39.37
C TYR E 302 -0.58 8.77 -38.52
N VAL E 303 -1.35 7.90 -39.18
CA VAL E 303 -1.95 6.74 -38.54
C VAL E 303 -1.82 5.55 -39.46
N LYS E 304 -2.00 4.36 -38.90
CA LYS E 304 -1.89 3.12 -39.64
C LYS E 304 -3.19 2.70 -40.33
N GLN E 305 -4.24 3.51 -40.22
CA GLN E 305 -5.56 3.16 -40.73
C GLN E 305 -5.76 3.80 -42.10
N SER E 306 -6.12 2.96 -43.08
CA SER E 306 -6.27 3.45 -44.45
C SER E 306 -7.53 4.30 -44.60
N THR E 307 -8.57 4.02 -43.83
CA THR E 307 -9.80 4.78 -43.92
C THR E 307 -10.48 4.84 -42.55
N LEU E 308 -10.92 6.04 -42.17
CA LEU E 308 -11.67 6.25 -40.94
C LEU E 308 -12.79 7.23 -41.25
N LYS E 309 -14.02 6.72 -41.32
CA LYS E 309 -15.16 7.49 -41.80
C LYS E 309 -15.97 8.02 -40.63
N LEU E 310 -16.21 9.33 -40.63
CA LEU E 310 -17.00 9.99 -39.60
C LEU E 310 -18.37 10.33 -40.15
N ALA E 311 -19.42 9.89 -39.44
CA ALA E 311 -20.77 10.12 -39.91
C ALA E 311 -21.18 11.57 -39.71
N THR E 312 -21.72 12.18 -40.76
CA THR E 312 -22.28 13.53 -40.68
C THR E 312 -23.81 13.52 -40.73
N GLY E 313 -24.43 12.34 -40.66
CA GLY E 313 -25.87 12.21 -40.70
C GLY E 313 -26.35 11.11 -39.77
N MET E 314 -27.65 10.89 -39.79
CA MET E 314 -28.29 9.91 -38.93
C MET E 314 -28.16 8.50 -39.51
N ARG E 315 -28.69 7.53 -38.78
CA ARG E 315 -28.77 6.17 -39.29
C ARG E 315 -29.74 6.11 -40.47
N ASN E 316 -29.41 5.27 -41.45
CA ASN E 316 -30.20 5.15 -42.67
C ASN E 316 -31.02 3.86 -42.60
N VAL E 317 -32.33 4.00 -42.39
CA VAL E 317 -33.26 2.89 -42.46
C VAL E 317 -34.15 3.10 -43.69
N PRO E 318 -34.08 2.22 -44.69
CA PRO E 318 -34.95 2.36 -45.86
C PRO E 318 -36.27 1.62 -45.66
N GLU E 319 -37.14 1.64 -46.66
CA GLU E 319 -38.38 0.87 -46.60
C GLU E 319 -38.17 -0.53 -47.14
N ASN F 2 -60.56 27.83 -12.03
CA ASN F 2 -61.21 27.82 -10.73
C ASN F 2 -60.73 26.64 -9.89
N SER F 3 -61.04 25.42 -10.34
CA SER F 3 -60.60 24.20 -9.70
C SER F 3 -59.43 23.56 -10.44
N THR F 4 -58.62 24.36 -11.11
CA THR F 4 -57.43 23.81 -11.79
C THR F 4 -56.21 24.39 -11.11
N ALA F 5 -55.10 23.65 -11.14
CA ALA F 5 -53.85 24.18 -10.55
C ALA F 5 -52.68 23.99 -11.50
N THR F 6 -51.67 24.86 -11.35
CA THR F 6 -50.48 24.80 -12.23
C THR F 6 -49.28 24.47 -11.38
N LEU F 7 -48.71 23.28 -11.58
CA LEU F 7 -47.42 22.93 -10.90
C LEU F 7 -46.35 22.89 -11.99
N CYS F 8 -45.33 23.72 -11.84
CA CYS F 8 -44.29 23.81 -12.88
C CYS F 8 -43.00 23.14 -12.39
N LEU F 9 -42.27 22.48 -13.29
CA LEU F 9 -40.97 21.84 -12.92
C LEU F 9 -39.85 22.67 -13.54
N GLY F 10 -38.79 22.95 -12.78
CA GLY F 10 -37.76 23.83 -13.29
C GLY F 10 -36.40 23.51 -12.71
N HIS F 11 -35.40 24.21 -13.24
CA HIS F 11 -34.01 24.05 -12.86
C HIS F 11 -33.46 25.40 -12.40
N HIS F 12 -32.41 25.35 -11.60
CA HIS F 12 -31.84 26.59 -11.08
C HIS F 12 -31.06 27.31 -12.17
N ALA F 13 -30.74 28.57 -11.90
CA ALA F 13 -29.95 29.38 -12.82
C ALA F 13 -29.16 30.40 -12.04
N VAL F 14 -28.06 30.85 -12.64
CA VAL F 14 -27.17 31.82 -12.00
C VAL F 14 -26.94 32.96 -12.99
N PRO F 15 -26.89 34.23 -12.53
CA PRO F 15 -26.60 35.31 -13.48
C PRO F 15 -25.16 35.30 -13.97
N ASN F 16 -24.21 34.97 -13.10
CA ASN F 16 -22.79 34.92 -13.48
C ASN F 16 -22.43 33.46 -13.76
N GLY F 17 -22.66 33.03 -15.00
CA GLY F 17 -22.30 31.69 -15.41
C GLY F 17 -20.92 31.62 -16.05
N THR F 18 -20.47 30.40 -16.27
CA THR F 18 -19.17 30.13 -16.87
C THR F 18 -19.35 29.45 -18.23
N ILE F 19 -18.36 29.62 -19.09
CA ILE F 19 -18.39 29.08 -20.45
C ILE F 19 -17.47 27.87 -20.51
N VAL F 20 -17.99 26.76 -21.03
CA VAL F 20 -17.24 25.52 -21.15
C VAL F 20 -17.38 24.98 -22.57
N LYS F 21 -16.55 23.99 -22.90
CA LYS F 21 -16.56 23.34 -24.21
C LYS F 21 -17.13 21.95 -24.08
N THR F 22 -17.92 21.55 -25.08
CA THR F 22 -18.45 20.19 -25.18
C THR F 22 -17.98 19.56 -26.48
N ILE F 23 -18.42 18.33 -26.72
CA ILE F 23 -18.07 17.63 -27.95
C ILE F 23 -18.64 18.34 -29.16
N THR F 24 -19.90 18.80 -29.06
CA THR F 24 -20.58 19.41 -30.19
C THR F 24 -20.60 20.93 -30.14
N ASN F 25 -20.20 21.55 -29.03
CA ASN F 25 -20.25 23.01 -28.94
C ASN F 25 -19.00 23.53 -28.26
N ASP F 26 -18.47 24.63 -28.80
CA ASP F 26 -17.30 25.29 -28.24
C ASP F 26 -17.65 26.29 -27.15
N ARG F 27 -18.89 26.78 -27.11
CA ARG F 27 -19.30 27.77 -26.12
C ARG F 27 -20.67 27.37 -25.57
N ILE F 28 -20.69 26.89 -24.33
CA ILE F 28 -21.93 26.61 -23.61
C ILE F 28 -21.79 27.20 -22.21
N GLU F 29 -22.80 27.94 -21.77
CA GLU F 29 -22.79 28.53 -20.44
C GLU F 29 -23.37 27.54 -19.43
N VAL F 30 -22.66 27.35 -18.32
CA VAL F 30 -23.09 26.45 -17.26
C VAL F 30 -23.13 27.23 -15.95
N THR F 31 -23.83 26.65 -14.97
CA THR F 31 -24.00 27.33 -13.69
C THR F 31 -22.68 27.39 -12.91
N ASN F 32 -21.92 26.30 -12.92
CA ASN F 32 -20.68 26.22 -12.15
C ASN F 32 -19.63 25.45 -12.95
N ALA F 33 -18.38 25.91 -12.87
CA ALA F 33 -17.28 25.26 -13.57
C ALA F 33 -16.03 25.32 -12.71
N THR F 34 -15.13 24.38 -12.96
CA THR F 34 -13.86 24.29 -12.26
C THR F 34 -12.72 24.22 -13.28
N GLU F 35 -11.53 24.62 -12.83
CA GLU F 35 -10.35 24.65 -13.68
C GLU F 35 -9.53 23.38 -13.48
N LEU F 36 -9.12 22.77 -14.58
CA LEU F 36 -8.34 21.53 -14.54
C LEU F 36 -6.88 21.73 -14.91
N VAL F 37 -6.47 22.96 -15.25
CA VAL F 37 -5.10 23.25 -15.67
C VAL F 37 -4.54 24.31 -14.74
N GLN F 38 -3.38 24.03 -14.16
CA GLN F 38 -2.70 24.97 -13.27
C GLN F 38 -1.73 25.82 -14.07
N ASN F 39 -1.83 27.14 -13.91
CA ASN F 39 -0.96 28.07 -14.60
C ASN F 39 -0.22 29.02 -13.68
N SER F 40 -0.45 28.95 -12.37
CA SER F 40 0.19 29.83 -11.40
C SER F 40 1.15 29.04 -10.53
N SER F 41 2.08 29.77 -9.92
CA SER F 41 3.06 29.16 -9.04
C SER F 41 3.23 30.04 -7.81
N ILE F 42 3.69 29.40 -6.73
CA ILE F 42 4.04 30.14 -5.53
C ILE F 42 5.19 31.09 -5.79
N GLY F 43 6.07 30.73 -6.72
CA GLY F 43 7.26 31.50 -6.99
C GLY F 43 8.52 31.01 -6.31
N GLU F 44 8.47 29.83 -5.68
CA GLU F 44 9.61 29.32 -4.93
C GLU F 44 9.48 27.81 -4.83
N ILE F 45 10.56 27.18 -4.36
CA ILE F 45 10.65 25.73 -4.23
C ILE F 45 10.51 25.38 -2.75
N CYS F 46 9.53 24.56 -2.42
CA CYS F 46 9.25 24.21 -1.04
C CYS F 46 10.25 23.18 -0.53
N ASP F 47 10.72 23.40 0.71
CA ASP F 47 11.68 22.49 1.33
C ASP F 47 11.07 21.18 1.76
N SER F 48 9.73 21.05 1.70
CA SER F 48 9.02 19.84 2.05
C SER F 48 8.09 19.45 0.92
N PRO F 49 7.79 18.15 0.77
CA PRO F 49 8.27 17.02 1.56
C PRO F 49 9.61 16.49 1.05
N HIS F 50 10.00 16.87 -0.17
CA HIS F 50 11.25 16.40 -0.75
C HIS F 50 12.42 17.21 -0.20
N GLN F 51 13.56 16.56 -0.01
CA GLN F 51 14.76 17.21 0.49
C GLN F 51 15.42 17.98 -0.65
N ILE F 52 15.59 19.29 -0.46
CA ILE F 52 16.09 20.18 -1.49
C ILE F 52 17.48 20.67 -1.10
N LEU F 53 18.43 20.54 -2.02
CA LEU F 53 19.77 21.08 -1.86
C LEU F 53 20.00 22.14 -2.91
N ASP F 54 20.39 23.34 -2.47
CA ASP F 54 20.63 24.47 -3.36
C ASP F 54 22.11 24.57 -3.67
N GLY F 55 22.45 24.47 -4.95
CA GLY F 55 23.85 24.58 -5.35
C GLY F 55 24.41 25.98 -5.28
N GLU F 56 23.55 27.00 -5.33
CA GLU F 56 23.94 28.41 -5.27
C GLU F 56 24.93 28.67 -6.41
N ASN F 57 26.16 29.09 -6.14
CA ASN F 57 27.14 29.36 -7.19
C ASN F 57 27.81 28.10 -7.70
N CYS F 58 27.49 26.93 -7.14
CA CYS F 58 28.15 25.69 -7.46
C CYS F 58 27.26 24.80 -8.32
N THR F 59 27.85 24.19 -9.34
CA THR F 59 27.18 23.16 -10.11
C THR F 59 27.38 21.81 -9.44
N LEU F 60 26.49 20.86 -9.77
CA LEU F 60 26.61 19.52 -9.21
C LEU F 60 27.96 18.90 -9.56
N ILE F 61 28.39 19.06 -10.80
CA ILE F 61 29.69 18.56 -11.21
C ILE F 61 30.80 19.26 -10.41
N ASP F 62 30.74 20.59 -10.32
CA ASP F 62 31.75 21.33 -9.58
C ASP F 62 31.89 20.83 -8.15
N ALA F 63 30.76 20.53 -7.49
CA ALA F 63 30.83 19.96 -6.15
C ALA F 63 31.38 18.55 -6.16
N LEU F 64 31.15 17.81 -7.24
CA LEU F 64 31.70 16.46 -7.36
C LEU F 64 33.23 16.48 -7.34
N LEU F 65 33.84 17.31 -8.20
CA LEU F 65 35.30 17.34 -8.25
C LEU F 65 35.88 17.98 -7.00
N GLY F 66 35.26 19.03 -6.47
CA GLY F 66 35.83 19.67 -5.30
C GLY F 66 36.24 21.12 -5.50
N ASP F 67 35.49 21.87 -6.29
CA ASP F 67 35.73 23.30 -6.43
C ASP F 67 35.75 23.94 -5.04
N PRO F 68 36.71 24.80 -4.73
CA PRO F 68 36.83 25.32 -3.36
C PRO F 68 35.59 26.06 -2.88
N GLN F 69 34.81 26.63 -3.81
CA GLN F 69 33.53 27.23 -3.44
C GLN F 69 32.50 26.18 -3.06
N CYS F 70 32.72 24.92 -3.42
CA CYS F 70 31.75 23.86 -3.21
C CYS F 70 32.11 22.93 -2.06
N ASP F 71 33.11 23.30 -1.25
CA ASP F 71 33.53 22.44 -0.14
C ASP F 71 32.42 22.27 0.90
N GLY F 72 31.43 23.15 0.92
CA GLY F 72 30.31 23.00 1.82
C GLY F 72 29.31 21.93 1.42
N PHE F 73 29.47 21.35 0.23
CA PHE F 73 28.60 20.30 -0.26
C PHE F 73 29.19 18.90 -0.07
N GLN F 74 30.26 18.79 0.72
CA GLN F 74 30.92 17.51 0.88
C GLN F 74 30.04 16.52 1.65
N ASN F 75 29.96 15.29 1.13
CA ASN F 75 29.26 14.19 1.79
C ASN F 75 27.81 14.56 2.11
N LYS F 76 27.15 15.24 1.17
CA LYS F 76 25.78 15.70 1.36
C LYS F 76 24.86 14.99 0.37
N LYS F 77 23.75 14.49 0.89
CA LYS F 77 22.72 13.87 0.06
C LYS F 77 21.64 14.89 -0.30
N TRP F 78 20.80 14.52 -1.27
CA TRP F 78 19.73 15.39 -1.71
C TRP F 78 18.68 14.57 -2.44
N ASP F 79 17.42 14.97 -2.30
CA ASP F 79 16.36 14.43 -3.13
C ASP F 79 16.21 15.20 -4.44
N LEU F 80 16.57 16.48 -4.45
CA LEU F 80 16.55 17.27 -5.67
C LEU F 80 17.66 18.32 -5.58
N PHE F 81 18.53 18.33 -6.58
CA PHE F 81 19.64 19.28 -6.64
C PHE F 81 19.24 20.44 -7.55
N VAL F 82 19.25 21.65 -7.00
CA VAL F 82 18.82 22.84 -7.75
C VAL F 82 20.07 23.54 -8.27
N GLU F 83 20.22 23.56 -9.58
CA GLU F 83 21.35 24.20 -10.25
C GLU F 83 20.96 25.61 -10.67
N ARG F 84 21.69 26.61 -10.16
CA ARG F 84 21.38 28.00 -10.44
C ARG F 84 22.18 28.47 -11.65
N SER F 85 21.53 29.31 -12.47
CA SER F 85 22.24 29.93 -13.59
C SER F 85 23.31 30.90 -13.13
N LYS F 86 23.18 31.42 -11.91
CA LYS F 86 24.23 32.24 -11.30
C LYS F 86 25.26 31.30 -10.69
N ALA F 87 26.08 30.72 -11.57
CA ALA F 87 27.08 29.76 -11.17
C ALA F 87 28.38 30.06 -11.90
N TYR F 88 29.49 29.59 -11.32
CA TYR F 88 30.80 29.75 -11.93
C TYR F 88 31.69 28.60 -11.47
N SER F 89 32.94 28.62 -11.91
CA SER F 89 33.90 27.59 -11.53
C SER F 89 35.29 28.25 -11.50
N ASN F 90 35.81 28.51 -10.31
CA ASN F 90 37.18 29.00 -10.15
C ASN F 90 38.04 27.81 -9.73
N CYS F 91 38.61 27.15 -10.73
CA CYS F 91 39.54 26.03 -10.52
C CYS F 91 40.20 25.75 -11.87
N TYR F 92 40.95 24.66 -11.93
CA TYR F 92 41.59 24.25 -13.17
C TYR F 92 40.51 23.99 -14.23
N PRO F 93 40.70 24.47 -15.45
CA PRO F 93 39.70 24.25 -16.50
C PRO F 93 39.51 22.77 -16.75
N TYR F 94 38.25 22.32 -16.72
CA TYR F 94 37.96 20.92 -16.95
C TYR F 94 37.05 20.76 -18.16
N ASP F 95 37.12 19.57 -18.76
CA ASP F 95 36.21 19.14 -19.80
C ASP F 95 35.76 17.74 -19.47
N VAL F 96 34.46 17.54 -19.31
CA VAL F 96 33.94 16.22 -18.99
C VAL F 96 33.26 15.66 -20.23
N PRO F 97 33.89 14.72 -20.94
CA PRO F 97 33.18 14.02 -22.01
C PRO F 97 31.96 13.31 -21.45
N ASP F 98 30.83 13.44 -22.14
CA ASP F 98 29.53 13.00 -21.63
C ASP F 98 29.24 13.64 -20.27
N TYR F 99 29.34 14.97 -20.23
CA TYR F 99 29.04 15.72 -19.01
C TYR F 99 27.62 15.45 -18.55
N ALA F 100 26.68 15.35 -19.50
CA ALA F 100 25.28 15.12 -19.14
C ALA F 100 25.08 13.79 -18.43
N SER F 101 25.74 12.73 -18.91
CA SER F 101 25.58 11.42 -18.31
C SER F 101 26.12 11.39 -16.88
N LEU F 102 27.29 12.00 -16.65
CA LEU F 102 27.83 12.08 -15.30
C LEU F 102 26.91 12.91 -14.40
N ARG F 103 26.38 14.01 -14.94
CA ARG F 103 25.42 14.81 -14.18
C ARG F 103 24.18 13.99 -13.82
N SER F 104 23.65 13.23 -14.77
CA SER F 104 22.52 12.36 -14.49
C SER F 104 22.90 11.26 -13.51
N LEU F 105 24.11 10.72 -13.64
CA LEU F 105 24.56 9.66 -12.73
C LEU F 105 24.52 10.12 -11.29
N VAL F 106 25.16 11.26 -11.00
CA VAL F 106 25.23 11.76 -9.63
C VAL F 106 23.87 12.22 -9.15
N ALA F 107 23.09 12.85 -10.03
CA ALA F 107 21.77 13.34 -9.65
C ALA F 107 20.84 12.19 -9.25
N SER F 108 20.74 11.17 -10.11
CA SER F 108 19.90 10.02 -9.78
C SER F 108 20.45 9.25 -8.59
N SER F 109 21.77 9.27 -8.40
CA SER F 109 22.35 8.69 -7.19
C SER F 109 21.87 9.42 -5.96
N GLY F 110 21.67 10.73 -6.07
CA GLY F 110 21.19 11.53 -4.94
C GLY F 110 22.14 11.55 -3.78
N THR F 111 23.45 11.54 -4.05
CA THR F 111 24.40 11.42 -2.96
C THR F 111 25.77 11.92 -3.40
N LEU F 112 26.43 12.63 -2.49
CA LEU F 112 27.81 13.08 -2.68
C LEU F 112 28.74 12.49 -1.62
N GLU F 113 28.39 11.33 -1.07
CA GLU F 113 29.25 10.67 -0.10
C GLU F 113 30.55 10.26 -0.77
N PHE F 114 31.66 10.77 -0.25
CA PHE F 114 33.00 10.37 -0.68
C PHE F 114 33.68 9.66 0.49
N ASN F 115 34.30 8.53 0.21
CA ASN F 115 35.08 7.80 1.20
C ASN F 115 36.53 7.75 0.72
N ASN F 116 37.44 8.18 1.59
CA ASN F 116 38.85 8.26 1.21
C ASN F 116 39.47 6.88 1.13
N GLU F 117 40.41 6.72 0.20
CA GLU F 117 41.17 5.50 0.03
C GLU F 117 42.64 5.83 -0.10
N SER F 118 43.48 4.89 0.29
CA SER F 118 44.94 5.06 0.26
C SER F 118 45.50 4.23 -0.89
N PHE F 119 45.92 4.90 -1.95
CA PHE F 119 46.55 4.25 -3.08
C PHE F 119 48.07 4.28 -2.92
N ASN F 120 48.73 3.28 -3.49
CA ASN F 120 50.19 3.17 -3.41
C ASN F 120 50.83 4.01 -4.51
N TRP F 121 50.69 5.33 -4.35
CA TRP F 121 51.35 6.29 -5.24
C TRP F 121 52.78 6.47 -4.75
N THR F 122 53.65 5.57 -5.18
CA THR F 122 55.05 5.55 -4.77
C THR F 122 55.93 6.07 -5.90
N GLY F 123 56.92 6.88 -5.54
CA GLY F 123 57.81 7.47 -6.51
C GLY F 123 57.28 8.72 -7.19
N VAL F 124 56.10 9.20 -6.81
CA VAL F 124 55.50 10.38 -7.40
C VAL F 124 55.12 11.34 -6.28
N THR F 125 54.94 12.60 -6.65
CA THR F 125 54.55 13.63 -5.70
C THR F 125 53.04 13.80 -5.72
N GLN F 126 52.42 13.72 -4.54
CA GLN F 126 50.98 13.80 -4.40
C GLN F 126 50.56 15.23 -4.07
N ASN F 127 49.24 15.43 -3.99
CA ASN F 127 48.65 16.70 -3.56
C ASN F 127 49.14 17.87 -4.42
N GLY F 128 49.25 17.64 -5.73
CA GLY F 128 49.66 18.70 -6.61
C GLY F 128 48.66 19.83 -6.64
N THR F 129 49.17 21.06 -6.68
CA THR F 129 48.35 22.26 -6.62
C THR F 129 48.58 23.13 -7.85
N SER F 130 47.76 24.17 -7.99
CA SER F 130 47.88 25.11 -9.09
C SER F 130 47.33 26.46 -8.66
N SER F 131 47.69 27.49 -9.42
CA SER F 131 47.31 28.86 -9.11
C SER F 131 46.03 29.29 -9.81
N ALA F 132 45.25 28.35 -10.33
CA ALA F 132 43.92 28.63 -10.86
C ALA F 132 42.81 28.18 -9.91
N CYS F 133 43.15 27.43 -8.87
CA CYS F 133 42.20 26.88 -7.91
C CYS F 133 42.63 27.39 -6.54
N ILE F 134 42.17 28.57 -6.16
CA ILE F 134 42.63 29.23 -4.94
C ILE F 134 41.70 28.82 -3.79
N ARG F 135 42.30 28.28 -2.73
CA ARG F 135 41.59 27.94 -1.51
C ARG F 135 42.36 28.50 -0.31
N ARG F 136 41.65 29.25 0.54
CA ARG F 136 42.25 29.84 1.74
C ARG F 136 43.44 30.72 1.39
N SER F 137 43.33 31.47 0.30
CA SER F 137 44.39 32.35 -0.20
C SER F 137 45.69 31.59 -0.40
N ASN F 138 45.59 30.40 -0.98
CA ASN F 138 46.75 29.57 -1.29
C ASN F 138 46.42 28.68 -2.48
N SER F 139 47.43 28.43 -3.31
CA SER F 139 47.24 27.61 -4.50
C SER F 139 46.83 26.19 -4.12
N SER F 140 45.87 25.64 -4.86
CA SER F 140 45.28 24.35 -4.51
C SER F 140 44.72 23.70 -5.76
N PHE F 141 43.91 22.67 -5.57
CA PHE F 141 43.32 21.89 -6.65
C PHE F 141 41.95 21.39 -6.20
N PHE F 142 41.40 20.44 -6.95
CA PHE F 142 40.14 19.82 -6.56
C PHE F 142 40.34 18.94 -5.34
N SER F 143 39.39 19.02 -4.40
CA SER F 143 39.53 18.29 -3.14
C SER F 143 39.36 16.80 -3.34
N ARG F 144 38.62 16.38 -4.36
CA ARG F 144 38.39 14.97 -4.63
C ARG F 144 39.33 14.40 -5.68
N LEU F 145 40.33 15.18 -6.11
CA LEU F 145 41.28 14.74 -7.13
C LEU F 145 42.70 14.92 -6.60
N ASN F 146 43.59 14.06 -7.07
CA ASN F 146 44.99 14.05 -6.66
C ASN F 146 45.87 14.28 -7.88
N TRP F 147 46.57 15.41 -7.92
CA TRP F 147 47.46 15.74 -9.02
C TRP F 147 48.84 15.19 -8.73
N LEU F 148 49.37 14.38 -9.65
CA LEU F 148 50.64 13.70 -9.46
C LEU F 148 51.72 14.38 -10.30
N THR F 149 52.84 14.72 -9.65
CA THR F 149 53.99 15.34 -10.27
C THR F 149 55.20 14.44 -10.05
N HIS F 150 56.24 14.62 -10.88
CA HIS F 150 57.44 13.82 -10.74
C HIS F 150 58.06 14.01 -9.36
N LEU F 151 58.70 12.97 -8.86
CA LEU F 151 59.44 13.00 -7.61
C LEU F 151 60.92 12.88 -7.89
N ASN F 152 61.70 13.83 -7.41
CA ASN F 152 63.14 13.90 -7.67
C ASN F 152 63.41 13.86 -9.17
N TYR F 153 62.53 14.54 -9.93
CA TYR F 153 62.63 14.65 -11.38
C TYR F 153 62.57 13.28 -12.06
N LYS F 154 61.75 12.38 -11.49
CA LYS F 154 61.47 11.10 -12.11
C LYS F 154 59.99 10.78 -11.94
N TYR F 155 59.43 10.07 -12.92
CA TYR F 155 58.03 9.65 -12.89
C TYR F 155 57.98 8.15 -13.17
N PRO F 156 58.11 7.32 -12.14
CA PRO F 156 58.02 5.86 -12.36
C PRO F 156 56.62 5.46 -12.80
N ALA F 157 56.56 4.37 -13.57
CA ALA F 157 55.29 3.86 -14.03
C ALA F 157 54.41 3.44 -12.86
N LEU F 158 53.15 3.82 -12.90
CA LEU F 158 52.21 3.55 -11.82
C LEU F 158 51.33 2.36 -12.17
N ASN F 159 51.12 1.49 -11.17
CA ASN F 159 50.25 0.32 -11.33
C ASN F 159 49.66 0.03 -9.95
N VAL F 160 48.41 0.45 -9.73
CA VAL F 160 47.79 0.41 -8.42
C VAL F 160 46.46 -0.32 -8.49
N THR F 161 46.04 -0.89 -7.36
CA THR F 161 44.83 -1.68 -7.24
C THR F 161 43.93 -1.15 -6.13
N MET F 162 42.62 -1.21 -6.37
CA MET F 162 41.64 -0.92 -5.32
C MET F 162 40.41 -1.78 -5.60
N PRO F 163 40.29 -2.93 -4.94
CA PRO F 163 39.11 -3.78 -5.13
C PRO F 163 37.90 -3.23 -4.39
N ASN F 164 36.74 -3.76 -4.74
CA ASN F 164 35.47 -3.44 -4.08
C ASN F 164 35.04 -4.65 -3.27
N ASN F 165 35.30 -4.62 -1.98
CA ASN F 165 34.85 -5.66 -1.06
C ASN F 165 33.51 -5.32 -0.41
N GLU F 166 32.95 -4.15 -0.70
CA GLU F 166 31.65 -3.77 -0.18
C GLU F 166 30.55 -4.40 -1.02
N GLN F 167 29.33 -4.35 -0.49
CA GLN F 167 28.17 -4.90 -1.18
C GLN F 167 27.42 -3.87 -2.01
N PHE F 168 27.90 -2.63 -2.08
CA PHE F 168 27.30 -1.60 -2.91
C PHE F 168 28.22 -1.29 -4.09
N ASP F 169 27.81 -0.32 -4.90
CA ASP F 169 28.52 0.02 -6.13
C ASP F 169 29.37 1.27 -5.91
N LYS F 170 30.61 1.22 -6.39
CA LYS F 170 31.59 2.27 -6.18
C LYS F 170 31.78 3.06 -7.47
N LEU F 171 31.80 4.38 -7.36
CA LEU F 171 32.06 5.27 -8.49
C LEU F 171 33.40 5.96 -8.29
N TYR F 172 34.19 6.02 -9.36
CA TYR F 172 35.53 6.60 -9.32
C TYR F 172 35.62 7.74 -10.31
N ILE F 173 36.12 8.89 -9.84
CA ILE F 173 36.31 10.07 -10.68
C ILE F 173 37.83 10.27 -10.82
N TRP F 174 38.32 10.12 -12.04
CA TRP F 174 39.74 10.35 -12.34
C TRP F 174 39.85 11.27 -13.53
N GLY F 175 41.07 11.75 -13.79
CA GLY F 175 41.28 12.71 -14.85
C GLY F 175 42.63 12.55 -15.52
N VAL F 176 42.74 13.15 -16.70
CA VAL F 176 43.97 13.20 -17.46
C VAL F 176 44.32 14.66 -17.70
N HIS F 177 45.60 14.99 -17.56
CA HIS F 177 46.08 16.35 -17.74
C HIS F 177 46.59 16.56 -19.17
N HIS F 178 46.22 17.69 -19.75
CA HIS F 178 46.68 18.08 -21.08
C HIS F 178 47.40 19.42 -20.98
N PRO F 179 48.73 19.41 -20.93
CA PRO F 179 49.46 20.68 -20.90
C PRO F 179 49.31 21.43 -22.21
N GLY F 180 49.39 22.76 -22.13
CA GLY F 180 49.46 23.57 -23.33
C GLY F 180 50.85 23.67 -23.93
N THR F 181 51.87 23.34 -23.15
CA THR F 181 53.26 23.44 -23.57
C THR F 181 53.98 22.14 -23.23
N ASP F 182 54.81 21.66 -24.17
CA ASP F 182 55.66 20.52 -23.85
C ASP F 182 56.60 20.83 -22.70
N LYS F 183 56.97 22.10 -22.54
CA LYS F 183 57.78 22.51 -21.39
C LYS F 183 57.06 22.20 -20.08
N ASP F 184 55.75 22.46 -20.04
CA ASP F 184 54.97 22.15 -18.85
C ASP F 184 54.81 20.64 -18.67
N GLN F 185 54.72 19.89 -19.77
CA GLN F 185 54.69 18.44 -19.68
C GLN F 185 55.94 17.90 -19.01
N ILE F 186 57.11 18.44 -19.38
CA ILE F 186 58.35 18.01 -18.78
C ILE F 186 58.50 18.55 -17.36
N PHE F 187 58.03 19.78 -17.12
CA PHE F 187 58.13 20.36 -15.77
C PHE F 187 57.36 19.52 -14.75
N LEU F 188 56.09 19.23 -15.04
CA LEU F 188 55.27 18.50 -14.07
C LEU F 188 55.44 16.99 -14.12
N TYR F 189 56.03 16.44 -15.18
CA TYR F 189 56.08 14.99 -15.30
C TYR F 189 57.43 14.45 -15.73
N ALA F 190 58.40 15.30 -16.09
CA ALA F 190 59.76 14.91 -16.44
C ALA F 190 59.83 13.94 -17.62
N GLN F 191 58.72 13.75 -18.33
CA GLN F 191 58.68 12.83 -19.46
C GLN F 191 57.89 13.48 -20.59
N SER F 192 58.10 12.96 -21.80
CA SER F 192 57.36 13.41 -22.97
C SER F 192 56.12 12.56 -23.15
N SER F 193 54.95 13.20 -23.10
CA SER F 193 53.65 12.55 -23.24
C SER F 193 53.42 11.49 -22.17
N GLY F 194 52.32 10.76 -22.28
CA GLY F 194 52.00 9.76 -21.28
C GLY F 194 50.89 8.85 -21.77
N ARG F 195 50.39 8.04 -20.82
CA ARG F 195 49.29 7.11 -21.10
C ARG F 195 48.72 6.57 -19.80
N ILE F 196 47.40 6.62 -19.64
CA ILE F 196 46.74 6.11 -18.43
C ILE F 196 45.65 5.14 -18.86
N THR F 197 45.58 4.00 -18.17
CA THR F 197 44.60 2.96 -18.45
C THR F 197 43.93 2.57 -17.14
N VAL F 198 42.65 2.90 -17.02
CA VAL F 198 41.85 2.52 -15.86
C VAL F 198 40.93 1.37 -16.29
N SER F 199 41.04 0.24 -15.61
CA SER F 199 40.37 -0.97 -16.03
C SER F 199 39.70 -1.67 -14.86
N THR F 200 38.64 -2.41 -15.17
CA THR F 200 37.97 -3.31 -14.24
C THR F 200 37.88 -4.68 -14.92
N LYS F 201 37.32 -5.66 -14.20
CA LYS F 201 37.13 -6.97 -14.79
C LYS F 201 36.17 -6.95 -15.98
N ARG F 202 35.29 -5.94 -16.04
CA ARG F 202 34.32 -5.82 -17.12
C ARG F 202 34.59 -4.64 -18.04
N SER F 203 35.03 -3.51 -17.50
CA SER F 203 35.18 -2.28 -18.27
C SER F 203 36.66 -1.91 -18.40
N GLN F 204 37.00 -1.31 -19.53
CA GLN F 204 38.34 -0.79 -19.78
C GLN F 204 38.25 0.61 -20.36
N GLN F 205 39.02 1.53 -19.81
CA GLN F 205 39.15 2.89 -20.33
C GLN F 205 40.62 3.27 -20.37
N ALA F 206 41.03 3.94 -21.44
CA ALA F 206 42.42 4.33 -21.60
C ALA F 206 42.48 5.66 -22.34
N VAL F 207 43.06 6.67 -21.70
CA VAL F 207 43.14 8.02 -22.25
C VAL F 207 44.59 8.38 -22.49
N ILE F 208 44.85 9.01 -23.62
CA ILE F 208 46.18 9.54 -23.92
C ILE F 208 46.11 11.06 -23.79
N PRO F 209 47.19 11.71 -23.35
CA PRO F 209 47.18 13.17 -23.26
C PRO F 209 47.62 13.84 -24.55
N ASN F 210 47.08 15.03 -24.79
CA ASN F 210 47.42 15.85 -25.94
C ASN F 210 47.99 17.17 -25.46
N ILE F 211 49.08 17.60 -26.08
CA ILE F 211 49.74 18.85 -25.74
C ILE F 211 49.35 19.89 -26.79
N GLY F 212 48.81 21.01 -26.34
CA GLY F 212 48.40 22.07 -27.25
C GLY F 212 47.81 23.26 -26.52
N SER F 213 48.05 24.45 -27.06
CA SER F 213 47.51 25.66 -26.44
C SER F 213 46.00 25.70 -26.60
N ARG F 214 45.30 25.97 -25.50
CA ARG F 214 43.86 26.13 -25.47
C ARG F 214 43.53 27.52 -24.94
N PRO F 215 42.35 28.06 -25.28
CA PRO F 215 41.98 29.38 -24.76
C PRO F 215 42.16 29.50 -23.26
N ARG F 216 43.04 30.42 -22.86
CA ARG F 216 43.44 30.54 -21.47
C ARG F 216 42.28 31.04 -20.63
N ILE F 217 41.99 30.31 -19.54
CA ILE F 217 41.05 30.75 -18.52
C ILE F 217 41.71 30.51 -17.17
N ARG F 218 41.53 31.47 -16.26
CA ARG F 218 42.23 31.48 -14.97
C ARG F 218 43.74 31.49 -15.16
N ASP F 219 44.20 32.12 -16.24
CA ASP F 219 45.62 32.20 -16.63
C ASP F 219 46.22 30.83 -16.89
N ILE F 220 45.39 29.82 -17.16
CA ILE F 220 45.88 28.46 -17.37
C ILE F 220 45.53 28.01 -18.80
N PRO F 221 46.52 27.79 -19.66
CA PRO F 221 46.24 27.28 -21.01
C PRO F 221 46.20 25.76 -21.10
N SER F 222 46.29 25.05 -19.98
CA SER F 222 46.21 23.60 -19.96
C SER F 222 44.84 23.16 -19.47
N ARG F 223 44.44 21.96 -19.91
CA ARG F 223 43.10 21.44 -19.64
C ARG F 223 43.18 20.13 -18.86
N ILE F 224 42.05 19.78 -18.24
CA ILE F 224 41.88 18.52 -17.54
C ILE F 224 40.63 17.86 -18.08
N SER F 225 40.74 16.59 -18.47
CA SER F 225 39.60 15.82 -18.95
C SER F 225 39.17 14.84 -17.87
N ILE F 226 37.89 14.89 -17.50
CA ILE F 226 37.35 14.08 -16.42
C ILE F 226 36.71 12.82 -17.01
N TYR F 227 37.04 11.67 -16.44
CA TYR F 227 36.44 10.40 -16.81
C TYR F 227 35.96 9.70 -15.55
N TRP F 228 34.95 8.84 -15.70
CA TRP F 228 34.36 8.15 -14.57
C TRP F 228 34.37 6.66 -14.79
N THR F 229 34.53 5.91 -13.71
CA THR F 229 34.53 4.46 -13.72
C THR F 229 33.59 3.95 -12.64
N ILE F 230 32.94 2.83 -12.92
CA ILE F 230 32.06 2.15 -11.97
C ILE F 230 32.64 0.77 -11.72
N VAL F 231 32.88 0.46 -10.44
CA VAL F 231 33.32 -0.87 -10.03
C VAL F 231 32.25 -1.44 -9.11
N LYS F 232 31.86 -2.68 -9.37
CA LYS F 232 30.80 -3.37 -8.67
C LYS F 232 31.38 -4.36 -7.68
N PRO F 233 30.57 -4.86 -6.73
CA PRO F 233 31.11 -5.82 -5.75
C PRO F 233 31.74 -7.02 -6.42
N GLY F 234 32.89 -7.43 -5.88
CA GLY F 234 33.69 -8.49 -6.47
C GLY F 234 34.66 -8.06 -7.54
N ASP F 235 34.70 -6.78 -7.87
CA ASP F 235 35.58 -6.26 -8.92
C ASP F 235 36.69 -5.42 -8.32
N ILE F 236 37.72 -5.18 -9.14
CA ILE F 236 38.88 -4.39 -8.73
C ILE F 236 39.08 -3.26 -9.73
N LEU F 237 39.73 -2.20 -9.25
CA LEU F 237 40.08 -1.04 -10.07
C LEU F 237 41.58 -1.04 -10.29
N LEU F 238 41.99 -1.05 -11.56
CA LEU F 238 43.39 -1.11 -11.95
C LEU F 238 43.76 0.20 -12.66
N ILE F 239 44.77 0.88 -12.14
CA ILE F 239 45.27 2.12 -12.75
C ILE F 239 46.69 1.87 -13.21
N ASN F 240 46.92 2.01 -14.52
CA ASN F 240 48.23 1.77 -15.14
C ASN F 240 48.61 3.04 -15.89
N SER F 241 49.61 3.76 -15.38
CA SER F 241 49.93 5.09 -15.88
C SER F 241 51.42 5.25 -16.11
N THR F 242 51.75 6.11 -17.08
CA THR F 242 53.11 6.60 -17.27
C THR F 242 53.25 8.09 -17.00
N GLY F 243 52.14 8.80 -16.88
CA GLY F 243 52.17 10.23 -16.61
C GLY F 243 50.85 10.86 -16.92
N ASN F 244 50.74 12.15 -16.56
CA ASN F 244 49.56 12.96 -16.83
C ASN F 244 48.30 12.34 -16.23
N LEU F 245 48.42 11.79 -15.03
CA LEU F 245 47.30 11.15 -14.35
C LEU F 245 46.82 12.03 -13.20
N ILE F 246 45.52 12.31 -13.17
CA ILE F 246 44.87 12.92 -12.02
C ILE F 246 44.15 11.81 -11.29
N ALA F 247 44.71 11.40 -10.17
CA ALA F 247 44.28 10.20 -9.47
C ALA F 247 43.02 10.43 -8.65
N PRO F 248 42.21 9.40 -8.45
CA PRO F 248 41.14 9.49 -7.46
C PRO F 248 41.72 9.42 -6.05
N ARG F 249 41.06 10.13 -5.13
CA ARG F 249 41.42 10.08 -3.72
C ARG F 249 40.54 9.13 -2.93
N GLY F 250 39.66 8.40 -3.60
CA GLY F 250 38.69 7.54 -2.95
C GLY F 250 37.56 7.23 -3.91
N TYR F 251 36.35 7.08 -3.36
CA TYR F 251 35.22 6.67 -4.16
C TYR F 251 33.95 7.38 -3.71
N PHE F 252 32.98 7.41 -4.62
CA PHE F 252 31.63 7.89 -4.35
C PHE F 252 30.67 6.70 -4.30
N LYS F 253 29.80 6.69 -3.30
CA LYS F 253 28.75 5.68 -3.26
C LYS F 253 27.71 5.97 -4.33
N ILE F 254 27.20 4.92 -4.96
CA ILE F 254 26.17 5.03 -5.97
C ILE F 254 24.90 4.38 -5.42
N ARG F 255 23.82 5.16 -5.37
CA ARG F 255 22.53 4.70 -4.88
C ARG F 255 21.48 4.85 -5.98
N SER F 256 20.29 4.32 -5.70
CA SER F 256 19.15 4.44 -6.59
C SER F 256 17.94 4.88 -5.77
N GLY F 257 17.27 5.93 -6.22
CA GLY F 257 16.14 6.44 -5.48
C GLY F 257 15.42 7.53 -6.24
N LYS F 258 14.62 8.29 -5.50
CA LYS F 258 13.79 9.36 -6.08
C LYS F 258 14.55 10.68 -6.14
N SER F 259 15.73 10.66 -6.74
CA SER F 259 16.62 11.80 -6.75
C SER F 259 16.88 12.27 -8.18
N SER F 260 17.07 13.57 -8.34
CA SER F 260 17.29 14.17 -9.65
C SER F 260 17.87 15.56 -9.47
N ILE F 261 18.08 16.25 -10.59
CA ILE F 261 18.62 17.61 -10.62
C ILE F 261 17.67 18.48 -11.44
N MET F 262 17.45 19.71 -10.98
CA MET F 262 16.58 20.65 -11.66
C MET F 262 17.25 22.01 -11.73
N ARG F 263 17.21 22.63 -12.91
CA ARG F 263 17.79 23.95 -13.12
C ARG F 263 16.72 25.01 -12.93
N SER F 264 16.95 25.93 -12.00
CA SER F 264 16.00 27.00 -11.74
C SER F 264 16.73 28.15 -11.06
N ASP F 265 16.14 29.35 -11.17
CA ASP F 265 16.63 30.53 -10.49
C ASP F 265 15.63 31.06 -9.47
N ALA F 266 14.68 30.23 -9.07
CA ALA F 266 13.62 30.50 -8.10
C ALA F 266 14.11 30.21 -6.68
N PRO F 267 13.76 31.05 -5.71
CA PRO F 267 14.19 30.83 -4.33
C PRO F 267 13.60 29.55 -3.76
N ILE F 268 14.09 29.20 -2.56
CA ILE F 268 13.62 28.05 -1.81
C ILE F 268 13.07 28.56 -0.48
N GLY F 269 11.80 28.25 -0.21
CA GLY F 269 11.14 28.70 1.00
C GLY F 269 10.72 27.54 1.89
N LYS F 270 10.08 27.90 2.99
CA LYS F 270 9.57 26.93 3.96
C LYS F 270 8.09 26.69 3.66
N CYS F 271 7.78 25.51 3.15
CA CYS F 271 6.41 25.13 2.79
C CYS F 271 6.42 23.66 2.40
N LYS F 272 5.23 23.12 2.19
CA LYS F 272 5.04 21.75 1.74
C LYS F 272 4.37 21.75 0.39
N SER F 273 4.97 21.04 -0.58
CA SER F 273 4.41 20.95 -1.92
C SER F 273 5.02 19.73 -2.60
N GLU F 274 4.17 18.78 -3.01
CA GLU F 274 4.65 17.54 -3.61
C GLU F 274 5.13 17.72 -5.05
N CYS F 275 4.92 18.89 -5.65
CA CYS F 275 5.34 19.15 -7.01
C CYS F 275 6.32 20.31 -7.04
N ILE F 276 7.46 20.10 -7.72
CA ILE F 276 8.48 21.13 -7.88
C ILE F 276 8.72 21.32 -9.38
N THR F 277 8.70 22.57 -9.81
CA THR F 277 8.94 22.98 -11.19
C THR F 277 10.02 24.05 -11.19
N PRO F 278 10.69 24.27 -12.33
CA PRO F 278 11.67 25.35 -12.39
C PRO F 278 11.09 26.71 -12.04
N ASN F 279 9.83 26.96 -12.39
CA ASN F 279 9.18 28.21 -11.99
C ASN F 279 8.84 28.23 -10.50
N GLY F 280 8.88 27.10 -9.82
CA GLY F 280 8.57 27.02 -8.41
C GLY F 280 7.60 25.90 -8.11
N SER F 281 7.38 25.69 -6.81
CA SER F 281 6.42 24.69 -6.37
C SER F 281 5.00 25.10 -6.76
N ILE F 282 4.23 24.12 -7.22
CA ILE F 282 2.85 24.37 -7.65
C ILE F 282 1.94 23.33 -6.99
N PRO F 283 0.68 23.66 -6.75
CA PRO F 283 -0.24 22.69 -6.14
C PRO F 283 -0.57 21.55 -7.11
N ASN F 284 -0.94 20.41 -6.52
CA ASN F 284 -1.22 19.20 -7.29
C ASN F 284 -2.69 18.79 -7.15
N ASP F 285 -3.59 19.77 -7.22
CA ASP F 285 -5.02 19.46 -7.21
C ASP F 285 -5.56 19.21 -8.61
N LYS F 286 -5.31 20.13 -9.53
CA LYS F 286 -5.79 19.98 -10.90
C LYS F 286 -5.03 18.84 -11.59
N PRO F 287 -5.70 18.10 -12.47
CA PRO F 287 -5.02 17.00 -13.18
C PRO F 287 -3.92 17.46 -14.12
N PHE F 288 -3.96 18.70 -14.61
CA PHE F 288 -3.01 19.17 -15.60
C PHE F 288 -2.43 20.52 -15.17
N GLN F 289 -1.33 20.90 -15.81
CA GLN F 289 -0.64 22.14 -15.50
C GLN F 289 -0.04 22.72 -16.78
N ASN F 290 0.20 24.03 -16.75
CA ASN F 290 0.80 24.75 -17.87
C ASN F 290 1.94 25.65 -17.40
N VAL F 291 2.68 25.21 -16.38
CA VAL F 291 3.75 26.01 -15.82
C VAL F 291 5.06 25.69 -16.53
N ASN F 292 5.48 24.43 -16.47
CA ASN F 292 6.71 24.01 -17.10
C ASN F 292 6.64 22.52 -17.41
N ARG F 293 7.30 22.13 -18.50
CA ARG F 293 7.38 20.73 -18.87
C ARG F 293 8.30 19.93 -17.97
N ILE F 294 9.05 20.58 -17.10
CA ILE F 294 9.97 19.93 -16.17
C ILE F 294 9.29 19.86 -14.81
N THR F 295 9.14 18.64 -14.27
CA THR F 295 8.48 18.42 -13.00
C THR F 295 9.30 17.47 -12.15
N TYR F 296 9.10 17.54 -10.84
CA TYR F 296 9.68 16.60 -9.89
C TYR F 296 8.69 16.36 -8.76
N GLY F 297 8.42 15.09 -8.47
CA GLY F 297 7.48 14.72 -7.44
C GLY F 297 6.12 14.36 -8.00
N ALA F 298 5.13 14.34 -7.10
CA ALA F 298 3.73 14.07 -7.47
C ALA F 298 3.18 15.30 -8.15
N CYS F 299 3.15 15.29 -9.48
CA CYS F 299 2.90 16.51 -10.24
C CYS F 299 1.74 16.32 -11.21
N PRO F 300 0.99 17.38 -11.47
CA PRO F 300 0.05 17.37 -12.60
C PRO F 300 0.80 17.28 -13.92
N ARG F 301 0.13 16.72 -14.92
CA ARG F 301 0.75 16.51 -16.22
C ARG F 301 0.75 17.82 -17.01
N TYR F 302 1.91 18.15 -17.60
CA TYR F 302 2.02 19.37 -18.38
C TYR F 302 1.27 19.21 -19.70
N VAL F 303 0.49 20.22 -20.06
CA VAL F 303 -0.22 20.28 -21.33
C VAL F 303 -0.01 21.66 -21.93
N LYS F 304 -0.18 21.74 -23.26
CA LYS F 304 0.08 22.98 -23.97
C LYS F 304 -1.05 24.00 -23.85
N GLN F 305 -2.20 23.61 -23.32
CA GLN F 305 -3.34 24.51 -23.24
C GLN F 305 -3.28 25.36 -21.98
N SER F 306 -3.87 26.55 -22.06
CA SER F 306 -3.87 27.49 -20.95
C SER F 306 -4.98 27.21 -19.94
N THR F 307 -6.19 26.88 -20.42
CA THR F 307 -7.29 26.58 -19.52
C THR F 307 -8.16 25.49 -20.13
N LEU F 308 -8.55 24.53 -19.29
CA LEU F 308 -9.49 23.48 -19.66
C LEU F 308 -10.49 23.38 -18.51
N LYS F 309 -11.68 23.94 -18.71
CA LYS F 309 -12.67 24.09 -17.66
C LYS F 309 -13.66 22.94 -17.70
N LEU F 310 -13.86 22.29 -16.55
CA LEU F 310 -14.81 21.21 -16.40
C LEU F 310 -16.11 21.73 -15.82
N ALA F 311 -17.24 21.18 -16.29
CA ALA F 311 -18.54 21.63 -15.84
C ALA F 311 -18.93 20.91 -14.55
N THR F 312 -19.21 21.67 -13.50
CA THR F 312 -19.69 21.13 -12.23
C THR F 312 -21.17 21.41 -12.01
N GLY F 313 -21.88 21.87 -13.04
CA GLY F 313 -23.30 22.14 -12.94
C GLY F 313 -24.00 21.94 -14.27
N MET F 314 -25.23 22.44 -14.38
CA MET F 314 -26.01 22.32 -15.61
C MET F 314 -25.90 23.58 -16.45
N ARG F 315 -26.42 23.49 -17.67
CA ARG F 315 -26.44 24.64 -18.56
C ARG F 315 -27.25 25.78 -17.95
N ASN F 316 -26.69 26.98 -18.00
CA ASN F 316 -27.32 28.16 -17.42
C ASN F 316 -28.09 28.88 -18.52
N VAL F 317 -29.40 28.76 -18.50
CA VAL F 317 -30.27 29.59 -19.33
C VAL F 317 -30.82 30.71 -18.45
N PRO F 318 -30.50 31.97 -18.72
CA PRO F 318 -30.84 33.05 -17.78
C PRO F 318 -32.23 33.62 -18.05
N GLU F 319 -32.60 34.63 -17.24
CA GLU F 319 -33.90 35.28 -17.37
C GLU F 319 -33.82 36.74 -16.93
N GLY G 1 27.60 -9.88 14.16
CA GLY G 1 28.94 -9.38 13.88
C GLY G 1 29.62 -8.79 15.10
N ILE G 2 29.19 -9.23 16.29
CA ILE G 2 29.77 -8.72 17.53
C ILE G 2 31.21 -9.15 17.69
N PHE G 3 31.64 -10.20 17.00
CA PHE G 3 33.03 -10.65 17.05
C PHE G 3 33.83 -10.24 15.82
N GLY G 4 33.17 -9.77 14.77
CA GLY G 4 33.86 -9.29 13.60
C GLY G 4 34.57 -10.35 12.78
N ALA G 5 34.09 -11.59 12.82
CA ALA G 5 34.68 -12.67 12.04
C ALA G 5 33.93 -12.92 10.75
N ILE G 6 32.60 -13.05 10.80
CA ILE G 6 31.82 -13.36 9.62
C ILE G 6 31.85 -12.19 8.63
N ALA G 7 31.60 -10.99 9.12
CA ALA G 7 31.60 -9.79 8.28
C ALA G 7 32.88 -8.97 8.44
N GLY G 8 33.89 -9.53 9.11
CA GLY G 8 35.11 -8.78 9.38
C GLY G 8 36.35 -9.36 8.73
N PHE G 9 37.31 -9.82 9.55
CA PHE G 9 38.60 -10.22 9.00
C PHE G 9 38.49 -11.42 8.07
N ILE G 10 37.51 -12.28 8.27
CA ILE G 10 37.14 -13.31 7.31
C ILE G 10 35.99 -12.72 6.50
N GLU G 11 36.34 -11.98 5.45
CA GLU G 11 35.37 -11.23 4.68
C GLU G 11 34.79 -12.03 3.52
N ASN G 12 35.24 -13.26 3.31
CA ASN G 12 34.75 -14.08 2.21
C ASN G 12 34.29 -15.44 2.75
N GLY G 13 33.09 -15.84 2.36
CA GLY G 13 32.57 -17.16 2.66
C GLY G 13 32.78 -18.09 1.48
N TRP G 14 32.92 -19.37 1.77
CA TRP G 14 33.28 -20.37 0.76
C TRP G 14 32.05 -21.21 0.42
N GLU G 15 31.59 -21.09 -0.82
CA GLU G 15 30.55 -21.97 -1.32
C GLU G 15 31.08 -23.35 -1.68
N GLY G 16 32.40 -23.52 -1.72
CA GLY G 16 32.97 -24.83 -2.00
C GLY G 16 32.87 -25.81 -0.86
N MET G 17 32.74 -25.32 0.37
CA MET G 17 32.57 -26.19 1.53
C MET G 17 31.09 -26.59 1.62
N VAL G 18 30.82 -27.87 1.39
CA VAL G 18 29.46 -28.39 1.46
C VAL G 18 29.30 -29.45 2.55
N ASP G 19 30.38 -29.86 3.22
CA ASP G 19 30.32 -30.86 4.27
C ASP G 19 30.32 -30.26 5.67
N GLY G 20 30.27 -28.94 5.78
CA GLY G 20 30.25 -28.31 7.09
C GLY G 20 30.04 -26.82 6.97
N TRP G 21 29.76 -26.20 8.11
CA TRP G 21 29.56 -24.75 8.15
C TRP G 21 30.87 -23.99 8.26
N TYR G 22 31.83 -24.55 8.98
CA TYR G 22 33.15 -23.96 9.15
C TYR G 22 34.20 -24.98 8.76
N GLY G 23 35.37 -24.49 8.35
CA GLY G 23 36.38 -25.43 7.88
C GLY G 23 37.72 -24.76 7.65
N PHE G 24 38.64 -25.57 7.12
CA PHE G 24 40.03 -25.18 6.93
C PHE G 24 40.38 -25.26 5.45
N ARG G 25 41.26 -24.36 5.01
CA ARG G 25 41.81 -24.37 3.66
C ARG G 25 43.33 -24.20 3.76
N HIS G 26 44.07 -25.21 3.30
CA HIS G 26 45.51 -25.26 3.51
C HIS G 26 46.25 -25.17 2.18
N GLN G 27 47.43 -24.57 2.23
CA GLN G 27 48.36 -24.54 1.11
C GLN G 27 49.73 -24.96 1.64
N ASN G 28 50.27 -26.04 1.11
CA ASN G 28 51.56 -26.57 1.53
C ASN G 28 52.32 -27.04 0.29
N SER G 29 53.47 -27.67 0.51
CA SER G 29 54.29 -28.13 -0.61
C SER G 29 53.59 -29.21 -1.41
N GLU G 30 52.69 -29.98 -0.78
CA GLU G 30 51.97 -31.04 -1.46
C GLU G 30 50.78 -30.51 -2.26
N GLY G 31 50.50 -29.21 -2.18
CA GLY G 31 49.40 -28.64 -2.93
C GLY G 31 48.46 -27.83 -2.07
N ARG G 32 47.16 -27.90 -2.35
CA ARG G 32 46.18 -27.16 -1.57
C ARG G 32 44.90 -27.98 -1.47
N GLY G 33 44.20 -27.79 -0.35
CA GLY G 33 43.02 -28.59 -0.09
C GLY G 33 42.08 -27.89 0.88
N GLN G 34 40.94 -28.55 1.12
CA GLN G 34 39.87 -27.99 1.91
C GLN G 34 39.28 -29.07 2.79
N ALA G 35 38.95 -28.71 4.03
CA ALA G 35 38.31 -29.62 4.97
C ALA G 35 37.33 -28.83 5.82
N ALA G 36 36.51 -29.55 6.60
CA ALA G 36 35.49 -28.95 7.43
C ALA G 36 35.65 -29.41 8.87
N ASP G 37 35.30 -28.53 9.80
CA ASP G 37 35.30 -28.83 11.23
C ASP G 37 33.87 -29.21 11.62
N LEU G 38 33.65 -30.50 11.86
CA LEU G 38 32.30 -30.96 12.16
C LEU G 38 31.86 -30.55 13.57
N LYS G 39 32.82 -30.38 14.49
CA LYS G 39 32.45 -30.10 15.88
C LYS G 39 31.84 -28.72 16.03
N SER G 40 32.49 -27.69 15.49
CA SER G 40 31.94 -26.34 15.57
C SER G 40 30.67 -26.22 14.75
N THR G 41 30.62 -26.87 13.59
CA THR G 41 29.40 -26.90 12.81
C THR G 41 28.26 -27.52 13.61
N GLN G 42 28.52 -28.66 14.26
CA GLN G 42 27.48 -29.32 15.05
C GLN G 42 27.02 -28.42 16.21
N ALA G 43 27.95 -27.70 16.83
CA ALA G 43 27.58 -26.84 17.95
C ALA G 43 26.63 -25.74 17.50
N ALA G 44 26.93 -25.09 16.38
CA ALA G 44 26.04 -24.04 15.87
C ALA G 44 24.69 -24.63 15.43
N ILE G 45 24.71 -25.78 14.77
CA ILE G 45 23.45 -26.41 14.35
C ILE G 45 22.63 -26.81 15.57
N ASP G 46 23.27 -27.31 16.62
CA ASP G 46 22.53 -27.69 17.83
C ASP G 46 21.87 -26.49 18.49
N GLN G 47 22.57 -25.36 18.54
CA GLN G 47 21.99 -24.15 19.11
C GLN G 47 20.77 -23.69 18.31
N ILE G 48 20.88 -23.71 16.98
CA ILE G 48 19.77 -23.33 16.13
C ILE G 48 18.61 -24.31 16.30
N ASN G 49 18.92 -25.60 16.35
CA ASN G 49 17.87 -26.61 16.56
C ASN G 49 17.19 -26.40 17.91
N GLY G 50 17.95 -26.00 18.92
CA GLY G 50 17.35 -25.70 20.21
C GLY G 50 16.37 -24.53 20.13
N LYS G 51 16.70 -23.52 19.33
CA LYS G 51 15.78 -22.42 19.08
C LYS G 51 14.50 -22.93 18.42
N LEU G 52 14.66 -23.77 17.39
CA LEU G 52 13.50 -24.33 16.70
C LEU G 52 12.66 -25.20 17.62
N ASN G 53 13.32 -26.05 18.42
CA ASN G 53 12.60 -26.92 19.34
C ASN G 53 11.91 -26.15 20.46
N ARG G 54 12.32 -24.90 20.71
CA ARG G 54 11.58 -24.04 21.61
C ARG G 54 10.42 -23.34 20.92
N LEU G 55 10.46 -23.21 19.60
CA LEU G 55 9.46 -22.48 18.84
C LEU G 55 8.54 -23.40 18.04
N ILE G 56 9.11 -24.25 17.19
CA ILE G 56 8.31 -25.07 16.27
C ILE G 56 7.84 -26.32 16.98
N GLY G 57 6.54 -26.57 16.93
CA GLY G 57 5.93 -27.73 17.56
C GLY G 57 5.14 -27.42 18.81
N LYS G 58 5.20 -26.19 19.32
CA LYS G 58 4.49 -25.81 20.53
C LYS G 58 3.14 -25.22 20.13
N THR G 59 2.08 -25.99 20.32
CA THR G 59 0.74 -25.60 19.91
C THR G 59 -0.15 -25.42 21.13
N ASN G 60 -1.00 -24.39 21.09
CA ASN G 60 -1.93 -24.09 22.17
C ASN G 60 -3.35 -24.45 21.73
N GLU G 61 -4.10 -25.09 22.62
CA GLU G 61 -5.44 -25.57 22.30
C GLU G 61 -6.48 -24.61 22.87
N LYS G 62 -7.31 -24.06 21.98
CA LYS G 62 -8.45 -23.22 22.37
C LYS G 62 -9.67 -23.76 21.65
N PHE G 63 -10.71 -24.09 22.40
CA PHE G 63 -11.91 -24.71 21.82
C PHE G 63 -13.07 -23.72 21.66
N HIS G 64 -13.54 -23.14 22.76
CA HIS G 64 -14.69 -22.25 22.73
C HIS G 64 -14.24 -20.85 23.13
N GLN G 65 -14.43 -19.89 22.22
CA GLN G 65 -14.03 -18.51 22.46
C GLN G 65 -15.17 -17.57 22.14
N ILE G 66 -14.89 -16.26 22.12
CA ILE G 66 -15.92 -15.29 21.78
C ILE G 66 -16.06 -15.20 20.26
N GLU G 67 -17.22 -14.71 19.82
CA GLU G 67 -17.43 -14.45 18.41
C GLU G 67 -16.55 -13.30 17.96
N LYS G 68 -16.00 -13.42 16.75
CA LYS G 68 -15.09 -12.42 16.22
C LYS G 68 -15.57 -11.81 14.90
N GLU G 69 -16.73 -12.21 14.42
CA GLU G 69 -17.32 -11.63 13.20
C GLU G 69 -18.81 -11.45 13.44
N PHE G 70 -19.28 -10.21 13.37
CA PHE G 70 -20.66 -9.86 13.67
C PHE G 70 -21.35 -9.32 12.43
N SER G 71 -22.56 -9.80 12.17
CA SER G 71 -23.31 -9.43 10.97
C SER G 71 -24.18 -8.20 11.18
N GLU G 72 -24.68 -7.98 12.39
CA GLU G 72 -25.52 -6.84 12.70
C GLU G 72 -24.83 -5.99 13.76
N VAL G 73 -24.85 -4.67 13.56
CA VAL G 73 -24.12 -3.77 14.46
C VAL G 73 -24.92 -3.64 15.75
N GLU G 74 -24.37 -4.19 16.84
CA GLU G 74 -25.04 -4.26 18.12
C GLU G 74 -24.71 -3.07 19.02
N GLY G 75 -23.46 -2.62 19.00
CA GLY G 75 -23.07 -1.49 19.81
C GLY G 75 -22.04 -1.81 20.89
N ARG G 76 -22.43 -1.63 22.15
CA ARG G 76 -21.47 -1.67 23.25
C ARG G 76 -20.80 -3.03 23.37
N ILE G 77 -21.61 -4.10 23.45
CA ILE G 77 -21.04 -5.44 23.60
C ILE G 77 -20.24 -5.81 22.37
N GLN G 78 -20.77 -5.52 21.18
CA GLN G 78 -20.06 -5.82 19.94
C GLN G 78 -18.75 -5.05 19.85
N ASP G 79 -18.76 -3.77 20.24
CA ASP G 79 -17.54 -2.98 20.24
C ASP G 79 -16.49 -3.56 21.19
N LEU G 80 -16.94 -3.96 22.38
CA LEU G 80 -16.01 -4.55 23.36
C LEU G 80 -15.42 -5.85 22.83
N GLU G 81 -16.26 -6.71 22.27
CA GLU G 81 -15.77 -7.99 21.74
C GLU G 81 -14.76 -7.77 20.62
N LYS G 82 -14.99 -6.74 19.78
CA LYS G 82 -14.02 -6.38 18.77
C LYS G 82 -12.72 -5.89 19.40
N TYR G 83 -12.83 -5.09 20.47
CA TYR G 83 -11.64 -4.47 21.05
C TYR G 83 -10.71 -5.47 21.70
N VAL G 84 -11.25 -6.44 22.44
CA VAL G 84 -10.40 -7.42 23.11
C VAL G 84 -9.59 -8.23 22.09
N GLU G 85 -10.26 -8.69 21.04
CA GLU G 85 -9.57 -9.47 20.02
C GLU G 85 -8.52 -8.65 19.29
N ASP G 86 -8.85 -7.40 18.96
CA ASP G 86 -7.87 -6.54 18.30
C ASP G 86 -6.66 -6.29 19.21
N THR G 87 -6.90 -6.06 20.49
CA THR G 87 -5.80 -5.87 21.44
C THR G 87 -4.94 -7.12 21.54
N LYS G 88 -5.58 -8.30 21.62
CA LYS G 88 -4.84 -9.55 21.69
C LYS G 88 -3.98 -9.76 20.45
N ILE G 89 -4.55 -9.47 19.28
CA ILE G 89 -3.83 -9.65 18.03
C ILE G 89 -2.62 -8.72 17.97
N ASP G 90 -2.81 -7.45 18.34
CA ASP G 90 -1.72 -6.49 18.31
C ASP G 90 -0.60 -6.89 19.26
N LEU G 91 -0.95 -7.32 20.47
CA LEU G 91 0.07 -7.70 21.44
C LEU G 91 0.84 -8.93 20.99
N TRP G 92 0.13 -9.93 20.45
CA TRP G 92 0.82 -11.14 19.98
C TRP G 92 1.66 -10.86 18.74
N SER G 93 1.20 -9.95 17.87
CA SER G 93 2.00 -9.58 16.70
C SER G 93 3.29 -8.89 17.12
N TYR G 94 3.23 -8.01 18.11
CA TYR G 94 4.46 -7.39 18.62
C TYR G 94 5.38 -8.44 19.23
N ASN G 95 4.83 -9.39 19.98
CA ASN G 95 5.63 -10.45 20.55
C ASN G 95 6.33 -11.25 19.46
N ALA G 96 5.61 -11.57 18.38
CA ALA G 96 6.21 -12.31 17.27
C ALA G 96 7.31 -11.50 16.60
N GLU G 97 7.06 -10.22 16.35
CA GLU G 97 8.04 -9.40 15.65
C GLU G 97 9.30 -9.21 16.47
N LEU G 98 9.16 -8.95 17.77
CA LEU G 98 10.33 -8.84 18.63
C LEU G 98 11.07 -10.17 18.72
N LEU G 99 10.34 -11.28 18.71
CA LEU G 99 10.97 -12.59 18.80
C LEU G 99 11.88 -12.86 17.61
N VAL G 100 11.35 -12.69 16.39
CA VAL G 100 12.13 -13.04 15.20
C VAL G 100 13.34 -12.13 15.08
N ALA G 101 13.19 -10.84 15.38
CA ALA G 101 14.31 -9.92 15.31
C ALA G 101 15.41 -10.31 16.30
N LEU G 102 15.01 -10.61 17.55
CA LEU G 102 16.00 -11.00 18.55
C LEU G 102 16.65 -12.32 18.21
N GLU G 103 15.85 -13.31 17.76
CA GLU G 103 16.41 -14.62 17.45
C GLU G 103 17.37 -14.55 16.27
N ASN G 104 17.03 -13.77 15.24
CA ASN G 104 17.93 -13.60 14.12
C ASN G 104 19.23 -12.90 14.56
N GLN G 105 19.11 -11.90 15.43
CA GLN G 105 20.30 -11.23 15.94
C GLN G 105 21.21 -12.20 16.70
N HIS G 106 20.61 -13.00 17.59
CA HIS G 106 21.40 -13.97 18.36
C HIS G 106 21.97 -15.06 17.47
N THR G 107 21.22 -15.48 16.44
CA THR G 107 21.72 -16.49 15.53
C THR G 107 22.96 -16.00 14.78
N ILE G 108 22.93 -14.76 14.29
CA ILE G 108 24.09 -14.19 13.62
C ILE G 108 25.25 -14.10 14.59
N ASP G 109 25.00 -13.65 15.81
CA ASP G 109 26.06 -13.51 16.81
C ASP G 109 26.67 -14.87 17.18
N LEU G 110 25.82 -15.89 17.35
CA LEU G 110 26.33 -17.20 17.74
C LEU G 110 27.17 -17.82 16.63
N THR G 111 26.74 -17.66 15.38
CA THR G 111 27.54 -18.17 14.27
C THR G 111 28.89 -17.45 14.17
N ASP G 112 28.87 -16.13 14.40
CA ASP G 112 30.13 -15.39 14.50
C ASP G 112 30.99 -15.92 15.64
N SER G 113 30.37 -16.20 16.78
CA SER G 113 31.11 -16.70 17.93
C SER G 113 31.75 -18.05 17.66
N GLU G 114 31.01 -18.96 17.01
CA GLU G 114 31.57 -20.27 16.69
C GLU G 114 32.78 -20.14 15.78
N MET G 115 32.70 -19.23 14.79
CA MET G 115 33.83 -19.00 13.92
C MET G 115 35.02 -18.44 14.70
N ASN G 116 34.77 -17.48 15.59
CA ASN G 116 35.84 -16.89 16.37
C ASN G 116 36.46 -17.92 17.31
N LYS G 117 35.63 -18.78 17.90
CA LYS G 117 36.15 -19.82 18.80
C LYS G 117 37.07 -20.78 18.06
N LEU G 118 36.72 -21.16 16.83
CA LEU G 118 37.60 -22.01 16.05
C LEU G 118 38.92 -21.32 15.75
N PHE G 119 38.86 -20.02 15.45
CA PHE G 119 40.08 -19.26 15.15
C PHE G 119 41.01 -19.21 16.37
N GLU G 120 40.45 -18.87 17.53
CA GLU G 120 41.28 -18.78 18.73
C GLU G 120 41.80 -20.15 19.16
N LYS G 121 41.00 -21.20 18.97
CA LYS G 121 41.47 -22.55 19.29
C LYS G 121 42.67 -22.93 18.43
N THR G 122 42.60 -22.65 17.12
CA THR G 122 43.72 -22.93 16.24
C THR G 122 44.93 -22.08 16.59
N LYS G 123 44.70 -20.81 16.95
CA LYS G 123 45.80 -19.93 17.33
C LYS G 123 46.53 -20.44 18.57
N LYS G 124 45.77 -20.84 19.60
CA LYS G 124 46.39 -21.35 20.81
C LYS G 124 47.02 -22.72 20.59
N GLN G 125 46.49 -23.49 19.64
CA GLN G 125 47.11 -24.78 19.31
C GLN G 125 48.45 -24.58 18.61
N LEU G 126 48.53 -23.60 17.71
CA LEU G 126 49.76 -23.36 16.96
C LEU G 126 50.81 -22.64 17.80
N ARG G 127 50.40 -21.95 18.86
CA ARG G 127 51.32 -21.35 19.84
C ARG G 127 52.22 -20.36 19.12
N GLU G 128 53.54 -20.40 19.33
CA GLU G 128 54.48 -19.50 18.67
C GLU G 128 55.00 -20.06 17.36
N ASN G 129 54.44 -21.18 16.90
CA ASN G 129 54.89 -21.81 15.65
C ASN G 129 54.27 -21.15 14.42
N ALA G 130 53.33 -20.22 14.59
CA ALA G 130 52.68 -19.58 13.46
C ALA G 130 52.18 -18.21 13.90
N GLU G 131 51.83 -17.39 12.91
CA GLU G 131 51.39 -16.02 13.16
C GLU G 131 50.12 -15.73 12.37
N ASP G 132 49.37 -14.75 12.85
CA ASP G 132 48.08 -14.39 12.28
C ASP G 132 48.24 -13.28 11.25
N MET G 133 47.68 -13.50 10.06
CA MET G 133 47.72 -12.51 9.00
C MET G 133 46.59 -11.48 9.08
N GLY G 134 45.63 -11.68 9.98
CA GLY G 134 44.53 -10.75 10.10
C GLY G 134 43.41 -10.92 9.10
N ASN G 135 43.45 -11.96 8.27
CA ASN G 135 42.37 -12.26 7.34
C ASN G 135 41.72 -13.60 7.62
N GLY G 136 42.00 -14.21 8.77
CA GLY G 136 41.53 -15.54 9.06
C GLY G 136 42.50 -16.66 8.73
N CYS G 137 43.65 -16.35 8.13
CA CYS G 137 44.65 -17.33 7.78
C CYS G 137 45.85 -17.21 8.71
N PHE G 138 46.58 -18.32 8.83
CA PHE G 138 47.77 -18.40 9.68
C PHE G 138 48.98 -18.75 8.81
N LYS G 139 50.08 -18.04 9.05
CA LYS G 139 51.34 -18.33 8.37
C LYS G 139 52.15 -19.27 9.26
N ILE G 140 52.35 -20.50 8.79
CA ILE G 140 53.11 -21.51 9.53
C ILE G 140 54.56 -21.42 9.10
N TYR G 141 55.45 -21.14 10.04
CA TYR G 141 56.86 -20.95 9.72
C TYR G 141 57.66 -22.25 9.85
N HIS G 142 57.15 -23.32 9.27
CA HIS G 142 57.86 -24.60 9.27
C HIS G 142 57.18 -25.51 8.25
N LYS G 143 57.86 -26.61 7.92
CA LYS G 143 57.38 -27.52 6.90
C LYS G 143 56.21 -28.34 7.44
N CYS G 144 55.05 -28.21 6.81
CA CYS G 144 53.88 -29.03 7.12
C CYS G 144 53.57 -29.89 5.90
N ASP G 145 53.72 -31.20 6.05
CA ASP G 145 53.14 -32.13 5.09
C ASP G 145 51.64 -32.21 5.32
N ASN G 146 50.94 -32.93 4.44
CA ASN G 146 49.49 -33.03 4.56
C ASN G 146 49.07 -33.60 5.90
N ALA G 147 49.90 -34.45 6.50
CA ALA G 147 49.60 -34.95 7.85
C ALA G 147 49.73 -33.85 8.89
N CYS G 148 50.58 -32.85 8.65
CA CYS G 148 50.68 -31.71 9.55
C CYS G 148 49.37 -30.94 9.59
N ILE G 149 48.79 -30.66 8.43
CA ILE G 149 47.49 -30.00 8.40
C ILE G 149 46.43 -30.88 9.02
N GLY G 150 46.52 -32.19 8.79
CA GLY G 150 45.63 -33.12 9.46
C GLY G 150 45.77 -33.04 10.97
N SER G 151 47.01 -32.89 11.46
CA SER G 151 47.24 -32.78 12.89
C SER G 151 46.67 -31.48 13.45
N ILE G 152 46.65 -30.40 12.67
CA ILE G 152 46.04 -29.17 13.14
C ILE G 152 44.51 -29.31 13.17
N ARG G 153 43.94 -30.05 12.21
CA ARG G 153 42.49 -30.17 12.10
C ARG G 153 41.90 -31.28 12.96
N ASN G 154 42.68 -32.32 13.29
CA ASN G 154 42.19 -33.42 14.10
C ASN G 154 42.31 -33.15 15.60
N GLY G 155 43.19 -32.25 16.00
CA GLY G 155 43.49 -32.02 17.40
C GLY G 155 44.76 -32.67 17.91
N THR G 156 45.62 -33.18 17.04
CA THR G 156 46.84 -33.86 17.49
C THR G 156 48.09 -33.17 16.94
N TYR G 157 48.18 -31.86 17.06
CA TYR G 157 49.33 -31.10 16.61
C TYR G 157 50.24 -30.79 17.80
N ASP G 158 51.50 -31.21 17.73
CA ASP G 158 52.49 -30.96 18.77
C ASP G 158 53.38 -29.81 18.32
N HIS G 159 53.24 -28.67 19.00
CA HIS G 159 54.05 -27.51 18.65
C HIS G 159 55.51 -27.67 19.07
N ASN G 160 55.77 -28.47 20.10
CA ASN G 160 57.12 -28.61 20.63
C ASN G 160 58.04 -29.39 19.69
N VAL G 161 57.51 -30.00 18.64
CA VAL G 161 58.34 -30.70 17.67
C VAL G 161 58.83 -29.75 16.59
N TYR G 162 57.96 -28.84 16.13
CA TYR G 162 58.32 -27.85 15.12
C TYR G 162 58.72 -26.51 15.72
N ARG G 163 58.80 -26.41 17.04
CA ARG G 163 58.99 -25.11 17.69
C ARG G 163 60.32 -24.48 17.31
N ASP G 164 61.41 -25.25 17.36
CA ASP G 164 62.72 -24.70 17.03
C ASP G 164 62.79 -24.24 15.58
N GLU G 165 62.26 -25.05 14.66
CA GLU G 165 62.25 -24.66 13.25
C GLU G 165 61.40 -23.42 13.03
N ALA G 166 60.22 -23.36 13.66
CA ALA G 166 59.34 -22.22 13.49
C ALA G 166 59.96 -20.94 14.06
N LEU G 167 60.59 -21.03 15.23
CA LEU G 167 61.22 -19.86 15.81
C LEU G 167 62.37 -19.35 14.95
N ASN G 168 63.16 -20.26 14.39
CA ASN G 168 64.25 -19.86 13.50
C ASN G 168 63.71 -19.18 12.24
N ASN G 169 62.59 -19.69 11.70
CA ASN G 169 61.98 -19.04 10.54
C ASN G 169 61.31 -17.72 10.91
N ARG G 170 60.96 -17.53 12.18
CA ARG G 170 60.23 -16.34 12.59
C ARG G 170 61.17 -15.16 12.86
N PHE G 171 62.11 -15.35 13.77
CA PHE G 171 62.91 -14.26 14.31
C PHE G 171 64.33 -14.22 13.74
N GLN G 172 64.57 -14.91 12.63
CA GLN G 172 65.87 -14.84 11.98
C GLN G 172 65.71 -14.54 10.48
N GLY H 1 29.08 -19.90 26.56
CA GLY H 1 29.77 -20.59 25.49
C GLY H 1 30.05 -19.72 24.29
N ILE H 2 29.48 -18.51 24.29
CA ILE H 2 29.68 -17.59 23.17
C ILE H 2 31.14 -17.14 23.09
N PHE H 3 31.74 -16.85 24.25
CA PHE H 3 33.18 -16.58 24.29
C PHE H 3 34.00 -17.85 24.34
N GLY H 4 33.36 -19.00 24.58
CA GLY H 4 34.07 -20.26 24.61
C GLY H 4 35.11 -20.38 25.69
N ALA H 5 34.79 -19.94 26.91
CA ALA H 5 35.71 -20.02 28.03
C ALA H 5 35.23 -20.97 29.11
N ILE H 6 33.98 -20.82 29.57
CA ILE H 6 33.47 -21.68 30.63
C ILE H 6 33.28 -23.11 30.12
N ALA H 7 32.72 -23.27 28.93
CA ALA H 7 32.62 -24.57 28.29
C ALA H 7 33.65 -24.77 27.20
N GLY H 8 34.51 -23.79 26.96
CA GLY H 8 35.49 -23.87 25.88
C GLY H 8 36.84 -24.36 26.32
N PHE H 9 37.87 -23.51 26.22
CA PHE H 9 39.23 -23.96 26.52
C PHE H 9 39.38 -24.28 28.00
N ILE H 10 38.73 -23.52 28.88
CA ILE H 10 38.65 -23.89 30.30
C ILE H 10 37.41 -24.76 30.45
N GLU H 11 37.55 -26.02 30.10
CA GLU H 11 36.44 -26.98 30.22
C GLU H 11 36.57 -27.79 31.50
N ASN H 12 36.54 -27.07 32.62
CA ASN H 12 36.61 -27.70 33.94
C ASN H 12 36.23 -26.70 35.03
N GLY H 13 35.31 -27.10 35.91
CA GLY H 13 34.93 -26.29 37.05
C GLY H 13 35.57 -26.83 38.32
N TRP H 14 36.12 -25.92 39.11
CA TRP H 14 36.81 -26.30 40.34
C TRP H 14 35.83 -26.20 41.50
N GLU H 15 35.43 -27.35 42.04
CA GLU H 15 34.53 -27.36 43.19
C GLU H 15 35.21 -26.87 44.46
N GLY H 16 36.54 -26.83 44.48
CA GLY H 16 37.27 -26.27 45.59
C GLY H 16 37.34 -24.76 45.62
N MET H 17 36.79 -24.10 44.60
CA MET H 17 36.77 -22.64 44.53
C MET H 17 35.52 -22.12 45.23
N VAL H 18 35.53 -22.29 46.56
CA VAL H 18 34.40 -21.86 47.38
C VAL H 18 34.47 -20.39 47.78
N ASP H 19 35.61 -19.73 47.56
CA ASP H 19 35.75 -18.34 47.98
C ASP H 19 35.17 -17.36 46.97
N GLY H 20 35.33 -17.65 45.67
CA GLY H 20 34.84 -16.76 44.64
C GLY H 20 34.36 -17.53 43.43
N TRP H 21 33.95 -16.78 42.40
CA TRP H 21 33.45 -17.38 41.18
C TRP H 21 34.57 -17.68 40.19
N TYR H 22 35.51 -16.75 40.03
CA TYR H 22 36.66 -16.94 39.17
C TYR H 22 37.93 -16.67 39.99
N GLY H 23 39.06 -17.09 39.45
CA GLY H 23 40.31 -16.93 40.17
C GLY H 23 41.43 -17.71 39.51
N PHE H 24 42.54 -17.80 40.24
CA PHE H 24 43.79 -18.35 39.73
C PHE H 24 44.22 -19.53 40.60
N ARG H 25 44.63 -20.61 39.93
CA ARG H 25 45.23 -21.77 40.57
C ARG H 25 46.64 -21.92 40.00
N HIS H 26 47.65 -21.90 40.87
CA HIS H 26 49.03 -21.80 40.43
C HIS H 26 49.83 -23.03 40.83
N GLN H 27 50.95 -23.22 40.12
CA GLN H 27 51.95 -24.23 40.46
C GLN H 27 53.31 -23.66 40.11
N ASN H 28 54.20 -23.56 41.10
CA ASN H 28 55.52 -22.98 40.91
C ASN H 28 56.45 -23.58 41.95
N SER H 29 57.68 -23.06 41.99
CA SER H 29 58.52 -23.31 43.15
C SER H 29 57.81 -22.77 44.39
N GLU H 30 57.96 -23.50 45.50
CA GLU H 30 57.25 -23.38 46.77
C GLU H 30 55.88 -24.07 46.75
N GLY H 31 55.44 -24.64 45.64
CA GLY H 31 54.29 -25.52 45.63
C GLY H 31 53.13 -25.02 44.79
N ARG H 32 52.02 -25.75 44.88
CA ARG H 32 50.77 -25.46 44.17
C ARG H 32 49.78 -24.78 45.10
N GLY H 33 48.83 -24.06 44.50
CA GLY H 33 47.85 -23.34 45.30
C GLY H 33 46.70 -22.83 44.45
N GLN H 34 45.71 -22.27 45.14
CA GLN H 34 44.47 -21.80 44.52
C GLN H 34 44.01 -20.52 45.20
N ALA H 35 43.65 -19.52 44.38
CA ALA H 35 43.13 -18.25 44.87
C ALA H 35 42.02 -17.78 43.95
N ALA H 36 41.38 -16.68 44.34
CA ALA H 36 40.21 -16.17 43.64
C ALA H 36 40.44 -14.73 43.17
N ASP H 37 39.78 -14.38 42.07
CA ASP H 37 39.72 -13.00 41.61
C ASP H 37 38.41 -12.39 42.10
N LEU H 38 38.51 -11.26 42.77
CA LEU H 38 37.36 -10.65 43.43
C LEU H 38 36.64 -9.63 42.55
N LYS H 39 37.37 -8.95 41.65
CA LYS H 39 36.74 -7.95 40.79
C LYS H 39 35.81 -8.60 39.77
N SER H 40 36.30 -9.63 39.06
CA SER H 40 35.47 -10.28 38.05
C SER H 40 34.28 -10.99 38.67
N THR H 41 34.50 -11.65 39.82
CA THR H 41 33.40 -12.30 40.51
C THR H 41 32.35 -11.28 40.92
N GLN H 42 32.77 -10.17 41.52
CA GLN H 42 31.82 -9.14 41.95
C GLN H 42 31.07 -8.55 40.76
N ALA H 43 31.75 -8.40 39.62
CA ALA H 43 31.08 -7.89 38.43
C ALA H 43 29.96 -8.82 37.99
N ALA H 44 30.18 -10.13 38.04
CA ALA H 44 29.15 -11.08 37.66
C ALA H 44 27.97 -11.04 38.62
N ILE H 45 28.24 -11.00 39.93
CA ILE H 45 27.15 -10.92 40.91
C ILE H 45 26.38 -9.61 40.74
N ASP H 46 27.09 -8.52 40.46
CA ASP H 46 26.44 -7.22 40.31
C ASP H 46 25.46 -7.23 39.14
N GLN H 47 25.86 -7.83 38.01
CA GLN H 47 24.96 -7.92 36.87
C GLN H 47 23.75 -8.79 37.18
N ILE H 48 23.97 -9.93 37.82
CA ILE H 48 22.88 -10.82 38.18
C ILE H 48 21.95 -10.15 39.19
N ASN H 49 22.52 -9.46 40.17
CA ASN H 49 21.70 -8.74 41.15
C ASN H 49 20.88 -7.65 40.46
N GLY H 50 21.46 -6.98 39.47
CA GLY H 50 20.70 -6.01 38.71
C GLY H 50 19.52 -6.64 37.99
N LYS H 51 19.72 -7.84 37.44
CA LYS H 51 18.61 -8.58 36.84
C LYS H 51 17.53 -8.89 37.87
N LEU H 52 17.94 -9.37 39.05
CA LEU H 52 16.97 -9.72 40.09
C LEU H 52 16.21 -8.49 40.58
N ASN H 53 16.91 -7.36 40.73
CA ASN H 53 16.25 -6.14 41.17
C ASN H 53 15.21 -5.68 40.15
N ARG H 54 15.53 -5.78 38.86
CA ARG H 54 14.60 -5.39 37.82
C ARG H 54 13.44 -6.36 37.68
N LEU H 55 13.54 -7.55 38.28
CA LEU H 55 12.55 -8.59 38.04
C LEU H 55 11.26 -8.33 38.83
N ILE H 56 11.34 -8.35 40.15
CA ILE H 56 10.16 -8.13 40.98
C ILE H 56 9.81 -6.65 41.01
N GLY H 57 10.75 -5.82 41.41
CA GLY H 57 10.55 -4.37 41.42
C GLY H 57 9.28 -4.01 42.18
N LYS H 58 8.42 -3.26 41.53
CA LYS H 58 7.08 -2.98 42.03
C LYS H 58 6.13 -4.06 41.50
N THR H 59 5.28 -4.58 42.38
CA THR H 59 4.31 -5.61 42.04
C THR H 59 2.96 -4.95 41.78
N ASN H 60 2.30 -5.37 40.70
CA ASN H 60 1.03 -4.77 40.31
C ASN H 60 0.01 -4.90 41.42
N GLU H 61 -0.61 -3.77 41.80
CA GLU H 61 -1.60 -3.72 42.86
C GLU H 61 -2.97 -3.53 42.23
N LYS H 62 -3.71 -4.63 42.09
CA LYS H 62 -5.06 -4.62 41.56
C LYS H 62 -6.02 -5.04 42.67
N PHE H 63 -7.14 -4.34 42.79
CA PHE H 63 -8.07 -4.56 43.89
C PHE H 63 -9.39 -5.15 43.44
N HIS H 64 -10.11 -4.48 42.55
CA HIS H 64 -11.41 -4.95 42.08
C HIS H 64 -11.30 -5.25 40.59
N GLN H 65 -11.37 -6.52 40.24
CA GLN H 65 -11.26 -6.98 38.87
C GLN H 65 -12.55 -7.71 38.49
N ILE H 66 -12.56 -8.26 37.28
CA ILE H 66 -13.74 -8.97 36.78
C ILE H 66 -13.88 -10.30 37.52
N GLU H 67 -15.06 -10.91 37.41
CA GLU H 67 -15.24 -12.26 37.93
C GLU H 67 -14.55 -13.25 37.00
N LYS H 68 -13.91 -14.25 37.61
CA LYS H 68 -13.10 -15.22 36.87
C LYS H 68 -13.54 -16.66 37.07
N GLU H 69 -14.37 -16.94 38.08
CA GLU H 69 -14.98 -18.24 38.29
C GLU H 69 -16.49 -18.07 38.36
N PHE H 70 -17.21 -18.95 37.66
CA PHE H 70 -18.66 -18.83 37.54
C PHE H 70 -19.32 -20.16 37.87
N SER H 71 -20.44 -20.08 38.58
CA SER H 71 -21.20 -21.27 38.97
C SER H 71 -22.22 -21.67 37.91
N GLU H 72 -23.03 -20.72 37.46
CA GLU H 72 -24.03 -20.97 36.44
C GLU H 72 -23.50 -20.50 35.09
N VAL H 73 -24.09 -21.05 34.02
CA VAL H 73 -23.72 -20.72 32.66
C VAL H 73 -24.66 -19.62 32.17
N GLU H 74 -24.10 -18.50 31.73
CA GLU H 74 -24.85 -17.31 31.41
C GLU H 74 -24.88 -16.97 29.92
N GLY H 75 -23.76 -17.16 29.21
CA GLY H 75 -23.72 -16.95 27.78
C GLY H 75 -22.61 -15.97 27.39
N ARG H 76 -22.97 -15.04 26.50
CA ARG H 76 -21.97 -14.20 25.83
C ARG H 76 -21.11 -13.44 26.82
N ILE H 77 -21.74 -12.81 27.81
CA ILE H 77 -20.99 -11.94 28.72
C ILE H 77 -20.01 -12.76 29.57
N GLN H 78 -20.39 -13.98 29.95
CA GLN H 78 -19.48 -14.83 30.70
C GLN H 78 -18.33 -15.32 29.81
N ASP H 79 -18.66 -15.71 28.57
CA ASP H 79 -17.62 -16.12 27.62
C ASP H 79 -16.65 -14.98 27.37
N LEU H 80 -17.14 -13.74 27.30
CA LEU H 80 -16.26 -12.60 27.14
C LEU H 80 -15.32 -12.46 28.33
N GLU H 81 -15.86 -12.62 29.55
CA GLU H 81 -15.01 -12.51 30.74
C GLU H 81 -13.95 -13.60 30.77
N LYS H 82 -14.33 -14.83 30.42
CA LYS H 82 -13.36 -15.92 30.38
C LYS H 82 -12.29 -15.69 29.32
N TYR H 83 -12.70 -15.22 28.15
CA TYR H 83 -11.74 -14.98 27.07
C TYR H 83 -10.75 -13.87 27.42
N VAL H 84 -11.22 -12.82 28.08
CA VAL H 84 -10.33 -11.74 28.49
C VAL H 84 -9.27 -12.26 29.45
N GLU H 85 -9.69 -13.04 30.45
CA GLU H 85 -8.74 -13.54 31.43
C GLU H 85 -7.79 -14.56 30.81
N ASP H 86 -8.29 -15.44 29.94
CA ASP H 86 -7.40 -16.37 29.24
C ASP H 86 -6.32 -15.60 28.49
N THR H 87 -6.74 -14.63 27.67
CA THR H 87 -5.78 -13.91 26.86
C THR H 87 -4.73 -13.21 27.71
N LYS H 88 -5.15 -12.60 28.83
CA LYS H 88 -4.20 -11.97 29.73
C LYS H 88 -3.25 -12.99 30.33
N ILE H 89 -3.78 -14.14 30.76
CA ILE H 89 -2.94 -15.17 31.37
C ILE H 89 -1.91 -15.69 30.37
N ASP H 90 -2.34 -16.00 29.15
CA ASP H 90 -1.44 -16.54 28.15
C ASP H 90 -0.36 -15.53 27.77
N LEU H 91 -0.74 -14.27 27.62
CA LEU H 91 0.24 -13.23 27.26
C LEU H 91 1.29 -13.07 28.35
N TRP H 92 0.86 -13.07 29.61
CA TRP H 92 1.81 -12.93 30.72
C TRP H 92 2.66 -14.19 30.89
N SER H 93 2.08 -15.36 30.61
CA SER H 93 2.88 -16.59 30.65
C SER H 93 3.96 -16.58 29.58
N TYR H 94 3.62 -16.09 28.38
CA TYR H 94 4.62 -15.97 27.33
C TYR H 94 5.72 -14.98 27.71
N ASN H 95 5.34 -13.84 28.30
CA ASN H 95 6.33 -12.88 28.76
C ASN H 95 7.24 -13.50 29.81
N ALA H 96 6.66 -14.28 30.71
CA ALA H 96 7.42 -15.04 31.70
C ALA H 96 8.44 -15.95 31.04
N GLU H 97 7.98 -16.74 30.06
CA GLU H 97 8.83 -17.75 29.45
C GLU H 97 9.97 -17.12 28.67
N LEU H 98 9.66 -16.08 27.88
CA LEU H 98 10.69 -15.42 27.10
C LEU H 98 11.71 -14.74 28.00
N LEU H 99 11.25 -14.09 29.07
CA LEU H 99 12.16 -13.42 29.99
C LEU H 99 13.11 -14.42 30.65
N VAL H 100 12.58 -15.56 31.10
CA VAL H 100 13.42 -16.57 31.74
C VAL H 100 14.48 -17.09 30.77
N ALA H 101 14.06 -17.41 29.54
CA ALA H 101 14.98 -17.97 28.56
C ALA H 101 16.05 -16.96 28.17
N LEU H 102 15.64 -15.73 27.83
CA LEU H 102 16.60 -14.73 27.40
C LEU H 102 17.57 -14.35 28.51
N GLU H 103 17.05 -14.13 29.72
CA GLU H 103 17.92 -13.73 30.83
C GLU H 103 18.87 -14.85 31.22
N ASN H 104 18.40 -16.09 31.21
CA ASN H 104 19.28 -17.22 31.50
C ASN H 104 20.41 -17.31 30.47
N GLN H 105 20.08 -17.09 29.20
CA GLN H 105 21.11 -17.04 28.17
C GLN H 105 22.06 -15.89 28.41
N HIS H 106 21.53 -14.72 28.79
CA HIS H 106 22.39 -13.58 29.08
C HIS H 106 23.30 -13.86 30.26
N THR H 107 22.79 -14.54 31.28
CA THR H 107 23.63 -14.90 32.43
C THR H 107 24.77 -15.81 32.00
N ILE H 108 24.47 -16.82 31.17
CA ILE H 108 25.51 -17.73 30.70
C ILE H 108 26.60 -16.96 29.98
N ASP H 109 26.21 -15.99 29.15
CA ASP H 109 27.20 -15.26 28.35
C ASP H 109 27.94 -14.22 29.19
N LEU H 110 27.27 -13.58 30.15
CA LEU H 110 27.96 -12.62 31.00
C LEU H 110 29.03 -13.29 31.83
N THR H 111 28.76 -14.49 32.34
CA THR H 111 29.79 -15.23 33.06
C THR H 111 30.94 -15.62 32.15
N ASP H 112 30.64 -16.05 30.93
CA ASP H 112 31.71 -16.35 29.97
C ASP H 112 32.51 -15.09 29.65
N SER H 113 31.86 -13.94 29.62
CA SER H 113 32.55 -12.68 29.36
C SER H 113 33.56 -12.37 30.44
N GLU H 114 33.12 -12.42 31.71
CA GLU H 114 34.02 -12.06 32.81
C GLU H 114 35.23 -12.99 32.88
N MET H 115 35.05 -14.27 32.55
CA MET H 115 36.18 -15.18 32.48
C MET H 115 37.16 -14.76 31.39
N ASN H 116 36.66 -14.57 30.16
CA ASN H 116 37.51 -14.15 29.07
C ASN H 116 38.15 -12.80 29.34
N LYS H 117 37.44 -11.91 30.02
CA LYS H 117 38.03 -10.63 30.40
C LYS H 117 39.18 -10.83 31.37
N LEU H 118 38.99 -11.68 32.38
CA LEU H 118 40.07 -11.95 33.33
C LEU H 118 41.26 -12.61 32.63
N PHE H 119 40.98 -13.54 31.70
CA PHE H 119 42.04 -14.17 30.95
C PHE H 119 42.79 -13.15 30.08
N GLU H 120 42.06 -12.25 29.44
CA GLU H 120 42.70 -11.22 28.62
C GLU H 120 43.55 -10.29 29.47
N LYS H 121 43.03 -9.88 30.65
CA LYS H 121 43.81 -9.01 31.53
C LYS H 121 45.09 -9.69 31.98
N THR H 122 45.02 -10.97 32.33
CA THR H 122 46.21 -11.67 32.78
C THR H 122 47.23 -11.83 31.65
N LYS H 123 46.75 -12.12 30.42
CA LYS H 123 47.66 -12.15 29.27
C LYS H 123 48.31 -10.79 29.09
N LYS H 124 47.51 -9.73 29.00
CA LYS H 124 48.08 -8.39 28.79
C LYS H 124 49.09 -8.06 29.87
N GLN H 125 48.88 -8.57 31.08
CA GLN H 125 49.82 -8.33 32.17
C GLN H 125 51.13 -9.08 31.96
N LEU H 126 51.05 -10.35 31.56
CA LEU H 126 52.25 -11.17 31.41
C LEU H 126 53.09 -10.76 30.20
N ARG H 127 52.50 -10.02 29.27
CA ARG H 127 53.23 -9.41 28.15
C ARG H 127 53.88 -10.52 27.33
N GLU H 128 55.18 -10.44 27.04
CA GLU H 128 55.89 -11.45 26.28
C GLU H 128 56.65 -12.42 27.17
N ASN H 129 56.45 -12.33 28.50
CA ASN H 129 57.13 -13.23 29.43
C ASN H 129 56.52 -14.62 29.47
N ALA H 130 55.31 -14.81 28.95
CA ALA H 130 54.61 -16.07 29.09
C ALA H 130 53.94 -16.43 27.77
N GLU H 131 53.46 -17.67 27.71
CA GLU H 131 52.76 -18.20 26.54
C GLU H 131 51.51 -18.94 27.00
N ASP H 132 50.55 -19.04 26.08
CA ASP H 132 49.25 -19.63 26.37
C ASP H 132 49.14 -21.01 25.73
N MET H 133 48.82 -22.02 26.55
CA MET H 133 48.64 -23.37 26.02
C MET H 133 47.28 -23.54 25.34
N GLY H 134 46.25 -22.89 25.85
CA GLY H 134 44.92 -23.04 25.29
C GLY H 134 43.95 -23.77 26.20
N ASN H 135 44.17 -23.65 27.51
CA ASN H 135 43.29 -24.27 28.50
C ASN H 135 43.03 -23.36 29.69
N GLY H 136 43.22 -22.05 29.53
CA GLY H 136 43.16 -21.13 30.64
C GLY H 136 44.40 -21.11 31.51
N CYS H 137 45.50 -21.69 31.06
CA CYS H 137 46.74 -21.75 31.81
C CYS H 137 47.85 -21.07 31.02
N PHE H 138 48.72 -20.36 31.73
CA PHE H 138 49.85 -19.66 31.13
C PHE H 138 51.15 -20.31 31.61
N LYS H 139 52.06 -20.57 30.68
CA LYS H 139 53.40 -21.01 31.01
C LYS H 139 54.28 -19.77 31.17
N ILE H 140 54.76 -19.53 32.38
CA ILE H 140 55.61 -18.39 32.67
C ILE H 140 57.06 -18.86 32.65
N TYR H 141 57.88 -18.23 31.82
CA TYR H 141 59.25 -18.66 31.60
C TYR H 141 60.25 -17.91 32.47
N HIS H 142 59.76 -17.26 33.53
CA HIS H 142 60.61 -16.66 34.55
C HIS H 142 60.21 -17.21 35.90
N LYS H 143 61.20 -17.48 36.75
CA LYS H 143 60.93 -18.04 38.07
C LYS H 143 60.00 -17.12 38.84
N CYS H 144 58.80 -17.62 39.15
CA CYS H 144 57.79 -16.85 39.85
C CYS H 144 57.52 -17.51 41.20
N ASP H 145 57.76 -16.78 42.28
CA ASP H 145 57.55 -17.30 43.62
C ASP H 145 56.06 -17.32 43.92
N ASN H 146 55.70 -17.62 45.17
CA ASN H 146 54.34 -17.43 45.63
C ASN H 146 54.02 -15.96 45.87
N ALA H 147 54.90 -15.06 45.43
CA ALA H 147 54.75 -13.63 45.60
C ALA H 147 54.40 -12.91 44.29
N CYS H 148 55.17 -13.14 43.22
CA CYS H 148 54.83 -12.52 41.95
C CYS H 148 53.54 -13.08 41.36
N ILE H 149 53.10 -14.25 41.81
CA ILE H 149 51.76 -14.72 41.46
C ILE H 149 50.73 -13.73 42.01
N GLY H 150 50.91 -13.29 43.26
CA GLY H 150 50.05 -12.25 43.80
C GLY H 150 50.16 -10.95 43.02
N SER H 151 51.35 -10.65 42.51
CA SER H 151 51.53 -9.48 41.66
C SER H 151 50.66 -9.57 40.42
N ILE H 152 50.65 -10.74 39.78
CA ILE H 152 49.76 -10.95 38.63
C ILE H 152 48.31 -10.87 39.07
N ARG H 153 48.00 -11.39 40.25
CA ARG H 153 46.62 -11.38 40.73
C ARG H 153 46.15 -9.99 41.14
N ASN H 154 47.07 -9.06 41.42
CA ASN H 154 46.70 -7.76 41.98
C ASN H 154 47.16 -6.58 41.13
N GLY H 155 47.66 -6.81 39.91
CA GLY H 155 48.04 -5.73 39.03
C GLY H 155 49.43 -5.18 39.24
N THR H 156 50.14 -5.59 40.29
CA THR H 156 51.47 -5.06 40.58
C THR H 156 52.57 -5.91 39.96
N TYR H 157 52.46 -6.19 38.66
CA TYR H 157 53.41 -7.04 37.95
C TYR H 157 54.11 -6.21 36.88
N ASP H 158 55.44 -6.17 36.95
CA ASP H 158 56.26 -5.51 35.93
C ASP H 158 56.92 -6.59 35.09
N HIS H 159 56.59 -6.61 33.79
CA HIS H 159 57.21 -7.57 32.89
C HIS H 159 58.65 -7.20 32.56
N ASN H 160 59.02 -5.92 32.72
CA ASN H 160 60.35 -5.47 32.32
C ASN H 160 61.47 -6.08 33.17
N VAL H 161 61.17 -6.51 34.39
CA VAL H 161 62.22 -7.05 35.24
C VAL H 161 62.47 -8.53 34.99
N TYR H 162 61.46 -9.27 34.50
CA TYR H 162 61.64 -10.66 34.10
C TYR H 162 61.78 -10.81 32.58
N ARG H 163 61.83 -9.70 31.85
CA ARG H 163 61.72 -9.77 30.40
C ARG H 163 62.90 -10.53 29.78
N ASP H 164 64.12 -10.17 30.18
CA ASP H 164 65.30 -10.81 29.60
C ASP H 164 65.37 -12.29 29.97
N GLU H 165 65.07 -12.62 31.23
CA GLU H 165 65.12 -14.01 31.67
C GLU H 165 64.10 -14.86 30.93
N ALA H 166 62.86 -14.36 30.80
CA ALA H 166 61.82 -15.11 30.12
C ALA H 166 62.12 -15.26 28.63
N LEU H 167 62.65 -14.19 28.01
CA LEU H 167 63.00 -14.27 26.60
C LEU H 167 64.08 -15.30 26.34
N ASN H 168 65.11 -15.32 27.19
CA ASN H 168 66.18 -16.31 27.04
C ASN H 168 65.63 -17.72 27.22
N ASN H 169 64.77 -17.92 28.21
CA ASN H 169 64.17 -19.24 28.43
C ASN H 169 63.29 -19.65 27.25
N ARG H 170 62.51 -18.71 26.70
CA ARG H 170 61.66 -19.03 25.57
C ARG H 170 62.48 -19.41 24.35
N PHE H 171 63.54 -18.67 24.07
CA PHE H 171 64.36 -18.92 22.89
C PHE H 171 65.83 -18.98 23.25
N GLY I 1 29.70 -4.05 27.57
CA GLY I 1 30.85 -4.31 28.40
C GLY I 1 31.22 -5.79 28.48
N ILE I 2 30.67 -6.59 27.56
CA ILE I 2 30.95 -8.02 27.58
C ILE I 2 32.34 -8.32 27.05
N PHE I 3 32.94 -7.41 26.28
CA PHE I 3 34.34 -7.54 25.88
C PHE I 3 35.29 -6.76 26.77
N GLY I 4 34.77 -5.85 27.59
CA GLY I 4 35.61 -5.02 28.44
C GLY I 4 36.47 -4.04 27.66
N ALA I 5 35.85 -3.28 26.76
CA ALA I 5 36.57 -2.29 25.96
C ALA I 5 36.37 -0.87 26.50
N ILE I 6 35.12 -0.41 26.57
CA ILE I 6 34.86 0.95 27.03
C ILE I 6 35.12 1.08 28.52
N ALA I 7 34.75 0.07 29.30
CA ALA I 7 34.99 0.06 30.74
C ALA I 7 36.04 -0.96 31.14
N GLY I 8 36.84 -1.43 30.19
CA GLY I 8 37.85 -2.44 30.46
C GLY I 8 39.27 -1.93 30.33
N PHE I 9 39.99 -2.41 29.31
CA PHE I 9 41.38 -1.97 29.15
C PHE I 9 41.47 -0.49 28.83
N ILE I 10 40.56 0.02 28.00
CA ILE I 10 40.45 1.46 27.77
C ILE I 10 39.65 2.03 28.93
N GLU I 11 40.35 2.57 29.94
CA GLU I 11 39.69 2.98 31.17
C GLU I 11 38.95 4.30 31.02
N ASN I 12 39.41 5.18 30.13
CA ASN I 12 38.86 6.52 30.03
C ASN I 12 38.49 6.83 28.59
N GLY I 13 37.41 7.61 28.42
CA GLY I 13 37.07 8.15 27.12
C GLY I 13 37.67 9.53 26.91
N TRP I 14 37.73 9.94 25.64
CA TRP I 14 38.33 11.21 25.26
C TRP I 14 37.24 12.19 24.86
N GLU I 15 37.17 13.33 25.55
CA GLU I 15 36.17 14.34 25.23
C GLU I 15 36.58 15.19 24.03
N GLY I 16 37.88 15.32 23.78
CA GLY I 16 38.33 15.98 22.56
C GLY I 16 38.06 15.20 21.30
N MET I 17 37.57 13.96 21.44
CA MET I 17 37.20 13.11 20.31
C MET I 17 35.87 13.59 19.76
N VAL I 18 35.92 14.70 19.03
CA VAL I 18 34.72 15.32 18.48
C VAL I 18 34.52 15.03 17.00
N ASP I 19 35.50 14.42 16.33
CA ASP I 19 35.38 14.07 14.93
C ASP I 19 34.89 12.64 14.71
N GLY I 20 34.64 11.90 15.77
CA GLY I 20 34.18 10.53 15.63
C GLY I 20 33.93 9.93 17.00
N TRP I 21 33.57 8.64 16.99
CA TRP I 21 33.32 7.90 18.21
C TRP I 21 34.50 7.05 18.65
N TYR I 22 35.31 6.56 17.70
CA TYR I 22 36.51 5.79 17.99
C TYR I 22 37.69 6.43 17.28
N GLY I 23 38.86 6.37 17.91
CA GLY I 23 39.98 7.09 17.32
C GLY I 23 41.33 6.61 17.80
N PHE I 24 42.36 7.17 17.16
CA PHE I 24 43.75 6.85 17.42
C PHE I 24 44.43 8.07 18.04
N ARG I 25 45.15 7.86 19.15
CA ARG I 25 45.97 8.90 19.76
C ARG I 25 47.40 8.39 19.81
N HIS I 26 48.28 9.01 19.04
CA HIS I 26 49.66 8.56 18.90
C HIS I 26 50.62 9.58 19.51
N GLN I 27 51.70 9.05 20.10
CA GLN I 27 52.81 9.87 20.59
C GLN I 27 54.09 9.35 19.95
N ASN I 28 54.83 10.25 19.30
CA ASN I 28 56.08 9.89 18.64
C ASN I 28 57.05 11.05 18.79
N SER I 29 58.18 10.97 18.07
CA SER I 29 59.16 12.04 18.10
C SER I 29 58.59 13.35 17.56
N GLU I 30 57.64 13.28 16.63
CA GLU I 30 57.01 14.47 16.07
C GLU I 30 55.91 15.04 16.95
N GLY I 31 55.84 14.61 18.22
CA GLY I 31 54.84 15.11 19.14
C GLY I 31 53.70 14.14 19.38
N ARG I 32 52.47 14.65 19.42
CA ARG I 32 51.28 13.83 19.58
C ARG I 32 50.28 14.17 18.49
N GLY I 33 49.17 13.43 18.49
CA GLY I 33 48.09 13.69 17.55
C GLY I 33 46.91 12.79 17.85
N GLN I 34 45.74 13.22 17.37
CA GLN I 34 44.50 12.52 17.63
C GLN I 34 43.67 12.52 16.35
N ALA I 35 43.34 11.32 15.87
CA ALA I 35 42.60 11.16 14.62
C ALA I 35 41.42 10.23 14.86
N ALA I 36 40.48 10.25 13.93
CA ALA I 36 39.21 9.55 14.06
C ALA I 36 39.11 8.41 13.05
N ASP I 37 38.59 7.28 13.51
CA ASP I 37 38.24 6.16 12.63
C ASP I 37 36.75 6.23 12.34
N LEU I 38 36.40 6.39 11.07
CA LEU I 38 35.00 6.53 10.69
C LEU I 38 34.33 5.20 10.34
N LYS I 39 35.12 4.18 9.99
CA LYS I 39 34.53 2.87 9.74
C LYS I 39 33.90 2.31 11.01
N SER I 40 34.62 2.36 12.12
CA SER I 40 34.08 1.89 13.39
C SER I 40 32.93 2.77 13.86
N THR I 41 33.09 4.09 13.74
CA THR I 41 32.01 4.99 14.16
C THR I 41 30.74 4.73 13.35
N GLN I 42 30.86 4.64 12.03
CA GLN I 42 29.69 4.42 11.19
C GLN I 42 29.14 3.01 11.36
N ALA I 43 30.02 2.01 11.52
CA ALA I 43 29.56 0.64 11.74
C ALA I 43 28.76 0.55 13.03
N ALA I 44 29.01 1.44 13.98
CA ALA I 44 28.11 1.59 15.11
C ALA I 44 26.87 2.38 14.70
N ILE I 45 27.05 3.64 14.31
CA ILE I 45 25.92 4.57 14.12
C ILE I 45 24.83 3.96 13.26
N ASP I 46 25.20 3.23 12.21
CA ASP I 46 24.21 2.57 11.38
C ASP I 46 23.42 1.53 12.17
N GLN I 47 24.08 0.84 13.10
CA GLN I 47 23.41 -0.20 13.87
C GLN I 47 22.36 0.39 14.79
N ILE I 48 22.71 1.44 15.55
CA ILE I 48 21.72 2.05 16.42
C ILE I 48 20.66 2.79 15.62
N ASN I 49 21.04 3.36 14.47
CA ASN I 49 20.04 3.96 13.59
C ASN I 49 19.05 2.91 13.08
N GLY I 50 19.57 1.73 12.71
CA GLY I 50 18.68 0.66 12.29
C GLY I 50 17.73 0.24 13.39
N LYS I 51 18.20 0.22 14.63
CA LYS I 51 17.30 0.05 15.76
C LYS I 51 16.27 1.18 15.80
N LEU I 52 16.75 2.43 15.84
CA LEU I 52 15.86 3.58 15.95
C LEU I 52 14.74 3.54 14.91
N ASN I 53 15.08 3.14 13.68
CA ASN I 53 14.05 3.03 12.64
C ASN I 53 13.09 1.88 12.90
N ARG I 54 13.59 0.78 13.48
CA ARG I 54 12.69 -0.30 13.88
C ARG I 54 11.71 0.15 14.96
N LEU I 55 12.13 1.10 15.80
CA LEU I 55 11.29 1.61 16.88
C LEU I 55 10.50 2.84 16.45
N ILE I 56 11.18 3.87 15.97
CA ILE I 56 10.57 5.18 15.69
C ILE I 56 10.03 5.19 14.27
N GLY I 57 8.82 5.73 14.11
CA GLY I 57 8.14 5.81 12.84
C GLY I 57 7.04 4.79 12.66
N LYS I 58 7.14 3.65 13.33
CA LYS I 58 6.09 2.64 13.28
C LYS I 58 4.95 3.05 14.20
N THR I 59 3.74 3.13 13.65
CA THR I 59 2.60 3.65 14.39
C THR I 59 1.35 2.91 13.94
N ASN I 60 0.46 2.61 14.90
CA ASN I 60 -0.82 1.98 14.61
C ASN I 60 -1.93 3.03 14.50
N GLU I 61 -3.04 2.60 13.91
CA GLU I 61 -4.23 3.44 13.78
C GLU I 61 -5.39 2.77 14.49
N LYS I 62 -5.92 3.43 15.52
CA LYS I 62 -7.13 2.98 16.21
C LYS I 62 -8.18 4.09 16.12
N PHE I 63 -9.27 3.81 15.42
CA PHE I 63 -10.29 4.84 15.17
C PHE I 63 -11.42 4.79 16.20
N HIS I 64 -12.15 3.69 16.25
CA HIS I 64 -13.25 3.51 17.19
C HIS I 64 -12.88 2.40 18.16
N GLN I 65 -13.03 2.69 19.46
CA GLN I 65 -12.61 1.78 20.51
C GLN I 65 -13.72 1.74 21.56
N ILE I 66 -13.41 1.15 22.71
CA ILE I 66 -14.33 1.08 23.83
C ILE I 66 -14.23 2.36 24.64
N GLU I 67 -15.22 2.58 25.50
CA GLU I 67 -15.16 3.70 26.42
C GLU I 67 -14.16 3.39 27.54
N LYS I 68 -13.31 4.37 27.86
CA LYS I 68 -12.25 4.18 28.84
C LYS I 68 -12.47 4.95 30.14
N GLU I 69 -13.31 5.97 30.12
CA GLU I 69 -13.68 6.70 31.33
C GLU I 69 -15.19 6.66 31.48
N PHE I 70 -15.65 6.65 32.73
CA PHE I 70 -17.07 6.53 33.03
C PHE I 70 -17.46 7.55 34.09
N SER I 71 -18.75 7.90 34.08
CA SER I 71 -19.29 8.88 35.00
C SER I 71 -20.24 8.30 36.04
N GLU I 72 -21.02 7.28 35.68
CA GLU I 72 -21.92 6.61 36.60
C GLU I 72 -21.53 5.15 36.72
N VAL I 73 -21.58 4.62 37.94
CA VAL I 73 -21.23 3.22 38.15
C VAL I 73 -22.35 2.34 37.61
N GLU I 74 -21.98 1.34 36.81
CA GLU I 74 -22.94 0.45 36.18
C GLU I 74 -22.89 -0.97 36.73
N GLY I 75 -21.72 -1.61 36.67
CA GLY I 75 -21.61 -2.97 37.14
C GLY I 75 -20.66 -3.82 36.32
N ARG I 76 -21.13 -5.00 35.89
CA ARG I 76 -20.24 -5.98 35.28
C ARG I 76 -19.67 -5.49 33.95
N ILE I 77 -20.45 -4.77 33.16
CA ILE I 77 -19.98 -4.32 31.85
C ILE I 77 -18.91 -3.26 32.00
N GLN I 78 -19.15 -2.26 32.86
CA GLN I 78 -18.17 -1.20 33.07
C GLN I 78 -16.88 -1.76 33.66
N ASP I 79 -17.01 -2.68 34.63
CA ASP I 79 -15.82 -3.29 35.22
C ASP I 79 -15.05 -4.10 34.19
N LEU I 80 -15.75 -4.79 33.28
CA LEU I 80 -15.06 -5.54 32.24
C LEU I 80 -14.30 -4.63 31.30
N GLU I 81 -14.91 -3.50 30.91
CA GLU I 81 -14.21 -2.55 30.05
C GLU I 81 -13.00 -1.94 30.74
N LYS I 82 -13.15 -1.63 32.04
CA LYS I 82 -12.01 -1.12 32.80
C LYS I 82 -10.89 -2.15 32.88
N TYR I 83 -11.24 -3.41 33.12
CA TYR I 83 -10.24 -4.47 33.23
C TYR I 83 -9.49 -4.67 31.93
N VAL I 84 -10.21 -4.67 30.80
CA VAL I 84 -9.57 -4.87 29.51
C VAL I 84 -8.57 -3.77 29.21
N GLU I 85 -8.96 -2.52 29.46
CA GLU I 85 -8.03 -1.42 29.22
C GLU I 85 -6.86 -1.44 30.20
N ASP I 86 -7.12 -1.78 31.46
CA ASP I 86 -6.03 -1.86 32.43
C ASP I 86 -5.03 -2.93 32.05
N THR I 87 -5.51 -4.11 31.62
CA THR I 87 -4.59 -5.17 31.23
C THR I 87 -3.85 -4.84 29.93
N LYS I 88 -4.47 -4.06 29.05
CA LYS I 88 -3.80 -3.63 27.84
C LYS I 88 -2.66 -2.68 28.14
N ILE I 89 -2.92 -1.67 28.98
CA ILE I 89 -1.90 -0.68 29.30
C ILE I 89 -0.73 -1.33 30.01
N ASP I 90 -1.00 -2.21 30.97
CA ASP I 90 0.06 -2.84 31.74
C ASP I 90 0.91 -3.75 30.88
N LEU I 91 0.29 -4.48 29.94
CA LEU I 91 1.06 -5.38 29.08
C LEU I 91 1.97 -4.60 28.13
N TRP I 92 1.46 -3.52 27.53
CA TRP I 92 2.30 -2.69 26.68
C TRP I 92 3.35 -1.95 27.49
N SER I 93 3.03 -1.58 28.73
CA SER I 93 4.02 -0.95 29.59
C SER I 93 5.17 -1.90 29.87
N TYR I 94 4.87 -3.18 30.12
CA TYR I 94 5.93 -4.17 30.24
C TYR I 94 6.73 -4.29 28.95
N ASN I 95 6.04 -4.30 27.82
CA ASN I 95 6.73 -4.40 26.53
C ASN I 95 7.66 -3.22 26.30
N ALA I 96 7.27 -2.03 26.76
CA ALA I 96 8.11 -0.85 26.58
C ALA I 96 9.36 -0.93 27.46
N GLU I 97 9.18 -1.29 28.74
CA GLU I 97 10.33 -1.37 29.63
C GLU I 97 11.31 -2.44 29.19
N LEU I 98 10.81 -3.61 28.81
CA LEU I 98 11.69 -4.68 28.34
C LEU I 98 12.36 -4.29 27.03
N LEU I 99 11.63 -3.57 26.17
CA LEU I 99 12.24 -3.09 24.93
C LEU I 99 13.42 -2.17 25.21
N VAL I 100 13.21 -1.17 26.07
CA VAL I 100 14.27 -0.20 26.36
C VAL I 100 15.47 -0.89 27.00
N ALA I 101 15.21 -1.75 27.99
CA ALA I 101 16.30 -2.39 28.71
C ALA I 101 17.10 -3.31 27.80
N LEU I 102 16.42 -4.14 27.00
CA LEU I 102 17.12 -5.04 26.10
C LEU I 102 17.93 -4.28 25.05
N GLU I 103 17.33 -3.25 24.45
CA GLU I 103 18.01 -2.53 23.39
C GLU I 103 19.15 -1.68 23.92
N ASN I 104 19.01 -1.14 25.14
CA ASN I 104 20.11 -0.37 25.72
C ASN I 104 21.30 -1.26 26.05
N GLN I 105 21.04 -2.44 26.59
CA GLN I 105 22.14 -3.39 26.85
C GLN I 105 22.82 -3.79 25.54
N HIS I 106 22.03 -4.01 24.50
CA HIS I 106 22.61 -4.29 23.19
C HIS I 106 23.41 -3.10 22.67
N THR I 107 22.91 -1.88 22.88
CA THR I 107 23.61 -0.69 22.42
C THR I 107 24.99 -0.59 23.06
N ILE I 108 25.06 -0.79 24.38
CA ILE I 108 26.36 -0.78 25.07
C ILE I 108 27.26 -1.87 24.53
N ASP I 109 26.70 -3.08 24.35
CA ASP I 109 27.52 -4.21 23.94
C ASP I 109 27.96 -4.10 22.49
N LEU I 110 27.14 -3.52 21.61
CA LEU I 110 27.57 -3.36 20.22
C LEU I 110 28.68 -2.32 20.10
N THR I 111 28.61 -1.26 20.89
CA THR I 111 29.74 -0.33 20.95
C THR I 111 30.97 -1.00 21.55
N ASP I 112 30.76 -1.92 22.50
CA ASP I 112 31.87 -2.73 23.00
C ASP I 112 32.50 -3.55 21.88
N SER I 113 31.66 -4.14 21.03
CA SER I 113 32.17 -4.92 19.91
C SER I 113 32.96 -4.06 18.94
N GLU I 114 32.45 -2.85 18.63
CA GLU I 114 33.13 -2.00 17.67
C GLU I 114 34.49 -1.55 18.18
N MET I 115 34.59 -1.20 19.46
CA MET I 115 35.87 -0.79 20.03
C MET I 115 36.86 -1.95 20.02
N ASN I 116 36.41 -3.14 20.43
CA ASN I 116 37.28 -4.31 20.41
C ASN I 116 37.67 -4.69 18.99
N LYS I 117 36.75 -4.51 18.04
CA LYS I 117 37.07 -4.80 16.64
C LYS I 117 38.19 -3.88 16.14
N LEU I 118 38.12 -2.60 16.52
CA LEU I 118 39.19 -1.67 16.14
C LEU I 118 40.52 -2.09 16.74
N PHE I 119 40.51 -2.49 18.01
CA PHE I 119 41.74 -2.95 18.66
C PHE I 119 42.29 -4.19 17.98
N GLU I 120 41.43 -5.14 17.64
CA GLU I 120 41.88 -6.36 16.97
C GLU I 120 42.44 -6.05 15.58
N LYS I 121 41.79 -5.14 14.86
CA LYS I 121 42.28 -4.78 13.53
C LYS I 121 43.67 -4.16 13.60
N THR I 122 43.88 -3.26 14.57
CA THR I 122 45.20 -2.66 14.72
C THR I 122 46.23 -3.69 15.18
N LYS I 123 45.86 -4.54 16.14
CA LYS I 123 46.80 -5.53 16.67
C LYS I 123 47.24 -6.51 15.59
N LYS I 124 46.30 -7.01 14.79
CA LYS I 124 46.65 -7.89 13.68
C LYS I 124 47.43 -7.15 12.61
N GLN I 125 47.29 -5.83 12.53
CA GLN I 125 48.05 -5.05 11.57
C GLN I 125 49.51 -4.93 11.98
N LEU I 126 49.76 -4.79 13.28
CA LEU I 126 51.12 -4.53 13.76
C LEU I 126 51.96 -5.80 13.81
N ARG I 127 51.32 -6.97 13.94
CA ARG I 127 51.99 -8.27 13.87
C ARG I 127 53.01 -8.35 14.99
N GLU I 128 54.29 -8.61 14.71
CA GLU I 128 55.31 -8.74 15.74
C GLU I 128 56.12 -7.47 15.93
N ASN I 129 55.67 -6.35 15.36
CA ASN I 129 56.35 -5.07 15.50
C ASN I 129 55.79 -4.22 16.63
N ALA I 130 54.84 -4.74 17.41
CA ALA I 130 54.26 -3.98 18.50
C ALA I 130 53.66 -4.93 19.53
N GLU I 131 53.49 -4.39 20.74
CA GLU I 131 52.95 -5.15 21.86
C GLU I 131 51.94 -4.29 22.60
N ASP I 132 50.95 -4.96 23.22
CA ASP I 132 49.89 -4.29 23.95
C ASP I 132 50.15 -4.33 25.45
N MET I 133 49.93 -3.21 26.12
CA MET I 133 50.12 -3.11 27.57
C MET I 133 48.84 -3.33 28.35
N GLY I 134 47.73 -3.65 27.70
CA GLY I 134 46.48 -3.84 28.41
C GLY I 134 45.75 -2.58 28.79
N ASN I 135 46.12 -1.43 28.25
CA ASN I 135 45.41 -0.17 28.47
C ASN I 135 44.91 0.44 27.17
N GLY I 136 44.77 -0.38 26.12
CA GLY I 136 44.34 0.13 24.83
C GLY I 136 45.44 0.75 24.00
N CYS I 137 46.68 0.70 24.44
CA CYS I 137 47.80 1.30 23.73
C CYS I 137 48.75 0.22 23.22
N PHE I 138 49.46 0.54 22.14
CA PHE I 138 50.42 -0.37 21.52
C PHE I 138 51.81 0.25 21.60
N LYS I 139 52.79 -0.53 22.04
CA LYS I 139 54.18 -0.11 22.02
C LYS I 139 54.77 -0.46 20.67
N ILE I 140 55.12 0.56 19.90
CA ILE I 140 55.73 0.36 18.59
C ILE I 140 57.25 0.38 18.80
N TYR I 141 57.88 -0.78 18.64
CA TYR I 141 59.30 -0.93 18.94
C TYR I 141 60.21 -0.48 17.79
N HIS I 142 59.66 0.19 16.79
CA HIS I 142 60.43 0.87 15.77
C HIS I 142 60.00 2.32 15.73
N LYS I 143 60.92 3.20 15.34
CA LYS I 143 60.58 4.61 15.23
C LYS I 143 59.53 4.81 14.15
N CYS I 144 58.39 5.35 14.55
CA CYS I 144 57.27 5.56 13.65
C CYS I 144 56.88 7.03 13.68
N ASP I 145 57.04 7.70 12.53
CA ASP I 145 56.69 9.11 12.43
C ASP I 145 55.18 9.25 12.23
N ASN I 146 54.73 10.47 11.93
CA ASN I 146 53.30 10.68 11.67
C ASN I 146 52.85 9.94 10.41
N ALA I 147 53.76 9.76 9.44
CA ALA I 147 53.38 9.12 8.19
C ALA I 147 52.98 7.67 8.39
N CYS I 148 53.80 6.90 9.12
CA CYS I 148 53.49 5.49 9.33
C CYS I 148 52.40 5.27 10.36
N ILE I 149 52.19 6.22 11.29
CA ILE I 149 51.00 6.17 12.12
C ILE I 149 49.76 6.32 11.25
N GLY I 150 49.80 7.27 10.32
CA GLY I 150 48.73 7.38 9.34
C GLY I 150 48.63 6.15 8.46
N SER I 151 49.75 5.45 8.26
CA SER I 151 49.71 4.17 7.56
C SER I 151 48.98 3.12 8.38
N ILE I 152 49.13 3.16 9.71
CA ILE I 152 48.33 2.29 10.57
C ILE I 152 46.85 2.61 10.40
N ARG I 153 46.50 3.90 10.51
CA ARG I 153 45.10 4.30 10.46
C ARG I 153 44.50 4.04 9.09
N ASN I 154 45.28 4.24 8.02
CA ASN I 154 44.77 4.07 6.67
C ASN I 154 44.84 2.62 6.18
N GLY I 155 45.37 1.71 6.98
CA GLY I 155 45.42 0.31 6.62
C GLY I 155 46.63 -0.10 5.80
N THR I 156 47.46 0.85 5.38
CA THR I 156 48.60 0.57 4.50
C THR I 156 49.90 0.44 5.30
N TYR I 157 49.95 -0.56 6.15
CA TYR I 157 51.12 -0.86 6.97
C TYR I 157 51.75 -2.16 6.46
N ASP I 158 52.99 -2.08 6.03
CA ASP I 158 53.78 -3.25 5.66
C ASP I 158 54.65 -3.60 6.87
N HIS I 159 54.24 -4.64 7.60
CA HIS I 159 54.99 -5.05 8.79
C HIS I 159 56.40 -5.49 8.46
N ASN I 160 56.65 -5.96 7.24
CA ASN I 160 57.97 -6.42 6.86
C ASN I 160 58.99 -5.29 6.77
N VAL I 161 58.52 -4.04 6.64
CA VAL I 161 59.45 -2.93 6.50
C VAL I 161 60.24 -2.72 7.78
N TYR I 162 59.56 -2.74 8.92
CA TYR I 162 60.19 -2.47 10.22
C TYR I 162 60.29 -3.70 11.11
N ARG I 163 60.12 -4.90 10.55
CA ARG I 163 60.10 -6.10 11.39
C ARG I 163 61.43 -6.30 12.11
N ASP I 164 62.54 -6.15 11.39
CA ASP I 164 63.84 -6.46 11.97
C ASP I 164 64.20 -5.51 13.11
N GLU I 165 63.99 -4.21 12.91
CA GLU I 165 64.30 -3.25 13.97
C GLU I 165 63.43 -3.48 15.20
N ALA I 166 62.13 -3.73 14.98
CA ALA I 166 61.23 -3.96 16.11
C ALA I 166 61.61 -5.22 16.86
N LEU I 167 61.93 -6.30 16.14
CA LEU I 167 62.32 -7.54 16.81
C LEU I 167 63.62 -7.35 17.61
N ASN I 168 64.58 -6.60 17.04
CA ASN I 168 65.81 -6.33 17.75
C ASN I 168 65.56 -5.49 19.00
N ASN I 169 64.62 -4.54 18.92
CA ASN I 169 64.28 -3.71 20.07
C ASN I 169 63.41 -4.46 21.08
N ARG I 170 62.77 -5.56 20.67
CA ARG I 170 61.88 -6.30 21.56
C ARG I 170 62.60 -7.37 22.36
N PHE I 171 63.56 -8.05 21.76
CA PHE I 171 64.22 -9.19 22.40
C PHE I 171 65.64 -8.91 22.84
N GLN I 172 66.26 -7.85 22.35
CA GLN I 172 67.60 -7.48 22.79
C GLN I 172 67.57 -6.20 23.62
N GLY J 1 -28.71 4.77 -16.48
CA GLY J 1 -29.17 5.64 -15.42
C GLY J 1 -29.74 6.95 -15.93
N ILE J 2 -29.47 7.26 -17.20
CA ILE J 2 -29.98 8.50 -17.80
C ILE J 2 -31.50 8.44 -17.92
N PHE J 3 -32.05 7.26 -18.20
CA PHE J 3 -33.49 7.11 -18.30
C PHE J 3 -34.15 6.87 -16.94
N GLY J 4 -33.38 6.48 -15.93
CA GLY J 4 -33.95 6.19 -14.63
C GLY J 4 -34.96 5.06 -14.64
N ALA J 5 -34.64 3.98 -15.34
CA ALA J 5 -35.50 2.80 -15.37
C ALA J 5 -34.88 1.62 -14.64
N ILE J 6 -33.65 1.24 -15.00
CA ILE J 6 -33.00 0.08 -14.38
C ILE J 6 -32.84 0.30 -12.88
N ALA J 7 -32.38 1.48 -12.49
CA ALA J 7 -32.28 1.85 -11.08
C ALA J 7 -33.34 2.86 -10.67
N GLY J 8 -34.38 3.05 -11.48
CA GLY J 8 -35.42 4.01 -11.19
C GLY J 8 -36.76 3.40 -10.85
N PHE J 9 -37.69 3.41 -11.81
CA PHE J 9 -39.03 2.87 -11.60
C PHE J 9 -39.12 1.37 -11.89
N ILE J 10 -37.99 0.67 -11.85
CA ILE J 10 -37.94 -0.79 -11.90
C ILE J 10 -37.20 -1.19 -10.62
N GLU J 11 -37.57 -0.55 -9.51
CA GLU J 11 -36.88 -0.59 -8.23
C GLU J 11 -36.21 -1.94 -7.94
N ASN J 12 -36.90 -3.05 -8.21
CA ASN J 12 -36.37 -4.37 -7.93
C ASN J 12 -36.24 -5.16 -9.22
N GLY J 13 -35.09 -5.82 -9.39
CA GLY J 13 -34.92 -6.80 -10.45
C GLY J 13 -35.19 -8.21 -9.97
N TRP J 14 -35.42 -9.11 -10.91
CA TRP J 14 -35.86 -10.47 -10.60
C TRP J 14 -34.71 -11.44 -10.79
N GLU J 15 -34.41 -12.21 -9.73
CA GLU J 15 -33.42 -13.28 -9.81
C GLU J 15 -34.02 -14.58 -10.31
N GLY J 16 -35.32 -14.79 -10.10
CA GLY J 16 -36.00 -15.90 -10.74
C GLY J 16 -36.06 -15.79 -12.25
N MET J 17 -35.71 -14.63 -12.79
CA MET J 17 -35.57 -14.43 -14.23
C MET J 17 -34.31 -15.11 -14.72
N VAL J 18 -34.46 -16.19 -15.49
CA VAL J 18 -33.32 -16.94 -16.00
C VAL J 18 -33.43 -17.12 -17.51
N ASP J 19 -34.59 -16.79 -18.06
CA ASP J 19 -34.82 -16.97 -19.49
C ASP J 19 -34.29 -15.81 -20.33
N GLY J 20 -33.92 -14.70 -19.71
CA GLY J 20 -33.46 -13.55 -20.48
C GLY J 20 -33.12 -12.40 -19.58
N TRP J 21 -32.95 -11.23 -20.20
CA TRP J 21 -32.54 -10.02 -19.49
C TRP J 21 -33.71 -9.09 -19.16
N TYR J 22 -34.64 -8.92 -20.09
CA TYR J 22 -35.84 -8.13 -19.89
C TYR J 22 -37.06 -8.99 -20.19
N GLY J 23 -38.17 -8.71 -19.51
CA GLY J 23 -39.35 -9.52 -19.70
C GLY J 23 -40.52 -9.04 -18.88
N PHE J 24 -41.51 -9.93 -18.72
CA PHE J 24 -42.80 -9.57 -18.18
C PHE J 24 -43.20 -10.51 -17.04
N ARG J 25 -43.88 -9.95 -16.04
CA ARG J 25 -44.53 -10.72 -14.99
C ARG J 25 -45.98 -10.24 -14.94
N HIS J 26 -46.91 -11.12 -15.30
CA HIS J 26 -48.32 -10.76 -15.44
C HIS J 26 -49.16 -11.42 -14.35
N GLN J 27 -50.18 -10.69 -13.87
CA GLN J 27 -51.16 -11.22 -12.95
C GLN J 27 -52.53 -11.11 -13.61
N ASN J 28 -53.27 -12.23 -13.65
CA ASN J 28 -54.62 -12.22 -14.22
C ASN J 28 -55.48 -13.21 -13.43
N SER J 29 -56.71 -13.43 -13.90
CA SER J 29 -57.60 -14.35 -13.22
C SER J 29 -57.15 -15.79 -13.40
N GLU J 30 -56.67 -16.13 -14.60
CA GLU J 30 -56.18 -17.49 -14.84
C GLU J 30 -55.04 -17.85 -13.90
N GLY J 31 -54.22 -16.87 -13.53
CA GLY J 31 -53.10 -17.13 -12.64
C GLY J 31 -52.08 -16.00 -12.58
N ARG J 32 -50.80 -16.36 -12.69
CA ARG J 32 -49.71 -15.40 -12.53
C ARG J 32 -48.49 -15.99 -13.20
N GLY J 33 -48.05 -15.38 -14.30
CA GLY J 33 -46.99 -15.92 -15.11
C GLY J 33 -45.79 -14.99 -15.24
N GLN J 34 -44.69 -15.55 -15.75
CA GLN J 34 -43.45 -14.79 -15.97
C GLN J 34 -42.79 -15.30 -17.23
N ALA J 35 -42.86 -14.52 -18.30
CA ALA J 35 -42.16 -14.80 -19.54
C ALA J 35 -40.88 -13.97 -19.62
N ALA J 36 -40.26 -13.94 -20.79
CA ALA J 36 -39.10 -13.10 -21.06
C ALA J 36 -39.15 -12.60 -22.49
N ASP J 37 -38.70 -11.36 -22.71
CA ASP J 37 -38.66 -10.75 -24.03
C ASP J 37 -37.24 -10.89 -24.56
N LEU J 38 -37.07 -11.73 -25.59
CA LEU J 38 -35.75 -12.04 -26.12
C LEU J 38 -35.26 -11.02 -27.14
N LYS J 39 -36.15 -10.20 -27.70
CA LYS J 39 -35.74 -9.22 -28.69
C LYS J 39 -34.87 -8.14 -28.05
N SER J 40 -35.34 -7.55 -26.94
CA SER J 40 -34.54 -6.55 -26.25
C SER J 40 -33.28 -7.16 -25.66
N THR J 41 -33.38 -8.38 -25.15
CA THR J 41 -32.20 -9.08 -24.63
C THR J 41 -31.15 -9.27 -25.72
N GLN J 42 -31.58 -9.72 -26.91
CA GLN J 42 -30.63 -9.92 -28.00
C GLN J 42 -30.01 -8.60 -28.43
N ALA J 43 -30.78 -7.52 -28.40
CA ALA J 43 -30.23 -6.21 -28.73
C ALA J 43 -29.10 -5.83 -27.77
N ALA J 44 -29.35 -5.98 -26.47
CA ALA J 44 -28.31 -5.66 -25.49
C ALA J 44 -27.11 -6.59 -25.63
N ILE J 45 -27.35 -7.88 -25.87
CA ILE J 45 -26.25 -8.84 -26.00
C ILE J 45 -25.42 -8.53 -27.24
N ASP J 46 -26.07 -8.19 -28.35
CA ASP J 46 -25.34 -7.82 -29.56
C ASP J 46 -24.47 -6.59 -29.30
N GLN J 47 -25.04 -5.57 -28.67
CA GLN J 47 -24.30 -4.33 -28.44
C GLN J 47 -23.07 -4.58 -27.57
N ILE J 48 -23.23 -5.35 -26.48
CA ILE J 48 -22.10 -5.64 -25.60
C ILE J 48 -21.05 -6.47 -26.34
N ASN J 49 -21.50 -7.48 -27.09
CA ASN J 49 -20.55 -8.35 -27.80
C ASN J 49 -19.78 -7.56 -28.86
N GLY J 50 -20.46 -6.63 -29.54
CA GLY J 50 -19.75 -5.76 -30.47
C GLY J 50 -18.71 -4.90 -29.80
N LYS J 51 -19.04 -4.36 -28.62
CA LYS J 51 -18.05 -3.62 -27.85
C LYS J 51 -16.88 -4.51 -27.45
N LEU J 52 -17.17 -5.76 -27.07
CA LEU J 52 -16.11 -6.70 -26.77
C LEU J 52 -15.25 -6.99 -28.00
N ASN J 53 -15.89 -7.11 -29.17
CA ASN J 53 -15.16 -7.43 -30.39
C ASN J 53 -14.18 -6.32 -30.76
N ARG J 54 -14.61 -5.07 -30.68
CA ARG J 54 -13.71 -3.96 -30.95
C ARG J 54 -12.63 -3.81 -29.88
N LEU J 55 -12.82 -4.46 -28.74
CA LEU J 55 -11.91 -4.34 -27.60
C LEU J 55 -11.09 -5.61 -27.33
N ILE J 56 -11.34 -6.69 -28.07
CA ILE J 56 -10.58 -7.93 -27.93
C ILE J 56 -10.04 -8.25 -29.32
N GLY J 57 -8.82 -7.80 -29.60
CA GLY J 57 -8.24 -7.93 -30.93
C GLY J 57 -8.76 -6.90 -31.90
N ASN J 60 -1.47 -6.00 -32.35
CA ASN J 60 -0.20 -5.35 -32.09
C ASN J 60 0.91 -6.39 -32.00
N GLU J 61 1.58 -6.62 -33.13
CA GLU J 61 2.68 -7.58 -33.20
C GLU J 61 3.99 -6.79 -33.31
N LYS J 62 4.71 -6.71 -32.20
CA LYS J 62 6.01 -6.05 -32.14
C LYS J 62 7.06 -7.07 -31.74
N PHE J 63 8.21 -7.03 -32.42
CA PHE J 63 9.23 -8.05 -32.28
C PHE J 63 10.50 -7.53 -31.62
N HIS J 64 11.15 -6.54 -32.22
CA HIS J 64 12.43 -6.03 -31.71
C HIS J 64 12.23 -4.59 -31.26
N GLN J 65 12.43 -4.34 -29.97
CA GLN J 65 12.22 -3.03 -29.39
C GLN J 65 13.45 -2.59 -28.60
N ILE J 66 13.36 -1.46 -27.91
CA ILE J 66 14.45 -1.01 -27.05
C ILE J 66 14.54 -1.92 -25.83
N GLU J 67 15.75 -2.03 -25.28
CA GLU J 67 15.92 -2.73 -24.02
C GLU J 67 15.21 -1.96 -22.91
N LYS J 68 14.52 -2.69 -22.03
CA LYS J 68 13.71 -2.07 -20.99
C LYS J 68 14.22 -2.37 -19.59
N GLU J 69 15.24 -3.23 -19.45
CA GLU J 69 15.89 -3.49 -18.17
C GLU J 69 17.39 -3.45 -18.37
N PHE J 70 18.09 -2.88 -17.38
CA PHE J 70 19.51 -2.61 -17.52
C PHE J 70 20.26 -3.05 -16.27
N SER J 71 21.43 -3.64 -16.48
CA SER J 71 22.25 -4.15 -15.38
C SER J 71 23.29 -3.14 -14.91
N GLU J 72 23.71 -2.22 -15.77
CA GLU J 72 24.73 -1.24 -15.44
C GLU J 72 24.20 0.16 -15.74
N VAL J 73 24.59 1.12 -14.90
CA VAL J 73 24.07 2.49 -15.01
C VAL J 73 24.89 3.21 -16.07
N GLU J 74 24.32 3.37 -17.26
CA GLU J 74 25.03 4.02 -18.36
C GLU J 74 24.93 5.54 -18.26
N GLY J 75 23.71 6.07 -18.28
CA GLY J 75 23.53 7.51 -18.18
C GLY J 75 22.42 8.07 -19.06
N ARG J 76 22.78 9.03 -19.92
CA ARG J 76 21.79 9.79 -20.67
C ARG J 76 20.95 8.91 -21.59
N ILE J 77 21.61 8.03 -22.34
CA ILE J 77 20.88 7.17 -23.27
C ILE J 77 19.95 6.22 -22.52
N GLN J 78 20.45 5.62 -21.44
CA GLN J 78 19.61 4.75 -20.63
C GLN J 78 18.43 5.50 -20.03
N ASP J 79 18.67 6.74 -19.60
CA ASP J 79 17.58 7.57 -19.08
C ASP J 79 16.54 7.85 -20.16
N LEU J 80 16.99 8.15 -21.38
CA LEU J 80 16.05 8.38 -22.47
C LEU J 80 15.24 7.13 -22.78
N GLU J 81 15.89 5.97 -22.81
CA GLU J 81 15.18 4.72 -23.07
C GLU J 81 14.14 4.44 -22.00
N LYS J 82 14.51 4.64 -20.73
CA LYS J 82 13.55 4.45 -19.65
C LYS J 82 12.39 5.44 -19.75
N TYR J 83 12.70 6.70 -20.11
CA TYR J 83 11.66 7.71 -20.24
C TYR J 83 10.67 7.38 -21.35
N VAL J 84 11.19 6.91 -22.49
CA VAL J 84 10.31 6.56 -23.61
C VAL J 84 9.36 5.45 -23.23
N GLU J 85 9.90 4.38 -22.63
CA GLU J 85 9.06 3.26 -22.21
C GLU J 85 8.05 3.70 -21.16
N ASP J 86 8.50 4.45 -20.15
CA ASP J 86 7.60 4.90 -19.10
C ASP J 86 6.49 5.77 -19.65
N THR J 87 6.82 6.64 -20.61
CA THR J 87 5.81 7.47 -21.25
C THR J 87 4.79 6.62 -21.98
N LYS J 88 5.25 5.59 -22.70
CA LYS J 88 4.33 4.72 -23.44
C LYS J 88 3.40 3.97 -22.50
N ILE J 89 3.93 3.41 -21.42
CA ILE J 89 3.10 2.66 -20.48
C ILE J 89 2.08 3.57 -19.81
N ASP J 90 2.51 4.78 -19.40
CA ASP J 90 1.60 5.71 -18.75
C ASP J 90 0.45 6.10 -19.68
N LEU J 91 0.76 6.40 -20.95
CA LEU J 91 -0.29 6.79 -21.88
C LEU J 91 -1.25 5.65 -22.16
N TRP J 92 -0.73 4.44 -22.35
CA TRP J 92 -1.61 3.29 -22.59
C TRP J 92 -2.43 2.96 -21.35
N SER J 93 -1.87 3.14 -20.16
CA SER J 93 -2.63 2.91 -18.94
C SER J 93 -3.80 3.87 -18.81
N TYR J 94 -3.58 5.15 -19.13
CA TYR J 94 -4.69 6.09 -19.14
C TYR J 94 -5.73 5.70 -20.19
N ASN J 95 -5.27 5.27 -21.36
CA ASN J 95 -6.20 4.85 -22.40
C ASN J 95 -7.07 3.69 -21.94
N ALA J 96 -6.46 2.71 -21.27
CA ALA J 96 -7.23 1.57 -20.77
C ALA J 96 -8.23 1.99 -19.71
N GLU J 97 -7.82 2.85 -18.77
CA GLU J 97 -8.71 3.26 -17.69
C GLU J 97 -9.86 4.10 -18.21
N LEU J 98 -9.55 5.12 -19.02
CA LEU J 98 -10.61 5.91 -19.64
C LEU J 98 -11.51 5.05 -20.50
N LEU J 99 -10.94 4.05 -21.16
CA LEU J 99 -11.71 3.12 -21.97
C LEU J 99 -12.76 2.39 -21.12
N VAL J 100 -12.31 1.64 -20.11
CA VAL J 100 -13.21 0.78 -19.35
C VAL J 100 -14.29 1.61 -18.65
N ALA J 101 -13.94 2.82 -18.20
CA ALA J 101 -14.94 3.67 -17.58
C ALA J 101 -16.02 4.07 -18.58
N LEU J 102 -15.61 4.51 -19.77
CA LEU J 102 -16.58 4.92 -20.79
C LEU J 102 -17.46 3.76 -21.22
N GLU J 103 -16.87 2.59 -21.48
CA GLU J 103 -17.64 1.44 -21.93
C GLU J 103 -18.62 0.97 -20.85
N ASN J 104 -18.20 0.97 -19.60
CA ASN J 104 -19.09 0.58 -18.51
C ASN J 104 -20.24 1.57 -18.37
N GLN J 105 -19.96 2.87 -18.47
CA GLN J 105 -21.03 3.87 -18.42
C GLN J 105 -21.98 3.70 -19.60
N HIS J 106 -21.43 3.48 -20.80
CA HIS J 106 -22.28 3.25 -21.96
C HIS J 106 -23.11 1.98 -21.79
N THR J 107 -22.50 0.93 -21.21
CA THR J 107 -23.21 -0.31 -21.00
C THR J 107 -24.39 -0.12 -20.05
N ILE J 108 -24.17 0.60 -18.94
CA ILE J 108 -25.24 0.81 -17.97
C ILE J 108 -26.38 1.62 -18.59
N ASP J 109 -26.04 2.68 -19.31
CA ASP J 109 -27.06 3.52 -19.93
C ASP J 109 -27.77 2.77 -21.06
N LEU J 110 -27.06 1.91 -21.77
CA LEU J 110 -27.69 1.14 -22.85
C LEU J 110 -28.72 0.16 -22.30
N THR J 111 -28.38 -0.54 -21.20
CA THR J 111 -29.35 -1.44 -20.59
C THR J 111 -30.55 -0.67 -20.05
N ASP J 112 -30.31 0.50 -19.46
CA ASP J 112 -31.41 1.38 -19.07
C ASP J 112 -32.24 1.76 -20.30
N SER J 113 -31.58 2.02 -21.42
CA SER J 113 -32.30 2.37 -22.64
C SER J 113 -33.19 1.22 -23.11
N GLU J 114 -32.66 -0.01 -23.09
CA GLU J 114 -33.43 -1.15 -23.57
C GLU J 114 -34.67 -1.38 -22.73
N MET J 115 -34.55 -1.22 -21.41
CA MET J 115 -35.72 -1.35 -20.54
C MET J 115 -36.77 -0.28 -20.86
N ASN J 116 -36.32 0.97 -21.06
CA ASN J 116 -37.26 2.04 -21.38
C ASN J 116 -37.92 1.83 -22.73
N LYS J 117 -37.15 1.35 -23.72
CA LYS J 117 -37.73 1.10 -25.04
C LYS J 117 -38.79 0.01 -24.97
N LEU J 118 -38.54 -1.06 -24.20
CA LEU J 118 -39.55 -2.10 -24.03
C LEU J 118 -40.79 -1.56 -23.33
N PHE J 119 -40.61 -0.71 -22.32
CA PHE J 119 -41.75 -0.06 -21.69
C PHE J 119 -42.55 0.73 -22.72
N GLU J 120 -41.87 1.58 -23.49
CA GLU J 120 -42.58 2.43 -24.44
C GLU J 120 -43.30 1.59 -25.49
N LYS J 121 -42.70 0.48 -25.90
CA LYS J 121 -43.36 -0.43 -26.84
C LYS J 121 -44.64 -0.99 -26.25
N THR J 122 -44.61 -1.37 -24.97
CA THR J 122 -45.81 -1.87 -24.32
C THR J 122 -46.88 -0.77 -24.19
N LYS J 123 -46.45 0.44 -23.83
CA LYS J 123 -47.41 1.54 -23.71
C LYS J 123 -48.05 1.89 -25.04
N LYS J 124 -47.25 1.94 -26.11
CA LYS J 124 -47.81 2.20 -27.43
C LYS J 124 -48.77 1.09 -27.85
N GLN J 125 -48.50 -0.13 -27.41
CA GLN J 125 -49.36 -1.26 -27.79
C GLN J 125 -50.70 -1.19 -27.05
N LEU J 126 -50.68 -0.76 -25.80
CA LEU J 126 -51.91 -0.75 -24.99
C LEU J 126 -52.80 0.43 -25.32
N ARG J 127 -52.23 1.57 -25.72
CA ARG J 127 -52.98 2.78 -26.11
C ARG J 127 -53.80 3.23 -24.91
N GLU J 128 -55.11 3.40 -25.03
CA GLU J 128 -55.96 3.90 -23.97
C GLU J 128 -56.57 2.80 -23.11
N ASN J 129 -56.20 1.53 -23.35
CA ASN J 129 -56.76 0.41 -22.60
C ASN J 129 -56.01 0.11 -21.32
N ALA J 130 -54.89 0.78 -21.06
CA ALA J 130 -54.11 0.52 -19.86
C ALA J 130 -53.51 1.83 -19.35
N GLU J 131 -53.12 1.82 -18.08
CA GLU J 131 -52.53 2.97 -17.43
C GLU J 131 -51.25 2.56 -16.73
N ASP J 132 -50.40 3.54 -16.44
CA ASP J 132 -49.10 3.32 -15.83
C ASP J 132 -49.14 3.75 -14.37
N MET J 133 -48.67 2.89 -13.48
CA MET J 133 -48.63 3.15 -12.05
C MET J 133 -47.27 3.62 -11.57
N GLY J 134 -46.33 3.86 -12.48
CA GLY J 134 -45.04 4.42 -12.12
C GLY J 134 -44.08 3.47 -11.43
N ASN J 135 -44.27 2.16 -11.58
CA ASN J 135 -43.31 1.18 -11.08
C ASN J 135 -42.96 0.13 -12.13
N GLY J 136 -43.10 0.45 -13.42
CA GLY J 136 -42.86 -0.50 -14.46
C GLY J 136 -43.99 -1.49 -14.71
N CYS J 137 -45.17 -1.25 -14.16
CA CYS J 137 -46.32 -2.11 -14.33
C CYS J 137 -47.44 -1.34 -15.02
N PHE J 138 -48.12 -2.00 -15.95
CA PHE J 138 -49.28 -1.45 -16.62
C PHE J 138 -50.53 -2.08 -16.05
N LYS J 139 -51.41 -1.25 -15.51
CA LYS J 139 -52.71 -1.73 -15.02
C LYS J 139 -53.66 -1.77 -16.20
N ILE J 140 -54.06 -2.97 -16.60
CA ILE J 140 -54.94 -3.17 -17.75
C ILE J 140 -56.35 -3.39 -17.23
N TYR J 141 -57.28 -2.55 -17.67
CA TYR J 141 -58.64 -2.56 -17.14
C TYR J 141 -59.55 -3.57 -17.83
N HIS J 142 -59.11 -4.19 -18.91
CA HIS J 142 -59.86 -5.25 -19.56
C HIS J 142 -59.35 -6.59 -19.06
N LYS J 143 -60.25 -7.57 -19.02
CA LYS J 143 -59.86 -8.87 -18.49
C LYS J 143 -59.02 -9.62 -19.49
N CYS J 144 -57.72 -9.70 -19.20
CA CYS J 144 -56.75 -10.31 -20.08
C CYS J 144 -56.42 -11.71 -19.63
N ASP J 145 -56.34 -12.62 -20.59
CA ASP J 145 -56.06 -14.02 -20.39
C ASP J 145 -54.60 -14.32 -20.71
N ASN J 146 -54.15 -15.49 -20.29
CA ASN J 146 -52.81 -15.94 -20.63
C ASN J 146 -52.60 -16.06 -22.14
N ALA J 147 -53.66 -15.90 -22.93
CA ALA J 147 -53.55 -15.81 -24.38
C ALA J 147 -53.30 -14.38 -24.84
N CYS J 148 -54.02 -13.41 -24.27
CA CYS J 148 -53.79 -12.01 -24.65
C CYS J 148 -52.59 -11.39 -23.96
N ILE J 149 -52.15 -11.95 -22.83
CA ILE J 149 -50.86 -11.53 -22.27
C ILE J 149 -49.76 -11.81 -23.28
N GLY J 150 -49.79 -13.01 -23.88
CA GLY J 150 -48.85 -13.32 -24.94
C GLY J 150 -49.04 -12.44 -26.17
N SER J 151 -50.25 -11.92 -26.37
CA SER J 151 -50.47 -10.96 -27.44
C SER J 151 -49.69 -9.67 -27.19
N ILE J 152 -49.66 -9.20 -25.95
CA ILE J 152 -48.84 -8.04 -25.61
C ILE J 152 -47.36 -8.38 -25.78
N ARG J 153 -46.96 -9.59 -25.36
CA ARG J 153 -45.57 -9.99 -25.47
C ARG J 153 -45.14 -10.10 -26.93
N ASN J 154 -45.99 -10.67 -27.78
CA ASN J 154 -45.66 -10.88 -29.18
C ASN J 154 -45.95 -9.65 -30.05
N GLY J 155 -46.52 -8.60 -29.48
CA GLY J 155 -46.92 -7.46 -30.28
C GLY J 155 -48.06 -7.74 -31.22
N THR J 156 -48.99 -8.59 -30.83
CA THR J 156 -50.20 -8.87 -31.61
C THR J 156 -51.46 -8.42 -30.89
N TYR J 157 -51.32 -7.72 -29.76
CA TYR J 157 -52.46 -7.19 -29.02
C TYR J 157 -53.27 -6.26 -29.93
N ASP J 158 -54.58 -6.50 -29.98
CA ASP J 158 -55.50 -5.65 -30.73
C ASP J 158 -56.26 -4.78 -29.73
N HIS J 159 -55.95 -3.48 -29.72
CA HIS J 159 -56.56 -2.58 -28.75
C HIS J 159 -58.02 -2.27 -29.07
N ASN J 160 -58.43 -2.41 -30.32
CA ASN J 160 -59.78 -1.98 -30.70
C ASN J 160 -60.87 -2.85 -30.10
N VAL J 161 -60.62 -4.16 -29.96
CA VAL J 161 -61.69 -5.05 -29.53
C VAL J 161 -61.82 -5.14 -28.00
N TYR J 162 -60.76 -4.82 -27.26
CA TYR J 162 -60.86 -4.63 -25.81
C TYR J 162 -61.06 -3.17 -25.43
N ARG J 163 -61.18 -2.27 -26.41
CA ARG J 163 -61.17 -0.84 -26.16
C ARG J 163 -62.35 -0.39 -25.30
N ASP J 164 -63.57 -0.48 -25.84
CA ASP J 164 -64.71 0.20 -25.23
C ASP J 164 -64.95 -0.26 -23.80
N GLU J 165 -64.72 -1.55 -23.53
CA GLU J 165 -64.80 -2.04 -22.16
C GLU J 165 -63.76 -1.36 -21.28
N ALA J 166 -62.53 -1.18 -21.80
CA ALA J 166 -61.48 -0.53 -21.02
C ALA J 166 -61.82 0.93 -20.74
N LEU J 167 -62.34 1.65 -21.75
CA LEU J 167 -62.76 3.03 -21.52
C LEU J 167 -63.79 3.11 -20.40
N ASN J 168 -64.79 2.24 -20.45
CA ASN J 168 -65.84 2.26 -19.43
C ASN J 168 -65.31 1.84 -18.07
N ASN J 169 -64.26 1.02 -18.05
CA ASN J 169 -63.68 0.60 -16.77
C ASN J 169 -62.85 1.70 -16.13
N ARG J 170 -62.21 2.55 -16.94
CA ARG J 170 -61.35 3.62 -16.41
C ARG J 170 -62.15 4.89 -16.12
N PHE J 171 -62.75 5.48 -17.16
CA PHE J 171 -63.34 6.80 -17.05
C PHE J 171 -64.69 6.78 -16.34
N GLN J 172 -65.45 5.70 -16.49
CA GLN J 172 -66.76 5.61 -15.84
C GLN J 172 -66.68 4.73 -14.60
N GLY K 1 -29.48 4.89 -31.10
CA GLY K 1 -30.76 4.24 -30.98
C GLY K 1 -31.20 4.09 -29.54
N ILE K 2 -30.75 5.01 -28.69
CA ILE K 2 -31.09 4.93 -27.27
C ILE K 2 -32.53 5.35 -27.00
N PHE K 3 -33.13 6.16 -27.88
CA PHE K 3 -34.49 6.65 -27.69
C PHE K 3 -35.49 5.94 -28.59
N GLY K 4 -35.13 4.78 -29.14
CA GLY K 4 -35.96 4.14 -30.13
C GLY K 4 -36.01 4.95 -31.40
N ALA K 5 -37.20 5.47 -31.73
CA ALA K 5 -37.38 6.42 -32.82
C ALA K 5 -36.76 5.94 -34.13
N ILE K 6 -35.61 6.51 -34.49
CA ILE K 6 -34.98 6.21 -35.77
C ILE K 6 -34.63 4.73 -35.86
N ALA K 7 -34.13 4.16 -34.76
CA ALA K 7 -33.83 2.73 -34.74
C ALA K 7 -35.10 1.90 -34.80
N GLY K 8 -36.08 2.22 -33.97
CA GLY K 8 -37.30 1.45 -33.91
C GLY K 8 -38.48 2.32 -33.55
N PHE K 9 -39.66 1.89 -33.97
CA PHE K 9 -40.96 2.53 -33.83
C PHE K 9 -41.12 3.72 -34.80
N ILE K 10 -40.04 4.16 -35.47
CA ILE K 10 -40.11 5.03 -36.63
C ILE K 10 -39.27 4.35 -37.71
N GLU K 11 -39.31 3.02 -37.74
CA GLU K 11 -38.45 2.27 -38.65
C GLU K 11 -38.91 2.46 -40.09
N ASN K 12 -38.78 3.70 -40.58
CA ASN K 12 -39.10 4.04 -41.95
C ASN K 12 -38.46 5.37 -42.27
N GLY K 13 -37.53 5.39 -43.21
CA GLY K 13 -36.91 6.63 -43.65
C GLY K 13 -37.61 7.19 -44.86
N TRP K 14 -37.84 8.50 -44.83
CA TRP K 14 -38.53 9.19 -45.92
C TRP K 14 -37.50 9.63 -46.95
N GLU K 15 -37.25 8.75 -47.92
CA GLU K 15 -36.27 9.05 -48.96
C GLU K 15 -36.73 10.16 -49.90
N GLY K 16 -38.03 10.47 -49.90
CA GLY K 16 -38.52 11.63 -50.62
C GLY K 16 -38.35 12.93 -49.90
N MET K 17 -37.84 12.90 -48.67
CA MET K 17 -37.64 14.11 -47.89
C MET K 17 -36.33 14.78 -48.28
N VAL K 18 -36.41 16.01 -48.78
CA VAL K 18 -35.22 16.75 -49.21
C VAL K 18 -35.14 18.07 -48.47
N ASP K 19 -36.30 18.59 -48.04
CA ASP K 19 -36.35 19.90 -47.41
C ASP K 19 -35.83 19.93 -45.98
N GLY K 20 -35.52 18.77 -45.40
CA GLY K 20 -34.99 18.74 -44.06
C GLY K 20 -34.64 17.31 -43.67
N TRP K 21 -34.14 17.18 -42.44
CA TRP K 21 -33.82 15.88 -41.88
C TRP K 21 -35.02 15.20 -41.22
N TYR K 22 -35.93 15.99 -40.65
CA TYR K 22 -37.15 15.49 -40.04
C TYR K 22 -38.33 16.33 -40.50
N GLY K 23 -39.53 15.79 -40.33
CA GLY K 23 -40.71 16.55 -40.70
C GLY K 23 -41.98 15.77 -40.46
N PHE K 24 -43.07 16.31 -41.01
CA PHE K 24 -44.40 15.78 -40.81
C PHE K 24 -45.04 15.48 -42.16
N ARG K 25 -45.61 14.28 -42.30
CA ARG K 25 -46.40 13.90 -43.45
C ARG K 25 -47.85 13.77 -43.03
N HIS K 26 -48.78 14.33 -43.80
CA HIS K 26 -50.14 14.51 -43.30
C HIS K 26 -51.18 14.03 -44.31
N GLN K 27 -52.28 13.53 -43.76
CA GLN K 27 -53.48 13.14 -44.49
C GLN K 27 -54.68 13.72 -43.74
N ASN K 28 -55.55 14.43 -44.45
CA ASN K 28 -56.58 15.20 -43.77
C ASN K 28 -57.72 15.46 -44.74
N SER K 29 -58.58 16.43 -44.39
CA SER K 29 -59.77 16.73 -45.16
C SER K 29 -59.45 17.15 -46.60
N GLU K 30 -58.27 17.72 -46.82
CA GLU K 30 -57.93 18.27 -48.13
C GLU K 30 -57.07 17.35 -48.98
N GLY K 31 -56.12 16.65 -48.37
CA GLY K 31 -55.30 15.71 -49.14
C GLY K 31 -54.16 15.08 -48.37
N ARG K 32 -53.07 14.76 -49.08
CA ARG K 32 -51.85 14.28 -48.47
C ARG K 32 -50.74 15.29 -48.70
N GLY K 33 -49.84 15.42 -47.73
CA GLY K 33 -48.82 16.43 -47.84
C GLY K 33 -47.65 16.25 -46.91
N GLN K 34 -46.45 16.46 -47.44
CA GLN K 34 -45.21 16.32 -46.70
C GLN K 34 -44.64 17.71 -46.43
N ALA K 35 -44.39 18.01 -45.16
CA ALA K 35 -43.78 19.26 -44.76
C ALA K 35 -42.55 18.96 -43.92
N ALA K 36 -41.63 19.91 -43.89
CA ALA K 36 -40.33 19.74 -43.25
C ALA K 36 -40.24 20.59 -41.99
N ASP K 37 -39.61 20.02 -40.97
CA ASP K 37 -39.29 20.74 -39.75
C ASP K 37 -37.83 21.19 -39.82
N LEU K 38 -37.60 22.48 -39.58
CA LEU K 38 -36.26 23.05 -39.76
C LEU K 38 -35.49 23.23 -38.46
N LYS K 39 -36.18 23.54 -37.36
CA LYS K 39 -35.48 23.80 -36.10
C LYS K 39 -34.73 22.57 -35.61
N SER K 40 -35.39 21.41 -35.63
CA SER K 40 -34.72 20.18 -35.24
C SER K 40 -33.63 19.80 -36.22
N THR K 41 -33.89 19.97 -37.51
CA THR K 41 -32.87 19.70 -38.52
C THR K 41 -31.67 20.61 -38.34
N GLN K 42 -31.91 21.91 -38.11
CA GLN K 42 -30.81 22.84 -37.89
C GLN K 42 -30.04 22.51 -36.62
N ALA K 43 -30.76 22.08 -35.57
CA ALA K 43 -30.09 21.69 -34.34
C ALA K 43 -29.14 20.52 -34.58
N ALA K 44 -29.63 19.46 -35.22
CA ALA K 44 -28.78 18.29 -35.48
C ALA K 44 -27.60 18.66 -36.37
N ILE K 45 -27.84 19.46 -37.41
CA ILE K 45 -26.75 19.89 -38.29
C ILE K 45 -25.72 20.69 -37.49
N ASP K 46 -26.18 21.55 -36.59
CA ASP K 46 -25.26 22.40 -35.83
C ASP K 46 -24.36 21.57 -34.91
N GLN K 47 -24.93 20.55 -34.26
CA GLN K 47 -24.10 19.69 -33.41
C GLN K 47 -23.07 18.93 -34.23
N ILE K 48 -23.47 18.43 -35.41
CA ILE K 48 -22.53 17.73 -36.28
C ILE K 48 -21.41 18.67 -36.71
N ASN K 49 -21.76 19.88 -37.12
CA ASN K 49 -20.75 20.86 -37.50
C ASN K 49 -19.88 21.24 -36.31
N GLY K 50 -20.43 21.18 -35.10
CA GLY K 50 -19.61 21.40 -33.92
C GLY K 50 -18.57 20.33 -33.70
N LYS K 51 -18.93 19.07 -33.96
CA LYS K 51 -17.95 18.00 -33.91
C LYS K 51 -16.87 18.22 -34.97
N LEU K 52 -17.27 18.64 -36.16
CA LEU K 52 -16.31 18.91 -37.23
C LEU K 52 -15.40 20.09 -36.88
N ASN K 53 -15.92 21.07 -36.13
CA ASN K 53 -15.10 22.19 -35.69
C ASN K 53 -13.97 21.71 -34.76
N ARG K 54 -14.32 20.89 -33.76
CA ARG K 54 -13.34 20.39 -32.80
C ARG K 54 -12.45 19.30 -33.39
N LEU K 55 -12.70 18.87 -34.63
CA LEU K 55 -12.00 17.74 -35.20
C LEU K 55 -10.50 17.98 -35.25
N ILE K 56 -10.08 19.11 -35.82
CA ILE K 56 -8.65 19.36 -36.03
C ILE K 56 -8.40 20.85 -35.91
N GLY K 57 -7.30 21.19 -35.24
CA GLY K 57 -6.80 22.56 -35.18
C GLY K 57 -5.36 22.62 -35.63
N LYS K 58 -4.88 21.50 -36.18
CA LYS K 58 -3.52 21.33 -36.65
C LYS K 58 -2.50 21.73 -35.57
N THR K 59 -2.63 21.07 -34.42
CA THR K 59 -1.73 21.30 -33.30
C THR K 59 -0.33 20.77 -33.55
N ASN K 60 -0.09 20.08 -34.67
CA ASN K 60 1.25 19.65 -35.05
C ASN K 60 1.67 20.46 -36.27
N GLU K 61 2.20 21.65 -36.01
CA GLU K 61 2.96 22.39 -37.01
C GLU K 61 4.44 22.08 -36.86
N LYS K 62 4.75 20.79 -36.79
CA LYS K 62 6.11 20.34 -36.50
C LYS K 62 7.00 20.57 -37.71
N PHE K 63 8.21 21.07 -37.46
CA PHE K 63 9.14 21.42 -38.53
C PHE K 63 10.34 20.49 -38.56
N HIS K 64 11.13 20.42 -37.50
CA HIS K 64 12.31 19.57 -37.44
C HIS K 64 12.09 18.50 -36.39
N GLN K 65 12.27 17.25 -36.78
CA GLN K 65 12.00 16.11 -35.91
C GLN K 65 13.16 15.13 -36.03
N ILE K 66 12.98 13.94 -35.46
CA ILE K 66 13.96 12.89 -35.59
C ILE K 66 13.80 12.20 -36.95
N GLU K 67 14.83 11.47 -37.35
CA GLU K 67 14.73 10.67 -38.55
C GLU K 67 13.85 9.46 -38.31
N LYS K 68 13.11 9.06 -39.34
CA LYS K 68 12.23 7.90 -39.27
C LYS K 68 12.56 6.84 -40.31
N GLU K 69 13.55 7.07 -41.16
CA GLU K 69 14.03 6.10 -42.12
C GLU K 69 15.55 6.10 -42.11
N PHE K 70 16.14 4.91 -42.22
CA PHE K 70 17.58 4.76 -42.11
C PHE K 70 18.10 3.90 -43.25
N SER K 71 19.21 4.32 -43.84
CA SER K 71 19.86 3.57 -44.92
C SER K 71 20.93 2.63 -44.40
N GLU K 72 21.67 3.05 -43.37
CA GLU K 72 22.69 2.24 -42.74
C GLU K 72 22.21 1.80 -41.36
N VAL K 73 22.47 0.57 -41.03
CA VAL K 73 22.02 0.00 -39.78
C VAL K 73 23.00 0.42 -38.69
N GLU K 74 22.48 0.85 -37.53
CA GLU K 74 23.28 1.55 -36.54
C GLU K 74 23.32 0.87 -35.18
N GLY K 75 22.19 0.35 -34.70
CA GLY K 75 22.16 -0.28 -33.40
C GLY K 75 21.24 0.39 -32.40
N ARG K 76 21.76 0.69 -31.21
CA ARG K 76 20.91 1.13 -30.10
C ARG K 76 20.19 2.43 -30.42
N ILE K 77 20.90 3.41 -30.99
CA ILE K 77 20.30 4.73 -31.19
C ILE K 77 19.23 4.66 -32.28
N GLN K 78 19.44 3.86 -33.32
CA GLN K 78 18.42 3.69 -34.35
C GLN K 78 17.20 2.96 -33.80
N ASP K 79 17.44 1.97 -32.94
CA ASP K 79 16.33 1.25 -32.32
C ASP K 79 15.47 2.18 -31.48
N LEU K 80 16.11 3.08 -30.72
CA LEU K 80 15.34 4.02 -29.91
C LEU K 80 14.49 4.94 -30.77
N GLU K 81 15.10 5.53 -31.81
CA GLU K 81 14.36 6.42 -32.69
C GLU K 81 13.18 5.71 -33.34
N LYS K 82 13.41 4.48 -33.80
CA LYS K 82 12.32 3.70 -34.38
C LYS K 82 11.22 3.45 -33.36
N TYR K 83 11.61 3.16 -32.11
CA TYR K 83 10.63 2.83 -31.08
C TYR K 83 9.75 4.03 -30.72
N VAL K 84 10.35 5.21 -30.58
CA VAL K 84 9.55 6.39 -30.24
C VAL K 84 8.54 6.69 -31.36
N GLU K 85 9.00 6.66 -32.61
CA GLU K 85 8.08 6.90 -33.71
C GLU K 85 6.98 5.84 -33.74
N ASP K 86 7.36 4.57 -33.62
CA ASP K 86 6.37 3.50 -33.63
C ASP K 86 5.38 3.66 -32.48
N THR K 87 5.87 4.03 -31.29
CA THR K 87 4.98 4.27 -30.16
C THR K 87 4.03 5.42 -30.44
N LYS K 88 4.54 6.50 -31.01
CA LYS K 88 3.70 7.66 -31.30
C LYS K 88 2.62 7.32 -32.34
N ILE K 89 3.00 6.57 -33.38
CA ILE K 89 2.04 6.22 -34.43
C ILE K 89 0.92 5.35 -33.85
N ASP K 90 1.29 4.34 -33.06
CA ASP K 90 0.28 3.44 -32.51
C ASP K 90 -0.67 4.17 -31.57
N LEU K 91 -0.13 5.05 -30.72
CA LEU K 91 -0.98 5.79 -29.80
C LEU K 91 -1.95 6.70 -30.54
N TRP K 92 -1.48 7.38 -31.59
CA TRP K 92 -2.36 8.24 -32.37
C TRP K 92 -3.36 7.44 -33.18
N SER K 93 -2.97 6.26 -33.66
CA SER K 93 -3.90 5.39 -34.37
C SER K 93 -5.04 4.94 -33.45
N TYR K 94 -4.72 4.57 -32.21
CA TYR K 94 -5.75 4.23 -31.25
C TYR K 94 -6.64 5.42 -30.95
N ASN K 95 -6.05 6.61 -30.78
CA ASN K 95 -6.83 7.80 -30.46
C ASN K 95 -7.80 8.14 -31.58
N ALA K 96 -7.35 8.04 -32.84
CA ALA K 96 -8.23 8.28 -33.96
C ALA K 96 -9.36 7.25 -34.01
N GLU K 97 -9.01 5.98 -33.84
CA GLU K 97 -10.01 4.92 -33.90
C GLU K 97 -11.04 5.08 -32.78
N LEU K 98 -10.58 5.40 -31.57
CA LEU K 98 -11.51 5.64 -30.47
C LEU K 98 -12.36 6.87 -30.74
N LEU K 99 -11.79 7.91 -31.32
CA LEU K 99 -12.54 9.13 -31.59
C LEU K 99 -13.67 8.88 -32.58
N VAL K 100 -13.37 8.24 -33.71
CA VAL K 100 -14.40 8.04 -34.73
C VAL K 100 -15.50 7.13 -34.22
N ALA K 101 -15.15 6.15 -33.37
CA ALA K 101 -16.17 5.27 -32.81
C ALA K 101 -17.08 6.04 -31.86
N LEU K 102 -16.50 6.85 -30.96
CA LEU K 102 -17.29 7.63 -30.03
C LEU K 102 -18.17 8.64 -30.74
N GLU K 103 -17.61 9.35 -31.73
CA GLU K 103 -18.39 10.38 -32.41
C GLU K 103 -19.51 9.78 -33.24
N ASN K 104 -19.28 8.64 -33.88
CA ASN K 104 -20.34 7.99 -34.64
C ASN K 104 -21.47 7.55 -33.72
N GLN K 105 -21.14 6.97 -32.56
CA GLN K 105 -22.17 6.59 -31.60
C GLN K 105 -22.91 7.82 -31.08
N HIS K 106 -22.18 8.88 -30.76
CA HIS K 106 -22.82 10.12 -30.33
C HIS K 106 -23.71 10.70 -31.41
N THR K 107 -23.25 10.62 -32.67
CA THR K 107 -24.05 11.06 -33.80
C THR K 107 -25.39 10.34 -33.86
N ILE K 108 -25.35 9.00 -33.78
CA ILE K 108 -26.58 8.21 -33.87
C ILE K 108 -27.53 8.57 -32.74
N ASP K 109 -27.00 8.65 -31.52
CA ASP K 109 -27.81 8.97 -30.36
C ASP K 109 -28.38 10.38 -30.45
N LEU K 110 -27.62 11.32 -31.01
CA LEU K 110 -28.09 12.70 -31.09
C LEU K 110 -29.25 12.84 -32.05
N THR K 111 -29.18 12.19 -33.22
CA THR K 111 -30.28 12.25 -34.16
C THR K 111 -31.52 11.57 -33.59
N ASP K 112 -31.33 10.50 -32.81
CA ASP K 112 -32.44 9.90 -32.09
C ASP K 112 -33.03 10.90 -31.08
N SER K 113 -32.17 11.69 -30.45
CA SER K 113 -32.65 12.70 -29.51
C SER K 113 -33.52 13.74 -30.20
N GLU K 114 -33.10 14.20 -31.38
CA GLU K 114 -33.86 15.21 -32.09
C GLU K 114 -35.22 14.68 -32.51
N MET K 115 -35.27 13.43 -32.98
CA MET K 115 -36.56 12.84 -33.36
C MET K 115 -37.48 12.70 -32.16
N ASN K 116 -36.95 12.21 -31.03
CA ASN K 116 -37.77 12.04 -29.84
C ASN K 116 -38.28 13.38 -29.34
N LYS K 117 -37.44 14.42 -29.41
CA LYS K 117 -37.87 15.76 -29.00
C LYS K 117 -39.02 16.26 -29.85
N LEU K 118 -38.91 16.10 -31.17
CA LEU K 118 -39.99 16.52 -32.06
C LEU K 118 -41.27 15.72 -31.79
N PHE K 119 -41.13 14.42 -31.57
CA PHE K 119 -42.28 13.56 -31.31
C PHE K 119 -42.98 13.97 -30.02
N GLU K 120 -42.21 14.18 -28.94
CA GLU K 120 -42.80 14.54 -27.67
C GLU K 120 -43.39 15.95 -27.70
N LYS K 121 -42.71 16.87 -28.38
CA LYS K 121 -43.25 18.23 -28.51
C LYS K 121 -44.58 18.24 -29.23
N THR K 122 -44.68 17.46 -30.32
CA THR K 122 -45.96 17.37 -31.04
C THR K 122 -47.02 16.69 -30.17
N LYS K 123 -46.64 15.64 -29.45
CA LYS K 123 -47.59 14.94 -28.58
C LYS K 123 -48.11 15.85 -27.48
N LYS K 124 -47.21 16.62 -26.86
CA LYS K 124 -47.62 17.54 -25.80
C LYS K 124 -48.53 18.63 -26.34
N GLN K 125 -48.35 19.02 -27.61
CA GLN K 125 -49.23 20.03 -28.20
C GLN K 125 -50.61 19.46 -28.46
N LEU K 126 -50.71 18.16 -28.76
CA LEU K 126 -51.99 17.51 -29.03
C LEU K 126 -52.55 16.93 -27.73
N ARG K 127 -52.93 17.85 -26.83
CA ARG K 127 -53.36 17.49 -25.49
C ARG K 127 -54.69 16.78 -25.57
N GLU K 128 -54.66 15.45 -25.48
CA GLU K 128 -55.83 14.58 -25.41
C GLU K 128 -56.69 14.65 -26.67
N ASN K 129 -56.31 15.45 -27.66
CA ASN K 129 -57.01 15.51 -28.93
C ASN K 129 -56.48 14.49 -29.93
N ALA K 130 -55.46 13.71 -29.57
CA ALA K 130 -54.86 12.76 -30.48
C ALA K 130 -54.24 11.59 -29.72
N GLU K 131 -53.98 10.51 -30.46
CA GLU K 131 -53.42 9.28 -29.91
C GLU K 131 -52.16 8.90 -30.68
N ASP K 132 -51.25 8.23 -29.98
CA ASP K 132 -50.04 7.70 -30.59
C ASP K 132 -50.25 6.21 -30.86
N MET K 133 -50.11 5.82 -32.13
CA MET K 133 -50.21 4.40 -32.49
C MET K 133 -48.88 3.66 -32.31
N GLY K 134 -47.79 4.37 -32.04
CA GLY K 134 -46.50 3.73 -31.89
C GLY K 134 -45.75 3.51 -33.18
N ASN K 135 -46.19 4.10 -34.28
CA ASN K 135 -45.46 4.05 -35.55
C ASN K 135 -44.92 5.43 -35.94
N GLY K 136 -44.79 6.33 -34.97
CA GLY K 136 -44.40 7.70 -35.27
C GLY K 136 -45.51 8.58 -35.77
N CYS K 137 -46.77 8.11 -35.73
CA CYS K 137 -47.90 8.84 -36.28
C CYS K 137 -48.97 9.03 -35.21
N PHE K 138 -49.76 10.10 -35.36
CA PHE K 138 -50.79 10.48 -34.42
C PHE K 138 -52.16 10.42 -35.08
N LYS K 139 -53.15 9.94 -34.32
CA LYS K 139 -54.55 9.92 -34.77
C LYS K 139 -55.26 11.11 -34.15
N ILE K 140 -55.55 12.12 -34.96
CA ILE K 140 -56.34 13.26 -34.51
C ILE K 140 -57.81 12.94 -34.76
N TYR K 141 -58.62 13.10 -33.72
CA TYR K 141 -60.05 12.82 -33.80
C TYR K 141 -60.86 14.08 -34.09
N HIS K 142 -60.29 15.01 -34.84
CA HIS K 142 -60.95 16.23 -35.27
C HIS K 142 -60.69 16.41 -36.76
N LYS K 143 -61.67 16.98 -37.47
CA LYS K 143 -61.55 17.20 -38.91
C LYS K 143 -60.56 18.33 -39.16
N CYS K 144 -59.28 17.98 -39.10
CA CYS K 144 -58.22 18.95 -39.29
C CYS K 144 -58.03 19.22 -40.77
N ASP K 145 -58.10 20.49 -41.15
CA ASP K 145 -57.86 20.91 -42.53
C ASP K 145 -56.37 21.06 -42.77
N ASN K 146 -56.01 21.45 -43.99
CA ASN K 146 -54.60 21.67 -44.31
C ASN K 146 -54.03 22.92 -43.65
N ALA K 147 -54.86 23.70 -42.96
CA ALA K 147 -54.39 24.87 -42.23
C ALA K 147 -54.04 24.55 -40.77
N CYS K 148 -54.86 23.72 -40.10
CA CYS K 148 -54.57 23.35 -38.73
C CYS K 148 -53.45 22.33 -38.64
N ILE K 149 -53.42 21.37 -39.57
CA ILE K 149 -52.32 20.42 -39.60
C ILE K 149 -50.98 21.14 -39.70
N GLY K 150 -50.93 22.28 -40.38
CA GLY K 150 -49.78 23.17 -40.34
C GLY K 150 -49.75 24.07 -39.11
N SER K 151 -50.90 24.30 -38.49
CA SER K 151 -50.93 25.05 -37.24
C SER K 151 -50.10 24.37 -36.18
N ILE K 152 -50.27 23.05 -36.05
CA ILE K 152 -49.44 22.28 -35.14
C ILE K 152 -47.98 22.47 -35.45
N ARG K 153 -47.64 22.34 -36.75
CA ARG K 153 -46.25 22.41 -37.18
C ARG K 153 -45.64 23.76 -36.85
N ASN K 154 -46.36 24.84 -37.15
CA ASN K 154 -45.88 26.17 -36.83
C ASN K 154 -45.89 26.44 -35.33
N GLY K 155 -46.61 25.65 -34.54
CA GLY K 155 -46.69 25.87 -33.10
C GLY K 155 -47.92 26.62 -32.63
N THR K 156 -48.88 26.88 -33.51
CA THR K 156 -50.08 27.64 -33.16
C THR K 156 -51.29 26.69 -33.25
N TYR K 157 -51.49 25.92 -32.19
CA TYR K 157 -52.57 24.93 -32.14
C TYR K 157 -53.31 25.09 -30.83
N ASP K 158 -54.52 25.62 -30.88
CA ASP K 158 -55.37 25.75 -29.69
C ASP K 158 -56.13 24.43 -29.52
N HIS K 159 -55.73 23.65 -28.51
CA HIS K 159 -56.36 22.35 -28.30
C HIS K 159 -57.81 22.49 -27.84
N ASN K 160 -58.16 23.62 -27.20
CA ASN K 160 -59.52 23.80 -26.72
C ASN K 160 -60.52 23.93 -27.86
N VAL K 161 -60.09 24.44 -29.02
CA VAL K 161 -61.00 24.63 -30.14
C VAL K 161 -61.55 23.29 -30.62
N TYR K 162 -60.69 22.29 -30.75
CA TYR K 162 -61.09 20.96 -31.18
C TYR K 162 -61.21 19.99 -30.02
N ARG K 163 -61.24 20.50 -28.78
CA ARG K 163 -61.24 19.63 -27.61
C ARG K 163 -62.49 18.77 -27.55
N ASP K 164 -63.67 19.40 -27.63
CA ASP K 164 -64.93 18.66 -27.47
C ASP K 164 -65.12 17.64 -28.59
N GLU K 165 -64.83 18.03 -29.83
CA GLU K 165 -65.03 17.12 -30.96
C GLU K 165 -64.13 15.89 -30.84
N ALA K 166 -62.85 16.11 -30.53
CA ALA K 166 -61.93 14.98 -30.39
C ALA K 166 -62.33 14.07 -29.23
N LEU K 167 -62.77 14.67 -28.12
CA LEU K 167 -63.20 13.86 -26.98
C LEU K 167 -64.38 12.98 -27.35
N ASN K 168 -65.38 13.54 -28.02
CA ASN K 168 -66.57 12.78 -28.38
C ASN K 168 -66.24 11.64 -29.35
N ASN K 169 -65.37 11.91 -30.33
CA ASN K 169 -65.06 10.92 -31.35
C ASN K 169 -64.17 9.80 -30.85
N ARG K 170 -63.49 9.97 -29.71
CA ARG K 170 -62.66 8.91 -29.16
C ARG K 170 -63.31 8.19 -27.99
N PHE K 171 -64.20 8.84 -27.26
CA PHE K 171 -64.89 8.21 -26.13
C PHE K 171 -66.31 7.81 -26.52
N GLY L 1 -28.99 17.83 -22.95
CA GLY L 1 -29.80 18.32 -24.05
C GLY L 1 -30.37 17.22 -24.92
N ILE L 2 -29.95 15.98 -24.67
CA ILE L 2 -30.45 14.86 -25.46
C ILE L 2 -31.91 14.57 -25.13
N PHE L 3 -32.34 14.84 -23.90
CA PHE L 3 -33.74 14.70 -23.55
C PHE L 3 -34.57 15.95 -23.84
N GLY L 4 -33.91 17.08 -24.08
CA GLY L 4 -34.61 18.31 -24.40
C GLY L 4 -35.45 18.88 -23.28
N ALA L 5 -34.95 18.84 -22.04
CA ALA L 5 -35.66 19.38 -20.89
C ALA L 5 -35.07 20.68 -20.35
N ILE L 6 -33.75 20.87 -20.47
CA ILE L 6 -33.12 22.04 -19.89
C ILE L 6 -33.27 23.25 -20.80
N ALA L 7 -32.94 23.09 -22.08
CA ALA L 7 -33.11 24.15 -23.06
C ALA L 7 -34.33 23.92 -23.96
N GLY L 8 -35.05 22.83 -23.74
CA GLY L 8 -36.18 22.49 -24.58
C GLY L 8 -37.51 22.90 -24.00
N PHE L 9 -38.26 21.94 -23.43
CA PHE L 9 -39.59 22.28 -22.94
C PHE L 9 -39.56 23.10 -21.65
N ILE L 10 -38.40 23.48 -21.14
CA ILE L 10 -38.29 24.47 -20.07
C ILE L 10 -37.37 25.56 -20.61
N GLU L 11 -37.97 26.58 -21.23
CA GLU L 11 -37.18 27.61 -21.89
C GLU L 11 -36.38 28.45 -20.91
N ASN L 12 -36.85 28.55 -19.67
CA ASN L 12 -36.28 29.49 -18.71
C ASN L 12 -35.80 28.79 -17.46
N GLY L 13 -34.75 29.33 -16.85
CA GLY L 13 -34.26 28.86 -15.57
C GLY L 13 -34.76 29.74 -14.44
N TRP L 14 -34.67 29.21 -13.23
CA TRP L 14 -35.19 29.87 -12.03
C TRP L 14 -34.01 30.27 -11.16
N GLU L 15 -33.59 31.53 -11.26
CA GLU L 15 -32.48 32.04 -10.45
C GLU L 15 -32.83 32.19 -8.98
N GLY L 16 -34.12 32.17 -8.62
CA GLY L 16 -34.52 32.20 -7.23
C GLY L 16 -34.44 30.88 -6.51
N MET L 17 -34.22 29.78 -7.23
CA MET L 17 -34.11 28.46 -6.64
C MET L 17 -32.66 28.25 -6.22
N VAL L 18 -32.38 28.56 -4.96
CA VAL L 18 -31.03 28.42 -4.41
C VAL L 18 -30.93 27.24 -3.44
N ASP L 19 -32.04 26.66 -3.02
CA ASP L 19 -32.04 25.52 -2.11
C ASP L 19 -31.97 24.19 -2.84
N GLY L 20 -32.00 24.19 -4.17
CA GLY L 20 -31.92 22.96 -4.94
C GLY L 20 -31.69 23.18 -6.42
N TRP L 21 -31.10 22.18 -7.08
CA TRP L 21 -30.86 22.29 -8.52
C TRP L 21 -32.15 22.16 -9.31
N TYR L 22 -33.10 21.34 -8.83
CA TYR L 22 -34.38 21.16 -9.47
C TYR L 22 -35.48 21.36 -8.44
N GLY L 23 -36.64 21.81 -8.88
CA GLY L 23 -37.71 22.08 -7.94
C GLY L 23 -39.02 22.30 -8.63
N PHE L 24 -40.03 22.63 -7.82
CA PHE L 24 -41.40 22.81 -8.28
C PHE L 24 -41.86 24.23 -7.98
N ARG L 25 -42.79 24.71 -8.80
CA ARG L 25 -43.40 26.03 -8.63
C ARG L 25 -44.90 25.88 -8.84
N HIS L 26 -45.68 26.11 -7.80
CA HIS L 26 -47.11 25.83 -7.83
C HIS L 26 -47.92 27.12 -7.71
N GLN L 27 -49.02 27.17 -8.44
CA GLN L 27 -50.02 28.22 -8.31
C GLN L 27 -51.38 27.57 -8.11
N ASN L 28 -52.09 27.98 -7.06
CA ASN L 28 -53.37 27.39 -6.70
C ASN L 28 -54.24 28.46 -6.06
N SER L 29 -55.36 28.03 -5.48
CA SER L 29 -56.26 28.97 -4.82
C SER L 29 -55.59 29.64 -3.63
N GLU L 30 -54.60 28.99 -3.03
CA GLU L 30 -53.87 29.58 -1.92
C GLU L 30 -52.83 30.61 -2.36
N GLY L 31 -52.50 30.67 -3.65
CA GLY L 31 -51.53 31.63 -4.14
C GLY L 31 -50.42 31.02 -4.97
N ARG L 32 -49.19 31.45 -4.74
CA ARG L 32 -48.03 30.97 -5.47
C ARG L 32 -46.94 30.58 -4.50
N GLY L 33 -46.16 29.57 -4.87
CA GLY L 33 -45.08 29.09 -4.03
C GLY L 33 -44.05 28.34 -4.85
N GLN L 34 -42.90 28.12 -4.23
CA GLN L 34 -41.78 27.45 -4.88
C GLN L 34 -41.05 26.57 -3.87
N ALA L 35 -40.81 25.32 -4.25
CA ALA L 35 -40.05 24.37 -3.45
C ALA L 35 -39.00 23.70 -4.31
N ALA L 36 -38.03 23.07 -3.65
CA ALA L 36 -36.91 22.42 -4.33
C ALA L 36 -36.92 20.93 -4.02
N ASP L 37 -36.69 20.12 -5.05
CA ASP L 37 -36.59 18.67 -4.90
C ASP L 37 -35.16 18.29 -4.61
N LEU L 38 -34.97 17.50 -3.54
CA LEU L 38 -33.63 17.19 -3.06
C LEU L 38 -33.03 15.94 -3.72
N LYS L 39 -33.86 14.92 -3.98
CA LYS L 39 -33.33 13.67 -4.51
C LYS L 39 -32.73 13.86 -5.91
N SER L 40 -33.41 14.60 -6.77
CA SER L 40 -32.88 14.85 -8.11
C SER L 40 -31.61 15.67 -8.05
N THR L 41 -31.58 16.69 -7.18
CA THR L 41 -30.36 17.48 -7.03
C THR L 41 -29.21 16.63 -6.53
N GLN L 42 -29.46 15.78 -5.52
CA GLN L 42 -28.40 14.92 -4.98
C GLN L 42 -27.97 13.87 -6.00
N ALA L 43 -28.92 13.32 -6.76
CA ALA L 43 -28.58 12.31 -7.75
C ALA L 43 -27.66 12.88 -8.82
N ALA L 44 -27.91 14.11 -9.25
CA ALA L 44 -26.98 14.77 -10.15
C ALA L 44 -25.65 15.04 -9.46
N ILE L 45 -25.69 15.77 -8.33
CA ILE L 45 -24.47 16.26 -7.69
C ILE L 45 -23.52 15.11 -7.36
N ASP L 46 -24.06 13.98 -6.88
CA ASP L 46 -23.21 12.83 -6.58
C ASP L 46 -22.49 12.33 -7.83
N GLN L 47 -23.17 12.36 -8.97
CA GLN L 47 -22.57 11.85 -10.20
C GLN L 47 -21.43 12.75 -10.68
N ILE L 48 -21.64 14.07 -10.68
CA ILE L 48 -20.56 14.98 -11.04
C ILE L 48 -19.42 14.88 -10.03
N ASN L 49 -19.76 14.68 -8.76
CA ASN L 49 -18.73 14.49 -7.75
C ASN L 49 -17.90 13.24 -8.03
N GLY L 50 -18.55 12.17 -8.52
CA GLY L 50 -17.82 10.99 -8.90
C GLY L 50 -16.84 11.23 -10.03
N LYS L 51 -17.27 11.99 -11.04
CA LYS L 51 -16.35 12.38 -12.11
C LYS L 51 -15.22 13.25 -11.57
N LEU L 52 -15.57 14.16 -10.65
CA LEU L 52 -14.56 15.03 -10.05
C LEU L 52 -13.50 14.22 -9.32
N ASN L 53 -13.93 13.22 -8.55
CA ASN L 53 -13.00 12.36 -7.84
C ASN L 53 -12.16 11.54 -8.81
N ARG L 54 -12.72 11.14 -9.94
CA ARG L 54 -11.97 10.38 -10.93
C ARG L 54 -10.81 11.18 -11.49
N LEU L 55 -11.01 12.49 -11.68
CA LEU L 55 -9.95 13.34 -12.23
C LEU L 55 -9.12 13.98 -11.12
N ILE L 56 -9.75 14.75 -10.25
CA ILE L 56 -9.01 15.56 -9.28
C ILE L 56 -8.53 14.70 -8.12
N GLY L 57 -7.30 14.99 -7.66
CA GLY L 57 -6.70 14.28 -6.57
C GLY L 57 -5.81 13.13 -6.97
N LYS L 58 -5.95 12.63 -8.20
CA LYS L 58 -5.17 11.49 -8.67
C LYS L 58 -3.95 12.03 -9.39
N THR L 59 -2.81 12.04 -8.68
CA THR L 59 -1.56 12.59 -9.19
C THR L 59 -0.49 11.50 -9.19
N ASN L 60 0.37 11.54 -10.22
CA ASN L 60 1.45 10.58 -10.37
C ASN L 60 2.78 11.27 -10.06
N GLU L 61 3.71 10.52 -9.47
CA GLU L 61 5.00 11.06 -9.07
C GLU L 61 6.08 10.54 -10.01
N LYS L 62 6.73 11.47 -10.72
CA LYS L 62 7.90 11.17 -11.54
C LYS L 62 9.07 11.98 -10.99
N PHE L 63 10.18 11.31 -10.70
CA PHE L 63 11.29 11.93 -9.98
C PHE L 63 12.43 12.35 -10.90
N HIS L 64 13.05 11.41 -11.59
CA HIS L 64 14.19 11.70 -12.46
C HIS L 64 13.80 11.44 -13.90
N GLN L 65 13.92 12.46 -14.74
CA GLN L 65 13.51 12.36 -16.13
C GLN L 65 14.64 12.81 -17.05
N ILE L 66 14.35 12.92 -18.34
CA ILE L 66 15.33 13.43 -19.28
C ILE L 66 15.36 14.96 -19.22
N GLU L 67 16.44 15.54 -19.73
CA GLU L 67 16.54 16.99 -19.79
C GLU L 67 15.66 17.52 -20.91
N LYS L 68 14.94 18.61 -20.61
CA LYS L 68 14.01 19.21 -21.56
C LYS L 68 14.40 20.63 -21.94
N GLU L 69 15.47 21.18 -21.37
CA GLU L 69 16.02 22.46 -21.79
C GLU L 69 17.49 22.25 -22.10
N PHE L 70 17.92 22.71 -23.27
CA PHE L 70 19.28 22.48 -23.77
C PHE L 70 19.96 23.82 -23.99
N SER L 71 21.02 24.07 -23.21
CA SER L 71 21.81 25.29 -23.40
C SER L 71 22.71 25.20 -24.61
N GLU L 72 23.18 24.00 -24.96
CA GLU L 72 24.14 23.82 -26.04
C GLU L 72 23.49 23.13 -27.21
N VAL L 73 23.80 23.60 -28.42
CA VAL L 73 23.14 23.11 -29.62
C VAL L 73 23.80 21.78 -30.02
N GLU L 74 23.19 20.69 -29.56
CA GLU L 74 23.73 19.35 -29.82
C GLU L 74 23.05 18.81 -31.08
N GLY L 75 23.23 17.52 -31.33
CA GLY L 75 22.70 16.92 -32.54
C GLY L 75 21.61 15.89 -32.32
N ARG L 76 21.94 14.63 -32.63
CA ARG L 76 20.93 13.58 -32.72
C ARG L 76 20.25 13.33 -31.38
N ILE L 77 21.03 13.25 -30.31
CA ILE L 77 20.48 12.90 -29.00
C ILE L 77 19.52 13.98 -28.52
N GLN L 78 19.92 15.25 -28.65
CA GLN L 78 19.07 16.35 -28.22
C GLN L 78 17.77 16.40 -29.01
N ASP L 79 17.86 16.15 -30.32
CA ASP L 79 16.65 16.11 -31.14
C ASP L 79 15.72 14.98 -30.70
N LEU L 80 16.29 13.83 -30.35
CA LEU L 80 15.46 12.71 -29.89
C LEU L 80 14.76 13.05 -28.58
N GLU L 81 15.48 13.67 -27.65
CA GLU L 81 14.86 14.04 -26.38
C GLU L 81 13.78 15.10 -26.57
N LYS L 82 14.00 16.05 -27.49
CA LYS L 82 12.97 17.02 -27.80
C LYS L 82 11.74 16.35 -28.40
N TYR L 83 11.96 15.42 -29.34
CA TYR L 83 10.84 14.74 -29.98
C TYR L 83 10.05 13.90 -28.98
N VAL L 84 10.75 13.24 -28.06
CA VAL L 84 10.08 12.42 -27.06
C VAL L 84 9.17 13.27 -26.19
N GLU L 85 9.70 14.38 -25.66
CA GLU L 85 8.89 15.24 -24.80
C GLU L 85 7.72 15.84 -25.56
N ASP L 86 7.99 16.38 -26.76
CA ASP L 86 6.93 17.02 -27.54
C ASP L 86 5.82 16.04 -27.87
N THR L 87 6.19 14.80 -28.24
CA THR L 87 5.17 13.79 -28.53
C THR L 87 4.34 13.47 -27.28
N LYS L 88 5.01 13.32 -26.13
CA LYS L 88 4.29 13.03 -24.90
C LYS L 88 3.34 14.16 -24.52
N ILE L 89 3.80 15.41 -24.61
CA ILE L 89 2.96 16.55 -24.25
C ILE L 89 1.79 16.69 -25.21
N ASP L 90 2.03 16.50 -26.51
CA ASP L 90 0.96 16.60 -27.49
C ASP L 90 -0.12 15.56 -27.23
N LEU L 91 0.29 14.31 -26.95
CA LEU L 91 -0.68 13.25 -26.69
C LEU L 91 -1.46 13.51 -25.41
N TRP L 92 -0.78 13.97 -24.35
CA TRP L 92 -1.48 14.28 -23.11
C TRP L 92 -2.40 15.47 -23.28
N SER L 93 -2.03 16.44 -24.12
CA SER L 93 -2.90 17.57 -24.39
C SER L 93 -4.18 17.12 -25.09
N TYR L 94 -4.05 16.22 -26.08
CA TYR L 94 -5.24 15.69 -26.74
C TYR L 94 -6.10 14.90 -25.78
N ASN L 95 -5.47 14.09 -24.93
CA ASN L 95 -6.24 13.32 -23.94
C ASN L 95 -7.00 14.24 -23.00
N ALA L 96 -6.36 15.31 -22.54
CA ALA L 96 -7.04 16.27 -21.69
C ALA L 96 -8.19 16.94 -22.41
N GLU L 97 -7.98 17.34 -23.68
CA GLU L 97 -9.03 17.99 -24.45
C GLU L 97 -10.20 17.06 -24.71
N LEU L 98 -9.92 15.80 -25.06
CA LEU L 98 -11.00 14.84 -25.24
C LEU L 98 -11.72 14.57 -23.93
N LEU L 99 -10.98 14.54 -22.82
CA LEU L 99 -11.60 14.29 -21.52
C LEU L 99 -12.57 15.42 -21.15
N VAL L 100 -12.11 16.67 -21.22
CA VAL L 100 -12.96 17.78 -20.79
C VAL L 100 -14.20 17.87 -21.66
N ALA L 101 -14.05 17.67 -22.98
CA ALA L 101 -15.19 17.73 -23.87
C ALA L 101 -16.19 16.61 -23.57
N LEU L 102 -15.69 15.39 -23.35
CA LEU L 102 -16.59 14.27 -23.09
C LEU L 102 -17.29 14.43 -21.74
N GLU L 103 -16.56 14.82 -20.71
CA GLU L 103 -17.17 14.98 -19.39
C GLU L 103 -18.20 16.10 -19.38
N ASN L 104 -17.91 17.20 -20.08
CA ASN L 104 -18.86 18.30 -20.15
C ASN L 104 -20.14 17.88 -20.86
N GLN L 105 -20.02 17.15 -21.97
CA GLN L 105 -21.21 16.68 -22.67
C GLN L 105 -22.01 15.71 -21.81
N HIS L 106 -21.32 14.81 -21.10
CA HIS L 106 -22.02 13.89 -20.22
C HIS L 106 -22.69 14.62 -19.07
N THR L 107 -22.04 15.66 -18.54
CA THR L 107 -22.64 16.44 -17.46
C THR L 107 -23.92 17.14 -17.92
N ILE L 108 -23.89 17.72 -19.12
CA ILE L 108 -25.08 18.38 -19.66
C ILE L 108 -26.19 17.35 -19.87
N ASP L 109 -25.85 16.21 -20.45
CA ASP L 109 -26.85 15.17 -20.68
C ASP L 109 -27.41 14.63 -19.37
N LEU L 110 -26.55 14.43 -18.37
CA LEU L 110 -27.01 13.91 -17.09
C LEU L 110 -27.96 14.88 -16.41
N THR L 111 -27.63 16.17 -16.42
CA THR L 111 -28.51 17.16 -15.81
C THR L 111 -29.85 17.23 -16.52
N ASP L 112 -29.83 17.17 -17.86
CA ASP L 112 -31.08 17.08 -18.61
C ASP L 112 -31.84 15.80 -18.26
N SER L 113 -31.10 14.71 -18.03
CA SER L 113 -31.74 13.45 -17.66
C SER L 113 -32.48 13.57 -16.34
N GLU L 114 -31.85 14.20 -15.34
CA GLU L 114 -32.47 14.31 -14.03
C GLU L 114 -33.74 15.14 -14.08
N MET L 115 -33.74 16.23 -14.86
CA MET L 115 -34.95 17.02 -15.02
C MET L 115 -36.05 16.21 -15.71
N ASN L 116 -35.68 15.44 -16.74
CA ASN L 116 -36.65 14.56 -17.38
C ASN L 116 -37.17 13.51 -16.40
N LYS L 117 -36.29 12.98 -15.55
CA LYS L 117 -36.71 11.97 -14.58
C LYS L 117 -37.75 12.52 -13.62
N LEU L 118 -37.55 13.75 -13.12
CA LEU L 118 -38.54 14.36 -12.25
C LEU L 118 -39.85 14.61 -12.98
N PHE L 119 -39.77 15.03 -14.24
CA PHE L 119 -40.96 15.24 -15.04
C PHE L 119 -41.75 13.94 -15.20
N GLU L 120 -41.06 12.84 -15.51
CA GLU L 120 -41.74 11.55 -15.64
C GLU L 120 -42.32 11.10 -14.31
N LYS L 121 -41.57 11.31 -13.21
CA LYS L 121 -42.04 10.87 -11.90
C LYS L 121 -43.32 11.58 -11.51
N THR L 122 -43.39 12.90 -11.73
CA THR L 122 -44.60 13.64 -11.39
C THR L 122 -45.75 13.26 -12.31
N LYS L 123 -45.48 13.09 -13.61
CA LYS L 123 -46.53 12.73 -14.55
C LYS L 123 -47.11 11.36 -14.22
N LYS L 124 -46.26 10.38 -13.92
CA LYS L 124 -46.74 9.05 -13.58
C LYS L 124 -47.48 9.04 -12.25
N GLN L 125 -47.09 9.91 -11.32
CA GLN L 125 -47.80 10.02 -10.06
C GLN L 125 -49.22 10.57 -10.28
N LEU L 126 -49.35 11.56 -11.16
CA LEU L 126 -50.64 12.21 -11.35
C LEU L 126 -51.60 11.34 -12.16
N ARG L 127 -51.07 10.50 -13.06
CA ARG L 127 -51.85 9.54 -13.85
C ARG L 127 -52.84 10.32 -14.71
N GLU L 128 -54.14 10.04 -14.65
CA GLU L 128 -55.13 10.70 -15.48
C GLU L 128 -55.75 11.92 -14.81
N ASN L 129 -55.14 12.43 -13.75
CA ASN L 129 -55.65 13.59 -13.04
C ASN L 129 -55.07 14.90 -13.55
N ALA L 130 -54.17 14.87 -14.52
CA ALA L 130 -53.54 16.11 -14.98
C ALA L 130 -53.01 15.93 -16.41
N GLU L 131 -52.68 17.07 -17.02
CA GLU L 131 -52.13 17.13 -18.35
C GLU L 131 -50.95 18.11 -18.36
N ASP L 132 -50.11 17.98 -19.38
CA ASP L 132 -48.99 18.90 -19.58
C ASP L 132 -49.27 19.81 -20.77
N MET L 133 -48.61 20.98 -20.76
CA MET L 133 -48.77 21.96 -21.82
C MET L 133 -47.49 22.20 -22.61
N GLY L 134 -46.46 21.37 -22.43
CA GLY L 134 -45.24 21.49 -23.19
C GLY L 134 -44.25 22.51 -22.70
N ASN L 135 -44.58 23.28 -21.67
CA ASN L 135 -43.62 24.20 -21.07
C ASN L 135 -43.08 23.68 -19.74
N GLY L 136 -43.31 22.41 -19.43
CA GLY L 136 -42.84 21.85 -18.18
C GLY L 136 -43.73 22.12 -16.99
N CYS L 137 -45.02 22.40 -17.21
CA CYS L 137 -45.97 22.61 -16.14
C CYS L 137 -47.13 21.64 -16.30
N PHE L 138 -47.76 21.31 -15.17
CA PHE L 138 -48.90 20.41 -15.13
C PHE L 138 -50.15 21.19 -14.75
N LYS L 139 -51.20 21.03 -15.54
CA LYS L 139 -52.54 21.48 -15.15
C LYS L 139 -53.28 20.31 -14.51
N ILE L 140 -53.57 20.45 -13.23
CA ILE L 140 -54.30 19.44 -12.47
C ILE L 140 -55.75 19.91 -12.31
N TYR L 141 -56.70 19.03 -12.59
CA TYR L 141 -58.09 19.43 -12.67
C TYR L 141 -58.83 19.17 -11.37
N HIS L 142 -58.27 19.67 -10.28
CA HIS L 142 -58.93 19.63 -8.97
C HIS L 142 -58.24 20.65 -8.08
N LYS L 143 -58.97 21.12 -7.07
CA LYS L 143 -58.42 22.08 -6.13
C LYS L 143 -57.37 21.37 -5.27
N CYS L 144 -56.12 21.80 -5.40
CA CYS L 144 -55.06 21.33 -4.51
C CYS L 144 -54.58 22.50 -3.67
N ASP L 145 -54.79 22.40 -2.37
CA ASP L 145 -54.34 23.40 -1.42
C ASP L 145 -52.82 23.38 -1.34
N ASN L 146 -52.27 24.22 -0.47
CA ASN L 146 -50.81 24.21 -0.29
C ASN L 146 -50.31 22.99 0.48
N ALA L 147 -51.18 22.02 0.71
CA ALA L 147 -50.78 20.70 1.18
C ALA L 147 -50.86 19.64 0.08
N CYS L 148 -51.75 19.81 -0.89
CA CYS L 148 -51.85 18.85 -1.99
C CYS L 148 -50.65 18.96 -2.93
N ILE L 149 -50.14 20.18 -3.12
CA ILE L 149 -48.91 20.31 -3.90
C ILE L 149 -47.75 19.65 -3.17
N GLY L 150 -47.79 19.65 -1.84
CA GLY L 150 -46.84 18.86 -1.08
C GLY L 150 -47.11 17.37 -1.18
N SER L 151 -48.37 16.99 -1.40
CA SER L 151 -48.70 15.59 -1.58
C SER L 151 -48.01 15.01 -2.81
N ILE L 152 -47.96 15.79 -3.90
CA ILE L 152 -47.21 15.35 -5.07
C ILE L 152 -45.71 15.60 -4.92
N ARG L 153 -45.30 16.47 -4.00
CA ARG L 153 -43.89 16.66 -3.71
C ARG L 153 -43.36 15.65 -2.71
N ASN L 154 -44.16 15.32 -1.69
CA ASN L 154 -43.76 14.39 -0.64
C ASN L 154 -43.95 12.93 -1.04
N GLY L 155 -44.41 12.66 -2.25
CA GLY L 155 -44.68 11.29 -2.64
C GLY L 155 -45.82 10.66 -1.87
N THR L 156 -46.86 11.44 -1.60
CA THR L 156 -48.02 10.97 -0.84
C THR L 156 -49.31 11.18 -1.62
N TYR L 157 -49.21 11.24 -2.95
CA TYR L 157 -50.36 11.54 -3.80
C TYR L 157 -51.13 10.26 -4.12
N ASP L 158 -52.43 10.29 -3.85
CA ASP L 158 -53.33 9.19 -4.17
C ASP L 158 -54.23 9.65 -5.32
N HIS L 159 -53.96 9.10 -6.51
CA HIS L 159 -54.73 9.47 -7.69
C HIS L 159 -56.19 9.02 -7.57
N ASN L 160 -56.44 7.92 -6.87
CA ASN L 160 -57.79 7.37 -6.80
C ASN L 160 -58.75 8.29 -6.05
N VAL L 161 -58.24 9.03 -5.06
CA VAL L 161 -59.09 9.97 -4.34
C VAL L 161 -59.55 11.08 -5.27
N TYR L 162 -58.60 11.88 -5.76
CA TYR L 162 -58.88 13.08 -6.53
C TYR L 162 -59.26 12.77 -7.96
N ARG L 163 -59.60 11.52 -8.26
CA ARG L 163 -59.84 11.13 -9.64
C ARG L 163 -61.09 11.83 -10.16
N ASP L 164 -62.26 11.50 -9.60
CA ASP L 164 -63.52 11.77 -10.29
C ASP L 164 -63.67 13.25 -10.63
N GLU L 165 -63.24 14.15 -9.74
CA GLU L 165 -63.29 15.57 -10.05
C GLU L 165 -62.40 15.89 -11.24
N ALA L 166 -61.23 15.27 -11.32
CA ALA L 166 -60.35 15.51 -12.45
C ALA L 166 -61.02 15.09 -13.76
N LEU L 167 -61.49 13.83 -13.84
CA LEU L 167 -62.08 13.37 -15.11
C LEU L 167 -63.27 14.23 -15.51
N ASN L 168 -64.03 14.74 -14.52
CA ASN L 168 -65.17 15.60 -14.84
C ASN L 168 -64.68 16.93 -15.43
N ASN L 169 -63.72 17.57 -14.77
CA ASN L 169 -63.25 18.87 -15.24
C ASN L 169 -62.39 18.78 -16.49
N ARG L 170 -61.89 17.58 -16.84
CA ARG L 170 -61.12 17.45 -18.07
C ARG L 170 -62.04 17.38 -19.28
N PHE L 171 -63.07 16.54 -19.22
CA PHE L 171 -63.92 16.26 -20.37
C PHE L 171 -65.24 17.02 -20.29
N GLN L 172 -65.29 18.14 -19.57
CA GLN L 172 -66.49 18.95 -19.46
C GLN L 172 -66.14 20.38 -19.09
#